data_6N1V
#
_entry.id   6N1V
#
loop_
_entity.id
_entity.type
_entity.pdbx_description
1 polymer 'A12V163-a.01 Heavy chain'
2 polymer 'A12V163-a.01 Light chain'
3 polymer 'Envelope glycoprotein gp120'
4 polymer 'Envelope glycoprotein gp41'
5 polymer 'PGT122 Heavy chain'
6 polymer 'PGT122 Light chain'
7 polymer 'VRC03 Heavy chain'
8 polymer 'VRC03 Light chain'
9 branched beta-D-mannopyranose-(1-4)-2-acetamido-2-deoxy-beta-D-glucopyranose-(1-4)-2-acetamido-2-deoxy-beta-D-glucopyranose
10 branched alpha-D-mannopyranose-(1-3)-beta-D-mannopyranose-(1-4)-2-acetamido-2-deoxy-beta-D-glucopyranose-(1-4)-2-acetamido-2-deoxy-beta-D-glucopyranose
11 branched alpha-D-mannopyranose-(1-3)-[alpha-D-mannopyranose-(1-6)]beta-D-mannopyranose-(1-4)-2-acetamido-2-deoxy-beta-D-glucopyranose-(1-4)-2-acetamido-2-deoxy-beta-D-glucopyranose
12 branched 2-acetamido-2-deoxy-beta-D-glucopyranose-(1-4)-2-acetamido-2-deoxy-beta-D-glucopyranose
13 non-polymer 2-acetamido-2-deoxy-beta-D-glucopyranose
#
loop_
_entity_poly.entity_id
_entity_poly.type
_entity_poly.pdbx_seq_one_letter_code
_entity_poly.pdbx_strand_id
1 'polypeptide(L)'
;QVQLQESGPGLVKPSETLSLTCGVSGGSISDAYYWSWIRQSPGKRLEWIGYIFGSNGGTRYNPSLRSRVSISIDTSKNQL
SLKLTSVTAADTAVYYCVREGVPTEATTGDHWGQGVPVTVSSASTKGPSVFPLAPSSRSTSESTAALGCLVKDYFPEPVT
VSWNSGSLTSGVHTFPAVLQSSGLYSLSSVVTVPSSSLGTQTYVCNVNHKPSNTKVDKRVEIKTC
;
3,1,H
2 'polypeptide(L)'
;QFVLTQPPSMSGAPGQRVTISCTGTNSNIGVNYVQWYQQFPGTAPKLLIYENYKRPSGISDRFSGSQSGSSASLTITGLQ
SEDEADYYCQSYDISLGAHVFGSGTELTVLGQPKAAPSVTLFPPSSEELQANKATLVCLISDFYPGAVEVAWKADGSAVN
AGVETTKPSKQSNNKYAASSYLSLTSDQWKSHKSYSCQVTHEGSTVEKTVAPAEC
;
4,2,L
3 'polypeptide(L)'
;AENLWVTVYYGVPVWKDAETTLFCASDAKAYETEKHNVWATHACVPTDPNPQEIHLENVTEEFNMWKNNMVEQMHTDIIS
LWDQSLKPCVKLTPLCVTLQCTNVTNNITDDMRGELKNCSFNMTTELRDKKQKVYSLFYRLDVVQINENQGNRSNNSNKE
YRLINCNTSAITQACPKVSFEPIPIHYCAPAGFAILKCKDKKFNGTGPCPSVSTVQCTHGIKPVVSTQLLLNGSLAEEEV
MIRSENITNNAKNILVQFNTPVQINCTRPNNNTRKSIRIGPGQAFYATGDIIGDIRQAHCNVSKATWNETLGKVVKQLRK
HFGNNTIIRFANSSGGDLEVTTHSFNCGGEFFYCNTSGLFNSTWISNTSVQGSNSTGSNDSITLPCRIKQIINMWQRIGQ
AMYAPPIQGVIRCVSNITGLILTRDGGSTNSTTETFRPGGGDMRDNWRSELYKYKVVKIEPLGVAPTRCKRRV
;
B,A,C
4 'polypeptide(L)'
;AVGIGAVFLGFLGAAGSTMGAASMTLTVQARNLLSGIVQQQSNLLRAIEAQQHLLKLTVWGIKQLQARVLAVERYLRDQQ
LLGIWGCSGKLICCTNVPWNSSWSNRNLSEIWDNMTWLQWDKEISNYTQIIYGLLEESQNQQEKNEQDLLALD
;
F,E,D
5 'polypeptide(L)'
;QVHLQESGPGLVKPSETLSLTCNVSGTLVRDNYWSWIRQPLGKQPEWIGYVHDSGDTNYNPSLKSRVHLSLDKSKNLVSL
RLTGVTAADSAIYYCATTKHGRRIYGVVAFKEWFTYFYMDVWGKGTSVTVSS
;
Y,X,M
6 'polypeptide(L)'
;APTFVSVAPGQTARITCGEESLGSRSVIWYQQRPGQAPSLIIYNNNDRPSGIPDRFSGSPGSTFGTTATLTITSVEAGDE
ADYYCHIWDSRRPTNWVFGEGTTLIVL
;
a,Z,N
7 'polypeptide(L)'
;QVQLVQSGAVIKTPGSSVKISCRASGYNFRDYSIHWVRLIPDKGFEWIGWIKPLWGAVSYARQLQGRVSMTRQLSQDPDD
PDWGVAYMEFSGLTPADTAEYFCVRRGSCDYCGDFPWQYWCQGTVVVVS
;
g,f,Q
8 'polypeptide(L)'
;EIVLTQSPGILSLSPGETATLFCKASQGGNAMTWYQKRRGQVPRLLIYDTSRRASGVPDRFVGSGSGTDFFLTINKLDRE
DFAVYYCQQFEFFGLGSELEVH
;
i,h,R
#
loop_
_chem_comp.id
_chem_comp.type
_chem_comp.name
_chem_comp.formula
BMA D-saccharide, beta linking beta-D-mannopyranose 'C6 H12 O6'
MAN D-saccharide, alpha linking alpha-D-mannopyranose 'C6 H12 O6'
NAG D-saccharide, beta linking 2-acetamido-2-deoxy-beta-D-glucopyranose 'C8 H15 N O6'
#
# COMPACT_ATOMS: atom_id res chain seq x y z
N VAL A 2 -59.23 12.79 37.11
CA VAL A 2 -57.84 12.43 37.32
C VAL A 2 -57.16 13.48 38.17
N GLN A 3 -57.10 13.22 39.49
CA GLN A 3 -56.38 14.08 40.40
C GLN A 3 -55.38 13.24 41.19
N LEU A 4 -54.29 13.88 41.58
CA LEU A 4 -53.15 13.18 42.16
C LEU A 4 -52.83 13.79 43.52
N GLN A 5 -52.67 12.93 44.52
CA GLN A 5 -52.42 13.39 45.87
C GLN A 5 -51.39 12.50 46.54
N GLU A 6 -50.77 13.02 47.59
CA GLU A 6 -49.58 12.42 48.16
C GLU A 6 -49.83 12.06 49.62
N SER A 7 -49.16 11.02 50.09
CA SER A 7 -49.34 10.50 51.44
C SER A 7 -48.04 9.89 51.94
N GLY A 8 -47.72 10.14 53.20
CA GLY A 8 -46.55 9.57 53.82
C GLY A 8 -46.06 10.38 55.01
N PRO A 9 -45.09 9.84 55.74
CA PRO A 9 -44.50 10.59 56.86
C PRO A 9 -43.61 11.71 56.36
N GLY A 10 -43.70 12.86 57.01
CA GLY A 10 -42.87 14.00 56.64
C GLY A 10 -41.46 13.93 57.18
N LEU A 11 -41.22 13.10 58.20
CA LEU A 11 -39.92 13.01 58.86
C LEU A 11 -39.41 11.59 58.77
N VAL A 12 -38.17 11.43 58.32
CA VAL A 12 -37.52 10.13 58.22
C VAL A 12 -36.24 10.16 59.02
N LYS A 13 -35.98 9.09 59.77
CA LYS A 13 -34.73 8.90 60.47
C LYS A 13 -33.62 8.56 59.48
N PRO A 14 -32.37 8.92 59.79
CA PRO A 14 -31.27 8.57 58.90
C PRO A 14 -31.04 7.07 58.85
N SER A 15 -30.52 6.62 57.70
CA SER A 15 -30.24 5.24 57.32
C SER A 15 -31.48 4.36 57.25
N GLU A 16 -32.68 4.95 57.23
CA GLU A 16 -33.90 4.18 57.20
C GLU A 16 -34.57 4.34 55.84
N THR A 17 -35.80 3.80 55.72
CA THR A 17 -36.49 3.70 54.44
C THR A 17 -37.72 4.58 54.43
N LEU A 18 -37.69 5.62 53.62
CA LEU A 18 -38.87 6.43 53.36
C LEU A 18 -39.82 5.71 52.42
N SER A 19 -41.11 5.79 52.70
CA SER A 19 -42.15 5.22 51.85
C SER A 19 -43.19 6.27 51.52
N LEU A 20 -43.68 6.26 50.29
CA LEU A 20 -44.68 7.22 49.83
C LEU A 20 -45.80 6.50 49.09
N THR A 21 -47.03 7.00 49.29
CA THR A 21 -48.22 6.51 48.62
C THR A 21 -48.88 7.64 47.84
N CYS A 22 -49.05 7.45 46.54
CA CYS A 22 -49.68 8.42 45.66
C CYS A 22 -51.08 7.92 45.32
N GLY A 23 -52.09 8.67 45.71
CA GLY A 23 -53.48 8.30 45.47
C GLY A 23 -54.04 9.06 44.28
N VAL A 24 -54.69 8.33 43.39
CA VAL A 24 -55.17 8.84 42.12
C VAL A 24 -56.68 8.73 42.08
N SER A 25 -57.35 9.78 41.62
CA SER A 25 -58.79 9.82 41.45
C SER A 25 -59.14 10.07 39.98
N GLY A 26 -60.34 9.67 39.61
CA GLY A 26 -60.87 9.98 38.29
C GLY A 26 -60.36 9.12 37.16
N GLY A 27 -59.53 8.12 37.44
CA GLY A 27 -59.02 7.27 36.37
C GLY A 27 -58.40 6.02 36.92
N SER A 28 -58.15 5.08 36.01
CA SER A 28 -57.48 3.84 36.35
C SER A 28 -55.98 3.99 36.24
N ILE A 29 -55.25 3.18 37.01
CA ILE A 29 -53.80 3.19 36.91
C ILE A 29 -53.30 2.33 35.76
N SER A 30 -54.17 1.47 35.20
CA SER A 30 -53.76 0.57 34.15
C SER A 30 -53.75 1.20 32.77
N ASP A 31 -54.10 2.48 32.66
CA ASP A 31 -54.22 3.13 31.37
C ASP A 31 -52.85 3.35 30.73
N ALA A 32 -52.86 3.55 29.41
CA ALA A 32 -51.62 3.64 28.64
C ALA A 32 -50.98 5.01 28.86
N TYR A 33 -50.36 5.17 30.03
CA TYR A 33 -49.73 6.42 30.41
C TYR A 33 -48.53 6.12 31.31
N TYR A 34 -47.62 7.08 31.38
CA TYR A 34 -46.47 7.04 32.28
C TYR A 34 -46.85 7.70 33.58
N TRP A 35 -46.34 7.16 34.69
CA TRP A 35 -46.53 7.74 36.01
C TRP A 35 -45.15 7.94 36.61
N SER A 36 -44.87 9.16 37.04
CA SER A 36 -43.51 9.53 37.43
C SER A 36 -43.48 10.20 38.79
N TRP A 37 -42.34 10.06 39.48
CA TRP A 37 -42.06 10.76 40.72
C TRP A 37 -41.05 11.86 40.46
N ILE A 38 -41.32 13.05 40.96
CA ILE A 38 -40.39 14.18 40.86
C ILE A 38 -40.13 14.72 42.27
N ARG A 39 -38.86 14.98 42.60
CA ARG A 39 -38.54 15.64 43.85
C ARG A 39 -37.86 16.97 43.58
N GLN A 40 -37.98 17.86 44.56
CA GLN A 40 -37.45 19.22 44.49
C GLN A 40 -36.73 19.52 45.79
N SER A 41 -35.43 19.75 45.68
CA SER A 41 -34.57 20.07 46.81
C SER A 41 -34.78 21.52 47.22
N PRO A 42 -34.29 21.91 48.41
CA PRO A 42 -34.14 23.34 48.70
C PRO A 42 -33.17 24.00 47.73
N GLY A 43 -33.43 25.25 47.42
CA GLY A 43 -32.78 25.90 46.30
C GLY A 43 -33.42 25.59 44.97
N LYS A 44 -34.57 24.88 44.98
CA LYS A 44 -35.37 24.57 43.80
C LYS A 44 -34.59 23.78 42.75
N ARG A 45 -33.72 22.89 43.20
CA ARG A 45 -33.06 21.97 42.29
C ARG A 45 -34.03 20.86 41.95
N LEU A 46 -34.44 20.80 40.68
CA LEU A 46 -35.39 19.81 40.23
C LEU A 46 -34.65 18.59 39.74
N GLU A 47 -35.15 17.42 40.12
CA GLU A 47 -34.47 16.16 39.89
C GLU A 47 -35.48 15.07 39.64
N TRP A 48 -35.36 14.40 38.50
CA TRP A 48 -36.24 13.30 38.18
C TRP A 48 -35.79 12.06 38.94
N ILE A 49 -36.76 11.27 39.38
CA ILE A 49 -36.49 10.04 40.11
C ILE A 49 -36.73 8.82 39.24
N GLY A 50 -37.95 8.64 38.78
CA GLY A 50 -38.31 7.39 38.13
C GLY A 50 -39.70 7.47 37.56
N TYR A 51 -39.98 6.53 36.66
CA TYR A 51 -41.33 6.42 36.13
C TYR A 51 -41.64 4.96 35.81
N ILE A 52 -42.94 4.69 35.71
CA ILE A 52 -43.45 3.36 35.41
C ILE A 52 -44.65 3.50 34.47
N PHE A 53 -44.69 2.67 33.44
CA PHE A 53 -45.77 2.68 32.46
C PHE A 53 -47.03 2.10 33.08
N GLY A 54 -48.19 2.64 32.69
CA GLY A 54 -49.42 2.27 33.34
C GLY A 54 -49.91 0.87 33.01
N SER A 55 -49.69 0.40 31.79
CA SER A 55 -50.35 -0.84 31.36
C SER A 55 -49.69 -2.08 31.97
N ASN A 56 -48.44 -2.34 31.61
CA ASN A 56 -47.81 -3.58 32.05
C ASN A 56 -46.96 -3.38 33.29
N GLY A 57 -46.57 -2.13 33.57
CA GLY A 57 -45.80 -1.83 34.74
C GLY A 57 -44.31 -1.71 34.53
N GLY A 58 -43.86 -1.45 33.30
CA GLY A 58 -42.43 -1.40 33.02
C GLY A 58 -41.81 -0.16 33.62
N THR A 59 -40.63 -0.33 34.21
CA THR A 59 -40.04 0.68 35.08
C THR A 59 -38.79 1.26 34.44
N ARG A 60 -38.47 2.49 34.78
CA ARG A 60 -37.18 3.08 34.46
C ARG A 60 -36.85 4.13 35.51
N TYR A 61 -35.70 3.96 36.15
CA TYR A 61 -35.28 4.84 37.24
C TYR A 61 -34.14 5.73 36.77
N ASN A 62 -33.79 6.68 37.62
CA ASN A 62 -32.50 7.32 37.48
C ASN A 62 -31.43 6.30 37.83
N PRO A 63 -30.41 6.11 37.00
CA PRO A 63 -29.37 5.14 37.35
C PRO A 63 -28.53 5.57 38.52
N SER A 64 -28.34 6.88 38.72
CA SER A 64 -27.45 7.39 39.76
C SER A 64 -27.94 7.13 41.17
N LEU A 65 -29.20 6.75 41.35
CA LEU A 65 -29.72 6.31 42.64
C LEU A 65 -30.22 4.89 42.58
N ARG A 66 -29.88 4.16 41.51
CA ARG A 66 -30.57 2.92 41.12
C ARG A 66 -30.51 1.84 42.20
N SER A 67 -29.50 1.91 43.07
CA SER A 67 -29.35 0.91 44.12
C SER A 67 -30.46 0.99 45.14
N ARG A 68 -30.92 2.19 45.47
CA ARG A 68 -31.71 2.36 46.68
C ARG A 68 -33.17 2.71 46.43
N VAL A 69 -33.59 2.83 45.18
CA VAL A 69 -34.93 3.28 44.84
C VAL A 69 -35.74 2.08 44.34
N SER A 70 -37.02 2.03 44.71
CA SER A 70 -37.91 1.02 44.17
C SER A 70 -39.31 1.62 44.03
N ILE A 71 -39.97 1.30 42.92
CA ILE A 71 -41.26 1.88 42.57
C ILE A 71 -42.23 0.73 42.30
N SER A 72 -43.43 0.80 42.88
CA SER A 72 -44.43 -0.23 42.63
C SER A 72 -45.78 0.43 42.35
N ILE A 73 -46.70 -0.38 41.85
CA ILE A 73 -48.04 0.06 41.46
C ILE A 73 -49.02 -0.99 41.94
N ASP A 74 -50.11 -0.56 42.58
CA ASP A 74 -51.21 -1.47 42.87
C ASP A 74 -52.48 -0.94 42.23
N THR A 75 -52.99 -1.69 41.25
CA THR A 75 -54.22 -1.31 40.58
C THR A 75 -55.44 -1.54 41.45
N SER A 76 -55.31 -2.38 42.49
CA SER A 76 -56.45 -2.71 43.34
C SER A 76 -56.87 -1.51 44.18
N LYS A 77 -55.89 -0.79 44.74
CA LYS A 77 -56.20 0.43 45.49
C LYS A 77 -56.09 1.68 44.63
N ASN A 78 -55.74 1.52 43.34
CA ASN A 78 -55.44 2.63 42.43
C ASN A 78 -54.38 3.54 43.03
N GLN A 79 -53.21 2.95 43.29
CA GLN A 79 -52.18 3.66 44.02
C GLN A 79 -50.80 3.43 43.40
N LEU A 80 -49.96 4.43 43.61
CA LEU A 80 -48.55 4.38 43.28
C LEU A 80 -47.75 4.34 44.57
N SER A 81 -46.61 3.67 44.56
CA SER A 81 -45.81 3.56 45.76
C SER A 81 -44.33 3.75 45.46
N LEU A 82 -43.67 4.46 46.35
CA LEU A 82 -42.24 4.74 46.25
C LEU A 82 -41.57 4.29 47.53
N LYS A 83 -40.39 3.68 47.41
CA LYS A 83 -39.59 3.27 48.56
C LYS A 83 -38.14 3.65 48.33
N LEU A 84 -37.53 4.28 49.32
CA LEU A 84 -36.12 4.69 49.25
C LEU A 84 -35.44 4.28 50.54
N THR A 85 -34.45 3.40 50.44
CA THR A 85 -33.77 2.88 51.60
C THR A 85 -32.49 3.68 51.90
N SER A 86 -32.18 3.76 53.20
CA SER A 86 -30.97 4.37 53.74
C SER A 86 -30.83 5.84 53.33
N VAL A 87 -31.81 6.62 53.74
CA VAL A 87 -31.86 8.03 53.37
C VAL A 87 -30.82 8.82 54.16
N THR A 88 -30.35 9.90 53.55
CA THR A 88 -29.45 10.82 54.23
C THR A 88 -29.91 12.25 53.98
N ALA A 89 -29.08 13.23 54.36
CA ALA A 89 -29.51 14.63 54.43
C ALA A 89 -29.78 15.24 53.07
N ALA A 90 -29.28 14.65 51.98
CA ALA A 90 -29.54 15.21 50.66
C ALA A 90 -30.95 14.94 50.18
N ASP A 91 -31.70 14.06 50.84
CA ASP A 91 -32.99 13.61 50.36
C ASP A 91 -34.15 14.45 50.92
N THR A 92 -33.87 15.53 51.62
CA THR A 92 -34.91 16.45 52.06
C THR A 92 -35.52 17.16 50.85
N ALA A 93 -36.78 16.87 50.55
CA ALA A 93 -37.32 17.34 49.28
C ALA A 93 -38.84 17.36 49.32
N VAL A 94 -39.41 18.05 48.34
CA VAL A 94 -40.85 18.04 48.09
C VAL A 94 -41.09 17.06 46.95
N TYR A 95 -42.14 16.24 47.08
CA TYR A 95 -42.37 15.14 46.16
C TYR A 95 -43.73 15.27 45.49
N TYR A 96 -43.73 15.10 44.18
CA TYR A 96 -44.93 15.11 43.34
C TYR A 96 -45.00 13.81 42.56
N CYS A 97 -46.21 13.34 42.29
CA CYS A 97 -46.44 12.25 41.35
C CYS A 97 -47.28 12.75 40.19
N VAL A 98 -46.88 12.41 38.96
CA VAL A 98 -47.48 12.99 37.76
C VAL A 98 -47.87 11.93 36.75
N ARG A 99 -48.90 12.24 35.98
CA ARG A 99 -49.33 11.49 34.80
C ARG A 99 -48.96 12.28 33.56
N GLU A 100 -48.66 11.57 32.47
CA GLU A 100 -47.97 12.19 31.34
C GLU A 100 -48.91 13.08 30.52
N GLY A 101 -50.17 12.71 30.40
CA GLY A 101 -51.08 13.52 29.61
C GLY A 101 -51.43 12.85 28.28
N VAL A 102 -52.62 13.20 27.78
CA VAL A 102 -53.20 12.54 26.62
C VAL A 102 -52.56 13.08 25.34
N PRO A 103 -52.19 12.22 24.39
CA PRO A 103 -51.62 12.71 23.11
C PRO A 103 -52.69 13.14 22.12
N THR A 104 -53.37 14.23 22.44
CA THR A 104 -54.48 14.73 21.64
C THR A 104 -54.26 16.20 21.32
N GLU A 105 -55.30 16.82 20.78
CA GLU A 105 -55.21 18.22 20.36
C GLU A 105 -55.46 19.19 21.50
N ALA A 106 -56.45 18.91 22.35
CA ALA A 106 -56.90 19.90 23.31
C ALA A 106 -56.68 19.42 24.73
N THR A 107 -55.50 18.89 25.01
CA THR A 107 -55.19 18.39 26.34
C THR A 107 -55.02 19.54 27.32
N THR A 108 -55.13 19.20 28.60
CA THR A 108 -54.87 20.14 29.68
C THR A 108 -53.39 20.29 29.97
N GLY A 109 -52.53 19.53 29.29
CA GLY A 109 -51.13 19.53 29.62
C GLY A 109 -50.83 18.37 30.54
N ASP A 110 -49.78 18.50 31.34
CA ASP A 110 -49.47 17.45 32.28
C ASP A 110 -50.40 17.54 33.49
N HIS A 111 -50.41 16.48 34.28
CA HIS A 111 -51.28 16.41 35.45
C HIS A 111 -50.40 16.27 36.67
N TRP A 112 -50.43 17.28 37.54
CA TRP A 112 -49.51 17.38 38.66
C TRP A 112 -50.21 17.04 39.96
N GLY A 113 -49.43 16.52 40.90
CA GLY A 113 -49.92 16.32 42.25
C GLY A 113 -49.74 17.56 43.11
N GLN A 114 -50.18 17.45 44.35
CA GLN A 114 -50.08 18.56 45.28
C GLN A 114 -48.75 18.56 46.02
N GLY A 115 -48.32 17.39 46.48
CA GLY A 115 -46.98 17.22 47.01
C GLY A 115 -46.90 16.87 48.47
N VAL A 116 -45.83 16.18 48.85
CA VAL A 116 -45.52 15.91 50.25
C VAL A 116 -44.13 16.44 50.53
N PRO A 117 -43.94 17.24 51.59
CA PRO A 117 -42.58 17.62 52.00
C PRO A 117 -42.01 16.57 52.95
N VAL A 118 -40.81 16.11 52.65
CA VAL A 118 -40.18 15.02 53.40
C VAL A 118 -38.82 15.51 53.91
N THR A 119 -38.61 15.38 55.22
CA THR A 119 -37.42 15.81 55.91
C THR A 119 -36.66 14.60 56.44
N VAL A 120 -35.37 14.52 56.13
CA VAL A 120 -34.48 13.51 56.68
C VAL A 120 -33.79 14.14 57.87
N SER A 121 -34.07 13.64 59.08
CA SER A 121 -33.47 14.20 60.27
C SER A 121 -33.41 13.16 61.37
N SER A 122 -32.48 13.36 62.31
CA SER A 122 -32.32 12.46 63.44
C SER A 122 -33.17 12.89 64.63
N ALA A 123 -33.54 14.16 64.69
CA ALA A 123 -34.30 14.68 65.82
C ALA A 123 -35.72 14.13 65.84
N SER A 124 -36.29 14.02 67.03
CA SER A 124 -37.64 13.51 67.17
C SER A 124 -38.66 14.58 66.79
N THR A 125 -39.82 14.12 66.34
CA THR A 125 -40.88 15.02 65.92
C THR A 125 -41.54 15.67 67.12
N LYS A 126 -42.33 16.70 66.85
CA LYS A 126 -42.93 17.49 67.91
C LYS A 126 -44.36 17.88 67.55
N GLY A 127 -45.27 17.70 68.51
CA GLY A 127 -46.58 18.28 68.42
C GLY A 127 -46.53 19.76 68.74
N PRO A 128 -47.22 20.57 67.95
CA PRO A 128 -47.05 22.03 68.03
C PRO A 128 -47.66 22.66 69.27
N SER A 129 -47.17 23.85 69.57
CA SER A 129 -47.81 24.73 70.54
C SER A 129 -48.47 25.89 69.79
N VAL A 130 -49.79 25.92 69.79
CA VAL A 130 -50.53 26.93 69.04
C VAL A 130 -51.13 27.90 70.05
N PHE A 131 -50.80 29.17 69.91
CA PHE A 131 -51.26 30.23 70.78
C PHE A 131 -52.10 31.25 70.02
N PRO A 132 -53.24 31.66 70.57
CA PRO A 132 -54.10 32.60 69.85
C PRO A 132 -53.54 34.02 69.92
N LEU A 133 -53.12 34.53 68.77
CA LEU A 133 -52.68 35.92 68.64
C LEU A 133 -53.93 36.77 68.79
N ALA A 134 -54.21 37.16 70.03
CA ALA A 134 -55.37 37.98 70.35
C ALA A 134 -55.11 39.41 69.91
N PRO A 135 -56.06 40.03 69.20
CA PRO A 135 -55.84 41.41 68.75
C PRO A 135 -55.95 42.40 69.89
N SER A 136 -54.88 43.16 70.11
CA SER A 136 -54.89 44.23 71.08
C SER A 136 -55.58 45.46 70.51
N SER A 137 -55.63 46.53 71.31
CA SER A 137 -56.14 47.81 70.80
C SER A 137 -55.20 48.41 69.76
N ARG A 138 -53.91 48.06 69.83
CA ARG A 138 -52.97 48.42 68.77
C ARG A 138 -53.06 47.51 67.56
N SER A 139 -53.91 46.47 67.62
CA SER A 139 -54.20 45.62 66.47
C SER A 139 -55.54 45.93 65.81
N THR A 140 -56.42 46.71 66.46
CA THR A 140 -57.77 46.97 65.97
C THR A 140 -57.92 48.34 65.29
N SER A 141 -56.93 48.77 64.53
CA SER A 141 -56.97 50.11 63.94
C SER A 141 -57.99 50.20 62.80
N GLU A 142 -58.80 51.27 62.86
CA GLU A 142 -59.83 51.69 61.88
C GLU A 142 -60.71 50.53 61.39
N SER A 143 -61.44 49.93 62.35
CA SER A 143 -62.52 48.96 62.18
C SER A 143 -62.07 47.61 61.60
N THR A 144 -60.77 47.40 61.38
CA THR A 144 -60.24 46.12 60.94
C THR A 144 -59.18 45.65 61.93
N ALA A 145 -59.21 44.36 62.26
CA ALA A 145 -58.28 43.81 63.24
C ALA A 145 -57.57 42.60 62.64
N ALA A 146 -56.36 42.38 63.10
CA ALA A 146 -55.64 41.15 62.79
C ALA A 146 -55.70 40.25 63.99
N LEU A 147 -56.24 39.04 63.81
CA LEU A 147 -56.27 38.06 64.88
C LEU A 147 -55.76 36.74 64.31
N GLY A 148 -54.86 36.10 65.03
CA GLY A 148 -54.22 34.94 64.43
C GLY A 148 -53.89 33.83 65.37
N CYS A 149 -52.93 33.00 64.94
CA CYS A 149 -52.38 31.93 65.76
C CYS A 149 -50.90 31.79 65.45
N LEU A 150 -50.09 31.73 66.50
CA LEU A 150 -48.69 31.37 66.39
C LEU A 150 -48.56 29.87 66.61
N VAL A 151 -48.03 29.17 65.61
CA VAL A 151 -47.77 27.74 65.71
C VAL A 151 -46.27 27.64 66.00
N LYS A 152 -45.93 27.65 67.28
CA LYS A 152 -44.56 27.67 67.75
C LYS A 152 -44.13 26.26 68.09
N ASP A 153 -42.89 25.93 67.70
CA ASP A 153 -42.18 24.70 68.05
C ASP A 153 -42.95 23.47 67.57
N TYR A 154 -43.09 23.37 66.26
CA TYR A 154 -43.53 22.14 65.65
C TYR A 154 -42.39 21.59 64.82
N PHE A 155 -42.29 20.26 64.81
CA PHE A 155 -41.16 19.67 64.12
C PHE A 155 -41.60 18.34 63.57
N PRO A 156 -41.41 18.09 62.27
CA PRO A 156 -41.00 19.09 61.28
C PRO A 156 -42.16 19.90 60.73
N GLU A 157 -41.94 20.52 59.57
CA GLU A 157 -43.03 21.08 58.78
C GLU A 157 -43.93 19.94 58.27
N PRO A 158 -45.19 20.23 57.90
CA PRO A 158 -46.00 21.45 57.95
C PRO A 158 -47.12 21.43 58.97
N VAL A 159 -47.75 22.59 59.11
CA VAL A 159 -49.00 22.72 59.83
C VAL A 159 -50.01 23.39 58.92
N THR A 160 -51.19 22.78 58.81
CA THR A 160 -52.28 23.30 58.00
C THR A 160 -53.16 24.12 58.92
N VAL A 161 -53.44 25.37 58.54
CA VAL A 161 -54.27 26.25 59.34
C VAL A 161 -55.54 26.55 58.56
N SER A 162 -56.64 25.93 58.96
CA SER A 162 -57.97 26.32 58.51
C SER A 162 -58.57 27.25 59.56
N TRP A 163 -59.57 28.01 59.16
CA TRP A 163 -60.14 29.02 60.04
C TRP A 163 -61.64 28.81 60.12
N ASN A 164 -62.13 28.52 61.32
CA ASN A 164 -63.47 27.99 61.57
C ASN A 164 -63.75 26.78 60.69
N SER A 165 -62.83 25.81 60.76
CA SER A 165 -62.85 24.56 59.98
C SER A 165 -62.89 24.85 58.48
N GLY A 166 -62.13 25.86 58.05
CA GLY A 166 -62.02 26.21 56.66
C GLY A 166 -63.20 26.97 56.09
N SER A 167 -64.27 27.18 56.88
CA SER A 167 -65.46 27.86 56.40
C SER A 167 -65.24 29.34 56.14
N LEU A 168 -64.20 29.92 56.73
CA LEU A 168 -63.80 31.29 56.38
C LEU A 168 -62.40 31.23 55.82
N THR A 169 -62.25 31.72 54.60
CA THR A 169 -60.95 31.90 53.97
C THR A 169 -60.68 33.35 53.60
N SER A 170 -61.67 34.23 53.73
CA SER A 170 -61.49 35.63 53.39
C SER A 170 -60.60 36.32 54.41
N GLY A 171 -59.64 37.10 53.92
CA GLY A 171 -58.79 37.89 54.77
C GLY A 171 -57.75 37.13 55.55
N VAL A 172 -57.53 35.87 55.23
CA VAL A 172 -56.59 35.03 55.95
C VAL A 172 -55.25 35.08 55.22
N HIS A 173 -54.19 34.80 55.98
CA HIS A 173 -52.83 34.73 55.44
C HIS A 173 -52.02 33.86 56.37
N THR A 174 -51.55 32.73 55.87
CA THR A 174 -50.59 31.91 56.57
C THR A 174 -49.21 32.41 56.17
N PHE A 175 -48.56 33.12 57.07
CA PHE A 175 -47.28 33.75 56.81
C PHE A 175 -46.17 32.71 56.69
N PRO A 176 -45.04 33.08 56.10
CA PRO A 176 -43.87 32.19 56.14
C PRO A 176 -43.40 31.92 57.55
N ALA A 177 -43.19 30.63 57.85
CA ALA A 177 -42.67 30.21 59.13
C ALA A 177 -41.19 30.57 59.25
N VAL A 178 -40.72 30.65 60.50
CA VAL A 178 -39.32 30.91 60.76
C VAL A 178 -38.64 29.62 61.20
N LEU A 179 -37.33 29.56 61.00
CA LEU A 179 -36.52 28.42 61.41
C LEU A 179 -35.64 28.87 62.56
N GLN A 180 -35.96 28.42 63.78
CA GLN A 180 -35.30 28.92 64.97
C GLN A 180 -33.91 28.32 65.13
N SER A 181 -33.17 28.89 66.08
CA SER A 181 -31.87 28.34 66.48
C SER A 181 -32.02 27.03 67.24
N SER A 182 -33.20 26.76 67.81
CA SER A 182 -33.49 25.47 68.39
C SER A 182 -33.72 24.39 67.33
N GLY A 183 -33.92 24.78 66.07
CA GLY A 183 -34.25 23.85 65.03
C GLY A 183 -35.74 23.57 64.91
N LEU A 184 -36.57 24.32 65.62
CA LEU A 184 -38.00 24.11 65.62
C LEU A 184 -38.67 25.23 64.83
N TYR A 185 -39.75 24.88 64.13
CA TYR A 185 -40.43 25.80 63.26
C TYR A 185 -41.51 26.54 64.02
N SER A 186 -41.76 27.79 63.62
CA SER A 186 -42.84 28.59 64.18
C SER A 186 -43.43 29.44 63.09
N LEU A 187 -44.76 29.40 62.96
CA LEU A 187 -45.46 30.06 61.86
C LEU A 187 -46.48 31.02 62.44
N SER A 188 -46.87 32.00 61.63
CA SER A 188 -47.96 32.90 61.97
C SER A 188 -49.06 32.76 60.94
N SER A 189 -50.29 32.54 61.40
CA SER A 189 -51.44 32.50 60.52
C SER A 189 -52.48 33.47 61.05
N VAL A 190 -52.74 34.53 60.29
CA VAL A 190 -53.64 35.57 60.74
C VAL A 190 -54.86 35.62 59.83
N VAL A 191 -55.93 36.18 60.37
CA VAL A 191 -57.08 36.58 59.58
C VAL A 191 -57.45 37.99 60.00
N THR A 192 -57.67 38.86 59.03
CA THR A 192 -58.12 40.21 59.26
C THR A 192 -59.66 40.20 59.27
N VAL A 193 -60.24 40.66 60.36
CA VAL A 193 -61.68 40.57 60.62
C VAL A 193 -62.21 41.98 60.90
N PRO A 194 -63.38 42.34 60.37
CA PRO A 194 -64.01 43.61 60.77
C PRO A 194 -64.39 43.60 62.25
N SER A 195 -64.40 44.80 62.84
CA SER A 195 -64.53 44.93 64.30
C SER A 195 -65.92 44.59 64.78
N SER A 196 -66.97 44.85 63.98
CA SER A 196 -68.34 44.57 64.38
C SER A 196 -68.60 43.08 64.54
N SER A 197 -67.85 42.24 63.82
CA SER A 197 -67.95 40.79 63.99
C SER A 197 -67.16 40.28 65.19
N LEU A 198 -66.41 41.16 65.87
CA LEU A 198 -65.59 40.72 67.00
C LEU A 198 -66.42 40.27 68.19
N GLY A 199 -67.61 40.85 68.36
CA GLY A 199 -68.44 40.49 69.49
C GLY A 199 -69.36 39.31 69.26
N THR A 200 -69.55 38.90 68.00
CA THR A 200 -70.52 37.88 67.65
C THR A 200 -69.88 36.56 67.25
N GLN A 201 -68.93 36.58 66.31
CA GLN A 201 -68.41 35.35 65.71
C GLN A 201 -67.24 34.79 66.52
N THR A 202 -67.01 33.49 66.35
CA THR A 202 -65.98 32.74 67.06
C THR A 202 -64.99 32.19 66.04
N TYR A 203 -63.72 32.16 66.39
CA TYR A 203 -62.66 31.90 65.43
C TYR A 203 -61.68 30.87 65.96
N VAL A 204 -61.79 29.63 65.47
CA VAL A 204 -60.81 28.58 65.78
C VAL A 204 -59.84 28.50 64.62
N CYS A 205 -58.55 28.52 64.94
CA CYS A 205 -57.54 28.06 64.00
C CYS A 205 -57.40 26.56 64.17
N ASN A 206 -57.60 25.85 63.07
CA ASN A 206 -57.55 24.40 63.03
C ASN A 206 -56.20 24.11 62.41
N VAL A 207 -55.21 23.94 63.27
CA VAL A 207 -53.82 23.72 62.89
C VAL A 207 -53.56 22.23 62.98
N ASN A 208 -52.91 21.67 61.95
CA ASN A 208 -52.64 20.23 61.91
C ASN A 208 -51.17 20.00 61.62
N HIS A 209 -50.58 19.05 62.34
CA HIS A 209 -49.19 18.63 62.16
C HIS A 209 -49.20 17.13 61.89
N LYS A 210 -49.09 16.78 60.61
CA LYS A 210 -49.09 15.38 60.20
C LYS A 210 -47.91 14.53 60.68
N PRO A 211 -46.64 14.99 60.70
CA PRO A 211 -45.57 14.09 61.20
C PRO A 211 -45.68 13.74 62.66
N SER A 212 -46.32 14.57 63.47
CA SER A 212 -46.67 14.20 64.84
C SER A 212 -48.11 13.75 64.95
N ASN A 213 -48.85 13.76 63.83
CA ASN A 213 -50.19 13.19 63.68
C ASN A 213 -51.19 13.82 64.65
N THR A 214 -51.07 15.12 64.87
CA THR A 214 -51.94 15.81 65.81
C THR A 214 -52.67 16.96 65.11
N LYS A 215 -53.74 17.40 65.74
CA LYS A 215 -54.45 18.59 65.31
C LYS A 215 -54.87 19.38 66.53
N VAL A 216 -54.48 20.66 66.56
CA VAL A 216 -54.85 21.58 67.62
C VAL A 216 -55.86 22.57 67.05
N ASP A 217 -57.02 22.65 67.67
CA ASP A 217 -58.05 23.60 67.28
C ASP A 217 -58.11 24.63 68.40
N LYS A 218 -57.46 25.78 68.17
CA LYS A 218 -57.30 26.80 69.19
C LYS A 218 -58.15 28.00 68.82
N ARG A 219 -59.03 28.42 69.73
CA ARG A 219 -59.90 29.54 69.45
C ARG A 219 -59.21 30.85 69.79
N VAL A 220 -59.45 31.86 68.97
CA VAL A 220 -58.89 33.19 69.14
C VAL A 220 -59.97 34.08 69.71
N GLU A 221 -59.73 34.61 70.91
CA GLU A 221 -60.74 35.37 71.63
C GLU A 221 -60.12 36.65 72.17
N ILE A 222 -60.90 37.73 72.10
CA ILE A 222 -60.47 39.02 72.60
C ILE A 222 -60.69 39.07 74.11
N LYS A 223 -59.70 39.60 74.83
CA LYS A 223 -59.83 39.82 76.27
C LYS A 223 -58.93 40.98 76.66
N THR A 224 -59.43 41.83 77.56
CA THR A 224 -58.63 42.94 78.08
C THR A 224 -57.53 42.41 78.97
N CYS A 225 -56.29 42.45 78.46
CA CYS A 225 -55.07 41.93 79.10
C CYS A 225 -55.19 40.46 79.49
N GLN B 1 -24.20 20.13 39.64
CA GLN B 1 -23.98 20.22 38.21
C GLN B 1 -25.27 19.93 37.44
N PHE B 2 -25.54 20.76 36.44
CA PHE B 2 -26.63 20.57 35.49
C PHE B 2 -26.03 20.47 34.11
N VAL B 3 -26.44 19.47 33.33
CA VAL B 3 -25.99 19.38 31.94
C VAL B 3 -26.71 20.36 31.03
N LEU B 4 -27.73 21.05 31.53
CA LEU B 4 -28.45 22.08 30.78
C LEU B 4 -28.22 23.40 31.49
N THR B 5 -27.74 24.39 30.75
CA THR B 5 -27.32 25.65 31.34
C THR B 5 -28.26 26.77 30.92
N GLN B 6 -28.62 27.60 31.90
CA GLN B 6 -29.39 28.82 31.71
C GLN B 6 -28.74 29.92 32.52
N PRO B 7 -28.82 31.16 32.06
CA PRO B 7 -28.53 32.30 32.93
C PRO B 7 -29.60 32.39 34.03
N PRO B 8 -29.20 32.69 35.26
CA PRO B 8 -30.09 32.41 36.40
C PRO B 8 -31.27 33.35 36.55
N SER B 9 -31.12 34.65 36.28
CA SER B 9 -32.18 35.60 36.53
C SER B 9 -32.29 36.60 35.39
N MET B 10 -33.49 37.13 35.20
CA MET B 10 -33.75 38.12 34.16
C MET B 10 -34.98 38.94 34.53
N SER B 11 -34.98 40.21 34.13
CA SER B 11 -36.08 41.10 34.44
C SER B 11 -36.40 41.98 33.23
N GLY B 12 -37.67 42.39 33.14
CA GLY B 12 -38.10 43.21 32.02
C GLY B 12 -39.40 43.92 32.30
N ALA B 13 -39.59 45.03 31.57
CA ALA B 13 -40.77 45.89 31.67
C ALA B 13 -42.01 45.17 31.19
N PRO B 14 -43.21 45.59 31.61
CA PRO B 14 -44.43 44.99 31.06
C PRO B 14 -44.60 45.35 29.59
N GLY B 15 -45.08 44.37 28.83
CA GLY B 15 -45.18 44.52 27.40
C GLY B 15 -43.92 44.16 26.64
N GLN B 16 -42.85 43.81 27.34
CA GLN B 16 -41.59 43.53 26.67
C GLN B 16 -41.61 42.16 26.02
N ARG B 17 -40.64 41.96 25.13
CA ARG B 17 -40.45 40.71 24.43
C ARG B 17 -39.05 40.20 24.78
N VAL B 18 -38.99 39.07 25.47
CA VAL B 18 -37.72 38.52 25.91
C VAL B 18 -37.54 37.13 25.34
N THR B 19 -36.28 36.69 25.29
CA THR B 19 -35.92 35.34 24.87
C THR B 19 -35.12 34.68 25.97
N ILE B 20 -35.64 33.56 26.47
CA ILE B 20 -34.96 32.74 27.45
C ILE B 20 -34.29 31.61 26.69
N SER B 21 -32.97 31.53 26.81
CA SER B 21 -32.17 30.54 26.13
C SER B 21 -31.78 29.42 27.09
N CYS B 22 -31.90 28.19 26.60
CA CYS B 22 -31.49 26.99 27.32
C CYS B 22 -30.37 26.36 26.51
N THR B 23 -29.21 26.18 27.14
CA THR B 23 -28.02 25.78 26.44
C THR B 23 -27.53 24.43 26.97
N GLY B 24 -27.41 23.46 26.07
CA GLY B 24 -26.89 22.14 26.39
C GLY B 24 -26.01 21.64 25.28
N THR B 25 -25.85 20.33 25.17
CA THR B 25 -25.01 19.72 24.15
C THR B 25 -25.86 18.99 23.12
N ASN B 26 -25.18 18.37 22.16
CA ASN B 26 -25.87 17.61 21.13
C ASN B 26 -26.49 16.34 21.69
N SER B 27 -25.88 15.76 22.71
CA SER B 27 -26.24 14.43 23.18
C SER B 27 -27.62 14.39 23.84
N ASN B 28 -28.15 15.52 24.27
CA ASN B 28 -29.46 15.58 24.90
C ASN B 28 -30.45 16.41 24.09
N ILE B 29 -30.10 17.64 23.76
CA ILE B 29 -31.02 18.52 23.07
C ILE B 29 -31.12 18.13 21.60
N GLY B 30 -29.97 17.79 20.99
CA GLY B 30 -29.89 17.69 19.54
C GLY B 30 -30.64 16.53 18.93
N VAL B 31 -31.19 15.65 19.75
CA VAL B 31 -31.91 14.51 19.21
C VAL B 31 -33.28 14.37 19.85
N ASN B 32 -33.47 15.00 21.01
CA ASN B 32 -34.70 14.80 21.74
C ASN B 32 -35.60 16.02 21.66
N TYR B 33 -36.79 15.86 22.24
CA TYR B 33 -37.69 16.97 22.44
C TYR B 33 -37.38 17.67 23.75
N VAL B 34 -37.58 18.98 23.77
CA VAL B 34 -37.37 19.75 24.98
C VAL B 34 -38.70 20.36 25.39
N GLN B 35 -38.87 20.57 26.69
CA GLN B 35 -40.09 21.12 27.23
C GLN B 35 -39.76 22.33 28.11
N TRP B 36 -40.75 23.22 28.19
CA TRP B 36 -40.64 24.43 28.98
C TRP B 36 -41.74 24.41 30.02
N TYR B 37 -41.32 24.57 31.28
CA TYR B 37 -42.21 24.48 32.44
C TYR B 37 -42.18 25.77 33.24
N GLN B 38 -43.29 26.04 33.93
CA GLN B 38 -43.49 27.22 34.76
C GLN B 38 -43.94 26.83 36.16
N GLN B 39 -43.30 27.40 37.18
CA GLN B 39 -43.80 27.27 38.55
C GLN B 39 -43.70 28.60 39.26
N PHE B 40 -44.68 28.88 40.11
CA PHE B 40 -44.53 29.93 41.10
C PHE B 40 -43.83 29.36 42.32
N PRO B 41 -43.28 30.22 43.18
CA PRO B 41 -42.84 29.75 44.50
C PRO B 41 -44.00 29.22 45.32
N GLY B 42 -43.76 28.11 46.01
CA GLY B 42 -44.81 27.42 46.74
C GLY B 42 -45.88 26.78 45.88
N THR B 43 -45.61 26.55 44.60
CA THR B 43 -46.60 26.09 43.65
C THR B 43 -46.05 24.96 42.80
N ALA B 44 -46.86 23.93 42.60
CA ALA B 44 -46.52 22.85 41.68
C ALA B 44 -46.36 23.40 40.26
N PRO B 45 -45.45 22.81 39.47
CA PRO B 45 -45.15 23.38 38.16
C PRO B 45 -46.24 23.13 37.13
N LYS B 46 -46.18 23.90 36.04
CA LYS B 46 -47.11 23.78 34.94
C LYS B 46 -46.35 23.70 33.62
N LEU B 47 -46.82 22.84 32.72
CA LEU B 47 -46.25 22.76 31.38
C LEU B 47 -46.65 23.98 30.57
N LEU B 48 -45.68 24.56 29.86
CA LEU B 48 -45.95 25.62 28.90
C LEU B 48 -45.75 25.18 27.46
N ILE B 49 -44.58 24.62 27.16
CA ILE B 49 -44.24 24.25 25.79
C ILE B 49 -43.85 22.79 25.77
N TYR B 50 -44.55 22.00 24.97
CA TYR B 50 -44.17 20.62 24.73
C TYR B 50 -43.78 20.45 23.27
N GLU B 51 -42.77 19.59 23.05
CA GLU B 51 -42.24 19.27 21.73
C GLU B 51 -41.78 20.51 20.98
N ASN B 52 -41.16 21.41 21.73
CA ASN B 52 -40.35 22.54 21.30
C ASN B 52 -41.13 23.71 20.69
N TYR B 53 -42.40 23.53 20.33
CA TYR B 53 -43.17 24.70 19.90
C TYR B 53 -44.66 24.65 20.23
N LYS B 54 -45.15 23.57 20.82
CA LYS B 54 -46.59 23.38 20.96
C LYS B 54 -47.04 23.69 22.38
N ARG B 55 -48.26 24.24 22.49
CA ARG B 55 -48.88 24.65 23.75
C ARG B 55 -50.18 23.90 23.99
N PRO B 56 -50.43 23.40 25.20
CA PRO B 56 -51.71 22.76 25.48
C PRO B 56 -52.80 23.78 25.72
N SER B 57 -54.04 23.27 25.74
CA SER B 57 -55.18 24.13 25.97
C SER B 57 -55.24 24.54 27.44
N GLY B 58 -55.69 25.78 27.65
CA GLY B 58 -55.54 26.45 28.92
C GLY B 58 -54.40 27.45 28.96
N ILE B 59 -53.51 27.42 27.97
CA ILE B 59 -52.37 28.31 27.89
C ILE B 59 -52.53 29.21 26.67
N SER B 60 -52.28 30.50 26.85
CA SER B 60 -52.40 31.46 25.77
C SER B 60 -51.32 31.25 24.72
N ASP B 61 -51.53 31.86 23.55
CA ASP B 61 -50.53 31.90 22.50
C ASP B 61 -49.54 33.07 22.65
N ARG B 62 -49.45 33.65 23.86
CA ARG B 62 -48.57 34.78 24.08
C ARG B 62 -47.10 34.38 23.99
N PHE B 63 -46.77 33.17 24.43
CA PHE B 63 -45.40 32.67 24.36
C PHE B 63 -45.16 31.96 23.03
N SER B 64 -43.90 31.88 22.62
CA SER B 64 -43.51 31.10 21.45
C SER B 64 -42.25 30.31 21.76
N GLY B 65 -42.05 29.22 21.00
CA GLY B 65 -40.91 28.36 21.23
C GLY B 65 -40.14 27.96 19.99
N SER B 66 -38.82 27.90 20.08
CA SER B 66 -37.98 27.47 18.98
C SER B 66 -36.82 26.63 19.50
N GLN B 67 -36.22 25.85 18.59
CA GLN B 67 -35.10 24.99 18.93
C GLN B 67 -34.14 24.95 17.74
N SER B 68 -32.85 25.00 18.04
CA SER B 68 -31.83 24.96 17.00
C SER B 68 -30.56 24.36 17.59
N GLY B 69 -30.08 23.30 16.95
CA GLY B 69 -28.84 22.65 17.34
C GLY B 69 -28.88 22.09 18.75
N SER B 70 -28.08 22.69 19.62
CA SER B 70 -28.05 22.30 21.03
C SER B 70 -28.61 23.40 21.92
N SER B 71 -29.46 24.26 21.37
CA SER B 71 -30.03 25.37 22.13
C SER B 71 -31.52 25.45 21.88
N ALA B 72 -32.23 25.88 22.93
CA ALA B 72 -33.67 26.07 22.86
C ALA B 72 -33.99 27.47 23.35
N SER B 73 -35.15 27.98 22.93
CA SER B 73 -35.46 29.36 23.24
C SER B 73 -36.97 29.52 23.36
N LEU B 74 -37.37 30.23 24.40
CA LEU B 74 -38.75 30.68 24.56
C LEU B 74 -38.79 32.18 24.42
N THR B 75 -39.82 32.70 23.76
CA THR B 75 -39.93 34.13 23.53
C THR B 75 -41.28 34.63 24.01
N ILE B 76 -41.24 35.63 24.88
CA ILE B 76 -42.43 36.26 25.44
C ILE B 76 -42.63 37.58 24.72
N THR B 77 -43.73 37.69 23.98
CA THR B 77 -44.11 38.92 23.30
C THR B 77 -45.21 39.57 24.12
N GLY B 78 -44.98 40.81 24.57
CA GLY B 78 -45.96 41.45 25.40
C GLY B 78 -45.96 40.88 26.80
N LEU B 79 -44.90 41.16 27.56
CA LEU B 79 -44.77 40.67 28.93
C LEU B 79 -45.86 41.23 29.83
N GLN B 80 -46.50 40.35 30.58
CA GLN B 80 -47.50 40.73 31.56
C GLN B 80 -46.90 40.65 32.96
N SER B 81 -47.58 41.28 33.91
CA SER B 81 -47.07 41.30 35.28
C SER B 81 -47.21 39.95 35.97
N GLU B 82 -48.09 39.08 35.46
CA GLU B 82 -48.32 37.78 36.08
C GLU B 82 -47.11 36.85 35.97
N ASP B 83 -46.21 37.11 35.04
CA ASP B 83 -45.16 36.17 34.69
C ASP B 83 -43.97 36.19 35.64
N GLU B 84 -44.07 36.84 36.80
CA GLU B 84 -43.04 36.71 37.83
C GLU B 84 -43.11 35.29 38.37
N ALA B 85 -42.18 34.45 37.94
CA ALA B 85 -42.22 33.03 38.28
C ALA B 85 -40.82 32.48 38.09
N ASP B 86 -40.70 31.16 38.08
CA ASP B 86 -39.47 30.47 37.72
C ASP B 86 -39.78 29.51 36.59
N TYR B 87 -38.99 29.57 35.54
CA TYR B 87 -39.17 28.76 34.35
C TYR B 87 -38.00 27.81 34.21
N TYR B 88 -38.27 26.67 33.59
CA TYR B 88 -37.26 25.63 33.47
C TYR B 88 -37.34 25.00 32.08
N CYS B 89 -36.20 24.61 31.55
CA CYS B 89 -36.16 23.72 30.40
C CYS B 89 -35.83 22.31 30.86
N GLN B 90 -36.39 21.34 30.15
CA GLN B 90 -36.27 19.95 30.55
C GLN B 90 -36.16 19.10 29.30
N SER B 91 -35.39 18.02 29.37
CA SER B 91 -35.37 17.04 28.30
C SER B 91 -34.95 15.70 28.86
N TYR B 92 -34.66 14.77 27.97
CA TYR B 92 -34.07 13.49 28.31
C TYR B 92 -32.68 13.42 27.70
N ASP B 93 -31.75 12.78 28.41
CA ASP B 93 -30.36 12.71 28.01
C ASP B 93 -29.93 11.26 27.94
N ILE B 94 -29.18 10.94 26.89
CA ILE B 94 -28.76 9.58 26.63
C ILE B 94 -27.60 9.19 27.53
N SER B 95 -26.63 10.09 27.67
CA SER B 95 -25.38 9.76 28.34
C SER B 95 -25.58 9.50 29.81
N LEU B 96 -26.48 10.24 30.44
CA LEU B 96 -26.89 9.90 31.79
C LEU B 96 -28.03 8.89 31.80
N GLY B 97 -28.69 8.71 30.66
CA GLY B 97 -29.83 7.82 30.59
C GLY B 97 -30.99 8.29 31.45
N ALA B 98 -31.23 9.58 31.47
CA ALA B 98 -32.14 10.13 32.47
C ALA B 98 -32.75 11.43 31.98
N HIS B 99 -33.92 11.76 32.52
CA HIS B 99 -34.48 13.09 32.31
C HIS B 99 -33.68 14.10 33.11
N VAL B 100 -33.49 15.28 32.55
CA VAL B 100 -32.74 16.34 33.22
C VAL B 100 -33.48 17.65 33.05
N PHE B 101 -33.20 18.56 33.99
CA PHE B 101 -33.76 19.89 34.02
C PHE B 101 -32.67 20.93 33.81
N GLY B 102 -33.10 22.15 33.50
CA GLY B 102 -32.18 23.25 33.29
C GLY B 102 -31.75 23.92 34.59
N SER B 103 -31.12 25.08 34.43
CA SER B 103 -30.61 25.83 35.58
C SER B 103 -31.72 26.53 36.34
N GLY B 104 -32.84 26.84 35.70
CA GLY B 104 -33.87 27.63 36.32
C GLY B 104 -33.69 29.11 36.06
N THR B 105 -34.77 29.78 35.69
CA THR B 105 -34.72 31.19 35.35
C THR B 105 -35.87 31.91 36.02
N GLU B 106 -35.55 32.85 36.89
CA GLU B 106 -36.54 33.59 37.65
C GLU B 106 -36.91 34.85 36.89
N LEU B 107 -38.11 34.88 36.32
CA LEU B 107 -38.60 36.03 35.59
C LEU B 107 -39.31 36.94 36.58
N THR B 108 -38.66 38.07 36.89
CA THR B 108 -39.21 39.11 37.74
C THR B 108 -39.60 40.28 36.87
N VAL B 109 -40.89 40.58 36.80
CA VAL B 109 -41.42 41.55 35.85
C VAL B 109 -41.23 42.94 36.44
N LEU B 110 -40.62 43.84 35.66
CA LEU B 110 -40.42 45.22 36.08
C LEU B 110 -41.75 45.97 36.10
N GLY B 111 -41.70 47.23 36.48
CA GLY B 111 -42.88 48.06 36.50
C GLY B 111 -43.74 47.91 37.74
N GLN B 112 -43.41 46.99 38.63
CA GLN B 112 -44.18 46.84 39.86
C GLN B 112 -43.89 48.04 40.76
N PRO B 113 -44.92 48.73 41.24
CA PRO B 113 -44.67 49.93 42.05
C PRO B 113 -44.25 49.57 43.46
N LYS B 114 -43.50 50.48 44.07
CA LYS B 114 -43.04 50.28 45.43
C LYS B 114 -44.19 50.40 46.40
N ALA B 115 -44.42 49.33 47.17
CA ALA B 115 -45.55 49.25 48.07
C ALA B 115 -45.06 49.38 49.50
N ALA B 116 -45.60 50.37 50.23
CA ALA B 116 -45.27 50.62 51.62
C ALA B 116 -45.83 49.49 52.49
N PRO B 117 -45.07 49.05 53.51
CA PRO B 117 -45.42 47.79 54.17
C PRO B 117 -46.56 47.92 55.19
N SER B 118 -47.33 46.84 55.32
CA SER B 118 -48.30 46.74 56.40
C SER B 118 -47.67 46.00 57.57
N VAL B 119 -47.78 46.58 58.77
CA VAL B 119 -47.16 46.03 59.97
C VAL B 119 -48.25 45.62 60.95
N THR B 120 -47.99 44.54 61.69
CA THR B 120 -48.84 44.09 62.79
C THR B 120 -47.95 43.58 63.91
N LEU B 121 -48.06 44.18 65.09
CA LEU B 121 -47.28 43.80 66.27
C LEU B 121 -48.21 43.21 67.33
N PHE B 122 -48.14 41.89 67.50
CA PHE B 122 -48.84 41.09 68.48
C PHE B 122 -48.03 40.95 69.76
N PRO B 123 -48.69 41.14 70.90
CA PRO B 123 -48.11 40.74 72.18
C PRO B 123 -48.28 39.25 72.38
N PRO B 124 -47.59 38.65 73.37
CA PRO B 124 -47.88 37.26 73.70
C PRO B 124 -49.24 37.13 74.36
N SER B 125 -49.82 35.94 74.21
CA SER B 125 -51.01 35.61 74.95
C SER B 125 -50.70 35.47 76.44
N SER B 126 -51.71 35.70 77.28
CA SER B 126 -51.55 35.46 78.71
C SER B 126 -51.43 33.98 79.00
N GLU B 127 -51.90 33.12 78.10
CA GLU B 127 -51.55 31.71 78.15
C GLU B 127 -50.05 31.51 78.07
N GLU B 128 -49.38 32.26 77.18
CA GLU B 128 -47.92 32.12 77.04
C GLU B 128 -47.20 32.70 78.25
N LEU B 129 -47.79 33.70 78.90
CA LEU B 129 -47.24 34.19 80.17
C LEU B 129 -47.47 33.19 81.29
N GLN B 130 -48.57 32.42 81.22
CA GLN B 130 -48.74 31.28 82.12
C GLN B 130 -47.73 30.18 81.81
N ALA B 131 -47.33 30.06 80.54
CA ALA B 131 -46.22 29.20 80.14
C ALA B 131 -44.85 29.89 80.33
N ASN B 132 -44.85 31.09 80.92
CA ASN B 132 -43.65 31.84 81.31
C ASN B 132 -42.79 32.19 80.11
N LYS B 133 -43.43 32.48 78.97
CA LYS B 133 -42.77 32.88 77.75
C LYS B 133 -43.45 34.12 77.19
N ALA B 134 -42.81 34.78 76.24
CA ALA B 134 -43.34 35.99 75.63
C ALA B 134 -42.89 36.03 74.17
N THR B 135 -43.83 35.85 73.26
CA THR B 135 -43.56 35.96 71.83
C THR B 135 -44.14 37.27 71.33
N LEU B 136 -43.29 38.10 70.74
CA LEU B 136 -43.71 39.34 70.11
C LEU B 136 -43.63 39.19 68.60
N VAL B 137 -44.77 39.41 67.93
CA VAL B 137 -44.93 39.01 66.54
C VAL B 137 -45.02 40.26 65.67
N CYS B 138 -44.14 40.37 64.69
CA CYS B 138 -44.13 41.49 63.75
C CYS B 138 -44.35 40.94 62.35
N LEU B 139 -45.58 41.06 61.86
CA LEU B 139 -45.95 40.61 60.53
C LEU B 139 -45.93 41.80 59.57
N ILE B 140 -45.20 41.66 58.48
CA ILE B 140 -45.01 42.74 57.51
C ILE B 140 -45.47 42.20 56.17
N SER B 141 -46.63 42.67 55.72
CA SER B 141 -47.30 42.09 54.56
C SER B 141 -47.51 43.14 53.47
N ASP B 142 -47.63 42.63 52.24
CA ASP B 142 -48.11 43.35 51.06
C ASP B 142 -47.22 44.56 50.74
N PHE B 143 -45.96 44.28 50.50
CA PHE B 143 -44.99 45.33 50.23
C PHE B 143 -44.12 44.96 49.05
N TYR B 144 -43.64 45.99 48.37
CA TYR B 144 -42.73 45.90 47.24
C TYR B 144 -41.79 47.07 47.42
N PRO B 145 -40.48 46.89 47.18
CA PRO B 145 -39.77 45.66 46.81
C PRO B 145 -39.51 44.76 48.01
N GLY B 146 -38.83 43.64 47.76
CA GLY B 146 -38.51 42.69 48.80
C GLY B 146 -37.25 43.00 49.60
N ALA B 147 -36.94 44.28 49.79
CA ALA B 147 -35.84 44.70 50.64
C ALA B 147 -36.40 45.36 51.89
N VAL B 148 -36.69 44.56 52.92
CA VAL B 148 -37.29 45.07 54.14
C VAL B 148 -36.29 44.86 55.27
N GLU B 149 -36.40 45.69 56.29
CA GLU B 149 -35.51 45.64 57.45
C GLU B 149 -36.36 45.58 58.71
N VAL B 150 -36.07 44.63 59.58
CA VAL B 150 -36.74 44.51 60.86
C VAL B 150 -35.71 44.81 61.95
N ALA B 151 -36.14 45.48 63.01
CA ALA B 151 -35.29 45.69 64.17
C ALA B 151 -36.14 45.66 65.42
N TRP B 152 -35.80 44.78 66.35
CA TRP B 152 -36.50 44.70 67.62
C TRP B 152 -35.79 45.59 68.63
N LYS B 153 -36.57 46.23 69.49
CA LYS B 153 -36.04 47.25 70.39
C LYS B 153 -36.64 47.12 71.79
N ALA B 154 -35.83 47.45 72.78
CA ALA B 154 -36.26 47.52 74.17
C ALA B 154 -36.80 48.94 74.46
N ASP B 155 -36.94 49.26 75.74
CA ASP B 155 -37.44 50.56 76.20
C ASP B 155 -36.62 51.73 75.66
N GLY B 156 -35.30 51.66 75.74
CA GLY B 156 -34.46 52.68 75.15
C GLY B 156 -33.48 52.13 74.14
N SER B 157 -33.22 50.83 74.22
CA SER B 157 -32.21 50.17 73.42
C SER B 157 -32.84 49.24 72.39
N ALA B 158 -32.00 48.68 71.53
CA ALA B 158 -32.42 47.57 70.69
C ALA B 158 -32.30 46.26 71.44
N VAL B 159 -33.01 45.23 70.98
CA VAL B 159 -32.84 43.86 71.45
C VAL B 159 -32.72 42.94 70.24
N ASN B 160 -31.82 41.97 70.34
CA ASN B 160 -31.64 40.96 69.30
C ASN B 160 -31.53 39.57 69.92
N ALA B 161 -32.31 39.33 70.98
CA ALA B 161 -32.25 38.07 71.71
C ALA B 161 -33.63 37.42 71.69
N GLY B 162 -33.68 36.21 71.14
CA GLY B 162 -34.94 35.59 70.79
C GLY B 162 -35.49 36.02 69.46
N VAL B 163 -34.72 36.74 68.66
CA VAL B 163 -35.18 37.28 67.39
C VAL B 163 -34.95 36.26 66.29
N GLU B 164 -36.01 35.94 65.56
CA GLU B 164 -35.92 35.15 64.34
C GLU B 164 -36.75 35.85 63.28
N THR B 165 -36.32 35.79 62.03
CA THR B 165 -36.91 36.62 60.99
C THR B 165 -37.03 35.85 59.67
N THR B 166 -38.25 35.82 59.12
CA THR B 166 -38.45 35.35 57.76
C THR B 166 -38.22 36.50 56.76
N LYS B 167 -37.70 36.13 55.59
CA LYS B 167 -37.38 37.12 54.58
C LYS B 167 -38.66 37.60 53.88
N PRO B 168 -38.58 38.72 53.15
CA PRO B 168 -39.66 39.08 52.23
C PRO B 168 -39.91 37.99 51.20
N SER B 169 -41.04 37.33 51.35
CA SER B 169 -41.39 36.18 50.53
C SER B 169 -42.44 36.61 49.53
N LYS B 170 -42.15 36.39 48.24
CA LYS B 170 -42.99 36.91 47.18
C LYS B 170 -44.33 36.17 47.16
N GLN B 171 -45.38 36.85 47.56
CA GLN B 171 -46.69 36.25 47.76
C GLN B 171 -47.46 36.26 46.44
N SER B 172 -48.77 35.96 46.53
CA SER B 172 -49.58 35.67 45.36
C SER B 172 -49.81 36.90 44.48
N ASN B 173 -49.84 38.09 45.08
CA ASN B 173 -50.05 39.32 44.35
C ASN B 173 -48.75 39.92 43.80
N ASN B 174 -47.69 39.11 43.75
CA ASN B 174 -46.32 39.47 43.39
C ASN B 174 -45.70 40.53 44.30
N LYS B 175 -46.33 40.86 45.43
CA LYS B 175 -45.73 41.68 46.46
C LYS B 175 -44.98 40.75 47.41
N TYR B 176 -44.62 41.23 48.59
CA TYR B 176 -43.81 40.44 49.49
C TYR B 176 -44.46 40.38 50.87
N ALA B 177 -44.13 39.31 51.60
CA ALA B 177 -44.56 39.13 52.98
C ALA B 177 -43.40 38.59 53.79
N ALA B 178 -43.38 38.94 55.07
CA ALA B 178 -42.28 38.60 55.96
C ALA B 178 -42.77 38.68 57.40
N SER B 179 -41.93 38.20 58.31
CA SER B 179 -42.31 38.13 59.71
C SER B 179 -41.06 38.09 60.58
N SER B 180 -41.23 38.48 61.84
CA SER B 180 -40.17 38.36 62.84
C SER B 180 -40.77 38.10 64.21
N TYR B 181 -40.14 37.21 64.96
CA TYR B 181 -40.57 36.86 66.31
C TYR B 181 -39.48 37.26 67.30
N LEU B 182 -39.91 37.83 68.43
CA LEU B 182 -39.03 38.19 69.53
C LEU B 182 -39.40 37.31 70.72
N SER B 183 -38.47 36.44 71.12
CA SER B 183 -38.74 35.38 72.09
C SER B 183 -38.08 35.73 73.42
N LEU B 184 -38.91 35.92 74.45
CA LEU B 184 -38.47 36.25 75.80
C LEU B 184 -39.17 35.33 76.78
N THR B 185 -38.84 35.47 78.06
CA THR B 185 -39.67 34.86 79.09
C THR B 185 -40.70 35.87 79.56
N SER B 186 -41.68 35.39 80.35
CA SER B 186 -42.68 36.31 80.90
C SER B 186 -42.07 37.21 81.98
N ASP B 187 -41.02 36.75 82.66
CA ASP B 187 -40.34 37.59 83.64
C ASP B 187 -39.50 38.66 82.94
N GLN B 188 -38.87 38.30 81.82
CA GLN B 188 -38.19 39.30 81.00
C GLN B 188 -39.18 40.19 80.28
N TRP B 189 -40.37 39.67 79.98
CA TRP B 189 -41.47 40.49 79.48
C TRP B 189 -41.81 41.60 80.46
N LYS B 190 -42.14 41.24 81.70
CA LYS B 190 -42.46 42.22 82.72
C LYS B 190 -41.23 42.92 83.30
N SER B 191 -40.05 42.71 82.74
CA SER B 191 -38.85 43.43 83.12
C SER B 191 -38.67 44.72 82.34
N HIS B 192 -39.59 45.05 81.44
CA HIS B 192 -39.43 46.19 80.56
C HIS B 192 -40.72 46.97 80.49
N LYS B 193 -40.61 48.20 79.95
CA LYS B 193 -41.77 49.06 79.81
C LYS B 193 -42.35 49.03 78.41
N SER B 194 -41.57 48.66 77.40
CA SER B 194 -42.05 48.61 76.03
C SER B 194 -41.18 47.66 75.21
N TYR B 195 -41.77 47.11 74.16
CA TYR B 195 -41.02 46.38 73.15
C TYR B 195 -41.45 46.87 71.78
N SER B 196 -40.47 47.09 70.91
CA SER B 196 -40.73 47.75 69.65
C SER B 196 -40.29 46.86 68.49
N CYS B 197 -41.08 46.87 67.43
CA CYS B 197 -40.66 46.37 66.13
C CYS B 197 -40.59 47.56 65.20
N GLN B 198 -39.40 47.95 64.81
CA GLN B 198 -39.18 49.07 63.91
C GLN B 198 -38.71 48.51 62.58
N VAL B 199 -39.53 48.69 61.55
CA VAL B 199 -39.24 48.18 60.23
C VAL B 199 -38.91 49.35 59.32
N THR B 200 -37.86 49.17 58.51
CA THR B 200 -37.47 50.14 57.50
C THR B 200 -37.70 49.52 56.12
N HIS B 201 -38.49 50.19 55.30
CA HIS B 201 -38.79 49.72 53.95
C HIS B 201 -38.91 50.93 53.05
N GLU B 202 -38.15 50.91 51.95
CA GLU B 202 -38.08 51.99 50.96
C GLU B 202 -37.75 53.32 51.61
N GLY B 203 -36.78 53.28 52.51
CA GLY B 203 -36.36 54.43 53.28
C GLY B 203 -37.32 54.88 54.36
N SER B 204 -38.47 54.24 54.50
CA SER B 204 -39.48 54.63 55.47
C SER B 204 -39.34 53.78 56.72
N THR B 205 -39.18 54.44 57.86
CA THR B 205 -39.03 53.75 59.13
C THR B 205 -40.31 53.92 59.95
N VAL B 206 -40.89 52.80 60.34
CA VAL B 206 -42.12 52.80 61.13
C VAL B 206 -41.93 51.83 62.28
N GLU B 207 -42.22 52.31 63.49
CA GLU B 207 -41.97 51.54 64.71
C GLU B 207 -43.31 51.29 65.39
N LYS B 208 -43.71 50.03 65.45
CA LYS B 208 -44.82 49.62 66.30
C LYS B 208 -44.27 49.32 67.68
N THR B 209 -45.06 49.61 68.70
CA THR B 209 -44.61 49.51 70.07
C THR B 209 -45.72 48.91 70.92
N VAL B 210 -45.38 47.88 71.69
CA VAL B 210 -46.29 47.37 72.70
C VAL B 210 -45.68 47.70 74.05
N ALA B 211 -46.50 47.58 75.09
CA ALA B 211 -46.01 47.76 76.43
C ALA B 211 -46.36 46.50 77.22
N PRO B 212 -45.42 46.03 78.05
CA PRO B 212 -45.78 45.00 79.04
C PRO B 212 -46.78 45.48 80.08
N ALA B 213 -46.92 46.80 80.26
CA ALA B 213 -48.06 47.34 81.00
C ALA B 213 -49.36 47.05 80.26
N GLU B 214 -49.32 47.01 78.93
CA GLU B 214 -50.49 46.71 78.11
C GLU B 214 -50.70 45.22 77.89
N CYS B 215 -49.88 44.37 78.53
CA CYS B 215 -49.92 42.89 78.44
C CYS B 215 -49.85 42.37 76.99
N ALA C 1 -54.05 -20.54 13.50
CA ALA C 1 -53.99 -20.32 14.94
C ALA C 1 -52.71 -20.92 15.50
N GLU C 2 -52.72 -22.22 15.79
CA GLU C 2 -51.54 -22.88 16.32
C GLU C 2 -50.45 -23.07 15.29
N ASN C 3 -50.73 -22.82 14.02
CA ASN C 3 -49.69 -22.79 12.99
C ASN C 3 -48.96 -21.46 13.09
N LEU C 4 -48.04 -21.38 14.04
CA LEU C 4 -47.17 -20.22 14.12
C LEU C 4 -46.19 -20.23 12.97
N TRP C 5 -45.92 -19.07 12.42
CA TRP C 5 -45.07 -18.94 11.26
C TRP C 5 -43.80 -18.20 11.62
N VAL C 6 -42.72 -18.55 10.95
CA VAL C 6 -41.44 -17.93 11.20
C VAL C 6 -41.44 -16.54 10.60
N THR C 7 -40.74 -15.61 11.26
CA THR C 7 -40.62 -14.25 10.77
C THR C 7 -39.19 -13.79 10.99
N VAL C 8 -38.60 -13.24 9.96
CA VAL C 8 -37.22 -12.79 10.04
C VAL C 8 -37.20 -11.31 10.33
N TYR C 9 -36.25 -10.89 11.14
CA TYR C 9 -36.14 -9.54 11.62
C TYR C 9 -34.73 -9.06 11.33
N TYR C 10 -34.61 -7.94 10.64
CA TYR C 10 -33.31 -7.39 10.34
C TYR C 10 -32.98 -6.27 11.29
N GLY C 11 -31.77 -6.30 11.82
CA GLY C 11 -31.36 -5.29 12.77
C GLY C 11 -31.79 -5.56 14.20
N VAL C 12 -31.86 -6.83 14.58
CA VAL C 12 -32.07 -7.14 16.00
C VAL C 12 -30.84 -6.71 16.78
N PRO C 13 -30.97 -5.94 17.84
CA PRO C 13 -29.80 -5.56 18.63
C PRO C 13 -29.27 -6.70 19.46
N VAL C 14 -28.23 -7.36 18.97
CA VAL C 14 -27.57 -8.44 19.70
C VAL C 14 -26.16 -8.55 19.15
N TRP C 15 -25.27 -9.14 19.93
CA TRP C 15 -23.87 -9.17 19.54
C TRP C 15 -23.24 -10.50 19.91
N LYS C 16 -21.96 -10.61 19.60
CA LYS C 16 -21.11 -11.67 20.10
C LYS C 16 -19.73 -11.11 20.41
N ASP C 17 -18.87 -11.96 20.96
CA ASP C 17 -17.51 -11.57 21.25
C ASP C 17 -16.61 -11.93 20.08
N ALA C 18 -15.67 -11.05 19.76
CA ALA C 18 -14.81 -11.27 18.60
C ALA C 18 -13.52 -10.50 18.78
N GLU C 19 -12.66 -10.58 17.77
CA GLU C 19 -11.41 -9.85 17.76
C GLU C 19 -11.16 -9.32 16.36
N THR C 20 -10.71 -8.09 16.27
CA THR C 20 -10.39 -7.48 14.99
C THR C 20 -9.37 -6.38 15.20
N THR C 21 -9.12 -5.62 14.15
CA THR C 21 -8.23 -4.49 14.24
C THR C 21 -8.96 -3.31 14.88
N LEU C 22 -8.26 -2.19 15.02
CA LEU C 22 -8.83 -1.02 15.63
C LEU C 22 -8.36 0.21 14.87
N PHE C 23 -8.53 1.37 15.50
CA PHE C 23 -8.47 2.63 14.81
C PHE C 23 -7.85 3.67 15.73
N CYS C 24 -6.82 4.36 15.25
CA CYS C 24 -6.09 5.33 16.05
C CYS C 24 -6.49 6.75 15.66
N ALA C 25 -6.79 7.58 16.65
CA ALA C 25 -7.22 8.94 16.36
C ALA C 25 -6.99 9.81 17.58
N SER C 26 -6.56 11.05 17.34
CA SER C 26 -6.29 11.99 18.44
C SER C 26 -6.98 13.32 18.19
N ASP C 27 -6.66 14.33 19.00
CA ASP C 27 -7.35 15.61 18.93
C ASP C 27 -6.82 16.45 17.77
N ALA C 28 -7.35 17.67 17.67
CA ALA C 28 -6.90 18.62 16.66
C ALA C 28 -5.76 19.51 17.13
N LYS C 29 -5.49 19.55 18.44
CA LYS C 29 -4.38 20.36 18.93
C LYS C 29 -3.03 19.75 18.60
N ALA C 30 -2.98 18.43 18.40
CA ALA C 30 -1.74 17.78 18.03
C ALA C 30 -1.31 18.11 16.60
N TYR C 31 -2.21 18.61 15.77
CA TYR C 31 -1.85 19.04 14.43
C TYR C 31 -1.27 20.44 14.40
N GLU C 32 -1.42 21.21 15.49
CA GLU C 32 -0.86 22.55 15.55
C GLU C 32 0.66 22.52 15.61
N THR C 33 1.23 21.58 16.36
CA THR C 33 2.66 21.31 16.30
C THR C 33 2.92 20.59 14.99
N GLU C 34 3.26 21.36 13.96
CA GLU C 34 3.12 20.92 12.58
C GLU C 34 4.26 19.99 12.16
N LYS C 35 4.08 19.43 10.96
CA LYS C 35 5.10 18.68 10.20
C LYS C 35 5.59 17.44 10.93
N HIS C 36 4.66 16.75 11.61
CA HIS C 36 4.87 15.44 12.23
C HIS C 36 6.00 15.43 13.26
N ASN C 37 6.17 16.55 13.99
CA ASN C 37 7.22 16.60 15.00
C ASN C 37 6.92 15.65 16.14
N VAL C 38 5.68 15.66 16.64
CA VAL C 38 5.22 14.54 17.44
C VAL C 38 4.85 13.41 16.49
N TRP C 39 5.04 12.18 16.93
CA TRP C 39 4.49 11.05 16.22
C TRP C 39 2.99 10.94 16.49
N ALA C 40 2.38 9.93 15.86
CA ALA C 40 0.93 9.69 15.88
C ALA C 40 0.15 10.89 15.37
N THR C 41 0.68 11.49 14.31
CA THR C 41 -0.10 12.34 13.42
C THR C 41 0.24 12.04 11.97
N HIS C 42 1.23 11.19 11.72
CA HIS C 42 1.32 10.48 10.46
C HIS C 42 0.05 9.67 10.22
N ALA C 43 -0.42 8.97 11.25
CA ALA C 43 -1.50 8.00 11.15
C ALA C 43 -2.67 8.33 12.06
N CYS C 44 -3.16 9.55 12.00
CA CYS C 44 -4.18 10.00 12.94
C CYS C 44 -5.20 10.89 12.24
N VAL C 45 -6.44 10.45 12.19
CA VAL C 45 -7.54 11.33 11.82
C VAL C 45 -7.86 12.12 13.08
N PRO C 46 -8.15 13.42 12.99
CA PRO C 46 -8.54 14.17 14.19
C PRO C 46 -9.86 13.67 14.76
N THR C 47 -9.90 13.53 16.09
CA THR C 47 -11.09 13.03 16.75
C THR C 47 -12.23 14.04 16.64
N ASP C 48 -13.41 13.52 16.54
CA ASP C 48 -14.56 14.39 16.54
C ASP C 48 -14.98 14.66 17.98
N PRO C 49 -15.20 15.93 18.33
CA PRO C 49 -15.57 16.26 19.72
C PRO C 49 -16.95 15.76 20.06
N ASN C 50 -17.17 15.59 21.37
CA ASN C 50 -18.29 14.98 22.09
C ASN C 50 -18.85 13.74 21.37
N PRO C 51 -18.13 12.62 21.35
CA PRO C 51 -18.74 11.38 20.86
C PRO C 51 -19.79 10.89 21.84
N GLN C 52 -20.63 9.99 21.35
CA GLN C 52 -21.72 9.49 22.17
C GLN C 52 -21.19 8.46 23.15
N GLU C 53 -21.70 8.50 24.37
CA GLU C 53 -21.42 7.50 25.38
C GLU C 53 -22.78 7.07 25.90
N ILE C 54 -23.41 6.15 25.23
CA ILE C 54 -24.80 5.89 25.52
C ILE C 54 -24.89 4.90 26.66
N HIS C 55 -25.89 5.09 27.51
CA HIS C 55 -26.06 4.29 28.71
C HIS C 55 -27.00 3.15 28.44
N LEU C 56 -26.90 2.09 29.25
CA LEU C 56 -27.79 0.96 29.13
C LEU C 56 -28.33 0.58 30.50
N GLU C 57 -29.51 -0.02 30.47
CA GLU C 57 -30.19 -0.63 31.60
C GLU C 57 -29.74 -2.08 31.73
N ASN C 58 -30.63 -2.91 32.28
CA ASN C 58 -30.48 -4.26 32.81
C ASN C 58 -29.32 -5.14 32.33
N VAL C 59 -28.98 -5.11 31.05
CA VAL C 59 -27.99 -6.00 30.40
C VAL C 59 -26.65 -6.08 31.16
N THR C 60 -26.17 -7.30 31.40
CA THR C 60 -25.01 -7.56 32.24
C THR C 60 -24.06 -8.54 31.55
N GLU C 61 -22.81 -8.12 31.33
CA GLU C 61 -21.81 -8.90 30.65
C GLU C 61 -20.62 -9.14 31.57
N GLU C 62 -19.86 -10.18 31.27
CA GLU C 62 -18.67 -10.50 32.02
C GLU C 62 -17.43 -10.06 31.27
N PHE C 63 -16.44 -9.61 32.02
CA PHE C 63 -15.17 -9.14 31.49
C PHE C 63 -14.03 -9.93 32.08
N ASN C 64 -12.90 -9.83 31.41
CA ASN C 64 -11.69 -10.53 31.83
C ASN C 64 -10.50 -9.73 31.32
N MET C 65 -9.75 -9.14 32.24
CA MET C 65 -8.61 -8.36 31.81
C MET C 65 -7.44 -9.22 31.38
N TRP C 66 -7.43 -10.49 31.75
CA TRP C 66 -6.17 -11.20 31.61
C TRP C 66 -6.03 -11.88 30.25
N LYS C 67 -7.11 -12.44 29.72
CA LYS C 67 -7.09 -12.93 28.36
C LYS C 67 -7.64 -11.92 27.39
N ASN C 68 -7.67 -10.65 27.77
CA ASN C 68 -8.19 -9.62 26.89
C ASN C 68 -7.24 -9.39 25.73
N ASN C 69 -7.81 -9.14 24.56
CA ASN C 69 -7.02 -8.79 23.42
C ASN C 69 -6.96 -7.27 23.31
N MET C 70 -6.40 -6.81 22.18
CA MET C 70 -6.17 -5.44 21.72
C MET C 70 -5.05 -4.76 22.50
N VAL C 71 -4.65 -5.34 23.62
CA VAL C 71 -3.47 -4.85 24.31
C VAL C 71 -2.25 -5.33 23.56
N GLU C 72 -2.32 -6.54 22.99
CA GLU C 72 -1.24 -7.09 22.18
C GLU C 72 -0.98 -6.24 20.96
N GLN C 73 -2.03 -5.77 20.31
CA GLN C 73 -1.80 -4.93 19.16
C GLN C 73 -1.38 -3.53 19.56
N MET C 74 -1.69 -3.11 20.80
CA MET C 74 -1.16 -1.84 21.27
C MET C 74 0.34 -1.93 21.48
N HIS C 75 0.80 -3.03 22.08
CA HIS C 75 2.22 -3.27 22.27
C HIS C 75 2.92 -3.45 20.94
N THR C 76 2.22 -3.95 19.92
CA THR C 76 2.80 -3.97 18.59
C THR C 76 2.88 -2.57 17.99
N ASP C 77 1.82 -1.78 18.15
CA ASP C 77 1.71 -0.52 17.43
C ASP C 77 2.67 0.52 17.97
N ILE C 78 2.93 0.51 19.27
CA ILE C 78 3.87 1.49 19.81
C ILE C 78 5.28 1.18 19.34
N ILE C 79 5.62 -0.10 19.26
CA ILE C 79 6.92 -0.51 18.75
C ILE C 79 7.06 -0.13 17.28
N SER C 80 5.99 -0.31 16.51
CA SER C 80 6.06 0.03 15.10
C SER C 80 6.15 1.54 14.90
N LEU C 81 5.48 2.32 15.74
CA LEU C 81 5.58 3.77 15.65
C LEU C 81 6.97 4.25 16.03
N TRP C 82 7.56 3.61 17.03
CA TRP C 82 8.92 3.91 17.44
C TRP C 82 9.90 3.63 16.31
N ASP C 83 9.71 2.53 15.60
CA ASP C 83 10.62 2.22 14.52
C ASP C 83 10.40 3.10 13.31
N GLN C 84 9.16 3.52 13.08
CA GLN C 84 8.91 4.43 11.96
C GLN C 84 9.44 5.83 12.25
N SER C 85 9.63 6.19 13.51
CA SER C 85 10.16 7.50 13.81
C SER C 85 11.68 7.57 13.81
N LEU C 86 12.36 6.61 13.20
CA LEU C 86 13.82 6.62 13.28
C LEU C 86 14.53 6.57 11.93
N LYS C 87 13.97 5.86 10.94
CA LYS C 87 14.63 5.75 9.65
C LYS C 87 14.92 7.06 8.91
N PRO C 88 14.16 8.14 9.05
CA PRO C 88 14.63 9.41 8.48
C PRO C 88 15.76 10.08 9.25
N CYS C 89 16.31 9.49 10.30
CA CYS C 89 17.37 10.13 11.05
C CYS C 89 18.70 9.45 10.79
N VAL C 90 19.77 10.13 11.20
CA VAL C 90 21.12 9.81 10.76
C VAL C 90 21.63 8.56 11.48
N LYS C 91 22.49 7.80 10.80
CA LYS C 91 23.22 6.70 11.42
C LYS C 91 24.47 7.25 12.07
N LEU C 92 25.03 6.47 12.98
CA LEU C 92 26.25 6.85 13.69
C LEU C 92 27.35 5.82 13.48
N THR C 93 27.54 5.39 12.25
CA THR C 93 28.58 4.42 11.94
C THR C 93 30.01 4.91 12.19
N PRO C 94 30.48 6.09 11.67
CA PRO C 94 31.91 6.38 11.80
C PRO C 94 32.35 6.83 13.18
N LEU C 95 31.46 6.75 14.17
CA LEU C 95 31.77 7.12 15.53
C LEU C 95 32.47 6.03 16.33
N CYS C 96 32.30 4.77 15.97
CA CYS C 96 32.99 3.68 16.65
C CYS C 96 34.47 3.76 16.33
N VAL C 97 35.25 4.33 17.24
CA VAL C 97 36.66 4.61 16.99
C VAL C 97 37.38 4.62 18.34
N THR C 98 38.71 4.56 18.29
CA THR C 98 39.52 4.50 19.51
C THR C 98 39.52 5.84 20.21
N LEU C 99 39.19 5.82 21.50
CA LEU C 99 38.96 7.04 22.26
C LEU C 99 40.12 7.25 23.22
N GLN C 100 40.70 8.45 23.21
CA GLN C 100 41.71 8.82 24.20
C GLN C 100 41.03 9.55 25.33
N CYS C 101 40.94 8.93 26.50
CA CYS C 101 40.10 9.47 27.56
C CYS C 101 40.89 9.81 28.81
N THR C 102 40.28 10.65 29.65
CA THR C 102 40.85 11.03 30.92
C THR C 102 39.72 11.48 31.85
N ASN C 103 40.11 11.88 33.06
CA ASN C 103 39.14 12.40 34.02
C ASN C 103 38.85 13.86 33.75
N VAL C 104 37.62 14.28 34.08
CA VAL C 104 37.26 15.68 33.97
C VAL C 104 37.94 16.46 35.09
N THR C 105 38.09 17.77 34.89
CA THR C 105 38.73 18.60 35.91
C THR C 105 37.84 18.74 37.13
N ASN C 106 38.16 18.01 38.19
CA ASN C 106 37.36 18.04 39.40
C ASN C 106 38.24 17.59 40.58
N ASN C 107 38.08 18.27 41.71
CA ASN C 107 38.80 17.91 42.93
C ASN C 107 38.18 16.63 43.45
N ILE C 108 38.72 15.53 42.99
CA ILE C 108 38.09 14.23 43.21
C ILE C 108 38.70 13.58 44.44
N THR C 109 37.83 13.13 45.34
CA THR C 109 38.25 12.18 46.34
C THR C 109 38.60 10.87 45.67
N ASP C 110 39.63 10.19 46.19
CA ASP C 110 40.19 9.03 45.50
C ASP C 110 39.23 7.85 45.52
N ASP C 111 38.47 7.68 46.60
CA ASP C 111 37.61 6.52 46.70
C ASP C 111 36.34 6.70 45.87
N MET C 112 35.90 7.93 45.67
CA MET C 112 34.79 8.10 44.75
C MET C 112 35.31 8.05 43.31
N ARG C 113 34.43 7.64 42.41
CA ARG C 113 34.76 7.48 41.01
C ARG C 113 34.09 8.57 40.21
N GLY C 114 34.67 8.88 39.04
CA GLY C 114 34.11 9.88 38.17
C GLY C 114 32.90 9.34 37.44
N GLU C 115 31.84 10.13 37.43
CA GLU C 115 30.67 9.81 36.62
C GLU C 115 30.78 10.33 35.20
N LEU C 116 31.73 11.22 34.96
CA LEU C 116 31.93 11.78 33.63
C LEU C 116 33.36 11.49 33.20
N LYS C 117 33.52 11.04 31.96
CA LYS C 117 34.83 10.89 31.37
C LYS C 117 34.94 11.82 30.18
N ASN C 118 36.17 12.23 29.90
CA ASN C 118 36.45 13.30 28.96
C ASN C 118 37.35 12.74 27.87
N CYS C 119 36.84 12.63 26.65
CA CYS C 119 37.56 11.88 25.63
C CYS C 119 37.78 12.71 24.39
N SER C 120 38.82 12.38 23.65
CA SER C 120 39.17 13.06 22.41
C SER C 120 39.58 12.00 21.40
N PHE C 121 39.36 12.31 20.13
CA PHE C 121 39.53 11.30 19.09
C PHE C 121 39.56 11.97 17.73
N ASN C 122 39.59 11.14 16.69
CA ASN C 122 39.64 11.59 15.32
C ASN C 122 38.30 11.47 14.64
N MET C 123 38.04 12.38 13.70
CA MET C 123 36.79 12.32 12.97
C MET C 123 36.96 12.93 11.59
N THR C 124 36.26 12.37 10.62
CA THR C 124 36.31 12.89 9.28
C THR C 124 35.57 14.20 9.19
N THR C 125 36.09 15.09 8.36
CA THR C 125 35.49 16.39 8.14
C THR C 125 34.52 16.28 6.98
N GLU C 126 34.09 17.43 6.44
CA GLU C 126 33.20 17.43 5.30
C GLU C 126 33.86 16.84 4.07
N LEU C 127 35.13 17.15 3.87
CA LEU C 127 35.91 16.53 2.81
C LEU C 127 36.30 15.11 3.21
N ARG C 128 36.98 14.43 2.30
CA ARG C 128 37.50 13.10 2.61
C ARG C 128 38.95 13.11 3.04
N ASP C 129 39.68 14.17 2.73
CA ASP C 129 41.12 14.15 2.97
C ASP C 129 41.46 14.69 4.36
N LYS C 130 40.82 15.77 4.77
CA LYS C 130 41.08 16.29 6.10
C LYS C 130 40.44 15.40 7.14
N LYS C 131 41.09 15.31 8.29
CA LYS C 131 40.53 14.70 9.48
C LYS C 131 40.93 15.54 10.67
N GLN C 132 40.06 15.59 11.67
CA GLN C 132 40.24 16.55 12.74
C GLN C 132 40.22 15.84 14.08
N LYS C 133 40.68 16.57 15.10
CA LYS C 133 40.76 16.08 16.46
C LYS C 133 39.73 16.82 17.28
N VAL C 134 38.88 16.09 17.98
CA VAL C 134 37.75 16.70 18.68
C VAL C 134 37.55 15.97 20.00
N TYR C 135 36.82 16.61 20.92
CA TYR C 135 36.64 16.08 22.25
C TYR C 135 35.19 16.23 22.69
N SER C 136 34.81 15.39 23.66
CA SER C 136 33.45 15.40 24.18
C SER C 136 33.43 14.73 25.54
N LEU C 137 32.22 14.64 26.09
CA LEU C 137 31.99 14.05 27.40
C LEU C 137 31.10 12.83 27.29
N PHE C 138 31.31 11.87 28.18
CA PHE C 138 30.49 10.68 28.20
C PHE C 138 30.30 10.21 29.63
N TYR C 139 29.25 9.46 29.83
CA TYR C 139 29.03 8.83 31.12
C TYR C 139 29.78 7.51 31.17
N ARG C 140 30.00 7.02 32.39
CA ARG C 140 30.76 5.79 32.56
C ARG C 140 30.00 4.58 32.05
N LEU C 141 28.68 4.65 32.00
CA LEU C 141 27.90 3.52 31.54
C LEU C 141 27.83 3.40 30.03
N ASP C 142 28.70 4.09 29.29
CA ASP C 142 28.70 3.99 27.84
C ASP C 142 30.05 3.59 27.25
N VAL C 143 31.14 3.76 27.97
CA VAL C 143 32.44 3.37 27.46
C VAL C 143 32.96 2.20 28.29
N VAL C 144 33.74 1.35 27.64
CA VAL C 144 34.41 0.25 28.32
C VAL C 144 35.87 0.26 27.91
N GLN C 145 36.64 -0.56 28.60
CA GLN C 145 38.08 -0.57 28.46
C GLN C 145 38.47 -1.52 27.35
N ILE C 146 39.20 -1.01 26.39
CA ILE C 146 39.89 -1.87 25.45
C ILE C 146 41.25 -2.21 26.04
N ASN C 147 41.79 -3.35 25.67
CA ASN C 147 43.02 -3.80 26.30
C ASN C 147 43.92 -4.53 25.32
N SER C 157 50.98 1.81 31.03
CA SER C 157 51.31 2.49 29.78
C SER C 157 50.31 3.62 29.51
N ASN C 158 49.35 3.35 28.65
CA ASN C 158 48.31 4.29 28.30
C ASN C 158 46.95 3.80 28.80
N LYS C 159 45.89 4.50 28.41
CA LYS C 159 44.54 4.16 28.88
C LYS C 159 43.54 4.63 27.83
N GLU C 160 42.81 3.70 27.24
CA GLU C 160 41.92 4.01 26.14
C GLU C 160 40.64 3.19 26.21
N TYR C 161 39.57 3.75 25.66
CA TYR C 161 38.24 3.19 25.78
C TYR C 161 37.58 3.06 24.41
N ARG C 162 36.43 2.40 24.40
CA ARG C 162 35.58 2.39 23.23
C ARG C 162 34.13 2.38 23.69
N LEU C 163 33.20 2.56 22.75
CA LEU C 163 31.80 2.55 23.12
C LEU C 163 31.33 1.14 23.45
N ILE C 164 30.23 1.07 24.18
CA ILE C 164 29.75 -0.21 24.68
C ILE C 164 29.10 -1.03 23.58
N ASN C 165 28.47 -0.38 22.61
CA ASN C 165 27.64 -1.09 21.65
C ASN C 165 28.35 -1.39 20.36
N CYS C 166 29.59 -0.92 20.18
CA CYS C 166 30.24 -1.04 18.89
C CYS C 166 30.85 -2.41 18.62
N ASN C 167 30.46 -3.46 19.35
CA ASN C 167 30.88 -4.80 18.99
C ASN C 167 29.72 -5.73 18.68
N THR C 168 28.50 -5.21 18.64
CA THR C 168 27.40 -6.10 18.28
C THR C 168 26.36 -5.48 17.36
N SER C 169 26.48 -4.20 17.06
CA SER C 169 25.38 -3.49 16.42
C SER C 169 25.86 -2.15 15.91
N ALA C 170 25.04 -1.54 15.08
CA ALA C 170 25.21 -0.14 14.72
C ALA C 170 24.48 0.70 15.74
N ILE C 171 24.31 1.98 15.44
CA ILE C 171 23.74 2.90 16.42
C ILE C 171 23.10 4.07 15.67
N THR C 172 21.87 4.40 16.05
CA THR C 172 21.09 5.41 15.35
C THR C 172 20.80 6.56 16.30
N GLN C 173 21.11 7.76 15.88
CA GLN C 173 20.81 8.95 16.67
C GLN C 173 19.40 9.39 16.38
N ALA C 174 18.66 9.75 17.43
CA ALA C 174 17.35 10.33 17.23
C ALA C 174 17.49 11.74 16.69
N CYS C 175 16.48 12.19 16.02
CA CYS C 175 16.54 13.57 15.56
C CYS C 175 16.14 14.50 16.69
N PRO C 176 16.76 15.68 16.80
CA PRO C 176 16.37 16.62 17.85
C PRO C 176 15.08 17.35 17.55
N LYS C 177 14.51 17.18 16.36
CA LYS C 177 13.22 17.77 16.08
C LYS C 177 12.12 17.05 16.85
N VAL C 178 12.08 15.73 16.75
CA VAL C 178 10.95 14.95 17.25
C VAL C 178 11.00 14.90 18.76
N SER C 179 9.88 15.25 19.39
CA SER C 179 9.79 15.24 20.84
C SER C 179 9.43 13.87 21.36
N PHE C 180 9.44 13.74 22.69
CA PHE C 180 9.22 12.47 23.33
C PHE C 180 8.02 12.43 24.26
N GLU C 181 7.37 13.55 24.52
CA GLU C 181 6.29 13.55 25.48
C GLU C 181 5.08 12.82 24.92
N PRO C 182 4.33 12.15 25.77
CA PRO C 182 3.13 11.46 25.30
C PRO C 182 2.02 12.44 24.95
N ILE C 183 1.02 11.92 24.24
CA ILE C 183 -0.18 12.68 23.91
C ILE C 183 -1.37 11.75 23.95
N PRO C 184 -2.57 12.28 24.25
CA PRO C 184 -3.73 11.40 24.42
C PRO C 184 -4.15 10.70 23.14
N ILE C 185 -3.84 9.42 23.06
CA ILE C 185 -4.25 8.59 21.94
C ILE C 185 -5.66 8.08 22.22
N HIS C 186 -6.55 8.27 21.28
CA HIS C 186 -7.88 7.69 21.37
C HIS C 186 -7.98 6.49 20.44
N TYR C 187 -8.58 5.43 20.94
CA TYR C 187 -8.86 4.25 20.16
C TYR C 187 -10.33 4.26 19.76
N CYS C 188 -10.62 3.81 18.54
CA CYS C 188 -11.96 3.75 18.03
C CYS C 188 -12.15 2.49 17.22
N ALA C 189 -13.38 2.00 17.19
CA ALA C 189 -13.79 0.79 16.47
C ALA C 189 -14.28 1.15 15.08
N PRO C 190 -14.10 0.29 14.09
CA PRO C 190 -14.58 0.57 12.75
C PRO C 190 -16.08 0.31 12.66
N ALA C 191 -16.60 0.43 11.45
CA ALA C 191 -18.03 0.28 11.25
C ALA C 191 -18.46 -1.17 11.40
N GLY C 192 -19.38 -1.42 12.32
CA GLY C 192 -19.86 -2.76 12.56
C GLY C 192 -19.36 -3.42 13.82
N PHE C 193 -18.87 -2.66 14.78
CA PHE C 193 -18.48 -3.20 16.07
C PHE C 193 -18.85 -2.18 17.14
N ALA C 194 -18.60 -2.53 18.39
CA ALA C 194 -18.80 -1.58 19.47
C ALA C 194 -17.83 -1.90 20.59
N ILE C 195 -17.59 -0.92 21.47
CA ILE C 195 -16.72 -1.13 22.61
C ILE C 195 -17.54 -0.96 23.88
N LEU C 196 -17.53 -1.98 24.73
CA LEU C 196 -18.27 -1.91 25.97
C LEU C 196 -17.38 -1.35 27.07
N LYS C 197 -18.02 -0.95 28.16
CA LYS C 197 -17.30 -0.31 29.25
C LYS C 197 -18.04 -0.57 30.54
N CYS C 198 -17.36 -1.16 31.52
CA CYS C 198 -17.96 -1.39 32.83
C CYS C 198 -17.82 -0.15 33.67
N LYS C 199 -18.95 0.43 34.07
CA LYS C 199 -18.94 1.62 34.89
C LYS C 199 -19.15 1.31 36.36
N ASP C 200 -18.99 0.05 36.76
CA ASP C 200 -19.22 -0.29 38.15
C ASP C 200 -18.09 0.26 39.03
N LYS C 201 -18.47 0.65 40.24
CA LYS C 201 -17.54 1.30 41.14
C LYS C 201 -16.55 0.32 41.73
N LYS C 202 -17.01 -0.88 42.07
CA LYS C 202 -16.14 -1.93 42.58
C LYS C 202 -16.20 -3.10 41.62
N PHE C 203 -15.13 -3.31 40.87
CA PHE C 203 -15.02 -4.44 39.98
C PHE C 203 -13.54 -4.76 39.91
N ASN C 204 -13.15 -5.92 40.42
CA ASN C 204 -11.73 -6.17 40.64
C ASN C 204 -10.99 -6.43 39.33
N GLY C 205 -11.67 -6.98 38.34
CA GLY C 205 -11.00 -7.24 37.10
C GLY C 205 -11.43 -8.52 36.42
N THR C 206 -12.34 -9.26 37.05
CA THR C 206 -12.82 -10.50 36.46
C THR C 206 -14.28 -10.69 36.84
N GLY C 207 -15.09 -11.14 35.89
CA GLY C 207 -16.44 -11.56 36.22
C GLY C 207 -17.50 -10.63 35.65
N PRO C 208 -18.72 -10.75 36.14
CA PRO C 208 -19.81 -9.96 35.58
C PRO C 208 -19.85 -8.56 36.17
N CYS C 209 -20.33 -7.62 35.35
CA CYS C 209 -20.47 -6.22 35.76
C CYS C 209 -21.90 -5.81 35.45
N PRO C 210 -22.65 -5.29 36.43
CA PRO C 210 -24.09 -5.13 36.24
C PRO C 210 -24.53 -3.81 35.66
N SER C 211 -23.62 -2.84 35.47
CA SER C 211 -23.98 -1.58 34.85
C SER C 211 -22.97 -1.27 33.76
N VAL C 212 -23.36 -1.52 32.52
CA VAL C 212 -22.46 -1.38 31.39
C VAL C 212 -22.85 -0.12 30.62
N SER C 213 -21.98 0.27 29.71
CA SER C 213 -22.31 1.30 28.72
C SER C 213 -21.46 1.08 27.49
N THR C 214 -22.06 1.24 26.32
CA THR C 214 -21.30 1.08 25.09
C THR C 214 -20.71 2.41 24.66
N VAL C 215 -19.81 2.33 23.69
CA VAL C 215 -19.09 3.52 23.24
C VAL C 215 -18.50 3.22 21.87
N GLN C 216 -18.19 4.30 21.15
CA GLN C 216 -17.54 4.26 19.86
C GLN C 216 -16.05 4.56 19.95
N CYS C 217 -15.64 5.39 20.90
CA CYS C 217 -14.23 5.71 21.08
C CYS C 217 -13.90 5.77 22.56
N THR C 218 -12.69 5.36 22.92
CA THR C 218 -12.27 5.36 24.31
C THR C 218 -11.94 6.76 24.79
N HIS C 219 -11.58 6.84 26.06
CA HIS C 219 -11.14 8.09 26.66
C HIS C 219 -9.70 8.38 26.23
N GLY C 220 -9.13 9.44 26.80
CA GLY C 220 -7.75 9.78 26.51
C GLY C 220 -6.81 8.80 27.16
N ILE C 221 -5.85 8.28 26.39
CA ILE C 221 -4.83 7.39 26.90
C ILE C 221 -3.48 7.98 26.57
N LYS C 222 -2.67 8.22 27.59
CA LYS C 222 -1.33 8.73 27.38
C LYS C 222 -0.33 7.60 27.57
N PRO C 223 0.38 7.20 26.56
CA PRO C 223 1.35 6.10 26.70
C PRO C 223 2.65 6.59 27.30
N VAL C 224 2.93 6.18 28.51
CA VAL C 224 4.21 6.44 29.14
C VAL C 224 4.88 5.11 29.40
N VAL C 225 6.20 5.12 29.30
CA VAL C 225 6.99 3.92 29.54
C VAL C 225 7.66 4.07 30.90
N SER C 226 7.38 3.13 31.79
CA SER C 226 7.97 3.15 33.12
C SER C 226 7.94 1.74 33.68
N THR C 227 8.91 1.43 34.52
CA THR C 227 9.16 0.05 34.90
C THR C 227 8.49 -0.31 36.22
N GLN C 228 8.74 0.46 37.26
CA GLN C 228 7.90 0.40 38.45
C GLN C 228 7.29 1.77 38.64
N LEU C 229 6.24 1.82 39.46
CA LEU C 229 5.62 3.06 39.91
C LEU C 229 5.10 3.88 38.72
N LEU C 230 4.06 3.33 38.08
CA LEU C 230 3.56 3.91 36.83
C LEU C 230 2.99 5.30 37.03
N LEU C 231 3.18 6.17 36.05
CA LEU C 231 2.98 7.60 36.23
C LEU C 231 1.87 8.12 35.33
N ASN C 232 1.30 9.25 35.76
CA ASN C 232 0.29 10.03 35.04
C ASN C 232 -0.90 9.17 34.65
N GLY C 233 -1.26 8.23 35.51
CA GLY C 233 -2.31 7.27 35.24
C GLY C 233 -3.65 7.76 35.74
N SER C 234 -4.65 6.91 35.58
CA SER C 234 -6.01 7.23 35.98
C SER C 234 -6.32 6.55 37.30
N LEU C 235 -6.53 7.34 38.34
CA LEU C 235 -6.77 6.79 39.65
C LEU C 235 -8.22 6.33 39.80
N ALA C 236 -8.43 5.39 40.71
CA ALA C 236 -9.76 4.87 40.94
C ALA C 236 -10.57 5.84 41.81
N GLU C 237 -11.82 5.47 42.06
CA GLU C 237 -12.76 6.42 42.64
C GLU C 237 -12.56 6.59 44.15
N GLU C 238 -12.72 5.52 44.92
CA GLU C 238 -12.74 5.69 46.37
C GLU C 238 -11.60 4.99 47.09
N GLU C 239 -11.54 3.68 47.01
CA GLU C 239 -10.65 2.90 47.84
C GLU C 239 -9.34 2.69 47.10
N VAL C 240 -8.51 1.78 47.59
CA VAL C 240 -7.31 1.35 46.91
C VAL C 240 -7.52 -0.09 46.49
N MET C 241 -7.47 -0.35 45.19
CA MET C 241 -7.82 -1.66 44.68
C MET C 241 -6.57 -2.42 44.26
N ILE C 242 -6.49 -3.67 44.68
CA ILE C 242 -5.48 -4.59 44.21
C ILE C 242 -6.15 -5.55 43.25
N ARG C 243 -5.43 -5.94 42.22
CA ARG C 243 -5.96 -6.89 41.26
C ARG C 243 -4.88 -7.85 40.83
N SER C 244 -5.26 -9.11 40.64
CA SER C 244 -4.35 -10.14 40.18
C SER C 244 -5.14 -11.22 39.48
N GLU C 245 -4.42 -12.11 38.79
CA GLU C 245 -5.08 -13.17 38.06
C GLU C 245 -5.35 -14.38 38.93
N ASN C 246 -4.30 -15.01 39.45
CA ASN C 246 -4.45 -16.06 40.46
C ASN C 246 -3.54 -15.65 41.61
N ILE C 247 -4.15 -15.33 42.75
CA ILE C 247 -3.42 -14.68 43.83
C ILE C 247 -2.51 -15.68 44.52
N THR C 248 -3.03 -16.89 44.76
CA THR C 248 -2.24 -17.94 45.37
C THR C 248 -1.10 -18.40 44.47
N ASN C 249 -1.22 -18.23 43.16
CA ASN C 249 -0.05 -18.33 42.31
C ASN C 249 0.83 -17.12 42.52
N ASN C 250 2.14 -17.38 42.67
CA ASN C 250 3.09 -16.30 42.86
C ASN C 250 3.83 -15.94 41.60
N ALA C 251 3.47 -16.52 40.47
CA ALA C 251 4.14 -16.16 39.22
C ALA C 251 3.60 -14.87 38.64
N LYS C 252 2.37 -14.51 38.94
CA LYS C 252 1.76 -13.35 38.32
C LYS C 252 1.99 -12.10 39.16
N ASN C 253 2.09 -10.97 38.47
CA ASN C 253 2.27 -9.71 39.16
C ASN C 253 0.96 -9.27 39.82
N ILE C 254 1.07 -8.25 40.64
CA ILE C 254 -0.08 -7.68 41.35
C ILE C 254 -0.14 -6.21 41.01
N LEU C 255 -1.28 -5.76 40.48
CA LEU C 255 -1.44 -4.37 40.11
C LEU C 255 -2.18 -3.65 41.23
N VAL C 256 -1.61 -2.57 41.74
CA VAL C 256 -2.22 -1.78 42.78
C VAL C 256 -2.55 -0.42 42.22
N GLN C 257 -3.81 -0.06 42.23
CA GLN C 257 -4.24 1.26 41.82
C GLN C 257 -4.75 1.97 43.05
N PHE C 258 -4.13 3.10 43.41
CA PHE C 258 -4.55 3.79 44.61
C PHE C 258 -5.20 5.14 44.29
N ASN C 259 -5.88 5.66 45.29
CA ASN C 259 -6.88 6.69 45.06
C ASN C 259 -6.26 8.07 44.91
N THR C 260 -5.56 8.51 45.89
CA THR C 260 -5.06 9.88 45.78
C THR C 260 -3.69 9.87 45.15
N PRO C 261 -3.42 10.74 44.18
CA PRO C 261 -2.09 10.77 43.58
C PRO C 261 -1.10 11.37 44.54
N VAL C 262 0.14 10.94 44.46
CA VAL C 262 1.17 11.50 45.32
C VAL C 262 2.20 12.18 44.45
N GLN C 263 2.53 13.43 44.76
CA GLN C 263 3.41 14.22 43.93
C GLN C 263 4.84 13.68 43.98
N ILE C 264 5.55 13.80 42.88
CA ILE C 264 6.96 13.41 42.81
C ILE C 264 7.69 14.46 41.98
N ASN C 265 8.86 14.87 42.45
CA ASN C 265 9.75 15.73 41.70
C ASN C 265 11.01 14.98 41.33
N CYS C 266 11.54 15.24 40.15
CA CYS C 266 12.85 14.74 39.81
C CYS C 266 13.59 15.83 39.06
N THR C 267 14.90 15.89 39.25
CA THR C 267 15.65 16.95 38.60
C THR C 267 17.10 16.55 38.38
N ARG C 268 17.66 17.11 37.31
CA ARG C 268 19.08 17.13 37.09
C ARG C 268 19.56 18.57 37.12
N PRO C 269 20.50 18.90 37.99
CA PRO C 269 20.91 20.29 38.17
C PRO C 269 22.10 20.76 37.33
N ASN C 270 22.86 19.86 36.71
CA ASN C 270 24.06 20.30 36.02
C ASN C 270 23.75 21.05 34.73
N ASN C 271 24.23 22.29 34.62
CA ASN C 271 24.05 23.06 33.39
C ASN C 271 24.91 22.47 32.29
N ASN C 272 24.35 22.34 31.09
CA ASN C 272 25.02 21.65 30.00
C ASN C 272 25.02 22.49 28.73
N THR C 273 26.05 22.31 27.93
CA THR C 273 26.23 23.05 26.68
C THR C 273 26.39 22.04 25.56
N ARG C 274 25.48 22.08 24.60
CA ARG C 274 25.62 21.18 23.46
C ARG C 274 26.59 21.76 22.45
N LYS C 275 26.99 20.92 21.50
CA LYS C 275 27.99 21.30 20.53
C LYS C 275 27.79 20.46 19.28
N SER C 276 27.95 21.08 18.12
CA SER C 276 27.63 20.44 16.86
C SER C 276 28.91 20.10 16.12
N ILE C 277 29.24 18.85 16.04
CA ILE C 277 30.30 18.38 15.18
C ILE C 277 29.69 17.99 13.86
N ARG C 278 30.43 18.18 12.77
CA ARG C 278 30.00 17.74 11.46
C ARG C 278 30.68 16.42 11.13
N ILE C 279 29.92 15.47 10.58
CA ILE C 279 30.51 14.21 10.20
C ILE C 279 30.99 14.27 8.77
N GLY C 280 30.18 14.82 7.88
CA GLY C 280 30.53 14.97 6.49
C GLY C 280 29.54 15.87 5.79
N PRO C 281 29.16 15.50 4.58
CA PRO C 281 28.14 16.26 3.87
C PRO C 281 26.79 16.13 4.54
N GLY C 282 26.34 17.21 5.16
CA GLY C 282 24.99 17.32 5.68
C GLY C 282 24.66 16.41 6.84
N GLN C 283 25.67 16.01 7.61
CA GLN C 283 25.44 15.16 8.76
C GLN C 283 25.85 15.94 9.99
N ALA C 284 24.93 16.08 10.92
CA ALA C 284 25.20 16.77 12.17
C ALA C 284 25.41 15.72 13.24
N PHE C 285 26.10 16.08 14.31
CA PHE C 285 26.28 15.19 15.45
C PHE C 285 26.41 16.06 16.70
N TYR C 286 25.79 15.64 17.79
CA TYR C 286 25.71 16.48 18.97
C TYR C 286 26.52 15.87 20.11
N ALA C 287 27.55 16.59 20.54
CA ALA C 287 28.37 16.19 21.67
C ALA C 287 27.84 16.85 22.93
N THR C 288 28.61 16.79 24.01
CA THR C 288 28.27 17.48 25.25
C THR C 288 29.49 18.29 25.67
N GLY C 289 29.38 19.60 25.57
CA GLY C 289 30.56 20.44 25.67
C GLY C 289 30.96 20.76 27.09
N ASP C 290 30.96 22.05 27.42
CA ASP C 290 31.44 22.48 28.71
C ASP C 290 30.35 22.39 29.75
N ILE C 291 30.76 22.39 31.01
CA ILE C 291 29.84 22.30 32.14
C ILE C 291 30.06 23.52 33.02
N ILE C 292 29.08 24.40 33.06
CA ILE C 292 29.15 25.62 33.84
C ILE C 292 28.43 25.37 35.14
N GLY C 293 29.18 25.18 36.22
CA GLY C 293 28.57 25.00 37.53
C GLY C 293 29.21 23.89 38.33
N ASP C 294 28.68 23.61 39.51
CA ASP C 294 29.21 22.52 40.31
C ASP C 294 28.58 21.21 39.90
N ILE C 295 29.35 20.14 39.97
CA ILE C 295 28.87 18.82 39.56
C ILE C 295 28.06 18.26 40.71
N ARG C 296 26.75 18.27 40.59
CA ARG C 296 25.89 17.68 41.60
C ARG C 296 25.28 16.41 41.02
N GLN C 297 24.38 15.79 41.77
CA GLN C 297 23.84 14.50 41.39
C GLN C 297 22.34 14.58 41.24
N ALA C 298 21.84 14.04 40.12
CA ALA C 298 20.42 14.14 39.79
C ALA C 298 19.60 13.20 40.66
N HIS C 299 18.46 13.69 41.14
CA HIS C 299 17.78 13.01 42.23
C HIS C 299 16.28 13.23 42.14
N CYS C 300 15.55 12.58 43.05
CA CYS C 300 14.11 12.72 43.12
C CYS C 300 13.65 12.89 44.56
N ASN C 301 12.61 13.71 44.73
CA ASN C 301 12.01 14.01 46.03
C ASN C 301 10.56 13.55 46.03
N VAL C 302 10.13 12.94 47.13
CA VAL C 302 8.72 12.76 47.44
C VAL C 302 8.48 13.19 48.88
N SER C 303 7.22 13.45 49.20
CA SER C 303 6.86 13.84 50.55
C SER C 303 6.81 12.63 51.47
N LYS C 304 7.07 12.86 52.74
CA LYS C 304 7.17 11.75 53.68
C LYS C 304 5.80 11.20 54.04
N ALA C 305 4.96 12.06 54.64
CA ALA C 305 3.78 11.59 55.35
C ALA C 305 2.73 11.07 54.39
N THR C 306 2.62 11.67 53.21
CA THR C 306 1.68 11.17 52.21
C THR C 306 2.06 9.78 51.75
N TRP C 307 3.37 9.54 51.60
CA TRP C 307 3.83 8.21 51.22
C TRP C 307 3.54 7.20 52.30
N ASN C 308 3.78 7.57 53.57
CA ASN C 308 3.53 6.64 54.66
C ASN C 308 2.04 6.36 54.81
N GLU C 309 1.21 7.38 54.60
CA GLU C 309 -0.23 7.20 54.73
C GLU C 309 -0.80 6.34 53.61
N THR C 310 -0.30 6.52 52.39
CA THR C 310 -0.76 5.68 51.28
C THR C 310 -0.30 4.24 51.45
N LEU C 311 0.91 4.03 52.00
CA LEU C 311 1.32 2.67 52.29
C LEU C 311 0.47 2.06 53.39
N GLY C 312 0.04 2.86 54.36
CA GLY C 312 -0.93 2.35 55.33
C GLY C 312 -2.25 1.98 54.70
N LYS C 313 -2.69 2.78 53.72
CA LYS C 313 -3.90 2.46 52.96
C LYS C 313 -3.78 1.11 52.27
N VAL C 314 -2.65 0.88 51.60
CA VAL C 314 -2.56 -0.35 50.83
C VAL C 314 -2.33 -1.54 51.74
N VAL C 315 -1.77 -1.33 52.92
CA VAL C 315 -1.69 -2.43 53.88
C VAL C 315 -3.07 -2.80 54.37
N LYS C 316 -3.88 -1.78 54.69
CA LYS C 316 -5.23 -2.01 55.18
C LYS C 316 -6.10 -2.70 54.14
N GLN C 317 -5.87 -2.40 52.86
CA GLN C 317 -6.66 -3.08 51.86
C GLN C 317 -6.11 -4.46 51.53
N LEU C 318 -4.79 -4.64 51.64
CA LEU C 318 -4.17 -5.91 51.29
C LEU C 318 -4.44 -6.98 52.34
N ARG C 319 -4.73 -6.57 53.57
CA ARG C 319 -4.93 -7.54 54.65
C ARG C 319 -6.15 -8.43 54.42
N LYS C 320 -7.10 -8.01 53.59
CA LYS C 320 -8.30 -8.82 53.40
C LYS C 320 -8.05 -10.05 52.55
N HIS C 321 -7.02 -10.03 51.71
CA HIS C 321 -6.78 -11.18 50.87
C HIS C 321 -5.89 -12.22 51.51
N PHE C 322 -5.42 -11.99 52.74
CA PHE C 322 -4.48 -12.93 53.35
C PHE C 322 -4.75 -13.15 54.84
N GLY C 323 -5.96 -12.91 55.32
CA GLY C 323 -6.22 -13.01 56.73
C GLY C 323 -5.75 -11.78 57.50
N ASN C 324 -6.38 -11.55 58.65
CA ASN C 324 -6.14 -10.31 59.37
C ASN C 324 -4.84 -10.35 60.14
N ASN C 325 -4.57 -11.45 60.84
CA ASN C 325 -3.36 -11.54 61.66
C ASN C 325 -2.19 -11.98 60.79
N THR C 326 -1.61 -11.02 60.09
CA THR C 326 -0.51 -11.32 59.20
C THR C 326 0.48 -10.17 59.21
N ILE C 327 1.74 -10.47 59.47
CA ILE C 327 2.80 -9.49 59.35
C ILE C 327 3.09 -9.30 57.87
N ILE C 328 3.17 -8.05 57.42
CA ILE C 328 3.46 -7.73 56.04
C ILE C 328 4.64 -6.76 56.03
N ARG C 329 5.60 -7.00 55.13
CA ARG C 329 6.78 -6.17 55.06
C ARG C 329 7.11 -5.88 53.61
N PHE C 330 8.14 -5.07 53.40
CA PHE C 330 8.61 -4.74 52.05
C PHE C 330 10.12 -4.87 51.96
N ALA C 331 10.62 -4.99 50.74
CA ALA C 331 12.05 -5.12 50.49
C ALA C 331 12.34 -4.59 49.10
N ASN C 332 13.61 -4.30 48.83
CA ASN C 332 13.98 -3.76 47.54
C ASN C 332 14.04 -4.88 46.51
N SER C 333 14.41 -4.53 45.28
CA SER C 333 14.41 -5.51 44.20
C SER C 333 15.54 -6.51 44.39
N SER C 334 15.31 -7.72 43.90
CA SER C 334 16.20 -8.82 44.27
C SER C 334 17.45 -8.83 43.41
N GLY C 335 17.32 -8.48 42.15
CA GLY C 335 18.48 -8.44 41.29
C GLY C 335 18.05 -8.44 39.84
N GLY C 336 19.04 -8.68 38.97
CA GLY C 336 18.78 -8.72 37.55
C GLY C 336 19.49 -7.61 36.81
N ASP C 337 19.01 -7.28 35.61
CA ASP C 337 19.61 -6.24 34.80
C ASP C 337 19.27 -4.87 35.37
N LEU C 338 19.78 -3.82 34.73
CA LEU C 338 19.73 -2.48 35.30
C LEU C 338 18.32 -1.94 35.37
N GLU C 339 17.62 -1.95 34.25
CA GLU C 339 16.33 -1.28 34.21
C GLU C 339 15.19 -2.08 34.79
N VAL C 340 15.44 -3.09 35.62
CA VAL C 340 14.35 -3.70 36.37
C VAL C 340 14.57 -3.63 37.88
N THR C 341 15.79 -3.40 38.35
CA THR C 341 15.99 -3.23 39.78
C THR C 341 15.47 -1.87 40.21
N THR C 342 16.04 -0.82 39.65
CA THR C 342 15.52 0.52 39.87
C THR C 342 14.26 0.72 39.03
N HIS C 343 13.72 1.92 39.08
CA HIS C 343 12.66 2.30 38.19
C HIS C 343 13.16 3.40 37.27
N SER C 344 12.58 3.47 36.08
CA SER C 344 13.19 4.18 34.97
C SER C 344 12.13 4.91 34.17
N PHE C 345 12.45 6.13 33.74
CA PHE C 345 11.48 6.91 33.01
C PHE C 345 12.18 7.90 32.11
N ASN C 346 11.37 8.70 31.42
CA ASN C 346 11.87 9.62 30.40
C ASN C 346 11.30 11.00 30.62
N CYS C 347 12.08 11.88 31.24
CA CYS C 347 11.62 13.22 31.54
C CYS C 347 12.43 14.23 30.76
N GLY C 348 11.74 15.22 30.18
CA GLY C 348 12.38 16.30 29.48
C GLY C 348 13.17 15.89 28.26
N GLY C 349 12.84 14.76 27.66
CA GLY C 349 13.66 14.26 26.58
C GLY C 349 14.97 13.68 27.04
N GLU C 350 15.03 13.16 28.26
CA GLU C 350 16.23 12.45 28.69
C GLU C 350 15.83 11.36 29.67
N PHE C 351 16.58 10.27 29.67
CA PHE C 351 16.19 9.07 30.40
C PHE C 351 16.86 9.02 31.75
N PHE C 352 16.06 8.66 32.76
CA PHE C 352 16.51 8.52 34.14
C PHE C 352 16.37 7.08 34.58
N TYR C 353 17.34 6.63 35.35
CA TYR C 353 17.27 5.38 36.09
C TYR C 353 17.51 5.74 37.54
N CYS C 354 16.52 5.57 38.41
CA CYS C 354 16.61 6.10 39.76
C CYS C 354 16.35 5.00 40.78
N ASN C 355 17.30 4.85 41.71
CA ASN C 355 17.26 3.80 42.73
C ASN C 355 16.07 3.99 43.66
N THR C 356 15.46 2.87 44.05
CA THR C 356 14.21 2.91 44.81
C THR C 356 14.30 2.16 46.13
N SER C 357 15.50 1.87 46.62
CA SER C 357 15.62 1.08 47.84
C SER C 357 15.18 1.85 49.08
N GLY C 358 15.15 3.18 49.01
CA GLY C 358 14.79 3.97 50.17
C GLY C 358 13.31 4.00 50.48
N LEU C 359 12.47 3.46 49.60
CA LEU C 359 11.04 3.54 49.82
C LEU C 359 10.45 2.24 50.32
N PHE C 360 10.99 1.11 49.89
CA PHE C 360 10.41 -0.18 50.24
C PHE C 360 11.19 -0.85 51.38
N ASN C 361 11.32 -0.17 52.50
CA ASN C 361 11.88 -0.83 53.69
C ASN C 361 10.94 -0.53 54.86
N SER C 362 10.05 -1.47 55.15
CA SER C 362 9.11 -1.31 56.24
C SER C 362 8.59 -2.66 56.67
N THR C 363 8.00 -2.68 57.86
CA THR C 363 7.28 -3.82 58.39
C THR C 363 6.05 -3.30 59.13
N TRP C 364 5.00 -4.11 59.15
CA TRP C 364 3.69 -3.64 59.60
C TRP C 364 3.08 -4.68 60.52
N ILE C 365 2.81 -4.28 61.76
CA ILE C 365 2.30 -5.20 62.77
C ILE C 365 0.84 -5.50 62.50
N SER C 366 0.29 -6.45 63.26
CA SER C 366 -1.07 -6.91 63.03
C SER C 366 -2.12 -5.90 63.44
N ASN C 367 -1.87 -5.08 64.44
CA ASN C 367 -2.89 -4.11 64.87
C ASN C 367 -2.79 -2.82 64.06
N ASN C 379 6.49 17.04 56.35
CA ASN C 379 7.35 18.21 56.31
C ASN C 379 8.72 17.87 55.74
N ASP C 380 9.32 16.80 56.25
CA ASP C 380 10.55 16.30 55.66
C ASP C 380 10.24 15.54 54.37
N SER C 381 11.27 15.34 53.56
CA SER C 381 11.09 14.76 52.25
C SER C 381 12.13 13.69 52.00
N ILE C 382 11.72 12.62 51.33
CA ILE C 382 12.62 11.52 51.00
C ILE C 382 13.23 11.80 49.64
N THR C 383 14.54 11.85 49.57
CA THR C 383 15.24 11.89 48.31
C THR C 383 15.74 10.50 47.95
N LEU C 384 16.02 10.32 46.66
CA LEU C 384 16.66 9.10 46.20
C LEU C 384 17.49 9.44 44.97
N PRO C 385 18.67 8.85 44.82
CA PRO C 385 19.58 9.27 43.75
C PRO C 385 19.39 8.47 42.48
N CYS C 386 19.68 9.12 41.36
CA CYS C 386 19.47 8.51 40.06
C CYS C 386 20.77 8.44 39.28
N ARG C 387 20.70 7.85 38.08
CA ARG C 387 21.79 7.83 37.13
C ARG C 387 21.25 8.17 35.75
N ILE C 388 22.16 8.51 34.85
CA ILE C 388 21.79 8.96 33.52
C ILE C 388 22.55 8.14 32.49
N LYS C 389 21.82 7.40 31.66
CA LYS C 389 22.39 6.72 30.51
C LYS C 389 22.10 7.53 29.26
N GLN C 390 23.07 7.59 28.36
CA GLN C 390 22.81 8.29 27.11
C GLN C 390 22.28 7.34 26.04
N ILE C 391 22.95 6.20 25.83
CA ILE C 391 22.40 5.22 24.90
C ILE C 391 21.41 4.34 25.65
N ILE C 392 20.38 3.90 24.95
CA ILE C 392 19.32 3.10 25.51
C ILE C 392 19.09 1.91 24.60
N ASN C 393 18.31 0.97 25.10
CA ASN C 393 17.82 -0.14 24.28
C ASN C 393 16.54 -0.63 24.95
N MET C 394 15.42 -0.08 24.52
CA MET C 394 14.15 -0.55 25.03
C MET C 394 13.66 -1.68 24.14
N TRP C 395 12.87 -2.57 24.72
CA TRP C 395 12.29 -3.78 24.17
C TRP C 395 13.30 -4.88 23.86
N GLN C 396 14.60 -4.64 24.05
CA GLN C 396 15.66 -5.64 24.01
C GLN C 396 15.69 -6.37 22.66
N ARG C 397 15.55 -5.58 21.61
CA ARG C 397 15.66 -6.11 20.26
C ARG C 397 17.12 -6.42 19.98
N ILE C 398 17.35 -7.32 19.02
CA ILE C 398 18.66 -7.94 18.95
C ILE C 398 19.70 -7.10 18.20
N GLY C 399 19.27 -6.10 17.44
CA GLY C 399 20.22 -5.31 16.70
C GLY C 399 19.89 -3.84 16.68
N GLN C 400 19.27 -3.35 17.74
CA GLN C 400 18.68 -2.02 17.74
C GLN C 400 19.11 -1.27 18.98
N ALA C 401 20.07 -0.38 18.84
CA ALA C 401 20.51 0.47 19.94
C ALA C 401 20.34 1.91 19.50
N MET C 402 19.86 2.74 20.42
CA MET C 402 19.49 4.11 20.11
C MET C 402 20.27 5.06 21.00
N TYR C 403 20.87 6.06 20.38
CA TYR C 403 21.57 7.10 21.11
C TYR C 403 20.58 8.22 21.41
N ALA C 404 20.87 8.98 22.45
CA ALA C 404 20.00 10.12 22.69
C ALA C 404 20.85 11.37 22.84
N PRO C 405 20.42 12.49 22.26
CA PRO C 405 21.23 13.69 22.34
C PRO C 405 21.05 14.36 23.70
N PRO C 406 22.03 15.10 24.16
CA PRO C 406 21.87 15.88 25.38
C PRO C 406 21.04 17.13 25.11
N ILE C 407 20.68 17.82 26.19
CA ILE C 407 19.85 19.01 26.12
C ILE C 407 20.52 20.12 26.91
N GLN C 408 19.86 21.27 26.92
CA GLN C 408 20.39 22.49 27.51
C GLN C 408 19.72 22.78 28.84
N GLY C 409 20.48 23.30 29.78
CA GLY C 409 19.92 23.89 30.98
C GLY C 409 19.54 22.89 32.04
N VAL C 410 19.23 23.42 33.21
CA VAL C 410 18.79 22.63 34.34
C VAL C 410 17.43 22.05 34.03
N ILE C 411 17.22 20.78 34.38
CA ILE C 411 16.00 20.07 34.01
C ILE C 411 15.28 19.65 35.27
N ARG C 412 13.99 19.90 35.34
CA ARG C 412 13.19 19.36 36.43
C ARG C 412 11.81 18.98 35.90
N CYS C 413 11.17 18.05 36.59
CA CYS C 413 9.87 17.58 36.15
C CYS C 413 9.07 17.12 37.35
N VAL C 414 7.76 17.41 37.29
CA VAL C 414 6.82 17.10 38.34
C VAL C 414 5.81 16.10 37.79
N SER C 415 5.40 15.14 38.60
CA SER C 415 4.42 14.17 38.14
C SER C 415 3.64 13.59 39.32
N ASN C 416 2.63 12.80 38.97
CA ASN C 416 1.75 12.14 39.93
C ASN C 416 2.05 10.65 39.92
N ILE C 417 2.58 10.12 41.02
CA ILE C 417 2.64 8.67 41.17
C ILE C 417 1.21 8.22 41.42
N THR C 418 0.78 7.19 40.69
CA THR C 418 -0.58 6.73 40.65
C THR C 418 -0.75 5.26 41.01
N GLY C 419 0.11 4.36 40.50
CA GLY C 419 -0.08 2.94 40.72
C GLY C 419 1.22 2.26 41.09
N LEU C 420 1.11 0.96 41.36
CA LEU C 420 2.22 0.15 41.83
C LEU C 420 2.15 -1.24 41.24
N ILE C 421 3.31 -1.88 41.13
CA ILE C 421 3.43 -3.24 40.59
C ILE C 421 4.21 -4.07 41.58
N LEU C 422 3.63 -5.17 42.03
CA LEU C 422 4.24 -5.94 43.10
C LEU C 422 4.33 -7.42 42.74
N THR C 423 5.11 -8.13 43.56
CA THR C 423 5.35 -9.55 43.38
C THR C 423 5.56 -10.17 44.75
N ARG C 424 4.78 -11.21 45.05
CA ARG C 424 4.93 -11.96 46.27
C ARG C 424 6.13 -12.89 46.16
N ASP C 425 6.82 -13.08 47.28
CA ASP C 425 7.87 -14.08 47.34
C ASP C 425 7.28 -15.45 47.60
N GLY C 426 7.82 -16.46 46.92
CA GLY C 426 7.31 -17.81 47.00
C GLY C 426 7.68 -18.53 48.28
N GLY C 427 7.18 -18.04 49.40
CA GLY C 427 7.62 -18.54 50.67
C GLY C 427 6.95 -19.80 51.16
N SER C 428 7.66 -20.92 51.09
CA SER C 428 7.22 -22.15 51.71
C SER C 428 7.69 -22.17 53.16
N THR C 429 7.58 -23.35 53.80
CA THR C 429 8.18 -23.66 55.11
C THR C 429 7.71 -22.74 56.23
N ASN C 430 6.39 -22.56 56.32
CA ASN C 430 5.68 -22.18 57.56
C ASN C 430 6.14 -20.85 58.15
N SER C 431 5.97 -19.78 57.39
CA SER C 431 6.33 -18.44 57.85
C SER C 431 5.10 -17.54 57.71
N THR C 432 4.78 -16.81 58.78
CA THR C 432 3.54 -16.04 58.78
C THR C 432 3.67 -14.73 58.01
N THR C 433 4.87 -14.20 57.87
CA THR C 433 5.06 -12.96 57.15
C THR C 433 5.01 -13.21 55.64
N GLU C 434 4.50 -12.23 54.90
CA GLU C 434 4.42 -12.30 53.44
C GLU C 434 5.07 -11.03 52.89
N THR C 435 6.34 -11.12 52.52
CA THR C 435 7.03 -9.98 51.96
C THR C 435 6.55 -9.68 50.55
N PHE C 436 6.80 -8.45 50.11
CA PHE C 436 6.44 -8.02 48.78
C PHE C 436 7.58 -7.24 48.14
N ARG C 437 7.73 -7.36 46.82
CA ARG C 437 8.81 -6.65 46.17
C ARG C 437 8.34 -6.06 44.85
N PRO C 438 8.92 -4.95 44.42
CA PRO C 438 8.56 -4.41 43.11
C PRO C 438 9.32 -5.12 42.00
N GLY C 439 8.62 -5.33 40.89
CA GLY C 439 9.23 -5.99 39.75
C GLY C 439 8.65 -5.54 38.44
N GLY C 440 9.50 -5.04 37.54
CA GLY C 440 9.02 -4.40 36.33
C GLY C 440 8.51 -5.37 35.31
N GLY C 441 9.39 -6.22 34.80
CA GLY C 441 8.97 -7.28 33.90
C GLY C 441 8.57 -6.72 32.55
N ASP C 442 7.39 -7.12 32.11
CA ASP C 442 6.90 -6.74 30.80
C ASP C 442 6.55 -5.27 30.76
N MET C 443 6.48 -4.75 29.53
CA MET C 443 5.87 -3.45 29.31
C MET C 443 4.37 -3.54 29.16
N ARG C 444 3.82 -4.76 29.04
CA ARG C 444 2.40 -4.90 28.76
C ARG C 444 1.52 -4.51 29.93
N ASP C 445 2.03 -4.66 31.16
CA ASP C 445 1.21 -4.42 32.32
C ASP C 445 0.84 -2.96 32.50
N ASN C 446 1.64 -2.05 31.97
CA ASN C 446 1.26 -0.64 32.06
C ASN C 446 0.05 -0.35 31.20
N TRP C 447 -0.05 -0.98 30.03
CA TRP C 447 -1.27 -0.80 29.25
C TRP C 447 -2.43 -1.55 29.87
N ARG C 448 -2.14 -2.70 30.49
CA ARG C 448 -3.21 -3.43 31.15
C ARG C 448 -3.75 -2.70 32.37
N SER C 449 -3.01 -1.73 32.89
CA SER C 449 -3.57 -0.86 33.91
C SER C 449 -4.60 0.10 33.36
N GLU C 450 -4.70 0.28 32.04
CA GLU C 450 -5.63 1.24 31.49
C GLU C 450 -6.68 0.63 30.59
N LEU C 451 -6.48 -0.57 30.10
CA LEU C 451 -7.49 -1.23 29.28
C LEU C 451 -8.18 -2.32 30.07
N TYR C 452 -8.33 -2.11 31.35
CA TYR C 452 -9.05 -3.04 32.22
C TYR C 452 -10.53 -2.82 32.18
N LYS C 453 -11.05 -2.00 31.26
CA LYS C 453 -12.46 -1.67 31.24
C LYS C 453 -13.08 -1.72 29.86
N TYR C 454 -12.50 -2.42 28.89
CA TYR C 454 -13.06 -2.41 27.54
C TYR C 454 -12.88 -3.76 26.89
N LYS C 455 -13.98 -4.35 26.43
CA LYS C 455 -13.94 -5.46 25.51
C LYS C 455 -14.65 -5.04 24.23
N VAL C 456 -14.33 -5.72 23.13
CA VAL C 456 -14.81 -5.33 21.81
C VAL C 456 -15.76 -6.39 21.29
N VAL C 457 -16.94 -5.97 20.85
CA VAL C 457 -17.99 -6.91 20.47
C VAL C 457 -18.48 -6.60 19.08
N LYS C 458 -19.02 -7.64 18.43
CA LYS C 458 -19.41 -7.59 17.03
C LYS C 458 -20.93 -7.70 16.90
N ILE C 459 -21.51 -6.77 16.16
CA ILE C 459 -22.95 -6.71 15.93
C ILE C 459 -23.36 -7.87 15.04
N GLU C 460 -24.56 -8.39 15.27
CA GLU C 460 -25.14 -9.39 14.40
C GLU C 460 -26.60 -9.06 14.17
N PRO C 461 -26.99 -8.66 12.98
CA PRO C 461 -28.42 -8.48 12.70
C PRO C 461 -29.09 -9.78 12.28
N LEU C 462 -30.34 -9.65 11.84
CA LEU C 462 -31.21 -10.71 11.29
C LEU C 462 -31.38 -11.87 12.28
N GLY C 463 -32.16 -11.57 13.29
CA GLY C 463 -32.75 -12.60 14.11
C GLY C 463 -33.95 -13.21 13.42
N VAL C 464 -34.51 -14.24 14.06
CA VAL C 464 -35.65 -14.94 13.50
C VAL C 464 -36.49 -15.48 14.65
N ALA C 465 -37.79 -15.25 14.59
CA ALA C 465 -38.65 -15.62 15.71
C ALA C 465 -40.01 -16.01 15.18
N PRO C 466 -40.72 -16.92 15.86
CA PRO C 466 -42.07 -17.27 15.43
C PRO C 466 -43.13 -16.32 15.98
N THR C 467 -44.13 -16.06 15.13
CA THR C 467 -45.32 -15.32 15.53
C THR C 467 -46.45 -15.69 14.58
N ARG C 468 -47.61 -15.06 14.80
CA ARG C 468 -48.84 -15.43 14.12
C ARG C 468 -49.16 -14.40 13.04
N CYS C 469 -48.51 -14.55 11.90
CA CYS C 469 -48.86 -13.82 10.69
C CYS C 469 -48.41 -14.68 9.51
N LYS C 470 -49.01 -14.44 8.35
CA LYS C 470 -48.73 -15.32 7.23
C LYS C 470 -48.83 -14.55 5.92
N ARG C 471 -47.88 -14.79 5.03
CA ARG C 471 -47.78 -14.03 3.80
C ARG C 471 -48.78 -14.53 2.77
N ARG C 472 -49.50 -13.59 2.15
CA ARG C 472 -50.53 -13.95 1.18
C ARG C 472 -49.95 -14.05 -0.22
N VAL C 473 -50.61 -14.84 -1.05
CA VAL C 473 -50.16 -15.07 -2.41
C VAL C 473 -50.46 -13.86 -3.30
N ALA D 1 -49.04 17.90 25.26
CA ALA D 1 -49.51 16.53 25.15
C ALA D 1 -48.64 15.59 25.95
N VAL D 2 -47.42 15.40 25.48
CA VAL D 2 -46.46 14.53 26.14
C VAL D 2 -45.61 15.37 27.09
N GLY D 3 -45.75 15.11 28.38
CA GLY D 3 -44.87 15.71 29.36
C GLY D 3 -43.54 15.01 29.38
N ILE D 4 -43.56 13.71 29.65
CA ILE D 4 -42.35 12.91 29.69
C ILE D 4 -42.67 11.54 29.10
N GLY D 5 -42.21 11.29 27.88
CA GLY D 5 -42.29 9.99 27.26
C GLY D 5 -40.91 9.49 26.84
N ALA D 6 -40.83 8.18 26.62
CA ALA D 6 -39.57 7.57 26.20
C ALA D 6 -39.26 7.99 24.79
N VAL D 7 -38.17 8.76 24.61
CA VAL D 7 -37.94 9.39 23.32
C VAL D 7 -37.41 8.38 22.32
N PHE D 8 -36.15 7.97 22.52
CA PHE D 8 -35.42 6.97 21.75
C PHE D 8 -34.05 6.88 22.38
N LEU D 9 -33.37 5.78 22.13
CA LEU D 9 -32.04 5.55 22.66
C LEU D 9 -31.04 5.43 21.51
N GLY D 10 -29.78 5.27 21.86
CA GLY D 10 -28.78 4.97 20.85
C GLY D 10 -28.95 3.56 20.32
N PHE D 11 -28.10 3.24 19.35
CA PHE D 11 -28.16 1.90 18.78
C PHE D 11 -27.60 0.91 19.79
N LEU D 12 -28.25 -0.25 19.87
CA LEU D 12 -28.25 -1.20 20.98
C LEU D 12 -28.77 -0.61 22.28
N GLY D 13 -29.54 0.48 22.22
CA GLY D 13 -30.07 1.04 23.45
C GLY D 13 -31.16 0.19 24.08
N ALA D 14 -32.05 -0.36 23.27
CA ALA D 14 -33.17 -1.10 23.83
C ALA D 14 -32.80 -2.52 24.21
N ALA D 15 -31.57 -2.96 23.90
CA ALA D 15 -31.23 -4.38 23.82
C ALA D 15 -31.28 -5.09 25.16
N GLY D 16 -31.37 -4.35 26.26
CA GLY D 16 -31.65 -4.99 27.54
C GLY D 16 -33.13 -5.31 27.72
N SER D 17 -33.99 -4.58 27.04
CA SER D 17 -35.42 -4.72 27.29
C SER D 17 -35.97 -5.94 26.57
N THR D 18 -37.29 -6.11 26.66
CA THR D 18 -37.96 -7.23 26.03
C THR D 18 -38.03 -7.03 24.53
N MET D 19 -38.33 -8.12 23.82
CA MET D 19 -38.33 -8.07 22.36
C MET D 19 -39.52 -7.30 21.82
N GLY D 20 -40.65 -7.28 22.53
CA GLY D 20 -41.80 -6.56 22.05
C GLY D 20 -41.56 -5.06 22.01
N ALA D 21 -40.93 -4.53 23.06
CA ALA D 21 -40.57 -3.12 23.04
C ALA D 21 -39.41 -2.84 22.10
N ALA D 22 -38.50 -3.80 21.95
CA ALA D 22 -37.33 -3.57 21.11
C ALA D 22 -37.69 -3.58 19.64
N SER D 23 -38.78 -4.25 19.28
CA SER D 23 -39.16 -4.31 17.87
C SER D 23 -39.75 -3.01 17.36
N MET D 24 -40.03 -2.05 18.24
CA MET D 24 -40.53 -0.77 17.78
C MET D 24 -39.46 0.02 17.05
N THR D 25 -38.20 -0.17 17.41
CA THR D 25 -37.09 0.56 16.80
C THR D 25 -36.15 -0.44 16.16
N LEU D 26 -36.00 -0.36 14.85
CA LEU D 26 -35.03 -1.19 14.15
C LEU D 26 -34.13 -0.33 13.30
N THR D 27 -34.67 0.80 12.84
CA THR D 27 -33.95 1.65 11.90
C THR D 27 -32.70 2.24 12.53
N VAL D 28 -32.74 2.50 13.84
CA VAL D 28 -31.55 2.95 14.53
C VAL D 28 -30.49 1.87 14.55
N GLN D 29 -30.89 0.62 14.82
CA GLN D 29 -29.95 -0.48 14.80
C GLN D 29 -29.49 -0.83 13.40
N ALA D 30 -30.22 -0.37 12.38
CA ALA D 30 -29.83 -0.64 11.01
C ALA D 30 -28.95 0.45 10.41
N ARG D 31 -29.15 1.71 10.80
CA ARG D 31 -28.44 2.78 10.12
C ARG D 31 -26.98 2.83 10.57
N ASN D 32 -26.71 2.55 11.83
CA ASN D 32 -25.34 2.61 12.36
C ASN D 32 -24.56 1.35 11.99
N LEU D 33 -24.44 1.13 10.69
CA LEU D 33 -23.87 -0.11 10.18
C LEU D 33 -22.99 0.08 8.96
N LEU D 34 -23.06 1.22 8.28
CA LEU D 34 -22.34 1.39 7.01
C LEU D 34 -21.15 2.31 7.13
N SER D 35 -21.33 3.52 7.60
CA SER D 35 -20.21 4.45 7.67
C SER D 35 -20.05 5.10 9.03
N GLY D 36 -21.14 5.39 9.72
CA GLY D 36 -21.08 6.04 11.01
C GLY D 36 -22.28 5.73 11.88
N THR D 58 2.76 5.20 6.42
CA THR D 58 1.72 5.14 5.40
C THR D 58 1.40 3.70 5.03
N VAL D 59 1.52 2.80 6.00
CA VAL D 59 0.98 1.45 5.87
C VAL D 59 -0.41 1.38 6.46
N TRP D 60 -0.79 2.37 7.26
CA TRP D 60 -2.05 2.35 8.01
C TRP D 60 -3.25 2.45 7.08
N GLY D 61 -3.05 3.08 5.92
CA GLY D 61 -4.11 3.15 4.93
C GLY D 61 -4.56 1.79 4.44
N ILE D 62 -3.66 0.82 4.42
CA ILE D 62 -4.03 -0.53 4.04
C ILE D 62 -4.95 -1.15 5.09
N LYS D 63 -4.66 -0.89 6.36
CA LYS D 63 -5.50 -1.41 7.42
C LYS D 63 -6.88 -0.77 7.41
N GLN D 64 -6.94 0.53 7.13
CA GLN D 64 -8.23 1.20 7.04
C GLN D 64 -9.01 0.73 5.82
N LEU D 65 -8.33 0.50 4.71
CA LEU D 65 -9.03 0.08 3.52
C LEU D 65 -9.52 -1.34 3.63
N GLN D 66 -8.76 -2.22 4.28
CA GLN D 66 -9.27 -3.57 4.45
C GLN D 66 -10.35 -3.61 5.51
N ALA D 67 -10.34 -2.69 6.47
CA ALA D 67 -11.46 -2.59 7.40
C ALA D 67 -12.74 -2.17 6.70
N ARG D 68 -12.64 -1.15 5.84
CA ARG D 68 -13.83 -0.67 5.13
C ARG D 68 -14.38 -1.71 4.17
N VAL D 69 -13.50 -2.42 3.45
CA VAL D 69 -14.03 -3.41 2.53
C VAL D 69 -14.53 -4.64 3.27
N LEU D 70 -14.01 -4.93 4.47
CA LEU D 70 -14.59 -6.00 5.26
C LEU D 70 -15.99 -5.64 5.71
N ALA D 71 -16.20 -4.37 6.07
CA ALA D 71 -17.52 -3.89 6.46
C ALA D 71 -18.51 -4.02 5.32
N VAL D 72 -18.13 -3.56 4.12
CA VAL D 72 -19.10 -3.61 3.05
C VAL D 72 -19.28 -5.03 2.53
N GLU D 73 -18.28 -5.90 2.73
CA GLU D 73 -18.44 -7.29 2.36
C GLU D 73 -19.46 -7.98 3.24
N ARG D 74 -19.39 -7.71 4.55
CA ARG D 74 -20.36 -8.28 5.48
C ARG D 74 -21.77 -7.79 5.18
N TYR D 75 -21.93 -6.49 4.96
CA TYR D 75 -23.26 -5.94 4.70
C TYR D 75 -23.83 -6.45 3.38
N LEU D 76 -22.99 -6.64 2.37
CA LEU D 76 -23.50 -7.15 1.11
C LEU D 76 -23.87 -8.61 1.20
N ARG D 77 -23.12 -9.39 1.99
CA ARG D 77 -23.51 -10.78 2.23
C ARG D 77 -24.88 -10.85 2.89
N ASP D 78 -25.13 -9.96 3.85
CA ASP D 78 -26.41 -9.98 4.54
C ASP D 78 -27.54 -9.56 3.62
N GLN D 79 -27.29 -8.58 2.76
CA GLN D 79 -28.33 -8.16 1.83
C GLN D 79 -28.66 -9.24 0.81
N GLN D 80 -27.66 -9.99 0.36
CA GLN D 80 -27.91 -11.05 -0.61
C GLN D 80 -28.66 -12.20 0.04
N LEU D 81 -28.24 -12.59 1.25
CA LEU D 81 -28.92 -13.66 1.97
C LEU D 81 -30.34 -13.29 2.32
N LEU D 82 -30.62 -12.01 2.52
CA LEU D 82 -32.00 -11.65 2.68
C LEU D 82 -32.73 -11.60 1.36
N GLY D 83 -32.02 -11.31 0.27
CA GLY D 83 -32.67 -11.22 -1.02
C GLY D 83 -33.14 -12.55 -1.56
N ILE D 84 -32.43 -13.64 -1.24
CA ILE D 84 -32.83 -14.93 -1.78
C ILE D 84 -34.04 -15.51 -1.09
N TRP D 85 -34.51 -14.94 0.00
CA TRP D 85 -35.76 -15.34 0.59
C TRP D 85 -36.88 -14.49 0.00
N GLY D 86 -38.04 -14.49 0.65
CA GLY D 86 -39.18 -13.79 0.10
C GLY D 86 -39.06 -12.28 0.10
N CYS D 87 -38.40 -11.71 1.10
CA CYS D 87 -38.40 -10.27 1.30
C CYS D 87 -37.05 -9.68 0.98
N SER D 88 -36.99 -8.83 -0.05
CA SER D 88 -35.76 -8.13 -0.34
C SER D 88 -35.53 -6.99 0.63
N GLY D 89 -36.43 -6.01 0.63
CA GLY D 89 -36.18 -4.81 1.40
C GLY D 89 -37.31 -4.43 2.31
N LYS D 90 -38.05 -5.43 2.79
CA LYS D 90 -39.23 -5.15 3.60
C LYS D 90 -38.86 -4.70 5.00
N LEU D 91 -37.74 -5.22 5.54
CA LEU D 91 -37.17 -5.05 6.88
C LEU D 91 -37.98 -5.76 7.96
N ILE D 92 -39.20 -6.18 7.63
CA ILE D 92 -40.03 -7.06 8.45
C ILE D 92 -40.71 -8.00 7.48
N CYS D 93 -40.55 -9.30 7.67
CA CYS D 93 -41.17 -10.24 6.75
C CYS D 93 -42.04 -11.23 7.50
N CYS D 94 -42.86 -11.91 6.72
CA CYS D 94 -43.52 -13.14 7.13
C CYS D 94 -43.47 -14.09 5.95
N THR D 95 -43.66 -15.37 6.22
CA THR D 95 -43.47 -16.35 5.17
C THR D 95 -44.38 -17.55 5.43
N ASN D 96 -44.13 -18.63 4.71
CA ASN D 96 -44.99 -19.80 4.71
C ASN D 96 -44.25 -21.03 5.19
N VAL D 97 -43.58 -20.93 6.34
CA VAL D 97 -42.98 -22.08 6.99
C VAL D 97 -43.50 -22.14 8.42
N PRO D 98 -44.18 -23.20 8.81
CA PRO D 98 -44.79 -23.24 10.12
C PRO D 98 -43.77 -23.56 11.20
N TRP D 99 -43.99 -22.97 12.36
CA TRP D 99 -43.05 -23.17 13.44
C TRP D 99 -43.24 -24.55 14.05
N ASN D 100 -42.19 -25.34 14.06
CA ASN D 100 -42.19 -26.62 14.74
C ASN D 100 -41.86 -26.38 16.20
N SER D 101 -42.75 -26.81 17.09
CA SER D 101 -42.56 -26.53 18.51
C SER D 101 -41.48 -27.38 19.15
N SER D 102 -40.95 -28.37 18.43
CA SER D 102 -39.87 -29.19 18.98
C SER D 102 -38.57 -28.42 19.11
N TRP D 103 -38.43 -27.28 18.42
CA TRP D 103 -37.25 -26.47 18.63
C TRP D 103 -37.33 -25.70 19.94
N SER D 104 -38.40 -24.95 20.15
CA SER D 104 -38.38 -23.93 21.17
C SER D 104 -39.08 -24.28 22.46
N ASN D 105 -40.15 -25.10 22.41
CA ASN D 105 -41.04 -25.50 23.51
C ASN D 105 -41.44 -24.35 24.45
N ARG D 106 -41.68 -23.17 23.91
CA ARG D 106 -42.07 -22.03 24.70
C ARG D 106 -43.48 -21.58 24.32
N ASN D 107 -44.16 -20.97 25.29
CA ASN D 107 -45.47 -20.39 25.03
C ASN D 107 -45.33 -19.10 24.24
N LEU D 108 -46.38 -18.72 23.54
CA LEU D 108 -46.39 -17.44 22.86
C LEU D 108 -46.49 -16.29 23.85
N SER D 109 -47.21 -16.51 24.95
CA SER D 109 -47.52 -15.42 25.87
C SER D 109 -46.31 -14.93 26.62
N GLU D 110 -45.29 -15.77 26.77
CA GLU D 110 -44.16 -15.42 27.61
C GLU D 110 -43.01 -14.80 26.83
N ILE D 111 -42.86 -15.11 25.55
CA ILE D 111 -41.64 -14.71 24.87
C ILE D 111 -41.65 -13.24 24.53
N TRP D 112 -42.79 -12.69 24.11
CA TRP D 112 -42.83 -11.29 23.72
C TRP D 112 -42.89 -10.36 24.92
N ASP D 113 -43.16 -10.89 26.10
CA ASP D 113 -43.23 -10.07 27.30
C ASP D 113 -42.29 -10.55 28.39
N ASN D 114 -41.35 -11.41 28.07
CA ASN D 114 -40.49 -11.90 29.12
C ASN D 114 -39.00 -11.84 28.80
N MET D 115 -38.61 -12.15 27.57
CA MET D 115 -37.21 -12.44 27.30
C MET D 115 -36.60 -11.43 26.35
N THR D 116 -35.28 -11.35 26.39
CA THR D 116 -34.50 -10.50 25.50
C THR D 116 -33.92 -11.33 24.37
N TRP D 117 -33.40 -10.62 23.36
CA TRP D 117 -32.82 -11.30 22.22
C TRP D 117 -31.52 -11.99 22.59
N LEU D 118 -30.72 -11.34 23.45
CA LEU D 118 -29.53 -11.98 24.00
C LEU D 118 -29.91 -13.24 24.76
N GLN D 119 -31.00 -13.18 25.51
CA GLN D 119 -31.50 -14.38 26.14
C GLN D 119 -32.00 -15.37 25.11
N TRP D 120 -32.53 -14.88 23.99
CA TRP D 120 -33.15 -15.75 23.01
C TRP D 120 -32.12 -16.54 22.22
N ASP D 121 -30.96 -15.95 21.97
CA ASP D 121 -30.05 -16.51 20.99
C ASP D 121 -29.38 -17.77 21.51
N LYS D 122 -29.11 -17.82 22.81
CA LYS D 122 -28.59 -19.06 23.38
C LYS D 122 -29.63 -20.17 23.37
N GLU D 123 -30.91 -19.83 23.40
CA GLU D 123 -31.92 -20.88 23.36
C GLU D 123 -32.11 -21.42 21.96
N ILE D 124 -32.04 -20.58 20.93
CA ILE D 124 -32.24 -21.06 19.57
C ILE D 124 -30.94 -21.35 18.84
N SER D 125 -29.83 -21.51 19.58
CA SER D 125 -28.54 -21.64 18.92
C SER D 125 -28.34 -22.99 18.24
N ASN D 126 -28.99 -24.04 18.75
CA ASN D 126 -28.83 -25.36 18.17
C ASN D 126 -29.47 -25.43 16.79
N TYR D 127 -30.69 -24.91 16.65
CA TYR D 127 -31.47 -25.08 15.44
C TYR D 127 -31.25 -23.84 14.59
N THR D 128 -30.11 -23.81 13.93
CA THR D 128 -29.81 -22.83 12.92
C THR D 128 -29.25 -23.61 11.75
N GLN D 129 -29.07 -22.92 10.61
CA GLN D 129 -28.48 -23.42 9.37
C GLN D 129 -29.39 -24.42 8.65
N ILE D 130 -30.51 -24.78 9.28
CA ILE D 130 -31.51 -25.64 8.67
C ILE D 130 -32.71 -24.81 8.26
N ILE D 131 -33.09 -23.88 9.13
CA ILE D 131 -34.20 -22.98 8.89
C ILE D 131 -33.93 -22.12 7.66
N TYR D 132 -32.66 -21.77 7.46
CA TYR D 132 -32.26 -21.01 6.28
C TYR D 132 -32.50 -21.79 5.01
N GLY D 133 -32.13 -23.07 5.00
CA GLY D 133 -32.40 -23.90 3.83
C GLY D 133 -33.87 -24.13 3.59
N LEU D 134 -34.65 -24.21 4.68
CA LEU D 134 -36.09 -24.31 4.55
C LEU D 134 -36.69 -23.10 3.87
N LEU D 135 -36.20 -21.91 4.25
CA LEU D 135 -36.65 -20.68 3.60
C LEU D 135 -36.25 -20.66 2.13
N GLU D 136 -35.05 -21.16 1.83
CA GLU D 136 -34.58 -21.21 0.45
C GLU D 136 -35.49 -22.07 -0.42
N GLU D 137 -35.77 -23.30 0.04
CA GLU D 137 -36.60 -24.22 -0.71
C GLU D 137 -38.03 -23.69 -0.84
N SER D 138 -38.55 -23.07 0.22
CA SER D 138 -39.91 -22.55 0.20
C SER D 138 -40.05 -21.41 -0.81
N GLN D 139 -39.09 -20.48 -0.81
CA GLN D 139 -39.14 -19.38 -1.77
C GLN D 139 -38.95 -19.88 -3.18
N ASN D 140 -38.12 -20.91 -3.37
CA ASN D 140 -37.88 -21.47 -4.70
C ASN D 140 -39.13 -22.12 -5.26
N GLN D 141 -39.82 -22.92 -4.45
CA GLN D 141 -41.02 -23.60 -4.90
C GLN D 141 -42.16 -22.61 -5.13
N GLN D 142 -42.25 -21.58 -4.28
CA GLN D 142 -43.28 -20.57 -4.49
C GLN D 142 -43.04 -19.76 -5.76
N GLU D 143 -41.77 -19.49 -6.07
CA GLU D 143 -41.46 -18.76 -7.29
C GLU D 143 -41.75 -19.58 -8.53
N LYS D 144 -41.43 -20.88 -8.51
CA LYS D 144 -41.71 -21.68 -9.70
C LYS D 144 -43.20 -21.93 -9.87
N ASN D 145 -43.98 -21.98 -8.77
CA ASN D 145 -45.41 -22.17 -8.91
C ASN D 145 -46.10 -20.91 -9.40
N GLU D 146 -45.70 -19.74 -8.90
CA GLU D 146 -46.28 -18.52 -9.43
C GLU D 146 -45.79 -18.24 -10.85
N GLN D 147 -44.60 -18.73 -11.18
CA GLN D 147 -44.12 -18.70 -12.55
C GLN D 147 -45.02 -19.51 -13.47
N ASP D 148 -45.42 -20.70 -13.01
CA ASP D 148 -46.36 -21.50 -13.78
C ASP D 148 -47.72 -20.84 -13.86
N LEU D 149 -48.11 -20.11 -12.82
CA LEU D 149 -49.39 -19.40 -12.81
C LEU D 149 -49.41 -18.30 -13.86
N LEU D 150 -48.39 -17.46 -13.87
CA LEU D 150 -48.31 -16.44 -14.92
C LEU D 150 -47.89 -17.01 -16.27
N ALA D 151 -47.45 -18.28 -16.30
CA ALA D 151 -47.22 -18.96 -17.56
C ALA D 151 -48.53 -19.33 -18.22
N LEU D 152 -49.47 -19.89 -17.45
CA LEU D 152 -50.80 -20.07 -18.00
C LEU D 152 -51.60 -18.77 -18.06
N ASP D 153 -51.08 -17.69 -17.47
CA ASP D 153 -51.65 -16.37 -17.68
C ASP D 153 -50.92 -15.69 -18.84
N GLN E 1 41.63 37.11 76.64
CA GLN E 1 42.71 37.66 75.82
C GLN E 1 43.65 36.54 75.41
N VAL E 2 44.16 36.63 74.18
CA VAL E 2 45.09 35.66 73.63
C VAL E 2 46.22 36.38 72.93
N HIS E 3 47.41 35.78 73.00
CA HIS E 3 48.50 36.09 72.09
C HIS E 3 49.49 34.92 72.09
N LEU E 4 50.36 34.92 71.09
CA LEU E 4 51.24 33.80 70.80
C LEU E 4 52.69 34.29 70.83
N GLN E 5 53.61 33.34 70.65
CA GLN E 5 55.03 33.70 70.52
C GLN E 5 55.75 32.66 69.68
N GLU E 6 56.25 33.07 68.51
CA GLU E 6 57.18 32.24 67.76
C GLU E 6 58.54 32.22 68.45
N SER E 7 59.25 31.12 68.29
CA SER E 7 60.59 30.98 68.86
C SER E 7 61.37 29.94 68.08
N GLY E 8 62.58 30.30 67.67
CA GLY E 8 63.43 29.43 66.89
C GLY E 8 64.90 29.78 67.00
N PRO E 9 65.79 28.84 66.60
CA PRO E 9 67.23 29.11 66.64
C PRO E 9 67.70 30.11 65.59
N GLY E 10 67.22 29.97 64.36
CA GLY E 10 67.45 30.98 63.35
C GLY E 10 68.51 30.67 62.31
N LEU E 11 69.65 30.14 62.74
CA LEU E 11 70.76 29.83 61.83
C LEU E 11 70.92 28.32 61.77
N VAL E 12 70.55 27.74 60.64
CA VAL E 12 70.54 26.30 60.45
C VAL E 12 71.56 25.94 59.38
N LYS E 13 72.32 24.87 59.63
CA LYS E 13 73.16 24.34 58.58
C LYS E 13 72.30 23.70 57.49
N PRO E 14 72.79 23.67 56.26
CA PRO E 14 72.09 22.91 55.21
C PRO E 14 72.01 21.43 55.56
N SER E 15 70.88 20.81 55.15
CA SER E 15 70.53 19.42 55.43
C SER E 15 70.55 19.13 56.94
N GLU E 16 69.67 19.81 57.66
CA GLU E 16 69.63 19.71 59.10
C GLU E 16 68.19 19.75 59.62
N THR E 17 68.03 19.35 60.87
CA THR E 17 66.72 19.28 61.52
C THR E 17 66.40 20.61 62.18
N LEU E 18 65.34 21.26 61.74
CA LEU E 18 64.90 22.50 62.35
C LEU E 18 63.79 22.23 63.35
N SER E 19 63.76 23.02 64.43
CA SER E 19 62.70 22.97 65.41
C SER E 19 62.20 24.38 65.70
N LEU E 20 60.93 24.45 66.13
CA LEU E 20 60.27 25.72 66.42
C LEU E 20 59.26 25.52 67.54
N THR E 21 59.09 26.56 68.35
CA THR E 21 58.14 26.52 69.45
C THR E 21 57.25 27.76 69.41
N CYS E 22 56.04 27.61 69.96
CA CYS E 22 55.06 28.69 69.91
C CYS E 22 54.34 28.73 71.25
N ASN E 23 54.47 29.87 71.93
CA ASN E 23 53.93 30.04 73.27
C ASN E 23 52.53 30.63 73.23
N VAL E 24 51.73 30.27 74.23
CA VAL E 24 50.32 30.59 74.25
C VAL E 24 50.06 31.70 75.27
N SER E 25 48.83 32.20 75.26
CA SER E 25 48.34 33.06 76.34
C SER E 25 46.84 32.85 76.48
N GLY E 26 46.42 32.37 77.64
CA GLY E 26 45.01 32.23 77.95
C GLY E 26 44.36 30.96 77.44
N THR E 27 44.04 30.93 76.15
CA THR E 27 43.36 29.78 75.57
C THR E 27 44.31 28.60 75.48
N LEU E 28 43.90 27.48 76.04
CA LEU E 28 44.74 26.30 76.11
C LEU E 28 44.85 25.64 74.73
N VAL E 29 45.80 24.71 74.63
CA VAL E 29 46.12 24.08 73.36
C VAL E 29 45.02 23.11 72.90
N ARG E 30 44.15 22.68 73.82
CA ARG E 30 43.10 21.73 73.46
C ARG E 30 42.02 22.39 72.62
N ASP E 31 41.84 23.70 72.76
CA ASP E 31 40.65 24.36 72.24
C ASP E 31 40.69 24.51 70.73
N ASN E 32 41.83 24.93 70.19
CA ASN E 32 41.87 25.52 68.87
C ASN E 32 42.63 24.66 67.87
N TYR E 33 42.20 24.71 66.62
CA TYR E 33 43.01 24.21 65.53
C TYR E 33 44.20 25.15 65.33
N TRP E 34 45.40 24.58 65.29
CA TRP E 34 46.61 25.36 65.14
C TRP E 34 47.13 25.24 63.71
N SER E 35 48.02 26.15 63.34
CA SER E 35 48.57 26.15 62.00
C SER E 35 49.96 26.78 62.02
N TRP E 36 50.78 26.34 61.07
CA TRP E 36 52.08 26.94 60.78
C TRP E 36 52.11 27.47 59.36
N ILE E 37 52.80 28.59 59.21
CA ILE E 37 52.85 29.41 58.02
C ILE E 37 54.29 29.83 57.77
N ARG E 38 54.77 29.65 56.54
CA ARG E 38 56.10 30.05 56.13
C ARG E 38 55.99 31.17 55.10
N GLN E 39 56.89 32.16 55.19
CA GLN E 39 56.89 33.20 54.18
C GLN E 39 58.29 33.77 53.94
N PRO E 40 58.77 33.76 52.71
CA PRO E 40 59.96 34.53 52.37
C PRO E 40 59.58 35.91 51.87
N LEU E 41 60.61 36.72 51.64
CA LEU E 41 60.42 38.13 51.34
C LEU E 41 59.83 38.35 49.96
N GLY E 42 58.80 39.19 49.89
CA GLY E 42 58.17 39.51 48.63
C GLY E 42 57.43 38.36 48.01
N LYS E 43 57.05 37.36 48.79
CA LYS E 43 56.37 36.18 48.27
C LYS E 43 54.99 36.09 48.90
N GLN E 44 54.14 35.29 48.28
CA GLN E 44 52.96 34.86 49.00
C GLN E 44 53.39 33.95 50.14
N PRO E 45 52.77 34.09 51.30
CA PRO E 45 53.08 33.18 52.41
C PRO E 45 52.55 31.79 52.10
N GLU E 46 53.24 30.80 52.62
CA GLU E 46 52.96 29.41 52.31
C GLU E 46 52.41 28.75 53.55
N TRP E 47 51.17 28.28 53.47
CA TRP E 47 50.54 27.55 54.56
C TRP E 47 51.24 26.21 54.72
N ILE E 48 52.03 26.07 55.77
CA ILE E 48 52.71 24.79 56.00
C ILE E 48 51.70 23.74 56.40
N GLY E 49 50.78 24.08 57.29
CA GLY E 49 49.77 23.10 57.62
C GLY E 49 49.05 23.41 58.91
N TYR E 50 48.14 22.51 59.26
CA TYR E 50 47.30 22.68 60.44
C TYR E 50 47.29 21.38 61.24
N VAL E 51 47.14 21.55 62.56
CA VAL E 51 47.34 20.48 63.50
C VAL E 51 46.37 20.64 64.66
N HIS E 52 45.79 19.52 65.09
CA HIS E 52 44.88 19.48 66.23
C HIS E 52 44.83 18.04 66.71
N ASP E 53 44.42 17.86 67.95
CA ASP E 53 44.16 16.54 68.53
C ASP E 53 43.06 15.81 67.76
N SER E 54 43.00 14.49 68.00
CA SER E 54 42.05 13.54 67.39
C SER E 54 42.21 13.47 65.87
N GLY E 55 43.45 13.32 65.44
CA GLY E 55 43.74 13.05 64.04
C GLY E 55 43.52 14.21 63.09
N ASP E 56 43.34 15.41 63.61
CA ASP E 56 43.09 16.59 62.78
C ASP E 56 44.44 17.19 62.40
N THR E 57 45.19 16.45 61.59
CA THR E 57 46.61 16.68 61.37
C THR E 57 46.97 16.52 59.89
N ASN E 58 46.19 17.10 59.00
CA ASN E 58 46.49 16.99 57.59
C ASN E 58 47.60 17.95 57.19
N TYR E 59 48.51 17.50 56.33
CA TYR E 59 49.71 18.24 56.00
C TYR E 59 49.69 18.75 54.57
N ASN E 60 50.64 19.62 54.27
CA ASN E 60 50.85 20.07 52.90
C ASN E 60 51.45 18.94 52.10
N PRO E 61 50.84 18.53 50.99
CA PRO E 61 51.42 17.44 50.18
C PRO E 61 52.65 17.84 49.38
N SER E 62 53.10 19.09 49.47
CA SER E 62 54.34 19.47 48.82
C SER E 62 55.53 18.78 49.48
N LEU E 63 55.77 19.09 50.76
CA LEU E 63 56.88 18.48 51.47
C LEU E 63 56.50 17.11 52.02
N LYS E 64 55.59 17.10 53.01
CA LYS E 64 54.75 15.98 53.42
C LYS E 64 55.49 14.83 54.12
N SER E 65 56.80 14.86 54.12
CA SER E 65 57.51 13.71 54.67
C SER E 65 58.56 14.11 55.69
N ARG E 66 59.30 15.19 55.46
CA ARG E 66 60.39 15.56 56.34
C ARG E 66 59.99 16.57 57.40
N VAL E 67 58.71 16.88 57.53
CA VAL E 67 58.22 17.89 58.46
C VAL E 67 57.17 17.24 59.36
N HIS E 68 57.26 17.52 60.66
CA HIS E 68 56.31 17.00 61.65
C HIS E 68 55.83 18.14 62.52
N LEU E 69 54.54 18.44 62.42
CA LEU E 69 53.90 19.34 63.36
C LEU E 69 53.52 18.55 64.61
N SER E 70 53.43 19.23 65.74
CA SER E 70 53.07 18.59 66.99
C SER E 70 52.57 19.65 67.96
N LEU E 71 52.05 19.19 69.10
CA LEU E 71 51.59 20.10 70.14
C LEU E 71 52.43 19.90 71.39
N ASP E 72 52.04 20.61 72.45
CA ASP E 72 52.64 20.49 73.77
C ASP E 72 51.55 20.83 74.78
N LYS E 73 50.90 19.80 75.32
CA LYS E 73 49.85 20.01 76.29
C LYS E 73 50.38 20.18 77.70
N SER E 74 51.59 19.68 77.97
CA SER E 74 52.18 19.83 79.30
C SER E 74 52.53 21.29 79.57
N LYS E 75 53.25 21.91 78.64
CA LYS E 75 53.72 23.28 78.80
C LYS E 75 52.87 24.27 78.03
N ASN E 76 51.86 23.79 77.29
CA ASN E 76 50.96 24.60 76.46
C ASN E 76 51.75 25.38 75.41
N LEU E 77 52.32 24.62 74.47
CA LEU E 77 53.05 25.20 73.35
C LEU E 77 52.68 24.46 72.07
N VAL E 78 53.14 24.99 70.95
CA VAL E 78 52.98 24.37 69.63
C VAL E 78 54.36 24.09 69.09
N SER E 79 54.60 22.85 68.63
CA SER E 79 55.94 22.40 68.32
C SER E 79 56.04 22.06 66.85
N LEU E 80 57.22 22.32 66.29
CA LEU E 80 57.50 22.03 64.90
C LEU E 80 58.85 21.37 64.81
N ARG E 81 58.92 20.28 64.06
CA ARG E 81 60.17 19.57 63.80
C ARG E 81 60.33 19.45 62.30
N LEU E 82 61.55 19.63 61.81
CA LEU E 82 61.87 19.35 60.42
C LEU E 82 63.05 18.39 60.38
N THR E 83 63.42 17.98 59.17
CA THR E 83 64.57 17.11 58.96
C THR E 83 65.17 17.42 57.60
N GLY E 84 66.45 17.78 57.58
CA GLY E 84 67.15 18.03 56.33
C GLY E 84 66.80 19.34 55.66
N VAL E 85 66.95 20.45 56.39
CA VAL E 85 66.65 21.76 55.82
C VAL E 85 67.73 22.16 54.84
N THR E 86 67.35 22.42 53.60
CA THR E 86 68.29 22.90 52.61
C THR E 86 68.16 24.40 52.48
N ALA E 87 68.80 24.97 51.46
CA ALA E 87 68.84 26.42 51.28
C ALA E 87 67.48 27.02 50.92
N ALA E 88 66.52 26.20 50.48
CA ALA E 88 65.25 26.72 50.01
C ALA E 88 64.36 27.22 51.14
N ASP E 89 64.62 26.79 52.38
CA ASP E 89 63.71 27.10 53.48
C ASP E 89 64.09 28.36 54.24
N SER E 90 64.87 29.25 53.65
CA SER E 90 65.21 30.53 54.28
C SER E 90 63.97 31.43 54.24
N ALA E 91 63.33 31.60 55.39
CA ALA E 91 62.07 32.35 55.44
C ALA E 91 61.81 32.77 56.88
N ILE E 92 60.79 33.60 57.05
CA ILE E 92 60.29 33.89 58.38
C ILE E 92 59.07 33.01 58.62
N TYR E 93 58.87 32.63 59.87
CA TYR E 93 57.88 31.64 60.23
C TYR E 93 56.87 32.20 61.21
N TYR E 94 55.69 31.58 61.21
CA TYR E 94 54.52 32.07 61.93
C TYR E 94 53.71 30.90 62.44
N CYS E 95 53.35 30.91 63.73
CA CYS E 95 52.29 30.05 64.20
C CYS E 95 51.01 30.86 64.31
N ALA E 96 49.87 30.17 64.25
CA ALA E 96 48.58 30.85 64.30
C ALA E 96 47.51 29.85 64.74
N THR E 97 46.36 30.40 65.10
CA THR E 97 45.15 29.62 65.30
C THR E 97 44.24 29.79 64.09
N THR E 98 43.22 28.93 64.00
CA THR E 98 42.30 29.10 62.88
C THR E 98 40.88 28.72 63.25
N LYS E 99 39.95 29.26 62.49
CA LYS E 99 38.52 28.99 62.63
C LYS E 99 38.01 28.39 61.34
N HIS E 100 37.25 27.31 61.46
CA HIS E 100 36.80 26.56 60.30
C HIS E 100 35.31 26.81 60.04
N GLY E 101 34.77 26.12 59.04
CA GLY E 101 33.40 26.33 58.63
C GLY E 101 32.90 25.50 57.46
N ARG E 102 31.59 25.55 57.20
CA ARG E 102 30.95 24.76 56.17
C ARG E 102 30.50 25.64 55.01
N ARG E 103 30.77 25.18 53.80
CA ARG E 103 30.15 25.74 52.59
C ARG E 103 29.28 24.66 51.96
N ILE E 104 28.03 24.98 51.70
CA ILE E 104 27.02 24.03 51.28
C ILE E 104 26.42 24.55 49.99
N TYR E 105 26.43 23.72 48.94
CA TYR E 105 25.87 24.13 47.66
C TYR E 105 24.68 23.27 47.25
N GLY E 106 24.83 21.96 47.20
CA GLY E 106 23.79 21.09 46.72
C GLY E 106 23.12 20.32 47.83
N VAL E 107 23.03 19.00 47.64
CA VAL E 107 22.40 18.14 48.63
C VAL E 107 23.34 17.96 49.81
N VAL E 108 22.76 17.93 51.01
CA VAL E 108 23.58 17.76 52.20
C VAL E 108 24.00 16.30 52.35
N ALA E 109 23.10 15.38 52.07
CA ALA E 109 23.38 13.98 52.33
C ALA E 109 24.35 13.36 51.34
N PHE E 110 24.52 13.96 50.16
CA PHE E 110 25.38 13.38 49.15
C PHE E 110 26.80 13.95 49.20
N LYS E 111 27.17 14.54 50.33
CA LYS E 111 28.47 15.21 50.54
C LYS E 111 28.74 16.27 49.48
N GLU E 112 27.72 17.03 49.09
CA GLU E 112 27.93 18.14 48.15
C GLU E 112 28.16 19.44 48.92
N TRP E 113 29.21 19.41 49.73
CA TRP E 113 29.55 20.49 50.65
C TRP E 113 30.95 20.23 51.18
N PHE E 114 31.63 21.29 51.61
CA PHE E 114 33.00 21.14 52.06
C PHE E 114 33.26 22.07 53.24
N THR E 115 34.48 21.97 53.77
CA THR E 115 34.92 22.80 54.88
C THR E 115 35.97 23.78 54.41
N TYR E 116 36.00 24.94 55.06
CA TYR E 116 37.01 25.95 54.83
C TYR E 116 37.60 26.38 56.16
N PHE E 117 38.71 27.10 56.07
CA PHE E 117 39.45 27.59 57.22
C PHE E 117 39.82 29.04 56.99
N TYR E 118 40.16 29.71 58.09
CA TYR E 118 40.86 30.99 58.00
C TYR E 118 41.59 31.23 59.32
N MET E 119 42.78 31.80 59.23
CA MET E 119 43.60 32.09 60.39
C MET E 119 43.22 33.45 60.95
N ASP E 120 42.61 33.46 62.13
CA ASP E 120 42.09 34.70 62.70
C ASP E 120 43.22 35.56 63.25
N VAL E 121 44.03 35.03 64.15
CA VAL E 121 45.05 35.79 64.83
C VAL E 121 46.41 35.23 64.47
N TRP E 122 47.42 36.10 64.56
CA TRP E 122 48.75 35.81 64.08
C TRP E 122 49.73 35.99 65.24
N GLY E 123 50.92 35.46 65.06
CA GLY E 123 51.99 35.61 66.05
C GLY E 123 52.86 36.80 65.75
N LYS E 124 54.16 36.62 65.92
CA LYS E 124 55.13 37.66 65.63
C LYS E 124 56.06 37.32 64.49
N GLY E 125 56.53 36.07 64.43
CA GLY E 125 57.38 35.65 63.33
C GLY E 125 58.81 35.46 63.75
N THR E 126 59.55 34.64 63.02
CA THR E 126 60.96 34.40 63.31
C THR E 126 61.71 34.24 62.00
N SER E 127 62.80 34.97 61.83
CA SER E 127 63.57 34.96 60.60
C SER E 127 64.58 33.83 60.62
N VAL E 128 64.15 32.65 60.20
CA VAL E 128 65.05 31.50 60.15
C VAL E 128 65.79 31.52 58.82
N THR E 129 67.11 31.61 58.89
CA THR E 129 67.97 31.65 57.71
C THR E 129 68.89 30.44 57.71
N VAL E 130 68.80 29.63 56.68
CA VAL E 130 69.63 28.45 56.51
C VAL E 130 70.95 28.88 55.92
N SER E 131 72.05 28.53 56.57
CA SER E 131 73.36 29.00 56.13
C SER E 131 74.44 28.01 56.54
N SER E 132 75.49 27.96 55.73
CA SER E 132 76.65 27.14 56.05
C SER E 132 77.85 28.00 56.42
N VAL F 5 49.01 50.44 41.88
CA VAL F 5 47.57 50.69 41.84
C VAL F 5 47.24 51.87 42.73
N SER F 6 46.71 52.95 42.15
CA SER F 6 46.60 54.22 42.84
C SER F 6 45.29 54.92 42.51
N VAL F 7 44.62 55.43 43.54
CA VAL F 7 43.48 56.33 43.39
C VAL F 7 43.61 57.47 44.40
N ALA F 8 42.72 58.45 44.27
CA ALA F 8 42.65 59.59 45.17
C ALA F 8 42.16 59.15 46.56
N PRO F 9 42.44 59.92 47.60
CA PRO F 9 41.90 59.58 48.93
C PRO F 9 40.39 59.78 49.00
N GLY F 10 39.77 59.04 49.92
CA GLY F 10 38.33 59.03 50.07
C GLY F 10 37.56 58.29 49.00
N GLN F 11 38.26 57.63 48.08
CA GLN F 11 37.66 57.01 46.91
C GLN F 11 37.54 55.50 47.09
N THR F 12 37.14 54.84 46.02
CA THR F 12 37.05 53.38 45.97
C THR F 12 38.05 52.87 44.95
N ALA F 13 38.79 51.84 45.34
CA ALA F 13 39.71 51.13 44.46
C ALA F 13 39.23 49.71 44.24
N ARG F 14 39.65 49.14 43.11
CA ARG F 14 39.23 47.83 42.66
C ARG F 14 40.44 46.91 42.61
N ILE F 15 40.37 45.80 43.34
CA ILE F 15 41.51 44.92 43.54
C ILE F 15 41.05 43.49 43.27
N THR F 16 41.66 42.86 42.27
CA THR F 16 41.36 41.49 41.91
C THR F 16 42.61 40.62 42.06
N CYS F 17 42.40 39.31 42.21
CA CYS F 17 43.48 38.41 42.54
C CYS F 17 43.08 36.98 42.18
N GLY F 18 43.82 36.37 41.26
CA GLY F 18 43.69 34.95 41.02
C GLY F 18 42.89 34.56 39.79
N GLU F 19 42.64 33.25 39.72
CA GLU F 19 42.04 32.60 38.57
C GLU F 19 40.57 32.99 38.40
N GLU F 20 40.04 32.70 37.22
CA GLU F 20 38.62 32.83 36.99
C GLU F 20 37.85 31.77 37.76
N SER F 21 36.60 32.07 38.08
CA SER F 21 35.80 31.18 38.90
C SER F 21 35.31 29.98 38.08
N LEU F 22 35.23 28.83 38.74
CA LEU F 22 34.74 27.62 38.10
C LEU F 22 33.42 27.15 38.69
N GLY F 23 33.40 26.85 39.98
CA GLY F 23 32.18 26.44 40.64
C GLY F 23 31.83 27.37 41.79
N SER F 24 31.06 26.86 42.75
CA SER F 24 30.80 27.64 43.96
C SER F 24 32.07 27.75 44.77
N ARG F 25 32.40 28.97 45.17
CA ARG F 25 33.68 29.24 45.80
C ARG F 25 33.48 30.01 47.08
N SER F 26 34.48 29.90 47.94
CA SER F 26 34.57 30.69 49.17
C SER F 26 35.90 31.42 49.13
N VAL F 27 35.86 32.74 49.24
CA VAL F 27 37.06 33.55 49.14
C VAL F 27 37.41 34.04 50.53
N ILE F 28 38.69 34.35 50.71
CA ILE F 28 39.23 34.86 51.97
C ILE F 28 40.19 35.99 51.62
N TRP F 29 40.05 37.12 52.28
CA TRP F 29 40.91 38.28 52.04
C TRP F 29 41.73 38.59 53.28
N TYR F 30 43.05 38.63 53.11
CA TYR F 30 44.00 38.97 54.16
C TYR F 30 44.77 40.22 53.77
N GLN F 31 45.20 40.98 54.77
CA GLN F 31 45.99 42.17 54.54
C GLN F 31 47.24 42.15 55.41
N GLN F 32 48.19 42.99 55.05
CA GLN F 32 49.48 42.99 55.71
C GLN F 32 50.13 44.36 55.59
N ARG F 33 50.36 45.00 56.72
CA ARG F 33 51.16 46.21 56.70
C ARG F 33 52.63 45.85 56.64
N PRO F 34 53.45 46.66 55.97
CA PRO F 34 54.87 46.29 55.78
C PRO F 34 55.64 46.33 57.09
N GLY F 35 56.54 45.37 57.24
CA GLY F 35 57.32 45.22 58.44
C GLY F 35 56.62 44.50 59.57
N GLN F 36 55.30 44.32 59.49
CA GLN F 36 54.50 43.78 60.57
C GLN F 36 53.99 42.38 60.24
N ALA F 37 53.18 41.85 61.14
CA ALA F 37 52.62 40.52 60.99
C ALA F 37 51.44 40.58 60.03
N PRO F 38 51.02 39.45 59.46
CA PRO F 38 49.80 39.45 58.63
C PRO F 38 48.55 39.68 59.48
N SER F 39 47.42 39.80 58.79
CA SER F 39 46.19 40.26 59.45
C SER F 39 44.99 39.89 58.60
N LEU F 40 43.86 39.61 59.26
CA LEU F 40 42.64 39.26 58.54
C LEU F 40 41.86 40.51 58.15
N ILE F 41 41.10 40.41 57.06
CA ILE F 41 40.06 41.37 56.75
C ILE F 41 38.70 40.70 56.57
N ILE F 42 38.58 39.81 55.59
CA ILE F 42 37.28 39.29 55.18
C ILE F 42 37.35 37.77 55.17
N TYR F 43 36.48 37.11 55.94
CA TYR F 43 36.62 35.66 56.12
C TYR F 43 35.70 34.86 55.22
N ASN F 44 34.44 35.23 55.07
CA ASN F 44 33.63 34.64 54.01
C ASN F 44 33.71 35.53 52.79
N ASN F 45 32.79 35.35 51.86
CA ASN F 45 32.83 36.14 50.63
C ASN F 45 32.47 37.60 50.89
N ASN F 46 31.57 37.86 51.82
CA ASN F 46 31.23 39.24 52.15
C ASN F 46 31.04 39.42 53.65
N ASP F 47 31.76 38.64 54.44
CA ASP F 47 31.60 38.69 55.88
C ASP F 47 32.93 38.99 56.53
N ARG F 48 32.88 39.81 57.58
CA ARG F 48 34.06 40.33 58.26
C ARG F 48 33.89 40.09 59.75
N PRO F 49 34.98 39.93 60.49
CA PRO F 49 34.87 39.68 61.92
C PRO F 49 34.54 40.98 62.65
N SER F 50 34.16 40.83 63.91
CA SER F 50 33.84 41.98 64.73
C SER F 50 35.10 42.75 65.09
N GLY F 51 34.95 44.05 65.30
CA GLY F 51 36.08 44.92 65.51
C GLY F 51 36.75 45.39 64.25
N ILE F 52 36.21 45.05 63.09
CA ILE F 52 36.79 45.47 61.82
C ILE F 52 35.78 46.42 61.17
N PRO F 53 36.21 47.45 60.46
CA PRO F 53 35.27 48.42 59.91
C PRO F 53 34.57 47.87 58.66
N ASP F 54 33.57 48.61 58.21
CA ASP F 54 32.87 48.32 56.96
C ASP F 54 33.63 48.92 55.78
N ARG F 55 32.93 49.10 54.66
CA ARG F 55 33.34 49.74 53.40
C ARG F 55 34.31 48.85 52.65
N PHE F 56 34.28 47.54 52.88
CA PHE F 56 35.08 46.58 52.13
C PHE F 56 34.11 45.69 51.37
N SER F 57 33.95 45.95 50.08
CA SER F 57 33.01 45.21 49.27
C SER F 57 33.67 43.98 48.65
N GLY F 58 33.05 42.83 48.85
CA GLY F 58 33.50 41.58 48.28
C GLY F 58 32.53 41.09 47.22
N SER F 59 32.92 40.02 46.57
CA SER F 59 32.07 39.50 45.52
C SER F 59 31.18 38.38 46.04
N PRO F 60 29.97 38.24 45.49
CA PRO F 60 29.18 37.04 45.75
C PRO F 60 29.87 35.81 45.17
N GLY F 61 29.57 34.66 45.76
CA GLY F 61 30.23 33.43 45.36
C GLY F 61 29.50 32.63 44.31
N SER F 62 28.24 32.97 44.04
CA SER F 62 27.42 32.18 43.14
C SER F 62 27.77 32.38 41.67
N THR F 63 28.42 33.49 41.32
CA THR F 63 28.63 33.82 39.93
C THR F 63 29.76 33.00 39.34
N PHE F 64 29.50 32.37 38.20
CA PHE F 64 30.41 31.43 37.57
C PHE F 64 31.15 32.10 36.43
N GLY F 65 32.42 31.76 36.28
CA GLY F 65 33.19 32.34 35.19
C GLY F 65 33.52 33.80 35.40
N THR F 66 33.73 34.22 36.64
CA THR F 66 34.09 35.59 36.97
C THR F 66 35.41 35.60 37.75
N THR F 67 35.86 36.79 38.07
CA THR F 67 37.09 36.96 38.85
C THR F 67 36.74 37.61 40.18
N ALA F 68 37.38 37.15 41.24
CA ALA F 68 37.13 37.70 42.56
C ALA F 68 37.69 39.11 42.66
N THR F 69 36.86 40.05 43.11
CA THR F 69 37.26 41.44 43.25
C THR F 69 37.33 41.81 44.72
N LEU F 70 37.79 43.02 44.98
CA LEU F 70 37.78 43.60 46.32
C LEU F 70 37.76 45.11 46.16
N THR F 71 36.68 45.74 46.60
CA THR F 71 36.49 47.18 46.44
C THR F 71 36.65 47.88 47.78
N ILE F 72 37.58 48.82 47.85
CA ILE F 72 37.84 49.60 49.06
C ILE F 72 37.26 50.99 48.87
N THR F 73 36.36 51.38 49.75
CA THR F 73 35.72 52.69 49.70
C THR F 73 36.15 53.49 50.92
N SER F 74 36.23 54.82 50.73
CA SER F 74 36.68 55.79 51.73
C SER F 74 38.08 55.44 52.24
N VAL F 75 39.01 55.47 51.29
CA VAL F 75 40.38 55.04 51.54
C VAL F 75 41.13 56.09 52.34
N GLU F 76 42.30 55.72 52.87
CA GLU F 76 43.15 56.63 53.61
C GLU F 76 44.59 56.14 53.54
N ALA F 77 45.47 56.85 54.25
CA ALA F 77 46.89 56.50 54.26
C ALA F 77 47.15 55.24 55.08
N GLY F 78 46.36 55.01 56.13
CA GLY F 78 46.49 53.79 56.90
C GLY F 78 46.09 52.54 56.15
N ASP F 79 45.36 52.68 55.04
CA ASP F 79 44.95 51.54 54.25
C ASP F 79 46.03 51.00 53.33
N GLU F 80 47.25 51.53 53.40
CA GLU F 80 48.35 51.07 52.55
C GLU F 80 48.85 49.72 53.02
N ALA F 81 48.24 48.65 52.52
CA ALA F 81 48.58 47.32 52.97
C ALA F 81 48.63 46.37 51.78
N ASP F 82 49.63 45.49 51.81
CA ASP F 82 49.73 44.41 50.83
C ASP F 82 48.58 43.45 51.03
N TYR F 83 47.93 43.07 49.94
CA TYR F 83 46.73 42.26 50.02
C TYR F 83 46.99 40.87 49.48
N TYR F 84 46.22 39.92 49.99
CA TYR F 84 46.37 38.54 49.61
C TYR F 84 45.00 37.87 49.54
N CYS F 85 44.72 37.28 48.40
CA CYS F 85 43.49 36.51 48.24
C CYS F 85 43.77 35.05 48.57
N HIS F 86 42.70 34.34 48.89
CA HIS F 86 42.80 32.93 49.16
C HIS F 86 41.48 32.32 48.71
N ILE F 87 41.50 31.62 47.59
CA ILE F 87 40.28 31.10 47.02
C ILE F 87 40.13 29.64 47.37
N TRP F 88 38.89 29.21 47.48
CA TRP F 88 38.57 27.80 47.68
C TRP F 88 37.44 27.49 46.71
N ASP F 89 37.73 26.68 45.69
CA ASP F 89 36.72 26.27 44.73
C ASP F 89 36.24 24.87 45.08
N SER F 90 35.01 24.56 44.69
CA SER F 90 34.48 23.21 44.79
C SER F 90 34.82 22.36 43.59
N ARG F 91 35.74 22.76 42.72
CA ARG F 91 36.12 21.89 41.62
C ARG F 91 37.63 21.71 41.58
N ARG F 92 38.37 22.68 42.04
CA ARG F 92 39.82 22.61 42.04
C ARG F 92 40.33 22.10 43.37
N PRO F 93 41.54 21.55 43.42
CA PRO F 93 42.07 21.08 44.71
C PRO F 93 42.50 22.21 45.63
N THR F 94 43.04 21.84 46.79
CA THR F 94 43.28 22.79 47.86
C THR F 94 44.57 23.57 47.61
N ASN F 95 44.47 24.89 47.58
CA ASN F 95 45.63 25.73 47.34
C ASN F 95 46.39 25.92 48.64
N TRP F 96 47.56 25.30 48.75
CA TRP F 96 48.38 25.43 49.94
C TRP F 96 49.28 26.65 49.91
N VAL F 97 49.21 27.46 48.87
CA VAL F 97 49.95 28.71 48.81
C VAL F 97 48.95 29.84 48.60
N PHE F 98 49.37 31.05 48.90
CA PHE F 98 48.48 32.20 48.77
C PHE F 98 48.60 32.82 47.39
N GLY F 99 47.66 33.73 47.10
CA GLY F 99 47.63 34.37 45.81
C GLY F 99 48.68 35.45 45.70
N GLU F 100 48.65 36.14 44.57
CA GLU F 100 49.64 37.14 44.28
C GLU F 100 49.30 38.45 44.97
N GLY F 101 50.31 39.08 45.54
CA GLY F 101 50.09 40.33 46.24
C GLY F 101 49.79 41.46 45.28
N THR F 102 48.90 42.35 45.70
CA THR F 102 48.53 43.54 44.94
C THR F 102 48.73 44.73 45.87
N THR F 103 49.90 45.34 45.82
CA THR F 103 50.21 46.44 46.72
C THR F 103 49.46 47.70 46.30
N LEU F 104 48.91 48.39 47.29
CA LEU F 104 48.20 49.64 47.06
C LEU F 104 49.15 50.80 47.30
N ILE F 105 49.08 51.82 46.45
CA ILE F 105 49.86 53.04 46.59
C ILE F 105 48.87 54.18 46.67
N VAL F 106 48.66 54.70 47.86
CA VAL F 106 47.57 55.64 48.10
C VAL F 106 48.00 57.05 47.71
N LEU F 107 47.01 57.91 47.50
CA LEU F 107 47.24 59.32 47.30
C LEU F 107 46.77 60.06 48.54
N GLN G 1 12.26 -29.03 18.02
CA GLN G 1 12.18 -29.70 19.31
C GLN G 1 12.88 -28.89 20.39
N VAL G 2 12.51 -29.16 21.63
CA VAL G 2 13.05 -28.45 22.77
C VAL G 2 14.16 -29.29 23.37
N GLN G 3 15.28 -28.66 23.70
CA GLN G 3 16.39 -29.39 24.29
C GLN G 3 17.05 -28.57 25.37
N LEU G 4 17.35 -29.22 26.48
CA LEU G 4 18.13 -28.65 27.58
C LEU G 4 19.36 -29.51 27.82
N VAL G 5 20.45 -28.89 28.24
CA VAL G 5 21.68 -29.60 28.55
C VAL G 5 22.21 -29.05 29.87
N GLN G 6 22.47 -29.95 30.83
CA GLN G 6 23.07 -29.59 32.09
C GLN G 6 24.56 -29.90 32.06
N SER G 7 25.22 -29.66 33.18
CA SER G 7 26.65 -29.84 33.29
C SER G 7 26.98 -31.17 33.94
N GLY G 8 28.27 -31.44 34.07
CA GLY G 8 28.73 -32.69 34.66
C GLY G 8 28.64 -32.71 36.16
N ALA G 9 28.76 -33.90 36.72
CA ALA G 9 28.62 -34.10 38.16
C ALA G 9 29.82 -33.52 38.90
N VAL G 10 29.65 -33.35 40.22
CA VAL G 10 30.65 -32.63 40.98
C VAL G 10 30.60 -33.05 42.46
N ILE G 11 31.79 -33.13 43.04
CA ILE G 11 31.97 -33.33 44.48
C ILE G 11 32.67 -32.10 45.00
N LYS G 12 32.20 -31.58 46.12
CA LYS G 12 32.75 -30.35 46.66
C LYS G 12 33.02 -30.48 48.15
N THR G 13 33.97 -29.70 48.61
CA THR G 13 34.26 -29.57 50.02
C THR G 13 33.16 -28.76 50.68
N PRO G 14 32.96 -28.90 51.99
CA PRO G 14 31.96 -28.07 52.66
C PRO G 14 32.39 -26.62 52.73
N GLY G 15 31.41 -25.73 52.66
CA GLY G 15 31.70 -24.32 52.62
C GLY G 15 32.29 -23.84 51.32
N SER G 16 31.83 -24.38 50.19
CA SER G 16 32.36 -24.03 48.89
C SER G 16 31.28 -23.35 48.06
N SER G 17 31.60 -23.10 46.79
CA SER G 17 30.68 -22.46 45.85
C SER G 17 30.59 -23.28 44.59
N VAL G 18 29.40 -23.34 44.00
CA VAL G 18 29.17 -24.18 42.83
C VAL G 18 28.37 -23.39 41.81
N LYS G 19 28.81 -23.44 40.56
CA LYS G 19 28.14 -22.74 39.47
C LYS G 19 27.75 -23.75 38.40
N ILE G 20 26.47 -23.78 38.07
CA ILE G 20 25.88 -24.79 37.19
C ILE G 20 25.28 -24.11 35.99
N SER G 21 25.68 -24.53 34.80
CA SER G 21 25.10 -24.00 33.58
C SER G 21 23.94 -24.86 33.13
N CYS G 22 22.98 -24.22 32.46
CA CYS G 22 21.85 -24.90 31.85
C CYS G 22 21.69 -24.27 30.47
N ARG G 23 22.03 -25.02 29.43
CA ARG G 23 22.04 -24.49 28.08
C ARG G 23 20.77 -24.91 27.35
N ALA G 24 20.10 -23.96 26.75
CA ALA G 24 18.82 -24.20 26.11
C ALA G 24 18.92 -24.00 24.62
N SER G 25 18.31 -24.91 23.87
CA SER G 25 18.34 -24.82 22.41
C SER G 25 17.07 -25.38 21.83
N GLY G 26 16.58 -24.72 20.78
CA GLY G 26 15.45 -25.20 20.04
C GLY G 26 14.22 -24.33 20.07
N TYR G 27 14.28 -23.17 20.71
CA TYR G 27 13.14 -22.27 20.76
C TYR G 27 13.65 -20.87 21.03
N ASN G 28 12.77 -19.90 20.84
CA ASN G 28 13.12 -18.50 21.08
C ASN G 28 13.31 -18.26 22.57
N PHE G 29 14.53 -17.98 23.00
CA PHE G 29 14.84 -17.93 24.42
C PHE G 29 14.24 -16.73 25.11
N ARG G 30 13.92 -15.68 24.39
CA ARG G 30 13.47 -14.46 25.03
C ARG G 30 12.01 -14.51 25.48
N ASP G 31 11.35 -15.67 25.49
CA ASP G 31 9.92 -15.70 25.71
C ASP G 31 9.44 -16.64 26.78
N TYR G 32 10.33 -17.31 27.51
CA TYR G 32 9.89 -18.34 28.44
C TYR G 32 10.68 -18.27 29.73
N SER G 33 10.01 -18.61 30.82
CA SER G 33 10.67 -18.68 32.10
C SER G 33 11.57 -19.90 32.15
N ILE G 34 12.44 -19.92 33.16
CA ILE G 34 13.28 -21.07 33.45
C ILE G 34 13.21 -21.29 34.95
N HIS G 35 12.91 -22.51 35.37
CA HIS G 35 12.85 -22.76 36.80
C HIS G 35 13.97 -23.71 37.22
N TRP G 36 14.43 -23.55 38.46
CA TRP G 36 15.40 -24.44 39.07
C TRP G 36 14.77 -25.17 40.24
N VAL G 37 15.00 -26.48 40.30
CA VAL G 37 14.41 -27.36 41.30
C VAL G 37 15.44 -28.40 41.73
N ARG G 38 15.24 -28.94 42.92
CA ARG G 38 16.17 -29.87 43.55
C ARG G 38 15.44 -31.13 43.98
N LEU G 39 16.20 -32.21 44.17
CA LEU G 39 15.65 -33.50 44.57
C LEU G 39 16.64 -34.18 45.51
N ILE G 40 16.24 -34.33 46.77
CA ILE G 40 17.04 -35.00 47.79
C ILE G 40 16.41 -36.36 48.04
N PRO G 41 17.20 -37.40 48.35
CA PRO G 41 16.61 -38.65 48.84
C PRO G 41 15.91 -38.43 50.17
N ASP G 42 14.77 -39.14 50.32
CA ASP G 42 13.88 -39.06 51.48
C ASP G 42 13.33 -37.66 51.70
N LYS G 43 13.17 -36.89 50.63
CA LYS G 43 12.64 -35.55 50.76
C LYS G 43 11.59 -35.20 49.72
N GLY G 44 11.52 -35.92 48.62
CA GLY G 44 10.66 -35.47 47.55
C GLY G 44 11.25 -34.24 46.88
N PHE G 45 10.40 -33.55 46.15
CA PHE G 45 10.88 -32.39 45.43
C PHE G 45 10.79 -31.14 46.30
N GLU G 46 11.54 -30.13 45.91
CA GLU G 46 11.61 -28.89 46.67
C GLU G 46 11.99 -27.78 45.71
N TRP G 47 11.11 -26.80 45.55
CA TRP G 47 11.27 -25.79 44.53
C TRP G 47 12.29 -24.75 44.95
N ILE G 48 13.15 -24.34 44.02
CA ILE G 48 14.10 -23.31 44.38
C ILE G 48 13.65 -21.98 43.84
N GLY G 49 13.62 -21.83 42.52
CA GLY G 49 13.45 -20.46 42.06
C GLY G 49 13.17 -20.36 40.58
N TRP G 50 12.87 -19.14 40.14
CA TRP G 50 12.50 -18.96 38.75
C TRP G 50 13.06 -17.65 38.21
N ILE G 51 13.34 -17.64 36.91
CA ILE G 51 14.00 -16.50 36.28
C ILE G 51 13.42 -16.29 34.88
N LYS G 52 13.08 -15.03 34.61
CA LYS G 52 12.69 -14.59 33.28
C LYS G 52 13.87 -13.90 32.63
N PRO G 53 14.28 -14.31 31.43
CA PRO G 53 15.54 -13.83 30.88
C PRO G 53 15.45 -12.57 30.05
N LEU G 54 14.24 -12.02 29.85
CA LEU G 54 14.10 -10.83 29.04
C LEU G 54 14.73 -9.63 29.73
N TRP G 55 14.66 -9.57 31.05
CA TRP G 55 15.45 -8.62 31.80
C TRP G 55 16.18 -9.32 32.94
N GLY G 56 16.14 -10.63 33.00
CA GLY G 56 16.79 -11.33 34.09
C GLY G 56 16.10 -11.15 35.41
N ALA G 57 14.78 -11.01 35.42
CA ALA G 57 14.06 -10.83 36.67
C ALA G 57 13.95 -12.17 37.37
N VAL G 58 14.42 -12.25 38.60
CA VAL G 58 14.49 -13.51 39.29
C VAL G 58 13.58 -13.47 40.51
N SER G 59 13.35 -14.65 41.08
CA SER G 59 12.80 -14.77 42.41
C SER G 59 13.24 -16.09 43.01
N TYR G 60 13.59 -16.04 44.29
CA TYR G 60 14.11 -17.18 45.03
C TYR G 60 13.12 -17.59 46.09
N ALA G 61 13.25 -18.81 46.59
CA ALA G 61 12.40 -19.25 47.68
C ALA G 61 12.80 -18.56 48.98
N ARG G 62 11.93 -18.65 49.99
CA ARG G 62 12.18 -17.91 51.21
C ARG G 62 13.20 -18.60 52.10
N GLN G 63 13.13 -19.91 52.21
CA GLN G 63 14.04 -20.61 53.11
C GLN G 63 15.43 -20.81 52.53
N LEU G 64 15.67 -20.31 51.33
CA LEU G 64 16.98 -20.42 50.70
C LEU G 64 17.55 -19.06 50.32
N GLN G 65 17.02 -17.99 50.89
CA GLN G 65 17.44 -16.66 50.48
C GLN G 65 18.81 -16.33 51.04
N GLY G 66 19.51 -15.47 50.31
CA GLY G 66 20.85 -15.08 50.71
C GLY G 66 21.93 -16.07 50.37
N ARG G 67 21.60 -17.18 49.73
CA ARG G 67 22.59 -18.20 49.43
C ARG G 67 22.59 -18.65 47.98
N VAL G 68 21.95 -17.92 47.08
CA VAL G 68 21.81 -18.37 45.71
C VAL G 68 21.76 -17.16 44.79
N SER G 69 22.11 -17.38 43.53
CA SER G 69 22.06 -16.30 42.54
C SER G 69 21.88 -16.86 41.14
N MET G 70 20.99 -16.25 40.37
CA MET G 70 20.69 -16.71 39.02
C MET G 70 20.98 -15.61 38.02
N THR G 71 21.80 -15.91 37.02
CA THR G 71 22.08 -14.97 35.94
C THR G 71 21.73 -15.62 34.62
N ARG G 72 21.81 -14.83 33.56
CA ARG G 72 21.55 -15.36 32.23
C ARG G 72 22.49 -14.72 31.22
N GLN G 73 22.62 -15.36 30.07
CA GLN G 73 23.30 -14.80 28.92
C GLN G 73 22.49 -15.10 27.68
N LEU G 74 22.08 -14.06 26.98
CA LEU G 74 21.30 -14.19 25.76
C LEU G 74 22.22 -14.43 24.58
N SER G 75 21.61 -14.52 23.40
CA SER G 75 22.32 -14.68 22.15
C SER G 75 22.11 -13.42 21.33
N GLN G 76 23.20 -12.77 20.95
CA GLN G 76 23.14 -11.49 20.27
C GLN G 76 23.83 -11.60 18.91
N ASP G 77 23.05 -11.97 17.90
CA ASP G 77 23.40 -11.99 16.48
C ASP G 77 22.13 -12.30 15.72
N PRO G 78 21.97 -11.81 14.48
CA PRO G 78 20.78 -12.16 13.70
C PRO G 78 20.86 -13.50 12.99
N ASP G 79 21.80 -14.36 13.37
CA ASP G 79 21.95 -15.66 12.74
C ASP G 79 21.25 -16.76 13.53
N ASP G 80 21.58 -16.89 14.82
CA ASP G 80 20.99 -17.92 15.68
C ASP G 80 20.34 -17.24 16.87
N PRO G 81 19.12 -16.72 16.70
CA PRO G 81 18.47 -15.99 17.77
C PRO G 81 17.78 -16.86 18.80
N ASP G 82 18.06 -18.17 18.85
CA ASP G 82 17.27 -19.03 19.70
C ASP G 82 17.98 -19.51 20.95
N TRP G 83 19.25 -19.89 20.87
CA TRP G 83 19.91 -20.55 21.99
C TRP G 83 20.17 -19.57 23.13
N GLY G 84 20.32 -20.12 24.34
CA GLY G 84 20.54 -19.27 25.50
C GLY G 84 21.17 -20.02 26.64
N VAL G 85 21.74 -19.27 27.59
CA VAL G 85 22.44 -19.89 28.71
C VAL G 85 21.89 -19.34 30.01
N ALA G 86 21.51 -20.22 30.93
CA ALA G 86 21.18 -19.83 32.29
C ALA G 86 22.28 -20.29 33.23
N TYR G 87 22.56 -19.50 34.25
CA TYR G 87 23.60 -19.81 35.21
C TYR G 87 23.00 -19.78 36.60
N MET G 88 23.14 -20.87 37.33
CA MET G 88 22.81 -20.89 38.74
C MET G 88 24.08 -20.91 39.55
N GLU G 89 24.05 -20.27 40.71
CA GLU G 89 25.24 -20.20 41.55
C GLU G 89 24.81 -20.34 42.99
N PHE G 90 25.52 -21.20 43.72
CA PHE G 90 25.10 -21.64 45.03
C PHE G 90 26.29 -21.55 45.97
N SER G 91 26.11 -20.85 47.09
CA SER G 91 27.16 -20.61 48.05
C SER G 91 26.71 -21.07 49.43
N GLY G 92 27.68 -21.19 50.33
CA GLY G 92 27.41 -21.66 51.68
C GLY G 92 26.99 -23.12 51.69
N LEU G 93 27.89 -24.00 51.24
CA LEU G 93 27.54 -25.39 51.04
C LEU G 93 27.59 -26.16 52.34
N THR G 94 26.56 -26.97 52.58
CA THR G 94 26.42 -27.84 53.73
C THR G 94 26.43 -29.30 53.29
N PRO G 95 26.68 -30.25 54.20
CA PRO G 95 26.57 -31.66 53.80
C PRO G 95 25.15 -32.11 53.49
N ALA G 96 24.13 -31.34 53.89
CA ALA G 96 22.77 -31.73 53.60
C ALA G 96 22.38 -31.48 52.15
N ASP G 97 23.25 -30.87 51.36
CA ASP G 97 22.97 -30.56 49.96
C ASP G 97 23.20 -31.72 49.02
N THR G 98 23.41 -32.93 49.53
CA THR G 98 23.63 -34.09 48.68
C THR G 98 22.38 -34.42 47.89
N ALA G 99 22.37 -34.10 46.59
CA ALA G 99 21.09 -34.11 45.90
C ALA G 99 21.31 -34.19 44.39
N GLU G 100 20.23 -34.02 43.65
CA GLU G 100 20.32 -33.86 42.20
C GLU G 100 19.50 -32.64 41.79
N TYR G 101 20.07 -31.83 40.90
CA TYR G 101 19.49 -30.57 40.50
C TYR G 101 19.00 -30.63 39.06
N PHE G 102 17.93 -29.89 38.79
CA PHE G 102 17.26 -29.89 37.50
C PHE G 102 16.82 -28.48 37.11
N CYS G 103 16.97 -28.15 35.83
CA CYS G 103 16.41 -26.91 35.28
C CYS G 103 15.31 -27.29 34.30
N VAL G 104 14.16 -26.63 34.41
CA VAL G 104 12.97 -27.04 33.67
C VAL G 104 12.35 -25.85 32.94
N ARG G 105 11.57 -26.18 31.91
CA ARG G 105 10.75 -25.24 31.17
C ARG G 105 9.33 -25.77 31.09
N ARG G 106 8.36 -24.86 31.15
CA ARG G 106 6.96 -25.24 31.21
C ARG G 106 6.46 -25.66 29.84
N GLY G 107 5.23 -26.17 29.83
CA GLY G 107 4.56 -26.47 28.59
C GLY G 107 4.08 -25.22 27.89
N SER G 108 3.81 -25.35 26.59
CA SER G 108 3.53 -24.21 25.73
C SER G 108 2.13 -24.28 25.12
N CYS G 109 1.14 -24.64 25.92
CA CYS G 109 -0.22 -24.70 25.41
C CYS G 109 -1.01 -23.47 25.88
N ASP G 110 -2.31 -23.46 25.58
CA ASP G 110 -3.15 -22.34 25.97
C ASP G 110 -3.45 -22.34 27.45
N TYR G 111 -4.03 -23.43 27.95
CA TYR G 111 -4.30 -23.56 29.37
C TYR G 111 -3.10 -24.04 30.16
N CYS G 112 -1.93 -24.06 29.55
CA CYS G 112 -0.70 -24.28 30.28
C CYS G 112 -0.50 -23.16 31.29
N GLY G 113 -0.29 -23.52 32.54
CA GLY G 113 -0.03 -22.50 33.53
C GLY G 113 1.43 -22.13 33.53
N ASP G 114 2.04 -22.11 34.68
CA ASP G 114 3.48 -21.87 34.74
C ASP G 114 4.23 -22.98 35.42
N PHE G 115 3.69 -23.52 36.48
CA PHE G 115 4.29 -24.61 37.22
C PHE G 115 4.25 -26.00 36.58
N PRO G 116 3.28 -26.38 35.70
CA PRO G 116 3.41 -27.69 35.04
C PRO G 116 4.55 -27.77 34.05
N TRP G 117 5.76 -28.03 34.54
CA TRP G 117 6.96 -28.00 33.72
C TRP G 117 7.00 -29.19 32.78
N GLN G 118 7.11 -28.93 31.49
CA GLN G 118 7.14 -30.00 30.50
C GLN G 118 8.55 -30.55 30.29
N TYR G 119 9.48 -29.70 29.88
CA TYR G 119 10.78 -30.18 29.44
C TYR G 119 11.81 -30.06 30.54
N TRP G 120 12.66 -31.08 30.65
CA TRP G 120 13.59 -31.23 31.77
C TRP G 120 14.99 -31.41 31.25
N CYS G 121 15.96 -31.15 32.10
CA CYS G 121 17.35 -31.49 31.81
C CYS G 121 17.65 -32.88 32.33
N GLN G 122 18.86 -33.36 32.07
CA GLN G 122 19.22 -34.72 32.47
C GLN G 122 19.73 -34.80 33.90
N GLY G 123 19.75 -33.69 34.63
CA GLY G 123 20.03 -33.76 36.04
C GLY G 123 21.49 -33.84 36.40
N THR G 124 21.91 -33.05 37.38
CA THR G 124 23.29 -33.06 37.83
C THR G 124 23.33 -33.46 39.30
N VAL G 125 24.07 -34.50 39.60
CA VAL G 125 24.19 -35.00 40.97
C VAL G 125 25.30 -34.23 41.65
N VAL G 126 25.04 -33.76 42.86
CA VAL G 126 25.99 -32.95 43.61
C VAL G 126 26.23 -33.60 44.95
N VAL G 127 27.49 -33.89 45.26
CA VAL G 127 27.86 -34.50 46.54
C VAL G 127 28.80 -33.55 47.27
N VAL G 128 28.49 -33.27 48.53
CA VAL G 128 29.29 -32.39 49.37
C VAL G 128 29.96 -33.21 50.44
N SER G 129 31.29 -33.21 50.45
CA SER G 129 32.09 -33.82 51.52
C SER G 129 33.50 -33.27 51.56
N GLU H 1 0.71 -22.36 54.39
CA GLU H 1 1.18 -23.00 53.17
C GLU H 1 0.36 -24.24 52.85
N ILE H 2 0.11 -24.47 51.56
CA ILE H 2 -0.73 -25.56 51.11
C ILE H 2 0.08 -26.84 51.21
N VAL H 3 -0.44 -27.81 51.94
CA VAL H 3 0.21 -29.10 52.10
C VAL H 3 -0.68 -30.16 51.47
N LEU H 4 -0.07 -31.03 50.67
CA LEU H 4 -0.77 -32.12 50.02
C LEU H 4 -0.60 -33.40 50.80
N THR H 5 -1.64 -34.22 50.82
CA THR H 5 -1.60 -35.52 51.48
C THR H 5 -1.83 -36.61 50.44
N GLN H 6 -0.98 -37.62 50.46
CA GLN H 6 -1.01 -38.72 49.51
C GLN H 6 -1.62 -39.95 50.17
N SER H 7 -2.41 -40.70 49.41
CA SER H 7 -3.20 -41.82 49.90
C SER H 7 -3.06 -42.97 48.91
N PRO H 8 -3.58 -44.15 49.24
CA PRO H 8 -2.76 -45.23 49.80
C PRO H 8 -1.26 -45.20 49.55
N GLY H 9 -0.79 -45.04 48.33
CA GLY H 9 0.65 -44.99 48.21
C GLY H 9 1.27 -46.34 47.91
N ILE H 10 1.69 -47.05 48.94
CA ILE H 10 2.32 -48.36 48.75
C ILE H 10 1.24 -49.34 48.30
N LEU H 11 1.29 -49.71 47.02
CA LEU H 11 0.20 -50.44 46.38
C LEU H 11 0.78 -51.48 45.46
N SER H 12 0.57 -52.75 45.78
CA SER H 12 1.14 -53.87 45.02
C SER H 12 0.01 -54.61 44.32
N LEU H 13 0.13 -54.74 43.00
CA LEU H 13 -0.91 -55.36 42.19
C LEU H 13 -0.28 -56.10 41.01
N SER H 14 -1.12 -56.83 40.32
CA SER H 14 -0.81 -57.64 39.15
C SER H 14 -1.10 -56.86 37.86
N PRO H 15 -0.52 -57.27 36.73
CA PRO H 15 -0.83 -56.60 35.47
C PRO H 15 -2.28 -56.78 35.03
N GLY H 16 -2.67 -55.99 34.04
CA GLY H 16 -3.97 -56.10 33.42
C GLY H 16 -5.14 -55.52 34.20
N GLU H 17 -4.92 -55.03 35.42
CA GLU H 17 -5.98 -54.52 36.25
C GLU H 17 -6.09 -53.00 36.14
N THR H 18 -6.90 -52.40 37.01
CA THR H 18 -6.95 -50.97 37.18
C THR H 18 -6.54 -50.60 38.60
N ALA H 19 -6.00 -49.40 38.76
CA ALA H 19 -5.58 -48.89 40.06
C ALA H 19 -5.88 -47.41 40.17
N THR H 20 -5.86 -46.90 41.40
CA THR H 20 -6.26 -45.53 41.67
C THR H 20 -5.56 -45.04 42.94
N LEU H 21 -4.84 -43.92 42.82
CA LEU H 21 -4.18 -43.29 43.95
C LEU H 21 -4.94 -42.03 44.35
N PHE H 22 -4.81 -41.64 45.61
CA PHE H 22 -5.68 -40.57 46.11
C PHE H 22 -4.83 -39.43 46.64
N CYS H 23 -5.32 -38.20 46.49
CA CYS H 23 -4.63 -37.07 47.09
C CYS H 23 -5.65 -36.05 47.58
N LYS H 24 -5.26 -35.35 48.64
CA LYS H 24 -6.17 -34.42 49.29
C LYS H 24 -5.41 -33.16 49.68
N ALA H 25 -6.00 -32.01 49.39
CA ALA H 25 -5.35 -30.74 49.62
C ALA H 25 -5.84 -30.10 50.91
N SER H 26 -5.04 -29.18 51.43
CA SER H 26 -5.43 -28.40 52.59
C SER H 26 -6.20 -27.14 52.20
N GLN H 27 -6.19 -26.78 50.92
CA GLN H 27 -6.91 -25.61 50.42
C GLN H 27 -7.53 -25.93 49.08
N GLY H 28 -8.85 -25.81 49.00
CA GLY H 28 -9.52 -26.08 47.74
C GLY H 28 -9.45 -24.89 46.79
N GLY H 29 -9.96 -25.11 45.59
CA GLY H 29 -10.10 -24.08 44.60
C GLY H 29 -9.12 -24.16 43.45
N ASN H 30 -7.98 -24.81 43.63
CA ASN H 30 -6.95 -24.80 42.62
C ASN H 30 -6.99 -26.08 41.78
N ALA H 31 -6.08 -26.17 40.82
CA ALA H 31 -6.04 -27.28 39.89
C ALA H 31 -5.07 -28.35 40.40
N MET H 32 -4.79 -29.35 39.58
CA MET H 32 -4.03 -30.50 40.04
C MET H 32 -3.14 -30.99 38.92
N THR H 33 -2.06 -31.66 39.31
CA THR H 33 -1.01 -32.09 38.39
C THR H 33 -0.48 -33.44 38.85
N TRP H 34 -0.24 -34.34 37.89
CA TRP H 34 0.29 -35.66 38.17
C TRP H 34 1.54 -35.94 37.36
N TYR H 35 2.56 -36.47 38.05
CA TYR H 35 3.91 -36.69 37.54
C TYR H 35 4.30 -38.16 37.73
N GLN H 36 4.95 -38.73 36.72
CA GLN H 36 5.48 -40.08 36.79
C GLN H 36 7.00 -40.06 36.79
N LYS H 37 7.62 -40.79 37.71
CA LYS H 37 9.06 -40.98 37.73
C LYS H 37 9.35 -42.47 37.73
N ARG H 38 10.12 -42.92 36.74
CA ARG H 38 10.59 -44.29 36.70
C ARG H 38 11.97 -44.39 37.33
N ARG H 39 12.52 -45.60 37.32
CA ARG H 39 13.76 -45.87 38.04
C ARG H 39 14.95 -45.34 37.25
N GLY H 40 15.75 -44.48 37.88
CA GLY H 40 16.97 -43.98 37.29
C GLY H 40 16.78 -43.16 36.04
N GLN H 41 15.62 -42.53 35.89
CA GLN H 41 15.34 -41.77 34.67
C GLN H 41 14.87 -40.37 35.00
N VAL H 42 14.41 -39.66 33.98
CA VAL H 42 13.94 -38.29 34.16
C VAL H 42 12.43 -38.33 34.30
N PRO H 43 11.85 -37.61 35.26
CA PRO H 43 10.40 -37.56 35.40
C PRO H 43 9.71 -36.95 34.19
N ARG H 44 8.40 -37.15 34.15
CA ARG H 44 7.64 -36.98 32.93
C ARG H 44 6.24 -36.51 33.31
N LEU H 45 5.66 -35.62 32.50
CA LEU H 45 4.39 -35.00 32.83
C LEU H 45 3.24 -35.85 32.31
N LEU H 46 2.30 -36.17 33.21
CA LEU H 46 1.09 -36.88 32.83
C LEU H 46 -0.11 -35.96 32.76
N ILE H 47 -0.44 -35.31 33.87
CA ILE H 47 -1.72 -34.61 33.98
C ILE H 47 -1.50 -33.18 34.43
N TYR H 48 -1.94 -32.23 33.61
CA TYR H 48 -2.03 -30.84 34.01
C TYR H 48 -3.47 -30.37 33.86
N ASP H 49 -3.82 -29.36 34.66
CA ASP H 49 -5.17 -28.79 34.75
C ASP H 49 -6.21 -29.84 35.08
N THR H 50 -5.81 -30.85 35.86
CA THR H 50 -6.64 -31.83 36.56
C THR H 50 -7.34 -32.81 35.62
N SER H 51 -7.36 -32.55 34.32
CA SER H 51 -7.94 -33.51 33.40
C SER H 51 -7.22 -33.61 32.06
N ARG H 52 -6.23 -32.77 31.78
CA ARG H 52 -5.66 -32.72 30.43
C ARG H 52 -4.37 -33.52 30.36
N ARG H 53 -4.17 -34.16 29.22
CA ARG H 53 -3.02 -35.03 29.02
C ARG H 53 -1.97 -34.34 28.17
N ALA H 54 -0.70 -34.69 28.40
CA ALA H 54 0.41 -34.09 27.69
C ALA H 54 0.66 -34.82 26.39
N SER H 55 1.78 -34.53 25.75
CA SER H 55 2.19 -35.28 24.58
C SER H 55 2.75 -36.63 24.98
N GLY H 56 2.61 -37.61 24.08
CA GLY H 56 3.09 -38.95 24.35
C GLY H 56 2.37 -39.63 25.48
N VAL H 57 1.08 -39.37 25.63
CA VAL H 57 0.29 -39.87 26.75
C VAL H 57 -0.86 -40.69 26.20
N PRO H 58 -0.89 -42.00 26.46
CA PRO H 58 -2.10 -42.76 26.17
C PRO H 58 -3.18 -42.41 27.17
N ASP H 59 -4.44 -42.44 26.70
CA ASP H 59 -5.53 -41.93 27.49
C ASP H 59 -5.99 -42.88 28.59
N ARG H 60 -5.33 -44.02 28.77
CA ARG H 60 -5.68 -44.93 29.86
C ARG H 60 -5.31 -44.36 31.23
N PHE H 61 -4.51 -43.30 31.28
CA PHE H 61 -4.34 -42.51 32.49
C PHE H 61 -5.46 -41.47 32.53
N VAL H 62 -6.28 -41.52 33.57
CA VAL H 62 -7.37 -40.57 33.71
C VAL H 62 -7.31 -39.98 35.10
N GLY H 63 -7.18 -38.66 35.17
CA GLY H 63 -7.27 -37.95 36.43
C GLY H 63 -8.66 -37.39 36.59
N SER H 64 -9.09 -37.27 37.84
CA SER H 64 -10.41 -36.74 38.13
C SER H 64 -10.42 -36.24 39.57
N GLY H 65 -11.56 -35.75 40.00
CA GLY H 65 -11.72 -35.21 41.34
C GLY H 65 -12.22 -33.78 41.30
N SER H 66 -12.51 -33.29 42.51
CA SER H 66 -13.01 -31.94 42.66
C SER H 66 -12.74 -31.45 44.06
N GLY H 67 -12.87 -30.14 44.23
CA GLY H 67 -12.64 -29.48 45.50
C GLY H 67 -11.22 -29.67 45.99
N THR H 68 -11.07 -30.51 47.01
CA THR H 68 -9.77 -30.87 47.54
C THR H 68 -9.36 -32.28 47.20
N ASP H 69 -10.29 -33.13 46.76
CA ASP H 69 -10.03 -34.56 46.63
C ASP H 69 -9.83 -34.90 45.16
N PHE H 70 -8.69 -35.50 44.83
CA PHE H 70 -8.40 -35.88 43.46
C PHE H 70 -7.91 -37.32 43.39
N PHE H 71 -8.41 -38.02 42.39
CA PHE H 71 -8.05 -39.41 42.13
C PHE H 71 -7.29 -39.51 40.83
N LEU H 72 -6.28 -40.36 40.80
CA LEU H 72 -5.62 -40.73 39.56
C LEU H 72 -5.86 -42.20 39.31
N THR H 73 -6.43 -42.52 38.15
CA THR H 73 -6.88 -43.86 37.83
C THR H 73 -6.25 -44.34 36.53
N ILE H 74 -5.55 -45.46 36.61
CA ILE H 74 -4.98 -46.09 35.42
C ILE H 74 -5.74 -47.39 35.22
N ASN H 75 -6.33 -47.55 34.04
CA ASN H 75 -6.86 -48.84 33.67
C ASN H 75 -5.87 -49.57 32.79
N LYS H 76 -5.98 -50.91 32.79
CA LYS H 76 -5.23 -51.81 31.93
C LYS H 76 -3.72 -51.68 32.14
N LEU H 77 -3.30 -52.08 33.34
CA LEU H 77 -1.93 -51.88 33.79
C LEU H 77 -0.94 -52.68 32.96
N ASP H 78 0.18 -52.03 32.62
CA ASP H 78 1.24 -52.64 31.86
C ASP H 78 2.52 -52.70 32.70
N ARG H 79 3.54 -53.36 32.15
CA ARG H 79 4.81 -53.49 32.84
C ARG H 79 5.54 -52.17 32.99
N GLU H 80 5.49 -51.31 31.97
CA GLU H 80 6.14 -50.01 32.06
C GLU H 80 5.42 -49.06 32.99
N ASP H 81 4.19 -49.36 33.38
CA ASP H 81 3.43 -48.45 34.22
C ASP H 81 3.80 -48.56 35.69
N PHE H 82 4.57 -49.56 36.08
CA PHE H 82 5.01 -49.69 37.46
C PHE H 82 6.09 -48.65 37.74
N ALA H 83 5.75 -47.60 38.48
CA ALA H 83 6.67 -46.49 38.71
C ALA H 83 6.25 -45.77 39.98
N VAL H 84 6.89 -44.63 40.24
CA VAL H 84 6.61 -43.77 41.37
C VAL H 84 5.82 -42.57 40.87
N TYR H 85 4.84 -42.12 41.64
CA TYR H 85 3.93 -41.08 41.16
C TYR H 85 3.85 -39.95 42.16
N TYR H 86 3.68 -38.74 41.65
CA TYR H 86 3.63 -37.54 42.48
C TYR H 86 2.44 -36.67 42.11
N CYS H 87 1.79 -36.14 43.14
CA CYS H 87 0.77 -35.11 42.99
C CYS H 87 1.42 -33.75 43.13
N GLN H 88 0.80 -32.74 42.53
CA GLN H 88 1.35 -31.40 42.48
C GLN H 88 0.22 -30.39 42.31
N GLN H 89 -0.07 -29.66 43.37
CA GLN H 89 -0.44 -28.25 43.31
C GLN H 89 0.90 -27.58 43.50
N PHE H 90 0.92 -26.25 43.60
CA PHE H 90 1.93 -25.19 43.25
C PHE H 90 3.38 -25.59 43.54
N GLU H 91 4.27 -24.63 43.80
CA GLU H 91 5.64 -24.95 44.24
C GLU H 91 5.72 -26.01 45.34
N PHE H 92 4.69 -26.15 46.18
CA PHE H 92 4.55 -27.29 47.11
C PHE H 92 4.51 -28.66 46.42
N PHE H 93 4.75 -29.73 47.17
CA PHE H 93 4.73 -31.06 46.58
C PHE H 93 4.27 -32.09 47.59
N GLY H 94 3.77 -33.21 47.06
CA GLY H 94 3.40 -34.33 47.91
C GLY H 94 4.51 -35.34 48.01
N LEU H 95 4.34 -36.30 48.92
CA LEU H 95 5.43 -37.22 49.22
C LEU H 95 5.59 -38.32 48.19
N GLY H 96 4.50 -38.81 47.61
CA GLY H 96 4.56 -39.78 46.54
C GLY H 96 3.80 -41.05 46.84
N SER H 97 3.83 -41.95 45.86
CA SER H 97 3.19 -43.25 45.94
C SER H 97 4.09 -44.29 45.29
N GLU H 98 3.78 -45.56 45.50
CA GLU H 98 4.62 -46.64 44.98
C GLU H 98 3.78 -47.71 44.32
N LEU H 99 4.06 -48.00 43.06
CA LEU H 99 3.37 -49.05 42.33
C LEU H 99 4.32 -50.21 42.12
N GLU H 100 3.96 -51.38 42.66
CA GLU H 100 4.83 -52.54 42.67
C GLU H 100 4.08 -53.75 42.12
N VAL H 101 4.84 -54.67 41.52
CA VAL H 101 4.24 -55.82 40.85
C VAL H 101 3.90 -56.88 41.88
N HIS H 102 2.64 -57.30 41.91
CA HIS H 102 2.24 -58.42 42.75
C HIS H 102 1.57 -59.52 41.93
N VAL I 2 -45.56 -53.71 -9.47
CA VAL I 2 -44.20 -53.32 -9.82
C VAL I 2 -43.22 -54.34 -9.29
N GLN I 3 -42.84 -55.30 -10.13
CA GLN I 3 -41.81 -56.26 -9.80
C GLN I 3 -40.73 -56.23 -10.86
N LEU I 4 -39.51 -56.55 -10.44
CA LEU I 4 -38.33 -56.40 -11.29
C LEU I 4 -37.60 -57.73 -11.40
N GLN I 5 -37.25 -58.09 -12.63
CA GLN I 5 -36.61 -59.37 -12.85
C GLN I 5 -35.53 -59.22 -13.91
N GLU I 6 -34.60 -60.16 -13.93
CA GLU I 6 -33.37 -60.03 -14.69
C GLU I 6 -33.26 -61.14 -15.71
N SER I 7 -32.58 -60.84 -16.82
CA SER I 7 -32.45 -61.78 -17.92
C SER I 7 -31.13 -61.53 -18.65
N GLY I 8 -30.46 -62.62 -19.03
CA GLY I 8 -29.22 -62.53 -19.76
C GLY I 8 -28.36 -63.76 -19.60
N PRO I 9 -27.29 -63.85 -20.39
CA PRO I 9 -26.35 -64.97 -20.26
C PRO I 9 -25.52 -64.83 -18.99
N GLY I 10 -25.32 -65.95 -18.29
CA GLY I 10 -24.50 -65.94 -17.09
C GLY I 10 -23.01 -65.97 -17.34
N LEU I 11 -22.60 -66.36 -18.54
CA LEU I 11 -21.19 -66.49 -18.89
C LEU I 11 -20.86 -65.60 -20.07
N VAL I 12 -19.80 -64.80 -19.93
CA VAL I 12 -19.35 -63.92 -20.99
C VAL I 12 -17.88 -64.24 -21.29
N LYS I 13 -17.55 -64.28 -22.56
CA LYS I 13 -16.18 -64.43 -23.02
C LYS I 13 -15.41 -63.12 -22.78
N PRO I 14 -14.11 -63.20 -22.57
CA PRO I 14 -13.32 -61.97 -22.40
C PRO I 14 -13.26 -61.16 -23.67
N SER I 15 -13.12 -59.84 -23.48
CA SER I 15 -13.07 -58.79 -24.50
C SER I 15 -14.37 -58.66 -25.28
N GLU I 16 -15.46 -59.27 -24.82
CA GLU I 16 -16.73 -59.22 -25.53
C GLU I 16 -17.73 -58.35 -24.77
N THR I 17 -18.98 -58.35 -25.23
CA THR I 17 -19.99 -57.42 -24.74
C THR I 17 -21.09 -58.19 -24.02
N LEU I 18 -21.18 -57.98 -22.71
CA LEU I 18 -22.29 -58.49 -21.93
C LEU I 18 -23.53 -57.63 -22.17
N SER I 19 -24.69 -58.27 -22.28
CA SER I 19 -25.96 -57.58 -22.42
C SER I 19 -26.95 -58.10 -21.39
N LEU I 20 -27.75 -57.21 -20.83
CA LEU I 20 -28.74 -57.56 -19.82
C LEU I 20 -30.09 -56.92 -20.14
N THR I 21 -31.14 -57.67 -19.85
CA THR I 21 -32.53 -57.21 -20.01
C THR I 21 -33.26 -57.30 -18.68
N CYS I 22 -33.78 -56.16 -18.23
CA CYS I 22 -34.53 -56.07 -16.97
C CYS I 22 -36.01 -55.92 -17.32
N GLY I 23 -36.81 -56.91 -16.90
CA GLY I 23 -38.23 -56.92 -17.16
C GLY I 23 -39.01 -56.45 -15.95
N VAL I 24 -39.95 -55.55 -16.19
CA VAL I 24 -40.70 -54.87 -15.15
C VAL I 24 -42.18 -55.20 -15.31
N SER I 25 -42.83 -55.51 -14.18
CA SER I 25 -44.25 -55.79 -14.13
C SER I 25 -44.95 -54.79 -13.22
N GLY I 26 -46.25 -54.62 -13.45
CA GLY I 26 -47.08 -53.83 -12.58
C GLY I 26 -46.98 -52.33 -12.75
N GLY I 27 -46.21 -51.85 -13.73
CA GLY I 27 -46.09 -50.41 -13.92
C GLY I 27 -45.47 -50.10 -15.26
N SER I 28 -45.56 -48.82 -15.63
CA SER I 28 -44.95 -48.32 -16.85
C SER I 28 -43.52 -47.89 -16.59
N ILE I 29 -42.71 -47.93 -17.65
CA ILE I 29 -41.34 -47.45 -17.51
C ILE I 29 -41.25 -45.94 -17.69
N SER I 30 -42.31 -45.32 -18.21
CA SER I 30 -42.30 -43.89 -18.47
C SER I 30 -42.59 -43.04 -17.25
N ASP I 31 -42.83 -43.66 -16.10
CA ASP I 31 -43.23 -42.93 -14.90
C ASP I 31 -42.08 -42.11 -14.35
N ALA I 32 -42.41 -41.11 -13.54
CA ALA I 32 -41.42 -40.16 -13.02
C ALA I 32 -40.62 -40.80 -11.89
N TYR I 33 -39.69 -41.68 -12.30
CA TYR I 33 -38.86 -42.42 -11.36
C TYR I 33 -37.50 -42.68 -12.00
N TYR I 34 -36.52 -42.94 -11.15
CA TYR I 34 -35.18 -43.34 -11.57
C TYR I 34 -35.13 -44.86 -11.64
N TRP I 35 -34.41 -45.38 -12.63
CA TRP I 35 -34.17 -46.81 -12.77
C TRP I 35 -32.66 -47.02 -12.82
N SER I 36 -32.16 -47.87 -11.94
CA SER I 36 -30.72 -47.99 -11.75
C SER I 36 -30.25 -49.44 -11.82
N TRP I 37 -29.00 -49.62 -12.22
CA TRP I 37 -28.32 -50.91 -12.20
C TRP I 37 -27.31 -50.93 -11.06
N ILE I 38 -27.32 -52.00 -10.27
CA ILE I 38 -26.35 -52.18 -9.20
C ILE I 38 -25.67 -53.53 -9.39
N ARG I 39 -24.35 -53.58 -9.27
CA ARG I 39 -23.64 -54.85 -9.28
C ARG I 39 -22.93 -55.06 -7.94
N GLN I 40 -22.70 -56.33 -7.65
CA GLN I 40 -22.07 -56.77 -6.41
C GLN I 40 -20.99 -57.79 -6.74
N SER I 41 -19.75 -57.45 -6.43
CA SER I 41 -18.60 -58.30 -6.65
C SER I 41 -18.54 -59.39 -5.59
N PRO I 42 -17.72 -60.43 -5.80
CA PRO I 42 -17.36 -61.30 -4.68
C PRO I 42 -16.62 -60.53 -3.60
N GLY I 43 -16.84 -60.94 -2.36
CA GLY I 43 -16.45 -60.13 -1.22
C GLY I 43 -17.46 -59.06 -0.88
N LYS I 44 -18.62 -59.06 -1.55
CA LYS I 44 -19.74 -58.14 -1.30
C LYS I 44 -19.34 -56.69 -1.44
N ARG I 45 -18.48 -56.39 -2.40
CA ARG I 45 -18.18 -55.01 -2.74
C ARG I 45 -19.31 -54.47 -3.59
N LEU I 46 -20.04 -53.50 -3.04
CA LEU I 46 -21.18 -52.91 -3.73
C LEU I 46 -20.72 -51.72 -4.54
N GLU I 47 -21.22 -51.63 -5.77
CA GLU I 47 -20.74 -50.64 -6.72
C GLU I 47 -21.90 -50.21 -7.60
N TRP I 48 -22.15 -48.90 -7.62
CA TRP I 48 -23.18 -48.35 -8.48
C TRP I 48 -22.67 -48.28 -9.90
N ILE I 49 -23.55 -48.55 -10.86
CA ILE I 49 -23.22 -48.50 -12.27
C ILE I 49 -23.81 -47.26 -12.93
N GLY I 50 -25.12 -47.13 -12.93
CA GLY I 50 -25.75 -46.10 -13.71
C GLY I 50 -27.24 -46.05 -13.43
N TYR I 51 -27.83 -44.93 -13.84
CA TYR I 51 -29.28 -44.81 -13.74
C TYR I 51 -29.81 -43.94 -14.87
N ILE I 52 -31.11 -44.09 -15.12
CA ILE I 52 -31.81 -43.37 -16.17
C ILE I 52 -33.20 -42.98 -15.64
N PHE I 53 -33.60 -41.74 -15.88
CA PHE I 53 -34.89 -41.24 -15.44
C PHE I 53 -35.98 -41.83 -16.31
N GLY I 54 -37.14 -42.09 -15.69
CA GLY I 54 -38.19 -42.80 -16.39
C GLY I 54 -38.89 -42.01 -17.48
N SER I 55 -39.05 -40.69 -17.30
CA SER I 55 -39.91 -39.93 -18.20
C SER I 55 -39.24 -39.67 -19.54
N ASN I 56 -38.17 -38.89 -19.55
CA ASN I 56 -37.57 -38.50 -20.81
C ASN I 56 -36.40 -39.37 -21.19
N GLY I 57 -35.83 -40.09 -20.22
CA GLY I 57 -34.74 -41.00 -20.49
C GLY I 57 -33.36 -40.46 -20.21
N GLY I 58 -33.24 -39.44 -19.36
CA GLY I 58 -31.94 -38.82 -19.13
C GLY I 58 -31.05 -39.73 -18.30
N THR I 59 -29.78 -39.82 -18.68
CA THR I 59 -28.89 -40.85 -18.20
C THR I 59 -27.81 -40.23 -17.32
N ARG I 60 -27.29 -41.02 -16.38
CA ARG I 60 -26.08 -40.67 -15.67
C ARG I 60 -25.37 -41.94 -15.24
N TYR I 61 -24.12 -42.08 -15.64
CA TYR I 61 -23.34 -43.28 -15.38
C TYR I 61 -22.28 -43.00 -14.32
N ASN I 62 -21.62 -44.06 -13.88
CA ASN I 62 -20.36 -43.87 -13.19
C ASN I 62 -19.35 -43.38 -14.21
N PRO I 63 -18.62 -42.31 -13.94
CA PRO I 63 -17.61 -41.85 -14.89
C PRO I 63 -16.46 -42.81 -15.05
N SER I 64 -16.10 -43.54 -13.99
CA SER I 64 -14.91 -44.38 -14.00
C SER I 64 -15.02 -45.59 -14.94
N LEU I 65 -16.23 -45.90 -15.41
CA LEU I 65 -16.41 -46.92 -16.44
C LEU I 65 -17.05 -46.34 -17.69
N ARG I 66 -17.09 -45.00 -17.79
CA ARG I 66 -17.97 -44.28 -18.71
C ARG I 66 -17.73 -44.65 -20.17
N SER I 67 -16.53 -45.12 -20.49
CA SER I 67 -16.20 -45.47 -21.86
C SER I 67 -16.98 -46.69 -22.34
N ARG I 68 -17.21 -47.66 -21.47
CA ARG I 68 -17.62 -48.97 -21.94
C ARG I 68 -19.05 -49.33 -21.58
N VAL I 69 -19.79 -48.48 -20.89
CA VAL I 69 -21.13 -48.78 -20.41
C VAL I 69 -22.14 -48.02 -21.24
N SER I 70 -23.27 -48.66 -21.52
CA SER I 70 -24.38 -47.99 -22.19
C SER I 70 -25.70 -48.55 -21.66
N ILE I 71 -26.66 -47.66 -21.43
CA ILE I 71 -27.94 -48.00 -20.82
C ILE I 71 -29.04 -47.51 -21.73
N SER I 72 -30.02 -48.36 -22.01
CA SER I 72 -31.16 -47.96 -22.83
C SER I 72 -32.45 -48.41 -22.18
N ILE I 73 -33.55 -47.88 -22.70
CA ILE I 73 -34.89 -48.13 -22.19
C ILE I 73 -35.83 -48.31 -23.38
N ASP I 74 -36.65 -49.35 -23.36
CA ASP I 74 -37.71 -49.47 -24.35
C ASP I 74 -39.05 -49.54 -23.64
N THR I 75 -39.87 -48.51 -23.83
CA THR I 75 -41.19 -48.49 -23.24
C THR I 75 -42.16 -49.45 -23.93
N SER I 76 -41.83 -49.88 -25.14
CA SER I 76 -42.73 -50.75 -25.89
C SER I 76 -42.79 -52.14 -25.28
N LYS I 77 -41.64 -52.67 -24.87
CA LYS I 77 -41.60 -53.96 -24.18
C LYS I 77 -41.61 -53.81 -22.67
N ASN I 78 -41.63 -52.56 -22.16
CA ASN I 78 -41.49 -52.24 -20.74
C ASN I 78 -40.21 -52.87 -20.18
N GLN I 79 -39.09 -52.49 -20.77
CA GLN I 79 -37.84 -53.14 -20.46
C GLN I 79 -36.70 -52.13 -20.31
N LEU I 80 -35.74 -52.53 -19.49
CA LEU I 80 -34.48 -51.84 -19.31
C LEU I 80 -33.37 -52.68 -19.93
N SER I 81 -32.34 -52.02 -20.46
CA SER I 81 -31.27 -52.74 -21.10
C SER I 81 -29.92 -52.17 -20.72
N LEU I 82 -28.97 -53.07 -20.49
CA LEU I 82 -27.60 -52.71 -20.13
C LEU I 82 -26.66 -53.38 -21.12
N LYS I 83 -25.61 -52.65 -21.53
CA LYS I 83 -24.59 -53.19 -22.41
C LYS I 83 -23.21 -52.76 -21.92
N LEU I 84 -22.30 -53.72 -21.80
CA LEU I 84 -20.93 -53.47 -21.34
C LEU I 84 -19.98 -54.15 -22.31
N THR I 85 -19.14 -53.37 -22.97
CA THR I 85 -18.22 -53.90 -23.96
C THR I 85 -16.85 -54.17 -23.35
N SER I 86 -16.19 -55.20 -23.89
CA SER I 86 -14.82 -55.61 -23.56
C SER I 86 -14.65 -55.92 -22.07
N VAL I 87 -15.41 -56.91 -21.63
CA VAL I 87 -15.42 -57.28 -20.22
C VAL I 87 -14.14 -58.02 -19.86
N THR I 88 -13.74 -57.89 -18.61
CA THR I 88 -12.61 -58.64 -18.08
C THR I 88 -12.98 -59.25 -16.73
N ALA I 89 -11.99 -59.80 -16.02
CA ALA I 89 -12.24 -60.64 -14.85
C ALA I 89 -12.80 -59.87 -13.66
N ALA I 90 -12.67 -58.55 -13.64
CA ALA I 90 -13.22 -57.78 -12.53
C ALA I 90 -14.73 -57.65 -12.59
N ASP I 91 -15.36 -57.99 -13.72
CA ASP I 91 -16.77 -57.75 -13.93
C ASP I 91 -17.66 -58.92 -13.53
N THR I 92 -17.08 -59.96 -12.91
CA THR I 92 -17.87 -61.05 -12.36
C THR I 92 -18.71 -60.55 -11.19
N ALA I 93 -20.03 -60.51 -11.36
CA ALA I 93 -20.84 -59.84 -10.35
C ALA I 93 -22.29 -60.30 -10.43
N VAL I 94 -23.03 -59.98 -9.37
CA VAL I 94 -24.47 -60.16 -9.34
C VAL I 94 -25.12 -58.82 -9.65
N TYR I 95 -26.15 -58.83 -10.47
CA TYR I 95 -26.73 -57.61 -11.01
C TYR I 95 -28.21 -57.51 -10.64
N TYR I 96 -28.59 -56.32 -10.15
CA TYR I 96 -29.95 -55.97 -9.79
C TYR I 96 -30.35 -54.72 -10.55
N CYS I 97 -31.64 -54.62 -10.89
CA CYS I 97 -32.21 -53.37 -11.40
C CYS I 97 -33.27 -52.88 -10.44
N VAL I 98 -33.25 -51.58 -10.13
CA VAL I 98 -34.10 -51.03 -9.07
C VAL I 98 -34.84 -49.79 -9.52
N ARG I 99 -36.01 -49.59 -8.92
CA ARG I 99 -36.81 -48.37 -9.03
C ARG I 99 -36.70 -47.61 -7.72
N GLU I 100 -36.78 -46.28 -7.81
CA GLU I 100 -36.38 -45.43 -6.69
C GLU I 100 -37.39 -45.44 -5.55
N GLY I 101 -38.68 -45.52 -5.87
CA GLY I 101 -39.69 -45.49 -4.83
C GLY I 101 -40.45 -44.18 -4.78
N VAL I 102 -41.68 -44.27 -4.30
CA VAL I 102 -42.61 -43.13 -4.34
C VAL I 102 -42.28 -42.15 -3.23
N PRO I 103 -42.27 -40.84 -3.50
CA PRO I 103 -42.02 -39.86 -2.43
C PRO I 103 -43.27 -39.54 -1.62
N THR I 104 -43.73 -40.51 -0.85
CA THR I 104 -44.96 -40.39 -0.09
C THR I 104 -44.69 -40.77 1.37
N GLU I 105 -45.78 -40.91 2.12
CA GLU I 105 -45.66 -41.19 3.55
C GLU I 105 -45.50 -42.67 3.83
N ALA I 106 -46.25 -43.53 3.14
CA ALA I 106 -46.32 -44.93 3.52
C ALA I 106 -45.78 -45.82 2.42
N THR I 107 -44.62 -45.46 1.89
CA THR I 107 -44.02 -46.24 0.83
C THR I 107 -43.48 -47.56 1.36
N THR I 108 -43.28 -48.51 0.45
CA THR I 108 -42.65 -49.77 0.75
C THR I 108 -41.13 -49.67 0.81
N GLY I 109 -40.57 -48.51 0.52
CA GLY I 109 -39.14 -48.38 0.42
C GLY I 109 -38.72 -48.51 -1.02
N ASP I 110 -37.49 -48.95 -1.25
CA ASP I 110 -37.04 -49.14 -2.61
C ASP I 110 -37.60 -50.46 -3.15
N HIS I 111 -37.50 -50.62 -4.46
CA HIS I 111 -38.02 -51.80 -5.13
C HIS I 111 -36.86 -52.51 -5.80
N TRP I 112 -36.56 -53.71 -5.34
CA TRP I 112 -35.37 -54.44 -5.74
C TRP I 112 -35.72 -55.56 -6.71
N GLY I 113 -34.78 -55.88 -7.59
CA GLY I 113 -34.90 -57.04 -8.43
C GLY I 113 -34.39 -58.30 -7.76
N GLN I 114 -34.49 -59.41 -8.48
CA GLN I 114 -34.02 -60.68 -7.94
C GLN I 114 -32.55 -60.92 -8.24
N GLY I 115 -32.12 -60.62 -9.47
CA GLY I 115 -30.72 -60.60 -9.80
C GLY I 115 -30.28 -61.64 -10.81
N VAL I 116 -29.22 -61.32 -11.54
CA VAL I 116 -28.59 -62.27 -12.46
C VAL I 116 -27.11 -62.38 -12.05
N PRO I 117 -26.58 -63.58 -11.87
CA PRO I 117 -25.13 -63.72 -11.68
C PRO I 117 -24.42 -63.86 -13.02
N VAL I 118 -23.39 -63.04 -13.22
CA VAL I 118 -22.70 -62.97 -14.50
C VAL I 118 -21.22 -63.25 -14.26
N THR I 119 -20.68 -64.22 -15.00
CA THR I 119 -19.30 -64.67 -14.90
C THR I 119 -18.56 -64.32 -16.18
N VAL I 120 -17.41 -63.65 -16.04
CA VAL I 120 -16.51 -63.39 -17.15
C VAL I 120 -15.46 -64.48 -17.14
N SER I 121 -15.46 -65.33 -18.17
CA SER I 121 -14.50 -66.42 -18.22
C SER I 121 -14.26 -66.82 -19.67
N SER I 122 -13.10 -67.43 -19.90
CA SER I 122 -12.74 -67.91 -21.23
C SER I 122 -13.17 -69.35 -21.47
N ALA I 123 -13.40 -70.11 -20.40
CA ALA I 123 -13.76 -71.51 -20.53
C ALA I 123 -15.17 -71.66 -21.08
N SER I 124 -15.41 -72.76 -21.78
CA SER I 124 -16.73 -73.02 -22.35
C SER I 124 -17.69 -73.50 -21.29
N THR I 125 -18.98 -73.22 -21.53
CA THR I 125 -20.01 -73.60 -20.58
C THR I 125 -20.25 -75.11 -20.62
N LYS I 126 -21.00 -75.59 -19.63
CA LYS I 126 -21.20 -77.02 -19.48
C LYS I 126 -22.62 -77.30 -19.03
N GLY I 127 -23.27 -78.28 -19.69
CA GLY I 127 -24.49 -78.85 -19.21
C GLY I 127 -24.20 -79.80 -18.05
N PRO I 128 -25.00 -79.73 -16.99
CA PRO I 128 -24.67 -80.43 -15.76
C PRO I 128 -24.86 -81.95 -15.83
N SER I 129 -24.20 -82.62 -14.91
CA SER I 129 -24.46 -84.03 -14.64
C SER I 129 -25.18 -84.14 -13.30
N VAL I 130 -26.45 -84.52 -13.33
CA VAL I 130 -27.26 -84.59 -12.12
C VAL I 130 -27.47 -86.06 -11.79
N PHE I 131 -27.06 -86.46 -10.59
CA PHE I 131 -27.16 -87.82 -10.11
C PHE I 131 -28.07 -87.90 -8.88
N PRO I 132 -28.99 -88.87 -8.85
CA PRO I 132 -29.91 -88.96 -7.70
C PRO I 132 -29.21 -89.54 -6.48
N LEU I 133 -29.06 -88.70 -5.46
CA LEU I 133 -28.55 -89.13 -4.17
C LEU I 133 -29.62 -90.01 -3.55
N ALA I 134 -29.52 -91.31 -3.83
CA ALA I 134 -30.46 -92.29 -3.31
C ALA I 134 -30.20 -92.54 -1.84
N PRO I 135 -31.23 -92.51 -0.99
CA PRO I 135 -31.00 -92.72 0.45
C PRO I 135 -30.70 -94.17 0.75
N SER I 136 -29.55 -94.41 1.37
CA SER I 136 -29.20 -95.73 1.82
C SER I 136 -29.90 -96.03 3.15
N SER I 137 -29.63 -97.23 3.68
CA SER I 137 -30.12 -97.56 5.03
C SER I 137 -29.44 -96.71 6.10
N ARG I 138 -28.22 -96.22 5.81
CA ARG I 138 -27.56 -95.27 6.69
C ARG I 138 -28.07 -93.84 6.47
N SER I 139 -28.96 -93.64 5.50
CA SER I 139 -29.64 -92.36 5.30
C SER I 139 -31.08 -92.33 5.83
N THR I 140 -31.66 -93.50 6.15
CA THR I 140 -33.07 -93.60 6.55
C THR I 140 -33.26 -93.72 8.07
N SER I 141 -32.46 -93.01 8.87
CA SER I 141 -32.53 -93.16 10.32
C SER I 141 -33.80 -92.56 10.90
N GLU I 142 -34.47 -93.33 11.77
CA GLU I 142 -35.67 -93.00 12.56
C GLU I 142 -36.76 -92.29 11.74
N SER I 143 -37.25 -93.02 10.73
CA SER I 143 -38.43 -92.71 9.91
C SER I 143 -38.29 -91.46 9.03
N THR I 144 -37.12 -90.82 9.01
CA THR I 144 -36.86 -89.69 8.13
C THR I 144 -35.62 -90.00 7.30
N ALA I 145 -35.69 -89.67 6.00
CA ALA I 145 -34.59 -89.95 5.10
C ALA I 145 -34.19 -88.69 4.35
N ALA I 146 -32.92 -88.61 3.99
CA ALA I 146 -32.44 -87.57 3.11
C ALA I 146 -32.26 -88.17 1.72
N LEU I 147 -32.95 -87.59 0.74
CA LEU I 147 -32.79 -88.02 -0.64
C LEU I 147 -32.58 -86.78 -1.49
N GLY I 148 -31.59 -86.82 -2.37
CA GLY I 148 -31.26 -85.59 -3.05
C GLY I 148 -30.78 -85.74 -4.47
N CYS I 149 -30.07 -84.73 -4.95
CA CYS I 149 -29.42 -84.74 -6.25
C CYS I 149 -28.10 -84.01 -6.15
N LEU I 150 -27.05 -84.63 -6.68
CA LEU I 150 -25.76 -83.96 -6.88
C LEU I 150 -25.75 -83.40 -8.29
N VAL I 151 -25.56 -82.09 -8.39
CA VAL I 151 -25.42 -81.42 -9.67
C VAL I 151 -23.92 -81.19 -9.83
N LYS I 152 -23.25 -82.17 -10.43
CA LYS I 152 -21.81 -82.18 -10.58
C LYS I 152 -21.44 -81.68 -11.96
N ASP I 153 -20.40 -80.84 -11.99
CA ASP I 153 -19.74 -80.34 -13.21
C ASP I 153 -20.72 -79.58 -14.09
N TYR I 154 -21.23 -78.48 -13.55
CA TYR I 154 -21.92 -77.51 -14.34
C TYR I 154 -21.11 -76.23 -14.38
N PHE I 155 -21.15 -75.56 -15.53
CA PHE I 155 -20.31 -74.40 -15.66
C PHE I 155 -21.01 -73.42 -16.57
N PRO I 156 -21.21 -72.17 -16.16
CA PRO I 156 -20.97 -71.71 -14.79
C PRO I 156 -22.16 -71.95 -13.87
N GLU I 157 -22.19 -71.22 -12.75
CA GLU I 157 -23.39 -71.14 -11.94
C GLU I 157 -24.50 -70.43 -12.73
N PRO I 158 -25.79 -70.62 -12.35
CA PRO I 158 -26.42 -71.46 -11.34
C PRO I 158 -27.24 -72.62 -11.91
N VAL I 159 -27.69 -73.46 -10.99
CA VAL I 159 -28.68 -74.48 -11.29
C VAL I 159 -29.82 -74.32 -10.30
N THR I 160 -31.04 -74.27 -10.84
CA THR I 160 -32.25 -74.16 -10.04
C THR I 160 -32.77 -75.56 -9.81
N VAL I 161 -33.01 -75.91 -8.55
CA VAL I 161 -33.52 -77.23 -8.20
C VAL I 161 -34.91 -77.08 -7.62
N SER I 162 -35.91 -77.43 -8.41
CA SER I 162 -37.27 -77.62 -7.92
C SER I 162 -37.47 -79.10 -7.64
N TRP I 163 -38.46 -79.41 -6.81
CA TRP I 163 -38.69 -80.78 -6.39
C TRP I 163 -40.13 -81.17 -6.67
N ASN I 164 -40.29 -82.18 -7.54
CA ASN I 164 -41.56 -82.51 -8.18
C ASN I 164 -42.18 -81.28 -8.83
N SER I 165 -41.37 -80.62 -9.67
CA SER I 165 -41.72 -79.39 -10.38
C SER I 165 -42.14 -78.28 -9.41
N GLY I 166 -41.42 -78.19 -8.29
CA GLY I 166 -41.67 -77.16 -7.29
C GLY I 166 -42.88 -77.39 -6.41
N SER I 167 -43.67 -78.43 -6.66
CA SER I 167 -44.87 -78.70 -5.89
C SER I 167 -44.58 -79.12 -4.46
N LEU I 168 -43.37 -79.60 -4.18
CA LEU I 168 -42.94 -79.85 -2.81
C LEU I 168 -41.75 -78.96 -2.52
N THR I 169 -41.89 -78.13 -1.49
CA THR I 169 -40.80 -77.32 -0.98
C THR I 169 -40.49 -77.63 0.47
N SER I 170 -41.32 -78.43 1.14
CA SER I 170 -41.11 -78.76 2.54
C SER I 170 -39.92 -79.70 2.69
N GLY I 171 -39.05 -79.37 3.66
CA GLY I 171 -37.93 -80.23 3.98
C GLY I 171 -36.81 -80.22 2.99
N VAL I 172 -36.81 -79.29 2.05
CA VAL I 172 -35.78 -79.24 1.01
C VAL I 172 -34.70 -78.27 1.46
N HIS I 173 -33.50 -78.47 0.91
CA HIS I 173 -32.36 -77.60 1.17
C HIS I 173 -31.40 -77.74 -0.01
N THR I 174 -31.20 -76.64 -0.73
CA THR I 174 -30.17 -76.57 -1.74
C THR I 174 -28.91 -76.08 -1.05
N PHE I 175 -27.97 -77.00 -0.84
CA PHE I 175 -26.76 -76.72 -0.09
C PHE I 175 -25.83 -75.81 -0.90
N PRO I 176 -24.87 -75.17 -0.24
CA PRO I 176 -23.82 -74.45 -0.99
C PRO I 176 -23.02 -75.37 -1.88
N ALA I 177 -22.86 -74.94 -3.13
CA ALA I 177 -22.06 -75.67 -4.10
C ALA I 177 -20.58 -75.53 -3.78
N VAL I 178 -19.79 -76.46 -4.29
CA VAL I 178 -18.34 -76.42 -4.12
C VAL I 178 -17.70 -75.98 -5.43
N LEU I 179 -16.51 -75.41 -5.33
CA LEU I 179 -15.74 -74.99 -6.49
C LEU I 179 -14.53 -75.91 -6.61
N GLN I 180 -14.57 -76.79 -7.59
CA GLN I 180 -13.57 -77.85 -7.72
C GLN I 180 -12.24 -77.31 -8.25
N SER I 181 -11.22 -78.15 -8.18
CA SER I 181 -9.93 -77.86 -8.79
C SER I 181 -9.99 -77.91 -10.31
N SER I 182 -10.99 -78.59 -10.87
CA SER I 182 -11.24 -78.54 -12.31
C SER I 182 -11.85 -77.22 -12.74
N GLY I 183 -12.34 -76.41 -11.80
CA GLY I 183 -13.04 -75.19 -12.13
C GLY I 183 -14.51 -75.37 -12.37
N LEU I 184 -15.05 -76.56 -12.11
CA LEU I 184 -16.44 -76.87 -12.35
C LEU I 184 -17.19 -76.92 -11.02
N TYR I 185 -18.44 -76.48 -11.05
CA TYR I 185 -19.24 -76.38 -9.84
C TYR I 185 -20.00 -77.68 -9.61
N SER I 186 -20.22 -78.01 -8.35
CA SER I 186 -21.03 -79.15 -7.97
C SER I 186 -21.82 -78.82 -6.72
N LEU I 187 -23.12 -79.06 -6.75
CA LEU I 187 -24.02 -78.65 -5.68
C LEU I 187 -24.75 -79.89 -5.16
N SER I 188 -25.25 -79.79 -3.94
CA SER I 188 -26.11 -80.81 -3.37
C SER I 188 -27.45 -80.18 -3.04
N SER I 189 -28.52 -80.81 -3.51
CA SER I 189 -29.87 -80.39 -3.17
C SER I 189 -30.64 -81.58 -2.63
N VAL I 190 -30.98 -81.53 -1.34
CA VAL I 190 -31.62 -82.65 -0.70
C VAL I 190 -33.03 -82.27 -0.27
N VAL I 191 -33.86 -83.27 -0.09
CA VAL I 191 -35.14 -83.12 0.59
C VAL I 191 -35.23 -84.26 1.60
N THR I 192 -35.63 -83.92 2.82
CA THR I 192 -35.87 -84.89 3.87
C THR I 192 -37.33 -85.32 3.79
N VAL I 193 -37.55 -86.62 3.63
CA VAL I 193 -38.86 -87.20 3.35
C VAL I 193 -39.17 -88.24 4.44
N PRO I 194 -40.39 -88.30 4.96
CA PRO I 194 -40.78 -89.42 5.84
C PRO I 194 -40.73 -90.75 5.10
N SER I 195 -40.47 -91.82 5.86
CA SER I 195 -40.19 -93.13 5.27
C SER I 195 -41.43 -93.77 4.66
N SER I 196 -42.61 -93.51 5.24
CA SER I 196 -43.85 -94.11 4.73
C SER I 196 -44.20 -93.60 3.33
N SER I 197 -43.76 -92.39 2.99
CA SER I 197 -43.95 -91.87 1.64
C SER I 197 -42.92 -92.40 0.65
N LEU I 198 -41.94 -93.18 1.12
CA LEU I 198 -40.88 -93.68 0.23
C LEU I 198 -41.42 -94.69 -0.77
N GLY I 199 -42.45 -95.45 -0.40
CA GLY I 199 -42.98 -96.46 -1.30
C GLY I 199 -44.04 -95.95 -2.26
N THR I 200 -44.59 -94.77 -2.02
CA THR I 200 -45.71 -94.26 -2.80
C THR I 200 -45.34 -93.11 -3.72
N GLN I 201 -44.69 -92.08 -3.21
CA GLN I 201 -44.47 -90.86 -3.98
C GLN I 201 -43.18 -90.93 -4.80
N THR I 202 -43.14 -90.11 -5.85
CA THR I 202 -42.02 -90.05 -6.79
C THR I 202 -41.41 -88.67 -6.75
N TYR I 203 -40.09 -88.59 -6.87
CA TYR I 203 -39.36 -87.35 -6.58
C TYR I 203 -38.38 -87.04 -7.70
N VAL I 204 -38.74 -86.08 -8.56
CA VAL I 204 -37.83 -85.55 -9.57
C VAL I 204 -37.21 -84.27 -9.04
N CYS I 205 -35.89 -84.18 -9.11
CA CYS I 205 -35.23 -82.90 -9.01
C CYS I 205 -35.18 -82.29 -10.41
N ASN I 206 -35.75 -81.09 -10.51
CA ASN I 206 -35.85 -80.35 -11.75
C ASN I 206 -34.75 -79.32 -11.64
N VAL I 207 -33.58 -79.68 -12.17
CA VAL I 207 -32.39 -78.86 -12.11
C VAL I 207 -32.24 -78.15 -13.44
N ASN I 208 -31.95 -76.85 -13.42
CA ASN I 208 -31.85 -76.06 -14.63
C ASN I 208 -30.54 -75.29 -14.63
N HIS I 209 -29.87 -75.27 -15.78
CA HIS I 209 -28.64 -74.53 -15.99
C HIS I 209 -28.86 -73.59 -17.18
N LYS I 210 -29.14 -72.33 -16.85
CA LYS I 210 -29.39 -71.32 -17.89
C LYS I 210 -28.19 -70.99 -18.80
N PRO I 211 -26.93 -70.87 -18.35
CA PRO I 211 -25.86 -70.55 -19.33
C PRO I 211 -25.62 -71.63 -20.36
N SER I 212 -25.94 -72.89 -20.05
CA SER I 212 -25.94 -73.95 -21.05
C SER I 212 -27.33 -74.23 -21.57
N ASN I 213 -28.34 -73.51 -21.04
CA ASN I 213 -29.72 -73.50 -21.53
C ASN I 213 -30.35 -74.89 -21.50
N THR I 214 -30.05 -75.66 -20.46
CA THR I 214 -30.56 -77.01 -20.35
C THR I 214 -31.33 -77.17 -19.04
N LYS I 215 -32.16 -78.21 -19.00
CA LYS I 215 -32.83 -78.62 -17.78
C LYS I 215 -32.82 -80.14 -17.70
N VAL I 216 -32.33 -80.65 -16.59
CA VAL I 216 -32.29 -82.08 -16.30
C VAL I 216 -33.32 -82.36 -15.22
N ASP I 217 -34.26 -83.25 -15.50
CA ASP I 217 -35.26 -83.66 -14.53
C ASP I 217 -34.91 -85.09 -14.16
N LYS I 218 -34.25 -85.27 -13.03
CA LYS I 218 -33.71 -86.56 -12.61
C LYS I 218 -34.51 -87.07 -11.42
N ARG I 219 -35.07 -88.27 -11.55
CA ARG I 219 -35.88 -88.82 -10.47
C ARG I 219 -34.99 -89.52 -9.45
N VAL I 220 -35.34 -89.38 -8.18
CA VAL I 220 -34.62 -90.00 -7.07
C VAL I 220 -35.43 -91.21 -6.62
N GLU I 221 -34.82 -92.38 -6.73
CA GLU I 221 -35.51 -93.63 -6.46
C GLU I 221 -34.66 -94.51 -5.57
N ILE I 222 -35.31 -95.19 -4.63
CA ILE I 222 -34.65 -96.10 -3.72
C ILE I 222 -34.45 -97.44 -4.41
N LYS I 223 -33.25 -98.02 -4.26
CA LYS I 223 -32.96 -99.35 -4.77
C LYS I 223 -31.89 -99.99 -3.90
N THR I 224 -32.05 -101.28 -3.61
CA THR I 224 -31.04 -102.02 -2.86
C THR I 224 -29.78 -102.19 -3.71
N CYS I 225 -28.74 -101.43 -3.36
CA CYS I 225 -27.44 -101.37 -4.06
C CYS I 225 -27.60 -101.04 -5.55
N GLN J 1 -10.58 -49.42 -2.66
CA GLN J 1 -10.76 -48.21 -1.88
C GLN J 1 -12.23 -47.80 -1.82
N PHE J 2 -12.67 -47.44 -0.62
CA PHE J 2 -13.99 -46.86 -0.39
C PHE J 2 -13.78 -45.50 0.23
N VAL J 3 -14.49 -44.48 -0.29
CA VAL J 3 -14.44 -43.15 0.33
C VAL J 3 -15.28 -43.07 1.59
N LEU J 4 -16.05 -44.09 1.91
CA LEU J 4 -16.84 -44.16 3.13
C LEU J 4 -16.31 -45.31 3.95
N THR J 5 -15.94 -45.03 5.20
CA THR J 5 -15.26 -46.01 6.04
C THR J 5 -16.16 -46.46 7.18
N GLN J 6 -16.17 -47.77 7.40
CA GLN J 6 -16.83 -48.40 8.52
C GLN J 6 -15.88 -49.42 9.13
N PRO J 7 -15.96 -49.65 10.44
CA PRO J 7 -15.35 -50.85 11.02
C PRO J 7 -16.06 -52.09 10.53
N PRO J 8 -15.32 -53.16 10.21
CA PRO J 8 -15.89 -54.22 9.37
C PRO J 8 -16.90 -55.13 10.08
N SER J 9 -16.69 -55.47 11.35
CA SER J 9 -17.55 -56.44 12.01
C SER J 9 -17.86 -55.99 13.42
N MET J 10 -19.03 -56.41 13.93
CA MET J 10 -19.44 -56.10 15.28
C MET J 10 -20.44 -57.14 15.76
N SER J 11 -20.42 -57.42 17.07
CA SER J 11 -21.31 -58.40 17.65
C SER J 11 -21.86 -57.91 18.99
N GLY J 12 -23.06 -58.38 19.33
CA GLY J 12 -23.69 -57.96 20.56
C GLY J 12 -24.79 -58.90 21.00
N ALA J 13 -25.06 -58.87 22.31
CA ALA J 13 -26.08 -59.70 22.96
C ALA J 13 -27.47 -59.30 22.50
N PRO J 14 -28.46 -60.19 22.62
CA PRO J 14 -29.84 -59.79 22.30
C PRO J 14 -30.37 -58.79 23.31
N GLY J 15 -31.13 -57.82 22.80
CA GLY J 15 -31.59 -56.72 23.62
C GLY J 15 -30.62 -55.57 23.73
N GLN J 16 -29.44 -55.69 23.14
CA GLN J 16 -28.44 -54.64 23.27
C GLN J 16 -28.77 -53.45 22.39
N ARG J 17 -28.10 -52.35 22.69
CA ARG J 17 -28.22 -51.11 21.93
C ARG J 17 -26.84 -50.77 21.38
N VAL J 18 -26.70 -50.78 20.06
CA VAL J 18 -25.42 -50.54 19.43
C VAL J 18 -25.54 -49.34 18.50
N THR J 19 -24.39 -48.74 18.19
CA THR J 19 -24.30 -47.65 17.24
C THR J 19 -23.29 -48.02 16.16
N ILE J 20 -23.76 -48.06 14.93
CA ILE J 20 -22.94 -48.30 13.76
C ILE J 20 -22.61 -46.93 13.17
N SER J 21 -21.31 -46.63 13.12
CA SER J 21 -20.82 -45.35 12.60
C SER J 21 -20.30 -45.52 11.18
N CYS J 22 -20.68 -44.57 10.33
CA CYS J 22 -20.21 -44.47 8.96
C CYS J 22 -19.41 -43.19 8.84
N THR J 23 -18.15 -43.29 8.45
CA THR J 23 -17.23 -42.18 8.48
C THR J 23 -16.75 -41.85 7.08
N GLY J 24 -16.98 -40.60 6.66
CA GLY J 24 -16.52 -40.10 5.38
C GLY J 24 -16.02 -38.69 5.52
N THR J 25 -16.03 -37.92 4.43
CA THR J 25 -15.55 -36.55 4.43
C THR J 25 -16.72 -35.58 4.25
N ASN J 26 -16.39 -34.29 4.20
CA ASN J 26 -17.39 -33.27 4.00
C ASN J 26 -17.97 -33.31 2.59
N SER J 27 -17.16 -33.72 1.62
CA SER J 27 -17.51 -33.58 0.21
C SER J 27 -18.66 -34.49 -0.20
N ASN J 28 -18.95 -35.54 0.56
CA ASN J 28 -20.03 -36.46 0.24
C ASN J 28 -21.11 -36.46 1.30
N ILE J 29 -20.74 -36.67 2.56
CA ILE J 29 -21.72 -36.77 3.62
C ILE J 29 -22.25 -35.38 3.99
N GLY J 30 -21.36 -34.40 4.03
CA GLY J 30 -21.67 -33.12 4.66
C GLY J 30 -22.67 -32.26 3.90
N VAL J 31 -23.06 -32.69 2.71
CA VAL J 31 -24.00 -31.89 1.93
C VAL J 31 -25.16 -32.76 1.45
N ASN J 32 -24.97 -34.07 1.43
CA ASN J 32 -25.97 -34.93 0.85
C ASN J 32 -26.75 -35.69 1.90
N TYR J 33 -27.74 -36.45 1.44
CA TYR J 33 -28.44 -37.39 2.26
C TYR J 33 -27.72 -38.73 2.26
N VAL J 34 -27.78 -39.42 3.39
CA VAL J 34 -27.17 -40.74 3.48
C VAL J 34 -28.28 -41.75 3.76
N GLN J 35 -28.07 -42.98 3.30
CA GLN J 35 -29.04 -44.04 3.47
C GLN J 35 -28.38 -45.25 4.12
N TRP J 36 -29.21 -46.02 4.81
CA TRP J 36 -28.78 -47.22 5.49
C TRP J 36 -29.55 -48.39 4.92
N TYR J 37 -28.81 -49.40 4.47
CA TYR J 37 -29.35 -50.57 3.80
C TYR J 37 -28.98 -51.85 4.54
N GLN J 38 -29.83 -52.86 4.39
CA GLN J 38 -29.68 -54.16 5.02
C GLN J 38 -29.79 -55.26 3.98
N GLN J 39 -28.85 -56.22 4.01
CA GLN J 39 -28.97 -57.43 3.21
C GLN J 39 -28.53 -58.64 4.03
N PHE J 40 -29.22 -59.74 3.83
CA PHE J 40 -28.72 -61.03 4.28
C PHE J 40 -27.77 -61.58 3.21
N PRO J 41 -26.93 -62.55 3.58
CA PRO J 41 -26.20 -63.30 2.55
C PRO J 41 -27.14 -64.07 1.64
N GLY J 42 -26.84 -64.04 0.34
CA GLY J 42 -27.72 -64.62 -0.65
C GLY J 42 -29.03 -63.90 -0.85
N THR J 43 -29.13 -62.65 -0.42
CA THR J 43 -30.39 -61.91 -0.41
C THR J 43 -30.20 -60.51 -0.96
N ALA J 44 -31.14 -60.08 -1.80
CA ALA J 44 -31.16 -58.72 -2.29
C ALA J 44 -31.33 -57.74 -1.13
N PRO J 45 -30.74 -56.55 -1.21
CA PRO J 45 -30.74 -55.64 -0.06
C PRO J 45 -32.08 -54.97 0.17
N LYS J 46 -32.24 -54.42 1.36
CA LYS J 46 -33.44 -53.70 1.75
C LYS J 46 -33.08 -52.36 2.35
N LEU J 47 -33.85 -51.33 2.01
CA LEU J 47 -33.67 -50.01 2.62
C LEU J 47 -34.15 -50.03 4.06
N LEU J 48 -33.36 -49.43 4.95
CA LEU J 48 -33.77 -49.22 6.33
C LEU J 48 -34.01 -47.74 6.64
N ILE J 49 -33.02 -46.90 6.36
CA ILE J 49 -33.10 -45.49 6.72
C ILE J 49 -32.87 -44.67 5.46
N TYR J 50 -33.84 -43.81 5.13
CA TYR J 50 -33.67 -42.86 4.05
C TYR J 50 -33.71 -41.46 4.62
N GLU J 51 -32.88 -40.58 4.03
CA GLU J 51 -32.76 -39.17 4.40
C GLU J 51 -32.41 -39.01 5.88
N ASN J 52 -31.52 -39.89 6.33
CA ASN J 52 -30.74 -39.85 7.57
C ASN J 52 -31.54 -40.10 8.84
N TYR J 53 -32.87 -40.08 8.80
CA TYR J 53 -33.61 -40.49 9.99
C TYR J 53 -34.95 -41.16 9.73
N LYS J 54 -35.37 -41.28 8.48
CA LYS J 54 -36.73 -41.71 8.18
C LYS J 54 -36.76 -43.17 7.74
N ARG J 55 -37.84 -43.87 8.11
CA ARG J 55 -38.06 -45.29 7.83
C ARG J 55 -39.31 -45.50 7.00
N PRO J 56 -39.27 -46.34 5.97
CA PRO J 56 -40.49 -46.63 5.21
C PRO J 56 -41.37 -47.62 5.94
N SER J 57 -42.60 -47.74 5.44
CA SER J 57 -43.54 -48.67 6.01
C SER J 57 -43.17 -50.11 5.67
N GLY J 58 -43.42 -51.00 6.62
CA GLY J 58 -42.87 -52.34 6.60
C GLY J 58 -41.68 -52.52 7.52
N ILE J 59 -41.09 -51.42 8.01
CA ILE J 59 -39.93 -51.46 8.88
C ILE J 59 -40.33 -50.92 10.24
N SER J 60 -39.91 -51.62 11.29
CA SER J 60 -40.22 -51.21 12.65
C SER J 60 -39.48 -49.93 13.03
N ASP J 61 -39.94 -49.30 14.11
CA ASP J 61 -39.27 -48.16 14.71
C ASP J 61 -38.17 -48.56 15.68
N ARG J 62 -37.70 -49.81 15.63
CA ARG J 62 -36.68 -50.28 16.55
C ARG J 62 -35.34 -49.60 16.31
N PHE J 63 -35.02 -49.30 15.05
CA PHE J 63 -33.77 -48.63 14.72
C PHE J 63 -33.97 -47.12 14.74
N SER J 64 -32.88 -46.38 14.93
CA SER J 64 -32.90 -44.92 14.84
C SER J 64 -31.69 -44.44 14.05
N GLY J 65 -31.80 -43.25 13.48
CA GLY J 65 -30.73 -42.71 12.67
C GLY J 65 -30.37 -41.26 12.95
N SER J 66 -29.08 -40.94 12.90
CA SER J 66 -28.62 -39.57 13.10
C SER J 66 -27.45 -39.28 12.17
N GLN J 67 -27.19 -37.99 11.96
CA GLN J 67 -26.12 -37.54 11.09
C GLN J 67 -25.52 -36.27 11.67
N SER J 68 -24.20 -36.17 11.63
CA SER J 68 -23.50 -35.01 12.15
C SER J 68 -22.18 -34.85 11.40
N GLY J 69 -22.00 -33.68 10.80
CA GLY J 69 -20.77 -33.35 10.10
C GLY J 69 -20.48 -34.26 8.93
N SER J 70 -19.42 -35.05 9.06
CA SER J 70 -19.05 -36.03 8.06
C SER J 70 -19.25 -37.45 8.55
N SER J 71 -20.12 -37.64 9.54
CA SER J 71 -20.35 -38.96 10.11
C SER J 71 -21.84 -39.22 10.23
N ALA J 72 -22.20 -40.49 10.08
CA ALA J 72 -23.58 -40.93 10.21
C ALA J 72 -23.62 -42.10 11.18
N SER J 73 -24.79 -42.31 11.77
CA SER J 73 -24.88 -43.31 12.82
C SER J 73 -26.27 -43.91 12.83
N LEU J 74 -26.31 -45.23 12.93
CA LEU J 74 -27.54 -45.97 13.18
C LEU J 74 -27.47 -46.57 14.57
N THR J 75 -28.58 -46.56 15.29
CA THR J 75 -28.62 -47.08 16.65
C THR J 75 -29.73 -48.10 16.78
N ILE J 76 -29.36 -49.29 17.24
CA ILE J 76 -30.29 -50.40 17.46
C ILE J 76 -30.54 -50.48 18.96
N THR J 77 -31.78 -50.22 19.36
CA THR J 77 -32.21 -50.35 20.75
C THR J 77 -32.98 -51.66 20.87
N GLY J 78 -32.52 -52.54 21.74
CA GLY J 78 -33.17 -53.83 21.86
C GLY J 78 -32.85 -54.73 20.68
N LEU J 79 -31.61 -55.18 20.62
CA LEU J 79 -31.17 -56.06 19.53
C LEU J 79 -31.91 -57.38 19.54
N GLN J 80 -32.40 -57.78 18.37
CA GLN J 80 -33.06 -59.05 18.19
C GLN J 80 -32.12 -60.00 17.47
N SER J 81 -32.45 -61.29 17.53
CA SER J 81 -31.60 -62.30 16.91
C SER J 81 -31.68 -62.26 15.39
N GLU J 82 -32.74 -61.68 14.83
CA GLU J 82 -32.92 -61.65 13.38
C GLU J 82 -31.89 -60.77 12.69
N ASP J 83 -31.25 -59.86 13.41
CA ASP J 83 -30.43 -58.83 12.79
C ASP J 83 -29.03 -59.29 12.41
N GLU J 84 -28.75 -60.60 12.42
CA GLU J 84 -27.50 -61.10 11.85
C GLU J 84 -27.56 -60.90 10.34
N ALA J 85 -26.87 -59.88 9.85
CA ALA J 85 -26.95 -59.49 8.45
C ALA J 85 -25.72 -58.68 8.13
N ASP J 86 -25.74 -58.02 6.98
CA ASP J 86 -24.72 -57.04 6.60
C ASP J 86 -25.43 -55.73 6.30
N TYR J 87 -24.93 -54.66 6.90
CA TYR J 87 -25.50 -53.34 6.77
C TYR J 87 -24.52 -52.44 6.05
N TYR J 88 -25.05 -51.45 5.34
CA TYR J 88 -24.21 -50.57 4.53
C TYR J 88 -24.72 -49.15 4.65
N CYS J 89 -23.81 -48.19 4.62
CA CYS J 89 -24.17 -46.80 4.39
C CYS J 89 -23.87 -46.43 2.96
N GLN J 90 -24.69 -45.53 2.42
CA GLN J 90 -24.61 -45.17 1.02
C GLN J 90 -24.93 -43.69 0.89
N SER J 91 -24.26 -43.03 -0.05
CA SER J 91 -24.63 -41.65 -0.39
C SER J 91 -24.21 -41.37 -1.82
N TYR J 92 -24.26 -40.10 -2.19
CA TYR J 92 -23.73 -39.61 -3.45
C TYR J 92 -22.57 -38.67 -3.15
N ASP J 93 -21.56 -38.70 -4.01
CA ASP J 93 -20.33 -37.94 -3.82
C ASP J 93 -20.08 -37.07 -5.03
N ILE J 94 -19.67 -35.84 -4.76
CA ILE J 94 -19.47 -34.86 -5.81
C ILE J 94 -18.17 -35.09 -6.53
N SER J 95 -17.10 -35.36 -5.76
CA SER J 95 -15.77 -35.41 -6.32
C SER J 95 -15.58 -36.58 -7.26
N LEU J 96 -16.21 -37.71 -6.97
CA LEU J 96 -16.28 -38.78 -7.94
C LEU J 96 -17.46 -38.63 -8.87
N GLY J 97 -18.41 -37.78 -8.52
CA GLY J 97 -19.61 -37.62 -9.32
C GLY J 97 -20.44 -38.88 -9.37
N ALA J 98 -20.54 -39.60 -8.26
CA ALA J 98 -21.09 -40.94 -8.30
C ALA J 98 -21.68 -41.33 -6.96
N HIS J 99 -22.62 -42.25 -6.98
CA HIS J 99 -23.08 -42.86 -5.74
C HIS J 99 -22.02 -43.79 -5.21
N VAL J 100 -21.86 -43.82 -3.90
CA VAL J 100 -20.86 -44.68 -3.26
C VAL J 100 -21.48 -45.36 -2.06
N PHE J 101 -20.88 -46.50 -1.71
CA PHE J 101 -21.27 -47.33 -0.59
C PHE J 101 -20.18 -47.33 0.46
N GLY J 102 -20.56 -47.78 1.67
CA GLY J 102 -19.63 -47.86 2.77
C GLY J 102 -18.80 -49.15 2.75
N SER J 103 -18.13 -49.39 3.87
CA SER J 103 -17.27 -50.56 3.99
C SER J 103 -18.05 -51.84 4.19
N GLY J 104 -19.26 -51.76 4.72
CA GLY J 104 -20.01 -52.95 5.07
C GLY J 104 -19.76 -53.38 6.49
N THR J 105 -20.83 -53.70 7.21
CA THR J 105 -20.73 -54.07 8.61
C THR J 105 -21.58 -55.30 8.85
N GLU J 106 -20.95 -56.38 9.27
CA GLU J 106 -21.63 -57.64 9.51
C GLU J 106 -22.06 -57.72 10.96
N LEU J 107 -23.36 -57.58 11.19
CA LEU J 107 -23.91 -57.67 12.54
C LEU J 107 -24.24 -59.13 12.84
N THR J 108 -23.42 -59.73 13.69
CA THR J 108 -23.62 -61.09 14.16
C THR J 108 -24.12 -61.04 15.60
N VAL J 109 -25.35 -61.48 15.83
CA VAL J 109 -26.01 -61.30 17.11
C VAL J 109 -25.53 -62.40 18.06
N LEU J 110 -25.07 -62.00 19.24
CA LEU J 110 -24.63 -62.95 20.26
C LEU J 110 -25.82 -63.70 20.84
N GLY J 111 -25.55 -64.61 21.77
CA GLY J 111 -26.60 -65.36 22.43
C GLY J 111 -27.10 -66.55 21.66
N GLN J 112 -26.65 -66.76 20.43
CA GLN J 112 -27.05 -67.93 19.68
C GLN J 112 -26.42 -69.17 20.30
N PRO J 113 -27.21 -70.19 20.64
CA PRO J 113 -26.64 -71.37 21.30
C PRO J 113 -25.89 -72.25 20.32
N LYS J 114 -24.92 -72.98 20.85
CA LYS J 114 -24.13 -73.89 20.05
C LYS J 114 -24.96 -75.09 19.62
N ALA J 115 -25.08 -75.27 18.31
CA ALA J 115 -25.93 -76.31 17.75
C ALA J 115 -25.06 -77.43 17.20
N ALA J 116 -25.30 -78.66 17.69
CA ALA J 116 -24.57 -79.84 17.25
C ALA J 116 -24.99 -80.19 15.82
N PRO J 117 -24.05 -80.60 14.98
CA PRO J 117 -24.32 -80.67 13.54
C PRO J 117 -25.12 -81.89 13.12
N SER J 118 -25.92 -81.71 12.06
CA SER J 118 -26.59 -82.84 11.41
C SER J 118 -25.74 -83.29 10.23
N VAL J 119 -25.46 -84.59 10.15
CA VAL J 119 -24.60 -85.15 9.12
C VAL J 119 -25.41 -86.08 8.23
N THR J 120 -25.07 -86.11 6.95
CA THR J 120 -25.63 -87.06 5.99
C THR J 120 -24.53 -87.49 5.03
N LEU J 121 -24.27 -88.80 4.98
CA LEU J 121 -23.23 -89.38 4.13
C LEU J 121 -23.91 -90.24 3.06
N PHE J 122 -23.92 -89.74 1.82
CA PHE J 122 -24.41 -90.38 0.61
C PHE J 122 -23.29 -91.15 -0.09
N PRO J 123 -23.60 -92.36 -0.51
CA PRO J 123 -22.75 -93.08 -1.45
C PRO J 123 -22.99 -92.60 -2.86
N PRO J 124 -22.13 -92.92 -3.82
CA PRO J 124 -22.45 -92.63 -5.21
C PRO J 124 -23.59 -93.50 -5.71
N SER J 125 -24.31 -92.97 -6.70
CA SER J 125 -25.29 -93.77 -7.41
C SER J 125 -24.60 -94.85 -8.23
N SER J 126 -25.33 -95.95 -8.48
CA SER J 126 -24.80 -96.98 -9.37
C SER J 126 -24.75 -96.50 -10.81
N GLU J 127 -25.53 -95.47 -11.14
CA GLU J 127 -25.33 -94.74 -12.39
C GLU J 127 -23.92 -94.15 -12.45
N GLU J 128 -23.44 -93.58 -11.34
CA GLU J 128 -22.11 -92.99 -11.32
C GLU J 128 -21.03 -94.07 -11.36
N LEU J 129 -21.33 -95.26 -10.84
CA LEU J 129 -20.41 -96.37 -10.99
C LEU J 129 -20.42 -96.91 -12.42
N GLN J 130 -21.56 -96.79 -13.11
CA GLN J 130 -21.60 -97.04 -14.55
C GLN J 130 -20.83 -95.99 -15.32
N ALA J 131 -20.80 -94.76 -14.79
CA ALA J 131 -19.93 -93.70 -15.29
C ALA J 131 -18.50 -93.80 -14.72
N ASN J 132 -18.23 -94.86 -13.96
CA ASN J 132 -16.90 -95.20 -13.43
C ASN J 132 -16.35 -94.12 -12.50
N LYS J 133 -17.24 -93.51 -11.73
CA LYS J 133 -16.89 -92.48 -10.76
C LYS J 133 -17.59 -92.80 -9.44
N ALA J 134 -17.15 -92.13 -8.39
CA ALA J 134 -17.72 -92.35 -7.06
C ALA J 134 -17.66 -91.04 -6.29
N THR J 135 -18.83 -90.45 -6.04
CA THR J 135 -18.95 -89.23 -5.25
C THR J 135 -19.50 -89.60 -3.89
N LEU J 136 -18.77 -89.26 -2.84
CA LEU J 136 -19.22 -89.46 -1.47
C LEU J 136 -19.58 -88.10 -0.87
N VAL J 137 -20.81 -87.97 -0.40
CA VAL J 137 -21.39 -86.67 -0.09
C VAL J 137 -21.57 -86.56 1.42
N CYS J 138 -20.99 -85.54 2.04
CA CYS J 138 -21.13 -85.29 3.46
C CYS J 138 -21.76 -83.93 3.65
N LEU J 139 -23.06 -83.92 3.94
CA LEU J 139 -23.82 -82.70 4.18
C LEU J 139 -23.95 -82.46 5.67
N ILE J 140 -23.54 -81.28 6.11
CA ILE J 140 -23.51 -80.93 7.52
C ILE J 140 -24.37 -79.69 7.68
N SER J 141 -25.56 -79.85 8.26
CA SER J 141 -26.57 -78.81 8.29
C SER J 141 -26.95 -78.45 9.72
N ASP J 142 -27.45 -77.22 9.85
CA ASP J 142 -28.15 -76.71 11.03
C ASP J 142 -27.28 -76.78 12.28
N PHE J 143 -26.15 -76.08 12.22
CA PHE J 143 -25.20 -76.09 13.31
C PHE J 143 -24.72 -74.68 13.60
N TYR J 144 -24.33 -74.47 14.85
CA TYR J 144 -23.79 -73.23 15.36
C TYR J 144 -22.71 -73.66 16.34
N PRO J 145 -21.54 -73.01 16.35
CA PRO J 145 -21.08 -71.93 15.50
C PRO J 145 -20.60 -72.41 14.14
N GLY J 146 -20.12 -71.49 13.31
CA GLY J 146 -19.63 -71.82 11.99
C GLY J 146 -18.19 -72.28 11.93
N ALA J 147 -17.72 -72.96 12.98
CA ALA J 147 -16.38 -73.55 12.98
C ALA J 147 -16.51 -75.07 12.93
N VAL J 148 -16.60 -75.62 11.73
CA VAL J 148 -16.80 -77.06 11.54
C VAL J 148 -15.55 -77.61 10.87
N GLU J 149 -15.30 -78.90 11.10
CA GLU J 149 -14.15 -79.58 10.53
C GLU J 149 -14.63 -80.84 9.84
N VAL J 150 -14.20 -81.03 8.60
CA VAL J 150 -14.51 -82.24 7.83
C VAL J 150 -13.21 -82.99 7.62
N ALA J 151 -13.27 -84.32 7.68
CA ALA J 151 -12.12 -85.14 7.34
C ALA J 151 -12.62 -86.42 6.67
N TRP J 152 -12.12 -86.68 5.47
CA TRP J 152 -12.45 -87.90 4.75
C TRP J 152 -11.41 -88.96 5.08
N LYS J 153 -11.87 -90.20 5.19
CA LYS J 153 -11.02 -91.28 5.66
C LYS J 153 -11.24 -92.55 4.86
N ALA J 154 -10.17 -93.31 4.69
CA ALA J 154 -10.20 -94.63 4.07
C ALA J 154 -10.50 -95.68 5.14
N ASP J 155 -10.25 -96.95 4.80
CA ASP J 155 -10.47 -98.09 5.69
C ASP J 155 -9.73 -97.97 7.01
N GLY J 156 -8.44 -97.63 6.97
CA GLY J 156 -7.71 -97.38 8.19
C GLY J 156 -7.09 -96.00 8.24
N SER J 157 -6.94 -95.38 7.08
CA SER J 157 -6.25 -94.12 6.93
C SER J 157 -7.23 -92.99 6.59
N ALA J 158 -6.70 -91.77 6.55
CA ALA J 158 -7.44 -90.66 5.97
C ALA J 158 -7.24 -90.63 4.45
N VAL J 159 -8.16 -89.95 3.76
CA VAL J 159 -8.00 -89.65 2.34
C VAL J 159 -8.31 -88.17 2.12
N ASN J 160 -7.51 -87.54 1.27
CA ASN J 160 -7.71 -86.14 0.89
C ASN J 160 -7.59 -85.97 -0.61
N ALA J 161 -8.06 -86.96 -1.38
CA ALA J 161 -7.93 -86.95 -2.83
C ALA J 161 -9.32 -87.01 -3.45
N GLY J 162 -9.65 -85.99 -4.25
CA GLY J 162 -11.00 -85.76 -4.68
C GLY J 162 -11.85 -85.01 -3.69
N VAL J 163 -11.25 -84.47 -2.63
CA VAL J 163 -11.98 -83.80 -1.57
C VAL J 163 -12.15 -82.33 -1.92
N GLU J 164 -13.39 -81.87 -1.89
CA GLU J 164 -13.70 -80.46 -1.98
C GLU J 164 -14.73 -80.14 -0.90
N THR J 165 -14.65 -78.94 -0.34
CA THR J 165 -15.43 -78.63 0.87
C THR J 165 -15.96 -77.21 0.83
N THR J 166 -17.28 -77.08 1.01
CA THR J 166 -17.88 -75.78 1.25
C THR J 166 -17.82 -75.43 2.74
N LYS J 167 -17.67 -74.14 3.01
CA LYS J 167 -17.55 -73.67 4.38
C LYS J 167 -18.90 -73.67 5.09
N PRO J 168 -18.92 -73.58 6.41
CA PRO J 168 -20.17 -73.28 7.12
C PRO J 168 -20.78 -71.98 6.66
N SER J 169 -21.91 -72.11 5.95
CA SER J 169 -22.56 -70.98 5.32
C SER J 169 -23.80 -70.65 6.14
N LYS J 170 -23.88 -69.39 6.58
CA LYS J 170 -24.93 -68.98 7.52
C LYS J 170 -26.28 -68.99 6.80
N GLN J 171 -27.12 -69.96 7.17
CA GLN J 171 -28.38 -70.19 6.48
C GLN J 171 -29.48 -69.32 7.10
N SER J 172 -30.73 -69.62 6.73
CA SER J 172 -31.85 -68.73 7.01
C SER J 172 -32.18 -68.65 8.48
N ASN J 173 -31.93 -69.73 9.24
CA ASN J 173 -32.21 -69.76 10.67
C ASN J 173 -31.06 -69.22 11.51
N ASN J 174 -30.13 -68.49 10.88
CA ASN J 174 -28.88 -67.97 11.43
C ASN J 174 -27.94 -69.06 11.94
N LYS J 175 -28.21 -70.33 11.66
CA LYS J 175 -27.27 -71.42 11.90
C LYS J 175 -26.39 -71.56 10.67
N TYR J 176 -25.69 -72.67 10.53
CA TYR J 176 -24.75 -72.82 9.44
C TYR J 176 -25.00 -74.11 8.69
N ALA J 177 -24.59 -74.13 7.42
CA ALA J 177 -24.66 -75.31 6.58
C ALA J 177 -23.37 -75.40 5.76
N ALA J 178 -22.98 -76.63 5.47
CA ALA J 178 -21.72 -76.91 4.78
C ALA J 178 -21.80 -78.28 4.14
N SER J 179 -20.80 -78.58 3.32
CA SER J 179 -20.79 -79.81 2.56
C SER J 179 -19.36 -80.16 2.16
N SER J 180 -19.15 -81.45 1.88
CA SER J 180 -17.87 -81.92 1.34
C SER J 180 -18.10 -83.12 0.43
N TYR J 181 -17.39 -83.14 -0.69
CA TYR J 181 -17.48 -84.22 -1.66
C TYR J 181 -16.13 -84.92 -1.74
N LEU J 182 -16.17 -86.26 -1.80
CA LEU J 182 -15.00 -87.10 -1.98
C LEU J 182 -15.12 -87.78 -3.34
N SER J 183 -14.21 -87.44 -4.25
CA SER J 183 -14.31 -87.81 -5.65
C SER J 183 -13.29 -88.91 -5.97
N LEU J 184 -13.79 -90.09 -6.34
CA LEU J 184 -12.97 -91.25 -6.68
C LEU J 184 -13.46 -91.82 -7.99
N THR J 185 -12.80 -92.86 -8.47
CA THR J 185 -13.38 -93.67 -9.54
C THR J 185 -14.15 -94.83 -8.93
N SER J 186 -14.91 -95.54 -9.77
CA SER J 186 -15.63 -96.72 -9.28
C SER J 186 -14.68 -97.87 -8.98
N ASP J 187 -13.53 -97.92 -9.68
CA ASP J 187 -12.53 -98.94 -9.38
C ASP J 187 -11.82 -98.63 -8.07
N GLN J 188 -11.54 -97.36 -7.81
CA GLN J 188 -11.01 -96.95 -6.51
C GLN J 188 -12.07 -97.06 -5.42
N TRP J 189 -13.34 -96.90 -5.79
CA TRP J 189 -14.45 -97.18 -4.88
C TRP J 189 -14.40 -98.61 -4.40
N LYS J 190 -14.43 -99.56 -5.33
CA LYS J 190 -14.36 -100.97 -4.98
C LYS J 190 -12.95 -101.44 -4.60
N SER J 191 -11.99 -100.54 -4.46
CA SER J 191 -10.67 -100.87 -3.96
C SER J 191 -10.58 -100.77 -2.44
N HIS J 192 -11.67 -100.44 -1.76
CA HIS J 192 -11.65 -100.21 -0.33
C HIS J 192 -12.83 -100.89 0.34
N LYS J 193 -12.74 -100.99 1.66
CA LYS J 193 -13.80 -101.60 2.44
C LYS J 193 -14.75 -100.58 3.06
N SER J 194 -14.30 -99.35 3.27
CA SER J 194 -15.14 -98.32 3.85
C SER J 194 -14.61 -96.94 3.47
N TYR J 195 -15.52 -95.97 3.46
CA TYR J 195 -15.15 -94.58 3.35
C TYR J 195 -15.88 -93.78 4.42
N SER J 196 -15.15 -92.89 5.07
CA SER J 196 -15.67 -92.22 6.25
C SER J 196 -15.64 -90.72 6.05
N CYS J 197 -16.69 -90.06 6.53
CA CYS J 197 -16.68 -88.62 6.73
C CYS J 197 -16.76 -88.38 8.23
N GLN J 198 -15.67 -87.91 8.82
CA GLN J 198 -15.59 -87.63 10.24
C GLN J 198 -15.56 -86.12 10.41
N VAL J 199 -16.60 -85.58 11.03
CA VAL J 199 -16.73 -84.15 11.24
C VAL J 199 -16.53 -83.85 12.72
N THR J 200 -15.78 -82.81 13.00
CA THR J 200 -15.57 -82.30 14.35
C THR J 200 -16.22 -80.93 14.46
N HIS J 201 -17.14 -80.79 15.41
CA HIS J 201 -17.83 -79.53 15.63
C HIS J 201 -18.08 -79.38 17.12
N GLU J 202 -17.64 -78.25 17.67
CA GLU J 202 -17.73 -77.91 19.10
C GLU J 202 -17.11 -78.99 19.96
N GLY J 203 -15.93 -79.45 19.53
CA GLY J 203 -15.22 -80.51 20.19
C GLY J 203 -15.80 -81.90 20.02
N SER J 204 -16.94 -82.03 19.35
CA SER J 204 -17.60 -83.32 19.17
C SER J 204 -17.22 -83.92 17.83
N THR J 205 -16.70 -85.14 17.86
CA THR J 205 -16.28 -85.82 16.64
C THR J 205 -17.26 -86.94 16.35
N VAL J 206 -17.83 -86.91 15.14
CA VAL J 206 -18.79 -87.91 14.70
C VAL J 206 -18.39 -88.36 13.31
N GLU J 207 -18.29 -89.68 13.13
CA GLU J 207 -17.81 -90.26 11.89
C GLU J 207 -18.94 -91.08 11.28
N LYS J 208 -19.44 -90.65 10.13
CA LYS J 208 -20.29 -91.47 9.31
C LYS J 208 -19.43 -92.32 8.40
N THR J 209 -19.89 -93.54 8.13
CA THR J 209 -19.09 -94.51 7.39
C THR J 209 -19.99 -95.24 6.42
N VAL J 210 -19.57 -95.30 5.17
CA VAL J 210 -20.21 -96.15 4.19
C VAL J 210 -19.24 -97.27 3.85
N ALA J 211 -19.75 -98.30 3.21
CA ALA J 211 -18.91 -99.36 2.73
C ALA J 211 -19.15 -99.53 1.24
N PRO J 212 -18.08 -99.72 0.47
CA PRO J 212 -18.26 -100.17 -0.93
C PRO J 212 -18.89 -101.55 -1.05
N ALA J 213 -18.84 -102.37 0.01
CA ALA J 213 -19.69 -103.56 0.07
C ALA J 213 -21.17 -103.18 0.12
N GLU J 214 -21.48 -102.02 0.72
CA GLU J 214 -22.84 -101.53 0.80
C GLU J 214 -23.25 -100.69 -0.41
N CYS J 215 -22.38 -100.60 -1.42
CA CYS J 215 -22.60 -99.82 -2.66
C CYS J 215 -22.96 -98.37 -2.43
N ALA K 1 -50.19 -16.73 -26.97
CA ALA K 1 -49.72 -18.01 -27.47
C ALA K 1 -48.39 -17.84 -28.20
N GLU K 2 -48.46 -17.47 -29.48
CA GLU K 2 -47.26 -17.26 -30.27
C GLU K 2 -46.49 -16.01 -29.88
N ASN K 3 -47.08 -15.13 -29.06
CA ASN K 3 -46.36 -14.00 -28.49
C ASN K 3 -45.51 -14.52 -27.34
N LEU K 4 -44.35 -15.08 -27.69
CA LEU K 4 -43.39 -15.46 -26.67
C LEU K 4 -42.76 -14.22 -26.09
N TRP K 5 -42.54 -14.24 -24.79
CA TRP K 5 -42.02 -13.08 -24.09
C TRP K 5 -40.63 -13.39 -23.55
N VAL K 6 -39.81 -12.35 -23.48
CA VAL K 6 -38.45 -12.50 -23.00
C VAL K 6 -38.48 -12.67 -21.49
N THR K 7 -37.54 -13.45 -20.96
CA THR K 7 -37.43 -13.66 -19.54
C THR K 7 -35.96 -13.66 -19.17
N VAL K 8 -35.61 -12.89 -18.17
CA VAL K 8 -34.22 -12.79 -17.76
C VAL K 8 -33.99 -13.73 -16.59
N TYR K 9 -32.81 -14.33 -16.58
CA TYR K 9 -32.45 -15.34 -15.62
C TYR K 9 -31.13 -14.93 -15.00
N TYR K 10 -31.10 -14.85 -13.68
CA TYR K 10 -29.87 -14.49 -12.99
C TYR K 10 -29.19 -15.73 -12.46
N GLY K 11 -27.89 -15.82 -12.67
CA GLY K 11 -27.14 -16.98 -12.24
C GLY K 11 -27.19 -18.15 -13.19
N VAL K 12 -27.28 -17.89 -14.49
CA VAL K 12 -27.13 -18.99 -15.45
C VAL K 12 -25.70 -19.49 -15.40
N PRO K 13 -25.47 -20.78 -15.24
CA PRO K 13 -24.10 -21.28 -15.22
C PRO K 13 -23.48 -21.28 -16.61
N VAL K 14 -22.68 -20.27 -16.90
CA VAL K 14 -21.96 -20.19 -18.16
C VAL K 14 -20.77 -19.27 -17.93
N TRP K 15 -19.76 -19.38 -18.79
CA TRP K 15 -18.53 -18.65 -18.55
C TRP K 15 -17.95 -18.16 -19.87
N LYS K 16 -16.81 -17.49 -19.75
CA LYS K 16 -15.98 -17.15 -20.89
C LYS K 16 -14.52 -17.29 -20.48
N ASP K 17 -13.63 -17.11 -21.45
CA ASP K 17 -12.20 -17.15 -21.19
C ASP K 17 -11.69 -15.75 -20.89
N ALA K 18 -10.79 -15.62 -19.92
CA ALA K 18 -10.30 -14.32 -19.52
C ALA K 18 -8.94 -14.48 -18.88
N GLU K 19 -8.40 -13.36 -18.42
CA GLU K 19 -7.13 -13.35 -17.71
C GLU K 19 -7.22 -12.35 -16.58
N THR K 20 -6.68 -12.74 -15.43
CA THR K 20 -6.67 -11.87 -14.26
C THR K 20 -5.52 -12.29 -13.36
N THR K 21 -5.49 -11.70 -12.18
CA THR K 21 -4.50 -12.06 -11.18
C THR K 21 -4.91 -13.35 -10.49
N LEU K 22 -4.09 -13.80 -9.56
CA LEU K 22 -4.38 -15.03 -8.84
C LEU K 22 -4.00 -14.85 -7.39
N PHE K 23 -3.88 -15.98 -6.68
CA PHE K 23 -3.88 -15.98 -5.24
C PHE K 23 -2.94 -17.07 -4.75
N CYS K 24 -2.02 -16.71 -3.87
CA CYS K 24 -1.01 -17.63 -3.37
C CYS K 24 -1.35 -18.08 -1.97
N ALA K 25 -1.30 -19.39 -1.73
CA ALA K 25 -1.66 -19.92 -0.43
C ALA K 25 -1.02 -21.28 -0.24
N SER K 26 -0.55 -21.55 0.98
CA SER K 26 0.08 -22.83 1.29
C SER K 26 -0.50 -23.46 2.55
N ASP K 27 0.12 -24.52 3.04
CA ASP K 27 -0.43 -25.26 4.16
C ASP K 27 -0.16 -24.56 5.49
N ALA K 28 -0.57 -25.19 6.58
CA ALA K 28 -0.32 -24.67 7.91
C ALA K 28 0.99 -25.17 8.51
N LYS K 29 1.60 -26.21 7.93
CA LYS K 29 2.87 -26.70 8.46
C LYS K 29 4.02 -25.75 8.15
N ALA K 30 3.89 -24.93 7.10
CA ALA K 30 4.91 -23.96 6.76
C ALA K 30 4.98 -22.81 7.76
N TYR K 31 3.93 -22.60 8.55
CA TYR K 31 3.96 -21.60 9.59
C TYR K 31 4.65 -22.08 10.86
N GLU K 32 4.88 -23.39 10.99
CA GLU K 32 5.56 -23.91 12.17
C GLU K 32 7.03 -23.53 12.18
N THR K 33 7.68 -23.55 11.01
CA THR K 33 9.01 -22.96 10.88
C THR K 33 8.83 -21.45 10.90
N GLU K 34 8.96 -20.86 12.08
CA GLU K 34 8.42 -19.54 12.36
C GLU K 34 9.31 -18.43 11.80
N LYS K 35 8.75 -17.21 11.88
CA LYS K 35 9.46 -15.94 11.64
C LYS K 35 10.00 -15.81 10.22
N HIS K 36 9.23 -16.32 9.25
CA HIS K 36 9.46 -16.16 7.81
C HIS K 36 10.82 -16.70 7.37
N ASN K 37 11.28 -17.77 7.99
CA ASN K 37 12.57 -18.35 7.60
C ASN K 37 12.49 -18.94 6.20
N VAL K 38 11.45 -19.71 5.92
CA VAL K 38 11.10 -19.97 4.53
C VAL K 38 10.38 -18.75 3.98
N TRP K 39 10.57 -18.48 2.70
CA TRP K 39 9.73 -17.50 2.02
C TRP K 39 8.36 -18.10 1.74
N ALA K 40 7.51 -17.26 1.13
CA ALA K 40 6.10 -17.58 0.84
C ALA K 40 5.34 -17.94 2.11
N THR K 41 5.61 -17.19 3.17
CA THR K 41 4.72 -17.07 4.30
C THR K 41 4.62 -15.63 4.75
N HIS K 42 5.42 -14.73 4.17
CA HIS K 42 5.09 -13.31 4.16
C HIS K 42 3.73 -13.09 3.52
N ALA K 43 3.50 -13.76 2.39
CA ALA K 43 2.34 -13.51 1.54
C ALA K 43 1.49 -14.76 1.33
N CYS K 44 1.13 -15.44 2.41
CA CYS K 44 0.44 -16.72 2.30
C CYS K 44 -0.63 -16.83 3.37
N VAL K 45 -1.88 -16.94 2.96
CA VAL K 45 -2.95 -17.36 3.85
C VAL K 45 -2.84 -18.88 3.92
N PRO K 46 -3.01 -19.50 5.09
CA PRO K 46 -2.99 -20.97 5.13
C PRO K 46 -4.15 -21.57 4.36
N THR K 47 -3.86 -22.63 3.60
CA THR K 47 -4.87 -23.27 2.79
C THR K 47 -5.88 -23.99 3.67
N ASP K 48 -7.09 -23.99 3.21
CA ASP K 48 -8.10 -24.73 3.92
C ASP K 48 -8.09 -26.18 3.45
N PRO K 49 -8.09 -27.13 4.36
CA PRO K 49 -8.03 -28.54 3.97
C PRO K 49 -9.33 -28.99 3.31
N ASN K 50 -9.19 -30.07 2.52
CA ASN K 50 -10.14 -30.68 1.58
C ASN K 50 -10.98 -29.65 0.83
N PRO K 51 -10.41 -28.90 -0.12
CA PRO K 51 -11.24 -28.07 -0.99
C PRO K 51 -12.04 -28.96 -1.93
N GLN K 52 -13.06 -28.36 -2.52
CA GLN K 52 -13.93 -29.11 -3.41
C GLN K 52 -13.26 -29.29 -4.76
N GLU K 53 -13.42 -30.47 -5.34
CA GLU K 53 -12.98 -30.75 -6.70
C GLU K 53 -14.18 -31.37 -7.37
N ILE K 54 -15.06 -30.54 -7.88
CA ILE K 54 -16.34 -31.06 -8.32
C ILE K 54 -16.21 -31.57 -9.75
N HIS K 55 -16.92 -32.65 -10.03
CA HIS K 55 -16.84 -33.32 -11.32
C HIS K 55 -17.93 -32.80 -12.23
N LEU K 56 -17.72 -32.96 -13.53
CA LEU K 56 -18.71 -32.57 -14.51
C LEU K 56 -18.90 -33.68 -15.52
N GLU K 57 -20.10 -33.70 -16.09
CA GLU K 57 -20.51 -34.55 -17.21
C GLU K 57 -20.19 -33.84 -18.52
N ASN K 58 -20.99 -34.15 -19.54
CA ASN K 58 -20.81 -33.91 -20.98
C ASN K 58 -19.92 -32.77 -21.47
N VAL K 59 -19.93 -31.61 -20.80
CA VAL K 59 -19.25 -30.38 -21.22
C VAL K 59 -17.78 -30.60 -21.59
N THR K 60 -17.37 -30.09 -22.76
CA THR K 60 -16.05 -30.33 -23.34
C THR K 60 -15.43 -29.02 -23.82
N GLU K 61 -14.25 -28.69 -23.28
CA GLU K 61 -13.54 -27.46 -23.59
C GLU K 61 -12.19 -27.78 -24.19
N GLU K 62 -11.64 -26.82 -24.92
CA GLU K 62 -10.32 -26.96 -25.52
C GLU K 62 -9.29 -26.20 -24.70
N PHE K 63 -8.10 -26.76 -24.63
CA PHE K 63 -6.99 -26.18 -23.90
C PHE K 63 -5.80 -25.97 -24.83
N ASN K 64 -4.88 -25.15 -24.36
CA ASN K 64 -3.69 -24.83 -25.12
C ASN K 64 -2.62 -24.44 -24.12
N MET K 65 -1.58 -25.27 -24.02
CA MET K 65 -0.53 -24.97 -23.07
C MET K 65 0.39 -23.87 -23.56
N TRP K 66 0.38 -23.57 -24.85
CA TRP K 66 1.47 -22.76 -25.34
C TRP K 66 1.18 -21.28 -25.28
N LYS K 67 -0.05 -20.87 -25.56
CA LYS K 67 -0.45 -19.49 -25.34
C LYS K 67 -1.15 -19.31 -24.01
N ASN K 68 -0.94 -20.25 -23.08
CA ASN K 68 -1.57 -20.15 -21.78
C ASN K 68 -0.95 -19.03 -20.98
N ASN K 69 -1.79 -18.33 -20.22
CA ASN K 69 -1.30 -17.31 -19.32
C ASN K 69 -1.12 -17.93 -17.94
N MET K 70 -0.85 -17.06 -16.96
CA MET K 70 -0.62 -17.26 -15.53
C MET K 70 0.74 -17.91 -15.27
N VAL K 71 1.37 -18.46 -16.30
CA VAL K 71 2.73 -18.93 -16.15
C VAL K 71 3.65 -17.73 -16.15
N GLU K 72 3.31 -16.71 -16.93
CA GLU K 72 4.07 -15.48 -16.97
C GLU K 72 4.07 -14.79 -15.63
N GLN K 73 2.93 -14.76 -14.95
CA GLN K 73 2.94 -14.13 -13.65
C GLN K 73 3.58 -15.02 -12.60
N MET K 74 3.66 -16.33 -12.83
CA MET K 74 4.42 -17.18 -11.94
C MET K 74 5.91 -16.89 -12.05
N HIS K 75 6.39 -16.74 -13.28
CA HIS K 75 7.78 -16.38 -13.51
C HIS K 75 8.09 -14.99 -13.00
N THR K 76 7.09 -14.11 -12.98
CA THR K 76 7.28 -12.81 -12.32
C THR K 76 7.34 -12.96 -10.80
N ASP K 77 6.44 -13.77 -10.24
CA ASP K 77 6.27 -13.81 -8.79
C ASP K 77 7.44 -14.47 -8.10
N ILE K 78 8.03 -15.48 -8.73
CA ILE K 78 9.18 -16.13 -8.10
C ILE K 78 10.37 -15.20 -8.07
N ILE K 79 10.55 -14.42 -9.14
CA ILE K 79 11.62 -13.43 -9.19
C ILE K 79 11.40 -12.34 -8.14
N SER K 80 10.15 -11.93 -7.97
CA SER K 80 9.87 -10.90 -6.99
C SER K 80 10.04 -11.41 -5.57
N LEU K 81 9.70 -12.67 -5.33
CA LEU K 81 9.92 -13.26 -4.01
C LEU K 81 11.40 -13.41 -3.71
N TRP K 82 12.17 -13.78 -4.73
CA TRP K 82 13.62 -13.87 -4.60
C TRP K 82 14.21 -12.53 -4.25
N ASP K 83 13.74 -11.47 -4.89
CA ASP K 83 14.30 -10.16 -4.59
C ASP K 83 13.84 -9.64 -3.24
N GLN K 84 12.63 -9.99 -2.81
CA GLN K 84 12.18 -9.57 -1.51
C GLN K 84 12.90 -10.31 -0.39
N SER K 85 13.46 -11.49 -0.67
CA SER K 85 14.17 -12.21 0.36
C SER K 85 15.64 -11.81 0.48
N LEU K 86 16.04 -10.66 -0.03
CA LEU K 86 17.45 -10.31 0.01
C LEU K 86 17.77 -8.97 0.65
N LYS K 87 16.90 -7.97 0.48
CA LYS K 87 17.18 -6.64 1.04
C LYS K 87 17.38 -6.57 2.55
N PRO K 88 16.79 -7.41 3.40
CA PRO K 88 17.22 -7.41 4.81
C PRO K 88 18.57 -8.06 5.07
N CYS K 89 19.32 -8.49 4.08
CA CYS K 89 20.60 -9.12 4.32
C CYS K 89 21.74 -8.21 3.90
N VAL K 90 22.94 -8.57 4.35
CA VAL K 90 24.09 -7.68 4.34
C VAL K 90 24.65 -7.53 2.93
N LYS K 91 25.21 -6.36 2.63
CA LYS K 91 25.98 -6.15 1.42
C LYS K 91 27.40 -6.61 1.63
N LEU K 92 28.11 -6.83 0.53
CA LEU K 92 29.50 -7.26 0.58
C LEU K 92 30.40 -6.30 -0.17
N THR K 93 30.20 -5.00 0.07
CA THR K 93 31.02 -3.99 -0.59
C THR K 93 32.51 -4.03 -0.22
N PRO K 94 32.94 -4.03 1.09
CA PRO K 94 34.37 -3.88 1.35
C PRO K 94 35.21 -5.11 1.10
N LEU K 95 34.61 -6.14 0.50
CA LEU K 95 35.32 -7.37 0.19
C LEU K 95 36.09 -7.32 -1.12
N CYS K 96 35.70 -6.47 -2.06
CA CYS K 96 36.45 -6.31 -3.32
C CYS K 96 37.78 -5.67 -3.02
N VAL K 97 38.83 -6.48 -2.92
CA VAL K 97 40.14 -6.02 -2.50
C VAL K 97 41.20 -6.94 -3.09
N THR K 98 42.45 -6.50 -3.07
CA THR K 98 43.54 -7.25 -3.67
C THR K 98 43.87 -8.49 -2.84
N LEU K 99 43.90 -9.63 -3.49
CA LEU K 99 44.00 -10.91 -2.80
C LEU K 99 45.39 -11.49 -3.03
N GLN K 100 46.06 -11.89 -1.95
CA GLN K 100 47.33 -12.59 -2.05
C GLN K 100 47.05 -14.09 -2.00
N CYS K 101 47.23 -14.79 -3.11
CA CYS K 101 46.75 -16.16 -3.18
C CYS K 101 47.88 -17.14 -3.46
N THR K 102 47.60 -18.41 -3.16
CA THR K 102 48.53 -19.50 -3.42
C THR K 102 47.74 -20.80 -3.52
N ASN K 103 48.47 -21.89 -3.73
CA ASN K 103 47.86 -23.21 -3.79
C ASN K 103 47.65 -23.76 -2.40
N VAL K 104 46.60 -24.58 -2.24
CA VAL K 104 46.36 -25.25 -0.98
C VAL K 104 47.39 -26.36 -0.80
N THR K 105 47.60 -26.79 0.44
CA THR K 105 48.57 -27.84 0.71
C THR K 105 48.06 -29.17 0.19
N ASN K 106 48.59 -29.63 -0.94
CA ASN K 106 48.15 -30.88 -1.54
C ASN K 106 49.25 -31.39 -2.45
N ASN K 107 49.47 -32.71 -2.42
CA ASN K 107 50.46 -33.35 -3.28
C ASN K 107 49.88 -33.36 -4.69
N ILE K 108 50.17 -32.29 -5.41
CA ILE K 108 49.50 -32.03 -6.68
C ILE K 108 50.33 -32.58 -7.81
N THR K 109 49.70 -33.36 -8.68
CA THR K 109 50.28 -33.63 -9.98
C THR K 109 50.31 -32.34 -10.77
N ASP K 110 51.38 -32.17 -11.57
CA ASP K 110 51.61 -30.88 -12.23
C ASP K 110 50.58 -30.60 -13.32
N ASP K 111 50.13 -31.64 -14.02
CA ASP K 111 49.22 -31.41 -15.12
C ASP K 111 47.80 -31.16 -14.62
N MET K 112 47.43 -31.71 -13.47
CA MET K 112 46.15 -31.33 -12.92
C MET K 112 46.25 -29.97 -12.26
N ARG K 113 45.12 -29.26 -12.23
CA ARG K 113 45.05 -27.93 -11.67
C ARG K 113 44.31 -27.97 -10.35
N GLY K 114 44.57 -26.98 -9.50
CA GLY K 114 43.91 -26.89 -8.22
C GLY K 114 42.49 -26.37 -8.40
N GLU K 115 41.54 -27.03 -7.75
CA GLU K 115 40.18 -26.54 -7.69
C GLU K 115 39.95 -25.57 -6.56
N LEU K 116 40.88 -25.51 -5.61
CA LEU K 116 40.78 -24.62 -4.47
C LEU K 116 42.00 -23.72 -4.45
N LYS K 117 41.77 -22.44 -4.25
CA LYS K 117 42.86 -21.50 -4.04
C LYS K 117 42.74 -20.91 -2.64
N ASN K 118 43.89 -20.54 -2.08
CA ASN K 118 43.99 -20.18 -0.68
C ASN K 118 44.52 -18.76 -0.61
N CYS K 119 43.70 -17.83 -0.14
CA CYS K 119 44.04 -16.42 -0.27
C CYS K 119 43.99 -15.71 1.08
N SER K 120 44.77 -14.65 1.19
CA SER K 120 44.82 -13.83 2.39
C SER K 120 44.85 -12.37 1.98
N PHE K 121 44.32 -11.52 2.84
CA PHE K 121 44.11 -10.13 2.48
C PHE K 121 43.84 -9.31 3.72
N ASN K 122 43.51 -8.04 3.50
CA ASN K 122 43.24 -7.10 4.56
C ASN K 122 41.76 -6.85 4.72
N MET K 123 41.34 -6.57 5.95
CA MET K 123 39.94 -6.29 6.20
C MET K 123 39.79 -5.38 7.42
N THR K 124 38.81 -4.50 7.35
CA THR K 124 38.55 -3.62 8.46
C THR K 124 37.95 -4.38 9.62
N THR K 125 38.31 -3.96 10.81
CA THR K 125 37.80 -4.57 12.03
C THR K 125 36.54 -3.82 12.45
N GLU K 126 36.10 -4.03 13.69
CA GLU K 126 34.94 -3.34 14.20
C GLU K 126 35.19 -1.84 14.32
N LEU K 127 36.38 -1.46 14.74
CA LEU K 127 36.78 -0.07 14.75
C LEU K 127 37.13 0.38 13.34
N ARG K 128 37.46 1.66 13.20
CA ARG K 128 37.92 2.18 11.92
C ARG K 128 39.43 2.23 11.79
N ASP K 129 40.15 2.18 12.89
CA ASP K 129 41.59 2.39 12.82
C ASP K 129 42.33 1.08 12.64
N LYS K 130 41.94 0.05 13.36
CA LYS K 130 42.60 -1.24 13.18
C LYS K 130 42.18 -1.86 11.86
N LYS K 131 43.10 -2.60 11.27
CA LYS K 131 42.82 -3.45 10.14
C LYS K 131 43.60 -4.73 10.32
N GLN K 132 43.05 -5.83 9.84
CA GLN K 132 43.60 -7.13 10.16
C GLN K 132 43.87 -7.93 8.90
N LYS K 133 44.66 -8.98 9.06
CA LYS K 133 45.05 -9.86 7.98
C LYS K 133 44.36 -11.19 8.19
N VAL K 134 43.66 -11.67 7.16
CA VAL K 134 42.83 -12.85 7.30
C VAL K 134 42.92 -13.68 6.03
N TYR K 135 42.53 -14.94 6.12
CA TYR K 135 42.66 -15.86 5.00
C TYR K 135 41.40 -16.70 4.84
N SER K 136 41.22 -17.22 3.64
CA SER K 136 40.06 -18.04 3.33
C SER K 136 40.33 -18.85 2.08
N LEU K 137 39.32 -19.62 1.68
CA LEU K 137 39.38 -20.49 0.53
C LEU K 137 38.39 -20.08 -0.53
N PHE K 138 38.73 -20.31 -1.79
CA PHE K 138 37.84 -19.98 -2.88
C PHE K 138 37.99 -21.00 -3.98
N TYR K 139 36.95 -21.11 -4.79
CA TYR K 139 37.04 -21.94 -5.97
C TYR K 139 37.64 -21.15 -7.11
N ARG K 140 38.12 -21.87 -8.13
CA ARG K 140 38.79 -21.22 -9.24
C ARG K 140 37.80 -20.43 -10.09
N LEU K 141 36.53 -20.80 -10.08
CA LEU K 141 35.55 -20.09 -10.88
C LEU K 141 35.07 -18.80 -10.25
N ASP K 142 35.76 -18.26 -9.25
CA ASP K 142 35.37 -17.01 -8.64
C ASP K 142 36.46 -15.95 -8.64
N VAL K 143 37.72 -16.32 -8.79
CA VAL K 143 38.79 -15.34 -8.83
C VAL K 143 39.40 -15.33 -10.22
N VAL K 144 39.89 -14.17 -10.62
CA VAL K 144 40.60 -14.01 -11.87
C VAL K 144 41.89 -13.27 -11.61
N GLN K 145 42.73 -13.24 -12.62
CA GLN K 145 44.07 -12.71 -12.50
C GLN K 145 44.06 -11.22 -12.77
N ILE K 146 44.54 -10.46 -11.82
CA ILE K 146 44.87 -9.07 -12.09
C ILE K 146 46.30 -9.03 -12.61
N ASN K 147 46.61 -8.02 -13.41
CA ASN K 147 47.91 -7.98 -14.04
C ASN K 147 48.44 -6.56 -14.17
N SER K 157 57.36 -12.36 -11.06
CA SER K 157 57.40 -11.54 -9.85
C SER K 157 56.50 -12.13 -8.77
N ASN K 158 55.31 -11.56 -8.64
CA ASN K 158 54.31 -12.00 -7.69
C ASN K 158 53.10 -12.58 -8.42
N LYS K 159 52.03 -12.87 -7.67
CA LYS K 159 50.85 -13.48 -8.26
C LYS K 159 49.65 -13.12 -7.39
N GLU K 160 48.69 -12.38 -7.96
CA GLU K 160 47.57 -11.88 -7.19
C GLU K 160 46.29 -11.90 -8.00
N TYR K 161 45.18 -12.01 -7.30
CA TYR K 161 43.88 -12.23 -7.91
C TYR K 161 42.87 -11.21 -7.39
N ARG K 162 41.70 -11.20 -8.01
CA ARG K 162 40.56 -10.45 -7.49
C ARG K 162 39.30 -11.25 -7.79
N LEU K 163 38.18 -10.81 -7.23
CA LEU K 163 36.94 -11.52 -7.48
C LEU K 163 36.43 -11.25 -8.88
N ILE K 164 35.56 -12.13 -9.35
CA ILE K 164 35.12 -12.08 -10.74
C ILE K 164 34.11 -10.96 -10.95
N ASN K 165 33.32 -10.64 -9.95
CA ASN K 165 32.19 -9.74 -10.14
C ASN K 165 32.50 -8.31 -9.75
N CYS K 166 33.69 -8.04 -9.19
CA CYS K 166 33.95 -6.72 -8.65
C CYS K 166 34.32 -5.68 -9.69
N ASN K 167 34.04 -5.89 -10.97
CA ASN K 167 34.23 -4.84 -11.95
C ASN K 167 32.94 -4.47 -12.66
N THR K 168 31.80 -5.02 -12.25
CA THR K 168 30.57 -4.61 -12.90
C THR K 168 29.39 -4.43 -11.97
N SER K 169 29.55 -4.76 -10.69
CA SER K 169 28.38 -4.87 -9.83
C SER K 169 28.85 -4.95 -8.39
N ALA K 170 27.90 -4.78 -7.48
CA ALA K 170 28.10 -5.09 -6.08
C ALA K 170 27.76 -6.55 -5.87
N ILE K 171 27.64 -6.96 -4.62
CA ILE K 171 27.44 -8.37 -4.30
C ILE K 171 26.74 -8.49 -2.96
N THR K 172 25.70 -9.30 -2.90
CA THR K 172 24.86 -9.42 -1.72
C THR K 172 24.95 -10.83 -1.18
N GLN K 173 25.26 -10.97 0.09
CA GLN K 173 25.30 -12.27 0.73
C GLN K 173 23.91 -12.65 1.19
N ALA K 174 23.52 -13.89 0.97
CA ALA K 174 22.26 -14.37 1.51
C ALA K 174 22.39 -14.56 3.01
N CYS K 175 21.28 -14.50 3.68
CA CYS K 175 21.35 -14.76 5.11
C CYS K 175 21.36 -16.26 5.36
N PRO K 176 22.10 -16.73 6.36
CA PRO K 176 22.11 -18.16 6.66
C PRO K 176 20.86 -18.61 7.38
N LYS K 177 19.98 -17.70 7.77
CA LYS K 177 18.72 -18.11 8.38
C LYS K 177 17.81 -18.72 7.33
N VAL K 178 17.61 -18.02 6.23
CA VAL K 178 16.59 -18.38 5.24
C VAL K 178 17.04 -19.61 4.46
N SER K 179 16.17 -20.62 4.41
CA SER K 179 16.47 -21.85 3.71
C SER K 179 16.12 -21.73 2.24
N PHE K 180 16.48 -22.77 1.49
CA PHE K 180 16.31 -22.77 0.05
C PHE K 180 15.41 -23.85 -0.48
N GLU K 181 14.97 -24.80 0.34
CA GLU K 181 14.20 -25.90 -0.16
C GLU K 181 12.81 -25.42 -0.60
N PRO K 182 12.25 -26.03 -1.63
CA PRO K 182 10.91 -25.65 -2.06
C PRO K 182 9.84 -26.14 -1.09
N ILE K 183 8.65 -25.58 -1.24
CA ILE K 183 7.49 -26.00 -0.46
C ILE K 183 6.27 -25.92 -1.36
N PRO K 184 5.25 -26.77 -1.10
CA PRO K 184 4.10 -26.82 -2.00
C PRO K 184 3.28 -25.54 -2.01
N ILE K 185 3.43 -24.78 -3.09
CA ILE K 185 2.66 -23.57 -3.29
C ILE K 185 1.34 -23.95 -3.94
N HIS K 186 0.24 -23.51 -3.35
CA HIS K 186 -1.06 -23.68 -3.95
C HIS K 186 -1.52 -22.37 -4.57
N TYR K 187 -2.07 -22.46 -5.77
CA TYR K 187 -2.66 -21.31 -6.42
C TYR K 187 -4.18 -21.40 -6.30
N CYS K 188 -4.82 -20.26 -6.11
CA CYS K 188 -6.26 -20.18 -5.98
C CYS K 188 -6.77 -18.95 -6.70
N ALA K 189 -8.01 -19.04 -7.17
CA ALA K 189 -8.72 -18.00 -7.90
C ALA K 189 -9.52 -17.14 -6.93
N PRO K 190 -9.70 -15.86 -7.21
CA PRO K 190 -10.49 -15.01 -6.32
C PRO K 190 -11.98 -15.23 -6.59
N ALA K 191 -12.79 -14.43 -5.92
CA ALA K 191 -14.24 -14.59 -6.02
C ALA K 191 -14.74 -14.15 -7.39
N GLY K 192 -15.41 -15.05 -8.08
CA GLY K 192 -15.93 -14.76 -9.39
C GLY K 192 -15.17 -15.35 -10.56
N PHE K 193 -14.37 -16.38 -10.33
CA PHE K 193 -13.71 -17.08 -11.42
C PHE K 193 -13.68 -18.57 -11.06
N ALA K 194 -13.13 -19.37 -11.96
CA ALA K 194 -12.94 -20.78 -11.65
C ALA K 194 -11.74 -21.28 -12.44
N ILE K 195 -11.19 -22.41 -11.98
CA ILE K 195 -10.06 -23.03 -12.68
C ILE K 195 -10.50 -24.38 -13.19
N LEU K 196 -10.35 -24.61 -14.48
CA LEU K 196 -10.72 -25.89 -15.06
C LEU K 196 -9.52 -26.82 -15.06
N LYS K 197 -9.80 -28.10 -15.27
CA LYS K 197 -8.76 -29.11 -15.20
C LYS K 197 -9.16 -30.28 -16.08
N CYS K 198 -8.30 -30.62 -17.03
CA CYS K 198 -8.54 -31.77 -17.90
C CYS K 198 -8.06 -33.02 -17.21
N LYS K 199 -8.97 -33.94 -16.95
CA LYS K 199 -8.63 -35.19 -16.30
C LYS K 199 -8.47 -36.33 -17.30
N ASP K 200 -8.32 -36.01 -18.58
CA ASP K 200 -8.20 -37.08 -19.56
C ASP K 200 -6.84 -37.75 -19.45
N LYS K 201 -6.84 -39.05 -19.71
CA LYS K 201 -5.64 -39.85 -19.53
C LYS K 201 -4.63 -39.59 -20.64
N LYS K 202 -5.10 -39.44 -21.87
CA LYS K 202 -4.23 -39.12 -22.99
C LYS K 202 -4.65 -37.79 -23.57
N PHE K 203 -3.85 -36.76 -23.33
CA PHE K 203 -4.09 -35.45 -23.89
C PHE K 203 -2.72 -34.81 -24.07
N ASN K 204 -2.33 -34.58 -25.31
CA ASN K 204 -0.93 -34.25 -25.57
C ASN K 204 -0.60 -32.83 -25.13
N GLY K 205 -1.57 -31.94 -25.16
CA GLY K 205 -1.29 -30.58 -24.76
C GLY K 205 -2.01 -29.53 -25.56
N THR K 206 -2.78 -29.95 -26.56
CA THR K 206 -3.53 -29.01 -27.38
C THR K 206 -4.84 -29.65 -27.80
N GLY K 207 -5.93 -28.88 -27.78
CA GLY K 207 -7.16 -29.33 -28.36
C GLY K 207 -8.23 -29.60 -27.33
N PRO K 208 -9.30 -30.28 -27.72
CA PRO K 208 -10.41 -30.52 -26.80
C PRO K 208 -10.16 -31.67 -25.87
N CYS K 209 -10.74 -31.57 -24.68
CA CYS K 209 -10.62 -32.61 -23.66
C CYS K 209 -12.03 -32.96 -23.22
N PRO K 210 -12.44 -34.23 -23.27
CA PRO K 210 -13.85 -34.56 -23.10
C PRO K 210 -14.31 -34.83 -21.68
N SER K 211 -13.40 -34.87 -20.71
CA SER K 211 -13.77 -35.06 -19.31
C SER K 211 -13.08 -34.01 -18.48
N VAL K 212 -13.80 -32.96 -18.11
CA VAL K 212 -13.24 -31.84 -17.40
C VAL K 212 -13.68 -31.91 -15.94
N SER K 213 -13.06 -31.08 -15.12
CA SER K 213 -13.54 -30.85 -13.76
C SER K 213 -13.08 -29.48 -13.32
N THR K 214 -13.96 -28.74 -12.64
CA THR K 214 -13.57 -27.43 -12.15
C THR K 214 -12.99 -27.54 -10.75
N VAL K 215 -12.40 -26.44 -10.31
CA VAL K 215 -11.71 -26.42 -9.03
C VAL K 215 -11.55 -24.97 -8.60
N GLN K 216 -11.33 -24.81 -7.29
CA GLN K 216 -11.06 -23.52 -6.68
C GLN K 216 -9.58 -23.31 -6.38
N CYS K 217 -8.85 -24.39 -6.11
CA CYS K 217 -7.42 -24.29 -5.84
C CYS K 217 -6.70 -25.46 -6.49
N THR K 218 -5.48 -25.22 -6.96
CA THR K 218 -4.71 -26.26 -7.62
C THR K 218 -4.13 -27.24 -6.61
N HIS K 219 -3.43 -28.24 -7.14
CA HIS K 219 -2.72 -29.20 -6.32
C HIS K 219 -1.44 -28.58 -5.79
N GLY K 220 -0.63 -29.39 -5.11
CA GLY K 220 0.64 -28.92 -4.61
C GLY K 220 1.63 -28.73 -5.74
N ILE K 221 2.29 -27.58 -5.78
CA ILE K 221 3.32 -27.29 -6.77
C ILE K 221 4.58 -26.92 -6.02
N LYS K 222 5.65 -27.65 -6.27
CA LYS K 222 6.93 -27.33 -5.66
C LYS K 222 7.82 -26.68 -6.69
N PRO K 223 8.20 -25.44 -6.51
CA PRO K 223 9.06 -24.78 -7.50
C PRO K 223 10.52 -25.14 -7.30
N VAL K 224 11.06 -25.88 -8.23
CA VAL K 224 12.49 -26.16 -8.25
C VAL K 224 13.07 -25.55 -9.50
N VAL K 225 14.31 -25.11 -9.40
CA VAL K 225 15.01 -24.51 -10.52
C VAL K 225 16.03 -25.52 -11.02
N SER K 226 15.92 -25.90 -12.28
CA SER K 226 16.84 -26.86 -12.87
C SER K 226 16.82 -26.66 -14.38
N THR K 227 17.95 -26.93 -15.02
CA THR K 227 18.15 -26.53 -16.39
C THR K 227 17.83 -27.64 -17.37
N GLN K 228 18.41 -28.81 -17.20
CA GLN K 228 17.94 -30.01 -17.86
C GLN K 228 17.53 -30.99 -16.79
N LEU K 229 16.76 -32.00 -17.18
CA LEU K 229 16.39 -33.14 -16.34
C LEU K 229 15.65 -32.68 -15.08
N LEU K 230 14.44 -32.18 -15.28
CA LEU K 230 13.68 -31.55 -14.21
C LEU K 230 13.32 -32.54 -13.11
N LEU K 231 13.33 -32.08 -11.87
CA LEU K 231 13.32 -32.97 -10.71
C LEU K 231 12.07 -32.78 -9.88
N ASN K 232 11.75 -33.84 -9.13
CA ASN K 232 10.67 -33.88 -8.14
C ASN K 232 9.33 -33.48 -8.76
N GLY K 233 9.14 -33.86 -10.02
CA GLY K 233 7.96 -33.48 -10.77
C GLY K 233 6.85 -34.51 -10.64
N SER K 234 5.77 -34.24 -11.36
CA SER K 234 4.60 -35.12 -11.33
C SER K 234 4.60 -35.98 -12.59
N LEU K 235 4.76 -37.28 -12.40
CA LEU K 235 4.81 -38.18 -13.54
C LEU K 235 3.43 -38.49 -14.06
N ALA K 236 3.37 -38.87 -15.33
CA ALA K 236 2.10 -39.19 -15.96
C ALA K 236 1.67 -40.59 -15.58
N GLU K 237 0.50 -40.99 -16.09
CA GLU K 237 -0.15 -42.19 -15.58
C GLU K 237 0.46 -43.47 -16.14
N GLU K 238 0.40 -43.65 -17.45
CA GLU K 238 0.80 -44.94 -18.01
C GLU K 238 2.01 -44.89 -18.92
N GLU K 239 1.92 -44.18 -20.02
CA GLU K 239 2.93 -44.26 -21.06
C GLU K 239 3.96 -43.16 -20.83
N VAL K 240 4.78 -42.91 -21.83
CA VAL K 240 5.71 -41.80 -21.81
C VAL K 240 5.25 -40.83 -22.87
N MET K 241 4.94 -39.60 -22.48
CA MET K 241 4.34 -38.65 -23.39
C MET K 241 5.34 -37.59 -23.79
N ILE K 242 5.41 -37.33 -25.08
CA ILE K 242 6.16 -36.20 -25.61
C ILE K 242 5.17 -35.15 -26.02
N ARG K 243 5.55 -33.88 -25.83
CA ARG K 243 4.68 -32.80 -26.22
C ARG K 243 5.52 -31.68 -26.81
N SER K 244 4.98 -31.03 -27.84
CA SER K 244 5.63 -29.90 -28.47
C SER K 244 4.57 -29.02 -29.12
N GLU K 245 5.00 -27.83 -29.52
CA GLU K 245 4.05 -26.90 -30.13
C GLU K 245 3.92 -27.13 -31.62
N ASN K 246 4.99 -26.96 -32.38
CA ASN K 246 5.03 -27.34 -33.79
C ASN K 246 6.25 -28.24 -33.95
N ILE K 247 6.00 -29.52 -34.25
CA ILE K 247 7.05 -30.52 -34.17
C ILE K 247 8.00 -30.37 -35.33
N THR K 248 7.45 -30.14 -36.53
CA THR K 248 8.27 -29.91 -37.71
C THR K 248 9.08 -28.63 -37.62
N ASN K 249 8.64 -27.65 -36.84
CA ASN K 249 9.52 -26.57 -36.48
C ASN K 249 10.54 -27.07 -35.47
N ASN K 250 11.80 -26.71 -35.71
CA ASN K 250 12.87 -27.11 -34.82
C ASN K 250 13.28 -26.02 -33.86
N ALA K 251 12.57 -24.89 -33.84
CA ALA K 251 12.91 -23.84 -32.89
C ALA K 251 12.37 -24.13 -31.50
N LYS K 252 11.30 -24.90 -31.38
CA LYS K 252 10.67 -25.10 -30.10
C LYS K 252 11.24 -26.32 -29.40
N ASN K 253 11.25 -26.27 -28.08
CA ASN K 253 11.74 -27.38 -27.30
C ASN K 253 10.71 -28.51 -27.30
N ILE K 254 11.12 -29.66 -26.79
CA ILE K 254 10.27 -30.84 -26.70
C ILE K 254 10.26 -31.27 -25.25
N LEU K 255 9.08 -31.36 -24.65
CA LEU K 255 8.96 -31.76 -23.27
C LEU K 255 8.61 -33.25 -23.21
N VAL K 256 9.42 -34.02 -22.48
CA VAL K 256 9.19 -35.44 -22.33
C VAL K 256 8.84 -35.70 -20.88
N GLN K 257 7.67 -36.24 -20.63
CA GLN K 257 7.28 -36.65 -19.29
C GLN K 257 7.20 -38.17 -19.29
N PHE K 258 8.00 -38.82 -18.45
CA PHE K 258 7.99 -40.27 -18.44
C PHE K 258 7.41 -40.81 -17.14
N ASN K 259 7.07 -42.10 -17.19
CA ASN K 259 6.15 -42.69 -16.22
C ASN K 259 6.85 -43.03 -14.91
N THR K 260 7.83 -43.87 -14.98
CA THR K 260 8.41 -44.27 -13.71
C THR K 260 9.56 -43.36 -13.35
N PRO K 261 9.63 -42.89 -12.11
CA PRO K 261 10.75 -42.02 -11.73
C PRO K 261 12.01 -42.84 -11.61
N VAL K 262 13.13 -42.21 -11.90
CA VAL K 262 14.42 -42.90 -11.78
C VAL K 262 15.24 -42.21 -10.72
N GLN K 263 15.74 -42.97 -9.76
CA GLN K 263 16.46 -42.40 -8.63
C GLN K 263 17.77 -41.79 -9.07
N ILE K 264 18.18 -40.73 -8.39
CA ILE K 264 19.47 -40.09 -8.63
C ILE K 264 20.06 -39.69 -7.28
N ASN K 265 21.35 -39.95 -7.10
CA ASN K 265 22.07 -39.48 -5.93
C ASN K 265 23.11 -38.46 -6.37
N CYS K 266 23.33 -37.46 -5.53
CA CYS K 266 24.44 -36.56 -5.74
C CYS K 266 25.06 -36.24 -4.40
N THR K 267 26.37 -36.06 -4.38
CA THR K 267 27.02 -35.81 -3.10
C THR K 267 28.30 -35.03 -3.27
N ARG K 268 28.61 -34.25 -2.25
CA ARG K 268 29.92 -33.67 -2.06
C ARG K 268 30.51 -34.25 -0.79
N PRO K 269 31.69 -34.87 -0.89
CA PRO K 269 32.27 -35.56 0.27
C PRO K 269 33.23 -34.74 1.13
N ASN K 270 33.70 -33.59 0.69
CA ASN K 270 34.72 -32.88 1.47
C ASN K 270 34.13 -32.25 2.72
N ASN K 271 34.69 -32.61 3.88
CA ASN K 271 34.27 -32.01 5.14
C ASN K 271 34.73 -30.56 5.19
N ASN K 272 33.87 -29.66 5.65
CA ASN K 272 34.15 -28.23 5.59
C ASN K 272 33.89 -27.58 6.94
N THR K 273 34.65 -26.54 7.22
CA THR K 273 34.55 -25.79 8.47
C THR K 273 34.30 -24.34 8.15
N ARG K 274 33.17 -23.80 8.60
CA ARG K 274 32.92 -22.40 8.36
C ARG K 274 33.64 -21.55 9.40
N LYS K 275 33.68 -20.26 9.15
CA LYS K 275 34.42 -19.34 10.00
C LYS K 275 33.81 -17.96 9.85
N SER K 276 33.71 -17.24 10.96
CA SER K 276 33.01 -15.97 11.00
C SER K 276 34.00 -14.83 11.12
N ILE K 277 34.17 -14.08 10.08
CA ILE K 277 34.92 -12.85 10.14
C ILE K 277 33.93 -11.72 10.39
N ARG K 278 34.37 -10.69 11.12
CA ARG K 278 33.56 -9.51 11.35
C ARG K 278 34.00 -8.42 10.39
N ILE K 279 33.03 -7.73 9.79
CA ILE K 279 33.37 -6.64 8.90
C ILE K 279 33.45 -5.34 9.67
N GLY K 280 32.48 -5.10 10.54
CA GLY K 280 32.46 -3.91 11.35
C GLY K 280 31.41 -4.03 12.43
N PRO K 281 30.69 -2.96 12.67
CA PRO K 281 29.59 -3.02 13.65
C PRO K 281 28.47 -3.89 13.14
N GLY K 282 28.32 -5.06 13.77
CA GLY K 282 27.16 -5.92 13.55
C GLY K 282 27.07 -6.54 12.17
N GLN K 283 28.21 -6.70 11.50
CA GLN K 283 28.22 -7.33 10.19
C GLN K 283 29.01 -8.61 10.30
N ALA K 284 28.39 -9.72 9.93
CA ALA K 284 29.06 -11.01 9.94
C ALA K 284 29.45 -11.33 8.51
N PHE K 285 30.43 -12.21 8.34
CA PHE K 285 30.82 -12.69 7.04
C PHE K 285 31.36 -14.09 7.18
N TYR K 286 31.02 -14.99 6.27
CA TYR K 286 31.35 -16.40 6.43
C TYR K 286 32.36 -16.82 5.39
N ALA K 287 33.53 -17.23 5.85
CA ALA K 287 34.59 -17.75 4.99
C ALA K 287 34.49 -19.27 4.94
N THR K 288 35.50 -19.93 4.39
CA THR K 288 35.58 -21.38 4.39
C THR K 288 36.93 -21.77 4.95
N GLY K 289 36.94 -22.35 6.15
CA GLY K 289 38.18 -22.49 6.88
C GLY K 289 38.97 -23.71 6.50
N ASP K 290 39.19 -24.59 7.46
CA ASP K 290 40.04 -25.74 7.25
C ASP K 290 39.26 -26.88 6.60
N ILE K 291 40.00 -27.81 6.01
CA ILE K 291 39.40 -28.97 5.34
C ILE K 291 39.98 -30.21 6.00
N ILE K 292 39.13 -30.95 6.71
CA ILE K 292 39.53 -32.15 7.41
C ILE K 292 39.15 -33.33 6.51
N GLY K 293 40.15 -33.93 5.86
CA GLY K 293 39.90 -35.10 5.05
C GLY K 293 40.62 -35.05 3.72
N ASP K 294 40.39 -36.05 2.88
CA ASP K 294 41.02 -36.06 1.57
C ASP K 294 40.16 -35.27 0.59
N ILE K 295 40.83 -34.60 -0.34
CA ILE K 295 40.13 -33.77 -1.32
C ILE K 295 39.61 -34.70 -2.41
N ARG K 296 38.32 -34.96 -2.39
CA ARG K 296 37.70 -35.77 -3.44
C ARG K 296 36.84 -34.86 -4.30
N GLN K 297 36.12 -35.45 -5.25
CA GLN K 297 35.38 -34.66 -6.22
C GLN K 297 33.90 -34.99 -6.15
N ALA K 298 33.08 -33.96 -6.09
CA ALA K 298 31.64 -34.12 -5.91
C ALA K 298 30.99 -34.64 -7.19
N HIS K 299 30.07 -35.58 -7.05
CA HIS K 299 29.65 -36.37 -8.20
C HIS K 299 28.20 -36.82 -8.04
N CYS K 300 27.69 -37.47 -9.07
CA CYS K 300 26.34 -38.00 -9.05
C CYS K 300 26.31 -39.41 -9.62
N ASN K 301 25.44 -40.24 -9.04
CA ASN K 301 25.24 -41.64 -9.44
C ASN K 301 23.80 -41.82 -9.90
N VAL K 302 23.63 -42.58 -10.99
CA VAL K 302 22.34 -43.14 -11.36
C VAL K 302 22.54 -44.61 -11.69
N SER K 303 21.44 -45.36 -11.67
CA SER K 303 21.50 -46.77 -11.99
C SER K 303 21.57 -46.97 -13.50
N LYS K 304 22.20 -48.07 -13.91
CA LYS K 304 22.43 -48.31 -15.32
C LYS K 304 21.15 -48.74 -16.03
N ALA K 305 20.60 -49.87 -15.61
CA ALA K 305 19.62 -50.57 -16.42
C ALA K 305 18.30 -49.82 -16.47
N THR K 306 17.93 -49.15 -15.38
CA THR K 306 16.72 -48.35 -15.36
C THR K 306 16.83 -47.19 -16.34
N TRP K 307 18.01 -46.59 -16.43
CA TRP K 307 18.21 -45.51 -17.39
C TRP K 307 18.14 -46.02 -18.80
N ASN K 308 18.74 -47.18 -19.07
CA ASN K 308 18.70 -47.71 -20.42
C ASN K 308 17.29 -48.13 -20.81
N GLU K 309 16.54 -48.67 -19.87
CA GLU K 309 15.18 -49.11 -20.15
C GLU K 309 14.25 -47.92 -20.38
N THR K 310 14.42 -46.84 -19.61
CA THR K 310 13.60 -45.65 -19.84
C THR K 310 13.94 -44.98 -21.16
N LEU K 311 15.22 -45.00 -21.54
CA LEU K 311 15.56 -44.48 -22.86
C LEU K 311 14.98 -45.35 -23.97
N GLY K 312 14.90 -46.65 -23.75
CA GLY K 312 14.20 -47.50 -24.70
C GLY K 312 12.72 -47.17 -24.80
N LYS K 313 12.11 -46.85 -23.64
CA LYS K 313 10.72 -46.42 -23.61
C LYS K 313 10.52 -45.16 -24.45
N VAL K 314 11.40 -44.17 -24.27
CA VAL K 314 11.16 -42.91 -24.97
C VAL K 314 11.50 -43.04 -26.44
N VAL K 315 12.39 -43.97 -26.81
CA VAL K 315 12.61 -44.23 -28.23
C VAL K 315 11.37 -44.86 -28.85
N LYS K 316 10.78 -45.83 -28.16
CA LYS K 316 9.60 -46.51 -28.65
C LYS K 316 8.43 -45.57 -28.79
N GLN K 317 8.32 -44.58 -27.91
CA GLN K 317 7.23 -43.63 -28.04
C GLN K 317 7.55 -42.55 -29.07
N LEU K 318 8.81 -42.19 -29.21
CA LEU K 318 9.20 -41.13 -30.13
C LEU K 318 9.12 -41.56 -31.58
N ARG K 319 9.20 -42.86 -31.83
CA ARG K 319 9.21 -43.35 -33.21
C ARG K 319 7.90 -43.09 -33.94
N LYS K 320 6.80 -42.86 -33.22
CA LYS K 320 5.51 -42.66 -33.88
C LYS K 320 5.42 -41.29 -34.54
N HIS K 321 6.18 -40.32 -34.07
CA HIS K 321 6.07 -39.00 -34.65
C HIS K 321 7.00 -38.79 -35.84
N PHE K 322 7.78 -39.79 -36.21
CA PHE K 322 8.76 -39.59 -37.28
C PHE K 322 8.89 -40.79 -38.21
N GLY K 323 7.89 -41.66 -38.28
CA GLY K 323 8.00 -42.86 -39.06
C GLY K 323 8.78 -43.95 -38.34
N ASN K 324 8.50 -45.19 -38.72
CA ASN K 324 9.04 -46.32 -37.97
C ASN K 324 10.50 -46.58 -38.32
N ASN K 325 10.84 -46.55 -39.60
CA ASN K 325 12.20 -46.86 -40.03
C ASN K 325 13.04 -45.59 -39.94
N THR K 326 13.51 -45.30 -38.73
CA THR K 326 14.30 -44.10 -38.51
C THR K 326 15.35 -44.38 -37.47
N ILE K 327 16.60 -44.10 -37.80
CA ILE K 327 17.69 -44.17 -36.83
C ILE K 327 17.59 -42.95 -35.94
N ILE K 328 17.66 -43.15 -34.63
CA ILE K 328 17.60 -42.06 -33.66
C ILE K 328 18.83 -42.18 -32.76
N ARG K 329 19.47 -41.05 -32.50
CA ARG K 329 20.67 -41.05 -31.68
C ARG K 329 20.62 -39.89 -30.70
N PHE K 330 21.64 -39.80 -29.84
CA PHE K 330 21.76 -38.70 -28.89
C PHE K 330 23.17 -38.15 -28.90
N ALA K 331 23.31 -36.93 -28.38
CA ALA K 331 24.59 -36.25 -28.31
C ALA K 331 24.55 -35.26 -27.16
N ASN K 332 25.74 -34.82 -26.72
CA ASN K 332 25.79 -33.89 -25.61
C ASN K 332 25.47 -32.48 -26.08
N SER K 333 25.52 -31.52 -25.17
CA SER K 333 25.13 -30.16 -25.51
C SER K 333 26.17 -29.52 -26.42
N SER K 334 25.71 -28.61 -27.25
CA SER K 334 26.54 -28.15 -28.34
C SER K 334 27.51 -27.07 -27.89
N GLY K 335 27.09 -26.22 -26.98
CA GLY K 335 27.97 -25.19 -26.47
C GLY K 335 27.17 -24.10 -25.79
N GLY K 336 27.85 -22.99 -25.53
CA GLY K 336 27.23 -21.86 -24.90
C GLY K 336 27.81 -21.57 -23.54
N ASP K 337 27.06 -20.87 -22.70
CA ASP K 337 27.53 -20.51 -21.36
C ASP K 337 27.48 -21.73 -20.45
N LEU K 338 27.91 -21.55 -19.20
CA LEU K 338 28.15 -22.68 -18.31
C LEU K 338 26.85 -23.39 -17.94
N GLU K 339 25.89 -22.65 -17.43
CA GLU K 339 24.71 -23.30 -16.88
C GLU K 339 23.69 -23.72 -17.92
N VAL K 340 24.06 -23.87 -19.20
CA VAL K 340 23.15 -24.51 -20.14
C VAL K 340 23.78 -25.74 -20.80
N THR K 341 25.09 -25.89 -20.78
CA THR K 341 25.68 -27.12 -21.30
C THR K 341 25.42 -28.26 -20.34
N THR K 342 25.93 -28.13 -19.13
CA THR K 342 25.62 -29.09 -18.09
C THR K 342 24.22 -28.85 -17.57
N HIS K 343 23.83 -29.60 -16.56
CA HIS K 343 22.59 -29.35 -15.85
C HIS K 343 22.94 -28.97 -14.42
N SER K 344 22.08 -28.17 -13.82
CA SER K 344 22.43 -27.41 -12.63
C SER K 344 21.28 -27.39 -11.65
N PHE K 345 21.59 -27.53 -10.37
CA PHE K 345 20.54 -27.56 -9.37
C PHE K 345 21.06 -27.07 -8.05
N ASN K 346 20.19 -27.12 -7.04
CA ASN K 346 20.48 -26.56 -5.72
C ASN K 346 20.13 -27.56 -4.65
N CYS K 347 21.11 -28.28 -4.15
CA CYS K 347 20.88 -29.29 -3.14
C CYS K 347 21.55 -28.89 -1.84
N GLY K 348 20.84 -29.07 -0.73
CA GLY K 348 21.37 -28.82 0.59
C GLY K 348 21.76 -27.39 0.85
N GLY K 349 21.17 -26.45 0.13
CA GLY K 349 21.62 -25.07 0.26
C GLY K 349 22.94 -24.81 -0.40
N GLU K 350 23.28 -25.56 -1.45
CA GLU K 350 24.48 -25.26 -2.22
C GLU K 350 24.25 -25.66 -3.67
N PHE K 351 24.86 -24.93 -4.58
CA PHE K 351 24.56 -25.08 -6.00
C PHE K 351 25.56 -26.00 -6.67
N PHE K 352 25.04 -26.88 -7.52
CA PHE K 352 25.82 -27.84 -8.28
C PHE K 352 25.65 -27.57 -9.76
N TYR K 353 26.75 -27.73 -10.48
CA TYR K 353 26.76 -27.76 -11.93
C TYR K 353 27.42 -29.08 -12.30
N CYS K 354 26.68 -30.00 -12.92
CA CYS K 354 27.19 -31.36 -13.11
C CYS K 354 27.10 -31.76 -14.57
N ASN K 355 28.24 -32.20 -15.11
CA ASN K 355 28.39 -32.56 -16.51
C ASN K 355 27.51 -33.76 -16.87
N THR K 356 26.92 -33.72 -18.05
CA THR K 356 25.94 -34.72 -18.45
C THR K 356 26.30 -35.44 -19.73
N SER K 357 27.56 -35.38 -20.16
CA SER K 357 27.92 -35.99 -21.44
C SER K 357 27.89 -37.50 -21.38
N GLY K 358 27.97 -38.09 -20.19
CA GLY K 358 28.03 -39.53 -20.07
C GLY K 358 26.69 -40.22 -20.27
N LEU K 359 25.60 -39.47 -20.35
CA LEU K 359 24.30 -40.09 -20.45
C LEU K 359 23.75 -40.06 -21.87
N PHE K 360 24.03 -39.01 -22.62
CA PHE K 360 23.45 -38.85 -23.95
C PHE K 360 24.43 -39.25 -25.05
N ASN K 361 24.93 -40.48 -24.99
CA ASN K 361 25.71 -41.02 -26.11
C ASN K 361 25.16 -42.38 -26.45
N SER K 362 24.29 -42.44 -27.45
CA SER K 362 23.70 -43.69 -27.88
C SER K 362 23.19 -43.55 -29.30
N THR K 363 22.94 -44.70 -29.91
CA THR K 363 22.28 -44.80 -31.20
C THR K 363 21.36 -46.01 -31.17
N TRP K 364 20.26 -45.94 -31.93
CA TRP K 364 19.19 -46.91 -31.80
C TRP K 364 18.74 -47.35 -33.18
N ILE K 365 18.85 -48.65 -33.44
CA ILE K 365 18.55 -49.20 -34.76
C ILE K 365 17.04 -49.24 -34.95
N SER K 366 16.63 -49.58 -36.18
CA SER K 366 15.22 -49.55 -36.53
C SER K 366 14.41 -50.67 -35.89
N ASN K 367 15.00 -51.83 -35.65
CA ASN K 367 14.24 -52.93 -35.05
C ASN K 367 14.26 -52.84 -33.54
N ASN K 379 23.02 -53.23 -12.01
CA ASN K 379 23.94 -53.52 -10.93
C ASN K 379 25.06 -52.49 -10.89
N ASP K 380 25.67 -52.24 -12.05
CA ASP K 380 26.64 -51.16 -12.14
C ASP K 380 25.92 -49.82 -12.20
N SER K 381 26.67 -48.76 -11.95
CA SER K 381 26.09 -47.44 -11.82
C SER K 381 26.92 -46.43 -12.59
N ILE K 382 26.25 -45.48 -13.22
CA ILE K 382 26.91 -44.43 -13.97
C ILE K 382 27.15 -43.26 -13.04
N THR K 383 28.41 -42.86 -12.92
CA THR K 383 28.74 -41.61 -12.23
C THR K 383 28.98 -40.52 -13.25
N LEU K 384 28.89 -39.27 -12.77
CA LEU K 384 29.26 -38.13 -13.59
C LEU K 384 29.75 -37.03 -12.66
N PRO K 385 30.79 -36.30 -13.04
CA PRO K 385 31.41 -35.35 -12.12
C PRO K 385 30.82 -33.96 -12.22
N CYS K 386 30.86 -33.26 -11.10
CA CYS K 386 30.25 -31.94 -11.02
C CYS K 386 31.28 -30.89 -10.64
N ARG K 387 30.83 -29.64 -10.58
CA ARG K 387 31.62 -28.52 -10.09
C ARG K 387 30.76 -27.68 -9.15
N ILE K 388 31.42 -26.84 -8.37
CA ILE K 388 30.76 -26.04 -7.34
C ILE K 388 31.13 -24.58 -7.54
N LYS K 389 30.13 -23.76 -7.81
CA LYS K 389 30.30 -22.32 -7.83
C LYS K 389 29.77 -21.74 -6.54
N GLN K 390 30.46 -20.74 -6.00
CA GLN K 390 29.95 -20.10 -4.80
C GLN K 390 29.07 -18.91 -5.13
N ILE K 391 29.54 -18.01 -6.00
CA ILE K 391 28.66 -16.93 -6.44
C ILE K 391 27.83 -17.40 -7.61
N ILE K 392 26.61 -16.89 -7.70
CA ILE K 392 25.67 -17.28 -8.73
C ILE K 392 25.09 -16.02 -9.34
N ASN K 393 24.38 -16.21 -10.44
CA ASN K 393 23.58 -15.15 -11.03
C ASN K 393 22.48 -15.83 -11.84
N MET K 394 21.36 -16.06 -11.21
CA MET K 394 20.22 -16.61 -11.92
C MET K 394 19.41 -15.47 -12.50
N TRP K 395 18.72 -15.76 -13.60
CA TRP K 395 17.89 -14.88 -14.42
C TRP K 395 18.67 -13.81 -15.17
N GLN K 396 19.99 -13.73 -15.00
CA GLN K 396 20.91 -12.91 -15.80
C GLN K 396 20.50 -11.43 -15.79
N ARG K 397 20.16 -10.97 -14.60
CA ARG K 397 19.85 -9.57 -14.41
C ARG K 397 21.15 -8.76 -14.48
N ILE K 398 21.02 -7.49 -14.80
CA ILE K 398 22.19 -6.76 -15.24
C ILE K 398 23.07 -6.24 -14.10
N GLY K 399 22.55 -6.20 -12.88
CA GLY K 399 23.35 -5.69 -11.79
C GLY K 399 23.17 -6.47 -10.50
N GLN K 400 22.90 -7.76 -10.62
CA GLN K 400 22.47 -8.55 -9.48
C GLN K 400 23.28 -9.83 -9.40
N ALA K 401 24.25 -9.86 -8.51
CA ALA K 401 25.04 -11.05 -8.27
C ALA K 401 24.92 -11.44 -6.82
N MET K 402 24.78 -12.72 -6.55
CA MET K 402 24.48 -13.21 -5.22
C MET K 402 25.55 -14.19 -4.78
N TYR K 403 26.07 -13.98 -3.58
CA TYR K 403 27.03 -14.89 -2.99
C TYR K 403 26.27 -15.94 -2.21
N ALA K 404 26.89 -17.10 -2.04
CA ALA K 404 26.25 -18.08 -1.19
C ALA K 404 27.22 -18.56 -0.13
N PRO K 405 26.77 -18.73 1.11
CA PRO K 405 27.68 -19.15 2.15
C PRO K 405 27.93 -20.64 2.08
N PRO K 406 29.08 -21.10 2.56
CA PRO K 406 29.33 -22.54 2.64
C PRO K 406 28.58 -23.13 3.81
N ILE K 407 28.58 -24.46 3.87
CA ILE K 407 27.90 -25.20 4.91
C ILE K 407 28.85 -26.20 5.54
N GLN K 408 28.34 -26.94 6.52
CA GLN K 408 29.12 -27.86 7.32
C GLN K 408 28.87 -29.30 6.89
N GLY K 409 29.90 -30.11 6.93
CA GLY K 409 29.74 -31.55 6.85
C GLY K 409 29.57 -32.06 5.44
N VAL K 410 29.64 -33.39 5.33
CA VAL K 410 29.44 -34.07 4.07
C VAL K 410 27.99 -33.92 3.64
N ILE K 411 27.77 -33.67 2.35
CA ILE K 411 26.43 -33.37 1.86
C ILE K 411 26.04 -34.43 0.84
N ARG K 412 24.84 -34.97 0.97
CA ARG K 412 24.31 -35.84 -0.06
C ARG K 412 22.82 -35.61 -0.20
N CYS K 413 22.29 -35.92 -1.37
CA CYS K 413 20.88 -35.69 -1.63
C CYS K 413 20.39 -36.71 -2.65
N VAL K 414 19.15 -37.16 -2.43
CA VAL K 414 18.50 -38.15 -3.26
C VAL K 414 17.29 -37.51 -3.90
N SER K 415 17.02 -37.84 -5.17
CA SER K 415 15.85 -37.28 -5.83
C SER K 415 15.37 -38.19 -6.94
N ASN K 416 14.23 -37.82 -7.52
CA ASN K 416 13.59 -38.56 -8.59
C ASN K 416 13.71 -37.75 -9.88
N ILE K 417 14.47 -38.26 -10.84
CA ILE K 417 14.42 -37.70 -12.18
C ILE K 417 13.08 -38.09 -12.76
N THR K 418 12.38 -37.10 -13.33
CA THR K 418 11.01 -37.24 -13.78
C THR K 418 10.79 -36.88 -15.25
N GLY K 419 11.40 -35.80 -15.74
CA GLY K 419 11.15 -35.36 -17.10
C GLY K 419 12.42 -34.97 -17.81
N LEU K 420 12.26 -34.62 -19.08
CA LEU K 420 13.37 -34.31 -19.97
C LEU K 420 13.01 -33.17 -20.91
N ILE K 421 14.03 -32.45 -21.36
CA ILE K 421 13.87 -31.32 -22.27
C ILE K 421 14.80 -31.54 -23.45
N LEU K 422 14.25 -31.55 -24.66
CA LEU K 422 15.05 -31.90 -25.82
C LEU K 422 14.90 -30.88 -26.93
N THR K 423 15.80 -31.00 -27.91
CA THR K 423 15.83 -30.11 -29.06
C THR K 423 16.35 -30.90 -30.26
N ARG K 424 15.57 -30.87 -31.34
CA ARG K 424 15.97 -31.50 -32.58
C ARG K 424 17.01 -30.63 -33.29
N ASP K 425 17.95 -31.27 -33.96
CA ASP K 425 18.87 -30.55 -34.82
C ASP K 425 18.25 -30.29 -36.18
N GLY K 426 18.47 -29.09 -36.70
CA GLY K 426 17.87 -28.65 -37.94
C GLY K 426 18.51 -29.27 -39.17
N GLY K 427 18.38 -30.58 -39.30
CA GLY K 427 19.09 -31.29 -40.34
C GLY K 427 18.46 -31.28 -41.71
N SER K 428 19.02 -30.49 -42.62
CA SER K 428 18.63 -30.54 -44.02
C SER K 428 19.48 -31.60 -44.72
N THR K 429 19.42 -31.61 -46.05
CA THR K 429 20.31 -32.39 -46.93
C THR K 429 20.26 -33.89 -46.69
N ASN K 430 19.03 -34.43 -46.63
CA ASN K 430 18.72 -35.84 -46.93
C ASN K 430 19.46 -36.82 -46.02
N SER K 431 19.20 -36.75 -44.73
CA SER K 431 19.79 -37.67 -43.78
C SER K 431 18.67 -38.33 -42.98
N THR K 432 18.71 -39.66 -42.86
CA THR K 432 17.60 -40.38 -42.25
C THR K 432 17.65 -40.31 -40.73
N THR K 433 18.82 -40.11 -40.14
CA THR K 433 18.93 -40.04 -38.70
C THR K 433 18.44 -38.70 -38.20
N GLU K 434 17.86 -38.68 -37.00
CA GLU K 434 17.37 -37.45 -36.36
C GLU K 434 17.97 -37.42 -34.96
N THR K 435 19.08 -36.70 -34.81
CA THR K 435 19.71 -36.59 -33.49
C THR K 435 18.91 -35.68 -32.57
N PHE K 436 19.14 -35.83 -31.28
CA PHE K 436 18.48 -35.02 -30.27
C PHE K 436 19.47 -34.54 -29.24
N ARG K 437 19.25 -33.36 -28.69
CA ARG K 437 20.18 -32.84 -27.71
C ARG K 437 19.43 -32.16 -26.58
N PRO K 438 19.98 -32.16 -25.37
CA PRO K 438 19.34 -31.43 -24.28
C PRO K 438 19.69 -29.95 -24.34
N GLY K 439 18.72 -29.11 -24.01
CA GLY K 439 18.93 -27.69 -24.02
C GLY K 439 18.07 -26.96 -23.00
N GLY K 440 18.68 -26.21 -22.10
CA GLY K 440 17.96 -25.65 -20.98
C GLY K 440 17.11 -24.48 -21.36
N GLY K 441 17.74 -23.40 -21.82
CA GLY K 441 16.99 -22.27 -22.32
C GLY K 441 16.29 -21.51 -21.22
N ASP K 442 14.99 -21.30 -21.40
CA ASP K 442 14.22 -20.51 -20.46
C ASP K 442 14.02 -21.28 -19.16
N MET K 443 13.68 -20.53 -18.12
CA MET K 443 13.16 -21.14 -16.90
C MET K 443 11.67 -21.38 -16.98
N ARG K 444 10.99 -20.86 -18.01
CA ARG K 444 9.54 -20.96 -18.06
C ARG K 444 9.05 -22.37 -18.33
N ASP K 445 9.85 -23.17 -19.03
CA ASP K 445 9.41 -24.51 -19.42
C ASP K 445 9.23 -25.44 -18.25
N ASN K 446 9.95 -25.22 -17.16
CA ASN K 446 9.76 -26.05 -15.99
C ASN K 446 8.39 -25.82 -15.36
N TRP K 447 7.92 -24.58 -15.37
CA TRP K 447 6.56 -24.36 -14.88
C TRP K 447 5.54 -24.84 -15.90
N ARG K 448 5.87 -24.74 -17.19
CA ARG K 448 4.94 -25.25 -18.21
C ARG K 448 4.83 -26.76 -18.17
N SER K 449 5.77 -27.44 -17.53
CA SER K 449 5.60 -28.86 -17.30
C SER K 449 4.56 -29.15 -16.23
N GLU K 450 4.13 -28.16 -15.44
CA GLU K 450 3.18 -28.42 -14.38
C GLU K 450 1.87 -27.68 -14.53
N LEU K 451 1.81 -26.64 -15.34
CA LEU K 451 0.56 -25.93 -15.56
C LEU K 451 0.00 -26.26 -16.94
N TYR K 452 0.22 -27.49 -17.37
CA TYR K 452 -0.32 -27.96 -18.63
C TYR K 452 -1.74 -28.45 -18.49
N LYS K 453 -2.39 -28.22 -17.36
CA LYS K 453 -3.71 -28.76 -17.12
C LYS K 453 -4.69 -27.75 -16.53
N TYR K 454 -4.46 -26.46 -16.66
CA TYR K 454 -5.35 -25.49 -16.01
C TYR K 454 -5.50 -24.25 -16.87
N LYS K 455 -6.73 -23.91 -17.21
CA LYS K 455 -7.05 -22.60 -17.74
C LYS K 455 -8.03 -21.92 -16.79
N VAL K 456 -8.08 -20.60 -16.83
CA VAL K 456 -8.87 -19.82 -15.88
C VAL K 456 -10.02 -19.15 -16.60
N VAL K 457 -11.23 -19.32 -16.08
CA VAL K 457 -12.43 -18.85 -16.76
C VAL K 457 -13.25 -17.97 -15.84
N LYS K 458 -14.03 -17.09 -16.45
CA LYS K 458 -14.77 -16.06 -15.76
C LYS K 458 -16.27 -16.33 -15.86
N ILE K 459 -16.93 -16.31 -14.71
CA ILE K 459 -18.37 -16.56 -14.62
C ILE K 459 -19.12 -15.38 -15.23
N GLU K 460 -20.26 -15.67 -15.85
CA GLU K 460 -21.15 -14.62 -16.33
C GLU K 460 -22.58 -15.00 -15.99
N PRO K 461 -23.23 -14.32 -15.10
CA PRO K 461 -24.65 -14.57 -14.86
C PRO K 461 -25.54 -13.80 -15.82
N LEU K 462 -26.84 -13.83 -15.56
CA LEU K 462 -27.92 -13.12 -16.25
C LEU K 462 -27.94 -13.44 -17.75
N GLY K 463 -28.38 -14.66 -18.02
CA GLY K 463 -28.82 -15.01 -19.34
C GLY K 463 -30.22 -14.48 -19.60
N VAL K 464 -30.69 -14.68 -20.83
CA VAL K 464 -32.00 -14.20 -21.23
C VAL K 464 -32.55 -15.13 -22.29
N ALA K 465 -33.80 -15.57 -22.13
CA ALA K 465 -34.35 -16.57 -23.03
C ALA K 465 -35.83 -16.33 -23.18
N PRO K 466 -36.42 -16.66 -24.34
CA PRO K 466 -37.86 -16.52 -24.50
C PRO K 466 -38.64 -17.72 -23.98
N THR K 467 -39.80 -17.42 -23.39
CA THR K 467 -40.77 -18.44 -23.00
C THR K 467 -42.14 -17.79 -22.90
N ARG K 468 -43.13 -18.61 -22.51
CA ARG K 468 -44.52 -18.20 -22.56
C ARG K 468 -45.03 -17.89 -21.16
N CYS K 469 -44.72 -16.68 -20.70
CA CYS K 469 -45.31 -16.11 -19.50
C CYS K 469 -45.28 -14.60 -19.66
N LYS K 470 -46.13 -13.91 -18.92
CA LYS K 470 -46.26 -12.48 -19.13
C LYS K 470 -46.63 -11.79 -17.83
N ARG K 471 -45.98 -10.66 -17.58
CA ARG K 471 -46.14 -9.97 -16.31
C ARG K 471 -47.42 -9.16 -16.29
N ARG K 472 -48.19 -9.30 -15.21
CA ARG K 472 -49.47 -8.61 -15.09
C ARG K 472 -49.30 -7.22 -14.49
N VAL K 473 -50.23 -6.34 -14.81
CA VAL K 473 -50.19 -4.97 -14.32
C VAL K 473 -50.60 -4.89 -12.86
N ALA L 1 -38.46 -43.39 1.19
CA ALA L 1 -39.08 -42.77 0.03
C ALA L 1 -38.12 -42.75 -1.14
N VAL L 2 -37.09 -41.92 -1.02
CA VAL L 2 -36.08 -41.80 -2.06
C VAL L 2 -34.93 -42.74 -1.74
N GLY L 3 -34.75 -43.73 -2.60
CA GLY L 3 -33.59 -44.59 -2.51
C GLY L 3 -32.38 -43.89 -3.07
N ILE L 4 -32.44 -43.50 -4.34
CA ILE L 4 -31.35 -42.82 -5.01
C ILE L 4 -31.96 -41.77 -5.94
N GLY L 5 -31.86 -40.50 -5.54
CA GLY L 5 -32.24 -39.39 -6.39
C GLY L 5 -31.08 -38.42 -6.54
N ALA L 6 -31.18 -37.58 -7.58
CA ALA L 6 -30.14 -36.59 -7.86
C ALA L 6 -30.18 -35.53 -6.78
N VAL L 7 -29.13 -35.43 -5.99
CA VAL L 7 -29.18 -34.60 -4.81
C VAL L 7 -29.04 -33.13 -5.18
N PHE L 8 -27.82 -32.75 -5.57
CA PHE L 8 -27.42 -31.43 -6.04
C PHE L 8 -25.94 -31.53 -6.36
N LEU L 9 -25.47 -30.59 -7.17
CA LEU L 9 -24.07 -30.55 -7.57
C LEU L 9 -23.45 -29.26 -7.08
N GLY L 10 -22.16 -29.11 -7.32
CA GLY L 10 -21.50 -27.86 -7.05
C GLY L 10 -21.94 -26.79 -8.03
N PHE L 11 -21.42 -25.59 -7.81
CA PHE L 11 -21.76 -24.50 -8.71
C PHE L 11 -21.05 -24.70 -10.04
N LEU L 12 -21.76 -24.40 -11.12
CA LEU L 12 -21.55 -24.88 -12.48
C LEU L 12 -21.65 -26.39 -12.62
N GLY L 13 -22.30 -27.08 -11.68
CA GLY L 13 -22.43 -28.52 -11.80
C GLY L 13 -23.37 -28.94 -12.90
N ALA L 14 -24.50 -28.26 -13.04
CA ALA L 14 -25.50 -28.68 -14.00
C ALA L 14 -25.17 -28.22 -15.41
N ALA L 15 -24.13 -27.41 -15.58
CA ALA L 15 -23.97 -26.58 -16.77
C ALA L 15 -23.72 -27.37 -18.05
N GLY L 16 -23.44 -28.67 -17.94
CA GLY L 16 -23.43 -29.51 -19.12
C GLY L 16 -24.82 -29.92 -19.56
N SER L 17 -25.77 -29.94 -18.63
CA SER L 17 -27.08 -30.49 -18.93
C SER L 17 -27.93 -29.46 -19.69
N THR L 18 -29.17 -29.83 -19.94
CA THR L 18 -30.10 -28.97 -20.65
C THR L 18 -30.55 -27.83 -19.75
N MET L 19 -31.13 -26.80 -20.37
CA MET L 19 -31.52 -25.61 -19.62
C MET L 19 -32.73 -25.85 -18.74
N GLY L 20 -33.61 -26.77 -19.12
CA GLY L 20 -34.78 -27.05 -18.31
C GLY L 20 -34.42 -27.66 -16.97
N ALA L 21 -33.47 -28.60 -16.98
CA ALA L 21 -33.00 -29.17 -15.73
C ALA L 21 -32.11 -28.18 -14.97
N ALA L 22 -31.37 -27.35 -15.70
CA ALA L 22 -30.46 -26.42 -15.04
C ALA L 22 -31.20 -25.29 -14.35
N SER L 23 -32.41 -24.98 -14.81
CA SER L 23 -33.16 -23.89 -14.21
C SER L 23 -33.73 -24.25 -12.85
N MET L 24 -33.68 -25.52 -12.45
CA MET L 24 -34.14 -25.89 -11.13
C MET L 24 -33.24 -25.35 -10.03
N THR L 25 -31.95 -25.21 -10.32
CA THR L 25 -30.98 -24.72 -9.34
C THR L 25 -30.35 -23.45 -9.86
N LEU L 26 -30.55 -22.35 -9.14
CA LEU L 26 -29.88 -21.11 -9.49
C LEU L 26 -29.16 -20.54 -8.29
N THR L 27 -29.70 -20.85 -7.10
CA THR L 27 -29.18 -20.28 -5.87
C THR L 27 -27.76 -20.73 -5.60
N VAL L 28 -27.41 -21.94 -6.02
CA VAL L 28 -26.04 -22.42 -5.90
C VAL L 28 -25.13 -21.61 -6.80
N GLN L 29 -25.57 -21.36 -8.04
CA GLN L 29 -24.77 -20.55 -8.95
C GLN L 29 -24.75 -19.09 -8.55
N ALA L 30 -25.67 -18.66 -7.70
CA ALA L 30 -25.70 -17.28 -7.25
C ALA L 30 -24.91 -17.05 -5.98
N ARG L 31 -24.88 -18.03 -5.06
CA ARG L 31 -24.26 -17.78 -3.77
C ARG L 31 -22.74 -17.76 -3.87
N ASN L 32 -22.16 -18.60 -4.72
CA ASN L 32 -20.71 -18.69 -4.86
C ASN L 32 -20.18 -17.55 -5.75
N LEU L 33 -20.44 -16.33 -5.31
CA LEU L 33 -20.15 -15.16 -6.11
C LEU L 33 -19.62 -13.99 -5.32
N LEU L 34 -19.76 -13.98 -3.99
CA LEU L 34 -19.39 -12.80 -3.20
C LEU L 34 -18.12 -13.00 -2.40
N SER L 35 -18.06 -14.02 -1.57
CA SER L 35 -16.88 -14.20 -0.75
C SER L 35 -16.29 -15.59 -0.83
N GLY L 36 -17.12 -16.61 -0.95
CA GLY L 36 -16.65 -17.99 -1.01
C GLY L 36 -17.60 -18.91 -1.75
N THR L 58 4.88 -7.03 1.57
CA THR L 58 3.60 -6.45 1.95
C THR L 58 3.05 -5.54 0.87
N VAL L 59 3.34 -5.91 -0.38
CA VAL L 59 2.66 -5.31 -1.52
C VAL L 59 1.47 -6.15 -1.93
N TRP L 60 1.42 -7.40 -1.48
CA TRP L 60 0.42 -8.36 -1.91
C TRP L 60 -0.97 -7.98 -1.43
N GLY L 61 -1.04 -7.25 -0.31
CA GLY L 61 -2.31 -6.77 0.18
C GLY L 61 -3.00 -5.84 -0.79
N ILE L 62 -2.24 -5.10 -1.59
CA ILE L 62 -2.83 -4.24 -2.60
C ILE L 62 -3.49 -5.08 -3.69
N LYS L 63 -2.85 -6.18 -4.07
CA LYS L 63 -3.43 -7.06 -5.09
C LYS L 63 -4.68 -7.74 -4.57
N GLN L 64 -4.68 -8.16 -3.29
CA GLN L 64 -5.88 -8.75 -2.74
C GLN L 64 -7.00 -7.74 -2.59
N LEU L 65 -6.67 -6.51 -2.22
CA LEU L 65 -7.70 -5.51 -2.04
C LEU L 65 -8.28 -5.07 -3.37
N GLN L 66 -7.46 -4.98 -4.42
CA GLN L 66 -8.04 -4.62 -5.70
C GLN L 66 -8.80 -5.78 -6.30
N ALA L 67 -8.44 -7.03 -5.95
CA ALA L 67 -9.25 -8.16 -6.37
C ALA L 67 -10.62 -8.14 -5.72
N ARG L 68 -10.66 -7.87 -4.41
CA ARG L 68 -11.94 -7.85 -3.71
C ARG L 68 -12.83 -6.71 -4.18
N VAL L 69 -12.25 -5.53 -4.41
CA VAL L 69 -13.10 -4.44 -4.86
C VAL L 69 -13.50 -4.61 -6.31
N LEU L 70 -12.71 -5.33 -7.11
CA LEU L 70 -13.15 -5.65 -8.46
C LEU L 70 -14.35 -6.59 -8.42
N ALA L 71 -14.32 -7.54 -7.50
CA ALA L 71 -15.43 -8.47 -7.34
C ALA L 71 -16.71 -7.74 -6.93
N VAL L 72 -16.61 -6.85 -5.95
CA VAL L 72 -17.84 -6.21 -5.51
C VAL L 72 -18.29 -5.15 -6.52
N GLU L 73 -17.37 -4.62 -7.32
CA GLU L 73 -17.75 -3.69 -8.36
C GLU L 73 -18.56 -4.40 -9.44
N ARG L 74 -18.12 -5.60 -9.84
CA ARG L 74 -18.85 -6.37 -10.83
C ARG L 74 -20.23 -6.75 -10.32
N TYR L 75 -20.32 -7.23 -9.08
CA TYR L 75 -21.61 -7.64 -8.54
C TYR L 75 -22.56 -6.47 -8.39
N LEU L 76 -22.04 -5.30 -8.01
CA LEU L 76 -22.93 -4.16 -7.87
C LEU L 76 -23.40 -3.63 -9.22
N ARG L 77 -22.55 -3.71 -10.24
CA ARG L 77 -22.98 -3.37 -11.59
C ARG L 77 -24.12 -4.27 -12.03
N ASP L 78 -24.02 -5.56 -11.73
CA ASP L 78 -25.06 -6.48 -12.14
C ASP L 78 -26.35 -6.24 -11.38
N GLN L 79 -26.25 -5.90 -10.09
CA GLN L 79 -27.46 -5.63 -9.32
C GLN L 79 -28.15 -4.37 -9.79
N GLN L 80 -27.39 -3.35 -10.18
CA GLN L 80 -27.99 -2.12 -10.66
C GLN L 80 -28.65 -2.33 -12.02
N LEU L 81 -27.95 -3.02 -12.92
CA LEU L 81 -28.52 -3.31 -14.23
C LEU L 81 -29.75 -4.17 -14.14
N LEU L 82 -29.84 -5.03 -13.13
CA LEU L 82 -31.09 -5.72 -12.95
C LEU L 82 -32.14 -4.85 -12.31
N GLY L 83 -31.72 -3.87 -11.50
CA GLY L 83 -32.68 -3.02 -10.83
C GLY L 83 -33.40 -2.09 -11.76
N ILE L 84 -32.74 -1.63 -12.82
CA ILE L 84 -33.40 -0.68 -13.71
C ILE L 84 -34.44 -1.32 -14.61
N TRP L 85 -34.53 -2.63 -14.65
CA TRP L 85 -35.61 -3.29 -15.35
C TRP L 85 -36.76 -3.52 -14.38
N GLY L 86 -37.69 -4.38 -14.74
CA GLY L 86 -38.87 -4.58 -13.92
C GLY L 86 -38.60 -5.26 -12.58
N CYS L 87 -37.65 -6.17 -12.55
CA CYS L 87 -37.46 -7.03 -11.39
C CYS L 87 -36.18 -6.66 -10.65
N SER L 88 -36.33 -6.19 -9.41
CA SER L 88 -35.15 -5.93 -8.60
C SER L 88 -34.56 -7.23 -8.06
N GLY L 89 -35.33 -7.94 -7.24
CA GLY L 89 -34.77 -9.08 -6.55
C GLY L 89 -35.57 -10.34 -6.72
N LYS L 90 -36.24 -10.47 -7.86
CA LYS L 90 -37.13 -11.61 -8.05
C LYS L 90 -36.35 -12.89 -8.32
N LEU L 91 -35.19 -12.78 -8.98
CA LEU L 91 -34.27 -13.82 -9.45
C LEU L 91 -34.83 -14.61 -10.63
N ILE L 92 -36.12 -14.48 -10.89
CA ILE L 92 -36.78 -14.97 -12.10
C ILE L 92 -37.79 -13.90 -12.49
N CYS L 93 -37.71 -13.41 -13.71
CA CYS L 93 -38.64 -12.37 -14.10
C CYS L 93 -39.37 -12.76 -15.37
N CYS L 94 -40.43 -12.02 -15.64
CA CYS L 94 -41.07 -11.97 -16.95
C CYS L 94 -41.43 -10.52 -17.21
N THR L 95 -41.68 -10.18 -18.46
CA THR L 95 -41.87 -8.80 -18.80
C THR L 95 -42.79 -8.70 -20.01
N ASN L 96 -42.85 -7.51 -20.61
CA ASN L 96 -43.79 -7.20 -21.67
C ASN L 96 -43.06 -6.82 -22.94
N VAL L 97 -42.11 -7.63 -23.38
CA VAL L 97 -41.47 -7.45 -24.67
C VAL L 97 -41.59 -8.76 -25.43
N PRO L 98 -42.24 -8.77 -26.58
CA PRO L 98 -42.48 -10.02 -27.28
C PRO L 98 -41.25 -10.47 -28.03
N TRP L 99 -41.08 -11.79 -28.09
CA TRP L 99 -39.91 -12.33 -28.75
C TRP L 99 -40.07 -12.24 -30.25
N ASN L 100 -39.13 -11.57 -30.89
CA ASN L 100 -39.07 -11.52 -32.35
C ASN L 100 -38.34 -12.78 -32.82
N SER L 101 -39.00 -13.57 -33.67
CA SER L 101 -38.41 -14.82 -34.10
C SER L 101 -37.29 -14.65 -35.11
N SER L 102 -37.06 -13.43 -35.60
CA SER L 102 -35.97 -13.19 -36.53
C SER L 102 -34.62 -13.30 -35.86
N TRP L 103 -34.56 -13.22 -34.53
CA TRP L 103 -33.28 -13.46 -33.86
C TRP L 103 -32.93 -14.93 -33.82
N SER L 104 -33.84 -15.76 -33.32
CA SER L 104 -33.44 -17.10 -32.91
C SER L 104 -33.80 -18.20 -33.88
N ASN L 105 -34.91 -18.07 -34.62
CA ASN L 105 -35.51 -19.05 -35.54
C ASN L 105 -35.53 -20.49 -35.02
N ARG L 106 -35.79 -20.66 -33.73
CA ARG L 106 -35.84 -21.98 -33.13
C ARG L 106 -37.25 -22.27 -32.63
N ASN L 107 -37.58 -23.55 -32.58
CA ASN L 107 -38.84 -23.99 -32.01
C ASN L 107 -38.79 -23.91 -30.51
N LEU L 108 -39.97 -23.80 -29.88
CA LEU L 108 -40.03 -23.85 -28.43
C LEU L 108 -39.74 -25.25 -27.90
N SER L 109 -40.16 -26.26 -28.65
CA SER L 109 -40.11 -27.64 -28.18
C SER L 109 -38.69 -28.15 -28.04
N GLU L 110 -37.77 -27.59 -28.80
CA GLU L 110 -36.41 -28.13 -28.85
C GLU L 110 -35.46 -27.45 -27.88
N ILE L 111 -35.70 -26.19 -27.53
CA ILE L 111 -34.67 -25.48 -26.80
C ILE L 111 -34.62 -25.90 -25.34
N TRP L 112 -35.77 -26.13 -24.71
CA TRP L 112 -35.78 -26.48 -23.31
C TRP L 112 -35.43 -27.94 -23.07
N ASP L 113 -35.41 -28.76 -24.12
CA ASP L 113 -35.09 -30.16 -23.98
C ASP L 113 -33.95 -30.58 -24.89
N ASN L 114 -33.22 -29.64 -25.44
CA ASN L 114 -32.15 -30.04 -26.34
C ASN L 114 -30.80 -29.38 -26.06
N MET L 115 -30.78 -28.09 -25.72
CA MET L 115 -29.55 -27.34 -25.78
C MET L 115 -29.12 -26.86 -24.40
N THR L 116 -27.83 -26.54 -24.30
CA THR L 116 -27.24 -26.00 -23.09
C THR L 116 -27.07 -24.49 -23.24
N TRP L 117 -26.78 -23.84 -22.11
CA TRP L 117 -26.59 -22.40 -22.12
C TRP L 117 -25.31 -22.02 -22.85
N LEU L 118 -24.25 -22.82 -22.66
CA LEU L 118 -23.03 -22.64 -23.42
C LEU L 118 -23.31 -22.78 -24.91
N GLN L 119 -24.15 -23.74 -25.27
CA GLN L 119 -24.57 -23.83 -26.66
C GLN L 119 -25.44 -22.65 -27.05
N TRP L 120 -26.19 -22.10 -26.10
CA TRP L 120 -27.13 -21.04 -26.41
C TRP L 120 -26.44 -19.71 -26.68
N ASP L 121 -25.33 -19.46 -25.98
CA ASP L 121 -24.77 -18.12 -25.96
C ASP L 121 -24.12 -17.77 -27.28
N LYS L 122 -23.52 -18.75 -27.95
CA LYS L 122 -22.99 -18.49 -29.28
C LYS L 122 -24.09 -18.25 -30.30
N GLU L 123 -25.28 -18.80 -30.07
CA GLU L 123 -26.36 -18.55 -31.01
C GLU L 123 -26.98 -17.18 -30.83
N ILE L 124 -27.09 -16.70 -29.58
CA ILE L 124 -27.71 -15.40 -29.35
C ILE L 124 -26.68 -14.29 -29.19
N SER L 125 -25.45 -14.51 -29.64
CA SER L 125 -24.38 -13.54 -29.38
C SER L 125 -24.52 -12.28 -30.21
N ASN L 126 -25.10 -12.38 -31.41
CA ASN L 126 -25.24 -11.21 -32.28
C ASN L 126 -26.23 -10.22 -31.71
N TYR L 127 -27.37 -10.69 -31.24
CA TYR L 127 -28.46 -9.82 -30.83
C TYR L 127 -28.36 -9.65 -29.33
N THR L 128 -27.45 -8.79 -28.94
CA THR L 128 -27.34 -8.32 -27.57
C THR L 128 -27.20 -6.82 -27.67
N GLN L 129 -27.25 -6.15 -26.50
CA GLN L 129 -27.07 -4.71 -26.31
C GLN L 129 -28.23 -3.89 -26.90
N ILE L 130 -29.17 -4.56 -27.56
CA ILE L 130 -30.37 -3.92 -28.06
C ILE L 130 -31.56 -4.32 -27.19
N ILE L 131 -31.60 -5.59 -26.82
CA ILE L 131 -32.63 -6.13 -25.96
C ILE L 131 -32.62 -5.45 -24.60
N TYR L 132 -31.42 -5.07 -24.15
CA TYR L 132 -31.28 -4.35 -22.90
C TYR L 132 -31.93 -2.98 -22.98
N GLY L 133 -31.72 -2.27 -24.08
CA GLY L 133 -32.36 -0.97 -24.24
C GLY L 133 -33.86 -1.08 -24.40
N LEU L 134 -34.32 -2.17 -25.02
CA LEU L 134 -35.75 -2.41 -25.13
C LEU L 134 -36.37 -2.59 -23.75
N LEU L 135 -35.69 -3.34 -22.88
CA LEU L 135 -36.17 -3.50 -21.52
C LEU L 135 -36.18 -2.19 -20.77
N GLU L 136 -35.17 -1.34 -21.01
CA GLU L 136 -35.11 -0.04 -20.36
C GLU L 136 -36.28 0.84 -20.74
N GLU L 137 -36.54 0.96 -22.04
CA GLU L 137 -37.64 1.79 -22.52
C GLU L 137 -38.99 1.25 -22.08
N SER L 138 -39.13 -0.09 -22.06
CA SER L 138 -40.40 -0.70 -21.65
C SER L 138 -40.69 -0.45 -20.18
N GLN L 139 -39.69 -0.61 -19.33
CA GLN L 139 -39.87 -0.35 -17.90
C GLN L 139 -40.12 1.13 -17.65
N ASN L 140 -39.48 2.00 -18.42
CA ASN L 140 -39.66 3.44 -18.25
C ASN L 140 -41.08 3.86 -18.61
N GLN L 141 -41.59 3.37 -19.74
CA GLN L 141 -42.93 3.73 -20.16
C GLN L 141 -43.99 3.13 -19.24
N GLN L 142 -43.75 1.92 -18.75
CA GLN L 142 -44.69 1.32 -17.82
C GLN L 142 -44.72 2.06 -16.49
N GLU L 143 -43.57 2.54 -16.03
CA GLU L 143 -43.52 3.30 -14.80
C GLU L 143 -44.21 4.64 -14.93
N LYS L 144 -44.03 5.33 -16.06
CA LYS L 144 -44.70 6.63 -16.20
C LYS L 144 -46.20 6.46 -16.41
N ASN L 145 -46.65 5.36 -17.02
CA ASN L 145 -48.07 5.16 -17.18
C ASN L 145 -48.74 4.78 -15.87
N GLU L 146 -48.12 3.91 -15.07
CA GLU L 146 -48.70 3.62 -13.77
C GLU L 146 -48.58 4.81 -12.82
N GLN L 147 -47.57 5.65 -13.03
CA GLN L 147 -47.48 6.91 -12.31
C GLN L 147 -48.66 7.80 -12.63
N ASP L 148 -49.04 7.87 -13.91
CA ASP L 148 -50.23 8.64 -14.29
C ASP L 148 -51.49 8.01 -13.73
N LEU L 149 -51.51 6.67 -13.62
CA LEU L 149 -52.67 5.98 -13.06
C LEU L 149 -52.86 6.31 -11.59
N LEU L 150 -51.80 6.22 -10.79
CA LEU L 150 -51.91 6.62 -9.40
C LEU L 150 -51.92 8.14 -9.23
N ALA L 151 -51.63 8.90 -10.30
CA ALA L 151 -51.82 10.34 -10.28
C ALA L 151 -53.29 10.70 -10.34
N LEU L 152 -54.04 10.05 -11.25
CA LEU L 152 -55.48 10.22 -11.20
C LEU L 152 -56.13 9.42 -10.08
N ASP L 153 -55.37 8.56 -9.39
CA ASP L 153 -55.84 7.95 -8.15
C ASP L 153 -55.38 8.79 -6.97
N GLN M 1 64.10 -69.77 -2.64
CA GLN M 1 64.96 -69.04 -1.72
C GLN M 1 65.65 -67.91 -2.46
N VAL M 2 65.81 -66.78 -1.76
CA VAL M 2 66.45 -65.60 -2.31
C VAL M 2 67.44 -65.05 -1.27
N HIS M 3 68.53 -64.48 -1.79
CA HIS M 3 69.36 -63.56 -1.03
C HIS M 3 70.19 -62.72 -2.00
N LEU M 4 70.76 -61.64 -1.48
CA LEU M 4 71.41 -60.63 -2.28
C LEU M 4 72.85 -60.47 -1.81
N GLN M 5 73.60 -59.61 -2.49
CA GLN M 5 74.95 -59.27 -2.06
C GLN M 5 75.33 -57.88 -2.52
N GLU M 6 75.53 -56.97 -1.58
CA GLU M 6 76.13 -55.68 -1.89
C GLU M 6 77.62 -55.86 -2.18
N SER M 7 78.15 -54.99 -3.04
CA SER M 7 79.57 -55.03 -3.37
C SER M 7 80.01 -53.67 -3.87
N GLY M 8 81.11 -53.15 -3.30
CA GLY M 8 81.62 -51.85 -3.65
C GLY M 8 83.10 -51.69 -3.33
N PRO M 9 83.74 -50.66 -3.92
CA PRO M 9 85.17 -50.41 -3.64
C PRO M 9 85.42 -49.88 -2.23
N GLY M 10 84.63 -48.92 -1.78
CA GLY M 10 84.67 -48.49 -0.39
C GLY M 10 85.38 -47.18 -0.12
N LEU M 11 86.54 -46.97 -0.75
CA LEU M 11 87.33 -45.76 -0.52
C LEU M 11 87.32 -44.94 -1.80
N VAL M 12 86.60 -43.83 -1.78
CA VAL M 12 86.40 -42.99 -2.95
C VAL M 12 87.06 -41.64 -2.71
N LYS M 13 87.74 -41.13 -3.72
CA LYS M 13 88.22 -39.76 -3.65
C LYS M 13 87.04 -38.80 -3.72
N PRO M 14 87.18 -37.61 -3.13
CA PRO M 14 86.15 -36.58 -3.32
C PRO M 14 86.01 -36.18 -4.79
N SER M 15 84.77 -35.88 -5.17
CA SER M 15 84.37 -35.54 -6.55
C SER M 15 84.77 -36.64 -7.53
N GLU M 16 84.18 -37.82 -7.32
CA GLU M 16 84.53 -39.00 -8.11
C GLU M 16 83.29 -39.85 -8.38
N THR M 17 83.43 -40.75 -9.34
CA THR M 17 82.34 -41.62 -9.78
C THR M 17 82.35 -42.90 -8.95
N LEU M 18 81.27 -43.13 -8.21
CA LEU M 18 81.13 -44.36 -7.45
C LEU M 18 80.31 -45.39 -8.22
N SER M 19 80.65 -46.66 -8.05
CA SER M 19 79.89 -47.76 -8.62
C SER M 19 79.63 -48.81 -7.55
N LEU M 20 78.54 -49.56 -7.74
CA LEU M 20 78.10 -50.59 -6.81
C LEU M 20 77.42 -51.71 -7.58
N THR M 21 77.58 -52.92 -7.06
CA THR M 21 76.94 -54.09 -7.67
C THR M 21 76.20 -54.89 -6.61
N CYS M 22 75.19 -55.62 -7.06
CA CYS M 22 74.33 -56.37 -6.14
C CYS M 22 74.01 -57.71 -6.78
N ASN M 23 74.43 -58.78 -6.12
CA ASN M 23 74.28 -60.13 -6.64
C ASN M 23 72.99 -60.77 -6.17
N VAL M 24 72.45 -61.66 -6.99
CA VAL M 24 71.14 -62.23 -6.79
C VAL M 24 71.27 -63.68 -6.33
N SER M 25 70.14 -64.27 -5.95
CA SER M 25 70.04 -65.71 -5.73
C SER M 25 68.62 -66.14 -6.05
N GLY M 26 68.49 -67.01 -7.06
CA GLY M 26 67.21 -67.59 -7.39
C GLY M 26 66.33 -66.74 -8.28
N THR M 27 65.67 -65.74 -7.71
CA THR M 27 64.74 -64.91 -8.46
C THR M 27 65.53 -64.01 -9.40
N LEU M 28 65.17 -64.06 -10.68
CA LEU M 28 65.88 -63.32 -11.70
C LEU M 28 65.56 -61.83 -11.60
N VAL M 29 66.34 -61.03 -12.33
CA VAL M 29 66.23 -59.59 -12.24
C VAL M 29 64.97 -59.05 -12.93
N ARG M 30 64.35 -59.86 -13.78
CA ARG M 30 63.15 -59.40 -14.49
C ARG M 30 61.95 -59.31 -13.56
N ASP M 31 61.95 -60.11 -12.49
CA ASP M 31 60.73 -60.33 -11.72
C ASP M 31 60.39 -59.13 -10.85
N ASN M 32 61.37 -58.55 -10.17
CA ASN M 32 61.11 -57.72 -9.01
C ASN M 32 61.47 -56.26 -9.25
N TYR M 33 60.73 -55.37 -8.61
CA TYR M 33 61.17 -53.99 -8.50
C TYR M 33 62.34 -53.93 -7.53
N TRP M 34 63.43 -53.30 -7.94
CA TRP M 34 64.64 -53.19 -7.14
C TRP M 34 64.74 -51.81 -6.53
N SER M 35 65.59 -51.68 -5.52
CA SER M 35 65.75 -50.41 -4.84
C SER M 35 67.14 -50.33 -4.24
N TRP M 36 67.63 -49.10 -4.12
CA TRP M 36 68.85 -48.78 -3.41
C TRP M 36 68.56 -47.83 -2.25
N ILE M 37 69.30 -48.05 -1.16
CA ILE M 37 69.09 -47.43 0.14
C ILE M 37 70.45 -47.01 0.68
N ARG M 38 70.56 -45.77 1.14
CA ARG M 38 71.77 -45.24 1.76
C ARG M 38 71.49 -44.95 3.23
N GLN M 39 72.48 -45.24 4.09
CA GLN M 39 72.31 -44.89 5.48
C GLN M 39 73.63 -44.57 6.16
N PRO M 40 73.77 -43.39 6.76
CA PRO M 40 74.90 -43.16 7.66
C PRO M 40 74.53 -43.49 9.09
N LEU M 41 75.53 -43.39 9.96
CA LEU M 41 75.42 -43.88 11.33
C LEU M 41 74.50 -42.99 12.16
N GLY M 42 73.58 -43.63 12.88
CA GLY M 42 72.67 -42.90 13.73
C GLY M 42 71.67 -42.04 12.99
N LYS M 43 71.42 -42.33 11.73
CA LYS M 43 70.52 -41.53 10.92
C LYS M 43 69.35 -42.40 10.49
N GLN M 44 68.29 -41.74 10.03
CA GLN M 44 67.31 -42.47 9.26
C GLN M 44 67.94 -42.87 7.92
N PRO M 45 67.68 -44.08 7.45
CA PRO M 45 68.19 -44.47 6.15
C PRO M 45 67.44 -43.71 5.06
N GLU M 46 68.16 -43.49 3.97
CA GLU M 46 67.66 -42.64 2.90
C GLU M 46 67.42 -43.51 1.69
N TRP M 47 66.16 -43.56 1.26
CA TRP M 47 65.78 -44.31 0.07
C TRP M 47 66.35 -43.61 -1.14
N ILE M 48 67.39 -44.20 -1.74
CA ILE M 48 67.98 -43.60 -2.94
C ILE M 48 67.01 -43.71 -4.10
N GLY M 49 66.40 -44.87 -4.28
CA GLY M 49 65.42 -44.96 -5.35
C GLY M 49 65.10 -46.39 -5.72
N TYR M 50 64.23 -46.51 -6.73
CA TYR M 50 63.77 -47.81 -7.19
C TYR M 50 63.84 -47.87 -8.70
N VAL M 51 64.07 -49.08 -9.20
CA VAL M 51 64.42 -49.32 -10.59
C VAL M 51 63.80 -50.63 -11.04
N HIS M 52 63.26 -50.62 -12.26
CA HIS M 52 62.69 -51.80 -12.89
C HIS M 52 62.64 -51.52 -14.38
N ASP M 53 62.55 -52.60 -15.16
CA ASP M 53 62.34 -52.52 -16.60
C ASP M 53 61.01 -51.85 -16.92
N SER M 54 60.88 -51.43 -18.20
CA SER M 54 59.70 -50.76 -18.77
C SER M 54 59.45 -49.40 -18.09
N GLY M 55 60.51 -48.61 -17.96
CA GLY M 55 60.39 -47.24 -17.51
C GLY M 55 60.04 -47.07 -16.05
N ASP M 56 60.12 -48.13 -15.25
CA ASP M 56 59.77 -48.07 -13.83
C ASP M 56 61.03 -47.66 -13.06
N THR M 57 61.45 -46.41 -13.28
CA THR M 57 62.76 -45.94 -12.90
C THR M 57 62.70 -44.52 -12.33
N ASN M 58 61.77 -44.28 -11.42
CA ASN M 58 61.67 -42.95 -10.82
C ASN M 58 62.73 -42.77 -9.73
N TYR M 59 63.31 -41.59 -9.68
CA TYR M 59 64.46 -41.32 -8.81
C TYR M 59 64.09 -40.38 -7.67
N ASN M 60 65.01 -40.28 -6.72
CA ASN M 60 64.89 -39.30 -5.66
C ASN M 60 65.15 -37.92 -6.24
N PRO M 61 64.22 -36.96 -6.08
CA PRO M 61 64.45 -35.61 -6.61
C PRO M 61 65.45 -34.79 -5.82
N SER M 62 66.03 -35.33 -4.75
CA SER M 62 67.09 -34.61 -4.05
C SER M 62 68.34 -34.52 -4.91
N LEU M 63 68.93 -35.66 -5.26
CA LEU M 63 70.14 -35.64 -6.09
C LEU M 63 69.78 -35.56 -7.56
N LYS M 64 69.18 -36.63 -8.08
CA LYS M 64 68.37 -36.69 -9.31
C LYS M 64 69.15 -36.50 -10.61
N SER M 65 70.41 -36.15 -10.53
CA SER M 65 71.14 -35.86 -11.76
C SER M 65 72.44 -36.61 -11.86
N ARG M 66 73.19 -36.73 -10.77
CA ARG M 66 74.51 -37.32 -10.83
C ARG M 66 74.51 -38.80 -10.47
N VAL M 67 73.35 -39.41 -10.32
CA VAL M 67 73.23 -40.81 -9.91
C VAL M 67 72.40 -41.55 -10.95
N HIS M 68 72.86 -42.74 -11.34
CA HIS M 68 72.18 -43.58 -12.32
C HIS M 68 72.05 -44.99 -11.76
N LEU M 69 70.82 -45.41 -11.52
CA LEU M 69 70.54 -46.80 -11.21
C LEU M 69 70.44 -47.56 -12.52
N SER M 70 70.73 -48.87 -12.47
CA SER M 70 70.66 -49.70 -13.66
C SER M 70 70.54 -51.16 -13.22
N LEU M 71 70.31 -52.04 -14.19
CA LEU M 71 70.23 -53.46 -13.92
C LEU M 71 71.36 -54.18 -14.65
N ASP M 72 71.33 -55.51 -14.57
CA ASP M 72 72.26 -56.38 -15.28
C ASP M 72 71.52 -57.69 -15.53
N LYS M 73 70.94 -57.82 -16.73
CA LYS M 73 70.20 -59.04 -17.04
C LYS M 73 71.10 -60.15 -17.56
N SER M 74 72.30 -59.79 -18.07
CA SER M 74 73.24 -60.80 -18.56
C SER M 74 73.79 -61.63 -17.40
N LYS M 75 74.29 -60.94 -16.37
CA LYS M 75 74.90 -61.59 -15.22
C LYS M 75 73.99 -61.66 -14.02
N ASN M 76 72.76 -61.12 -14.14
CA ASN M 76 71.77 -61.05 -13.07
C ASN M 76 72.32 -60.31 -11.84
N LEU M 77 72.54 -59.01 -12.02
CA LEU M 77 72.99 -58.14 -10.95
C LEU M 77 72.22 -56.83 -11.00
N VAL M 78 72.42 -56.02 -9.97
CA VAL M 78 71.85 -54.68 -9.89
C VAL M 78 73.00 -53.70 -9.80
N SER M 79 72.98 -52.67 -10.65
CA SER M 79 74.14 -51.81 -10.84
C SER M 79 73.81 -50.39 -10.41
N LEU M 80 74.81 -49.73 -9.86
CA LEU M 80 74.67 -48.34 -9.43
C LEU M 80 75.89 -47.57 -9.91
N ARG M 81 75.65 -46.41 -10.50
CA ARG M 81 76.69 -45.51 -10.93
C ARG M 81 76.44 -44.15 -10.31
N LEU M 82 77.49 -43.48 -9.86
CA LEU M 82 77.41 -42.10 -9.41
C LEU M 82 78.42 -41.28 -10.17
N THR M 83 78.41 -39.98 -9.94
CA THR M 83 79.38 -39.06 -10.54
C THR M 83 79.62 -37.91 -9.58
N GLY M 84 80.88 -37.70 -9.20
CA GLY M 84 81.24 -36.58 -8.35
C GLY M 84 80.84 -36.75 -6.90
N VAL M 85 81.30 -37.83 -6.26
CA VAL M 85 80.98 -38.07 -4.86
C VAL M 85 81.80 -37.13 -3.99
N THR M 86 81.12 -36.33 -3.18
CA THR M 86 81.80 -35.47 -2.24
C THR M 86 81.80 -36.13 -0.87
N ALA M 87 82.18 -35.35 0.15
CA ALA M 87 82.31 -35.89 1.50
C ALA M 87 80.98 -36.25 2.14
N ALA M 88 79.87 -35.76 1.59
CA ALA M 88 78.57 -35.98 2.21
C ALA M 88 78.07 -37.41 2.06
N ASP M 89 78.61 -38.17 1.11
CA ASP M 89 78.06 -39.48 0.80
C ASP M 89 78.76 -40.61 1.55
N SER M 90 79.43 -40.32 2.65
CA SER M 90 80.03 -41.36 3.49
C SER M 90 78.94 -42.10 4.22
N ALA M 91 78.65 -43.33 3.79
CA ALA M 91 77.53 -44.08 4.37
C ALA M 91 77.70 -45.54 4.03
N ILE M 92 76.86 -46.37 4.62
CA ILE M 92 76.75 -47.76 4.21
C ILE M 92 75.57 -47.88 3.28
N TYR M 93 75.67 -48.81 2.33
CA TYR M 93 74.73 -48.90 1.24
C TYR M 93 74.08 -50.27 1.21
N TYR M 94 72.89 -50.32 0.62
CA TYR M 94 72.01 -51.48 0.65
C TYR M 94 71.26 -51.58 -0.67
N CYS M 95 71.26 -52.76 -1.29
CA CYS M 95 70.28 -53.05 -2.32
C CYS M 95 69.16 -53.89 -1.72
N ALA M 96 67.99 -53.82 -2.35
CA ALA M 96 66.83 -54.55 -1.85
C ALA M 96 65.83 -54.75 -2.97
N THR M 97 64.87 -55.63 -2.72
CA THR M 97 63.70 -55.77 -3.56
C THR M 97 62.51 -55.09 -2.87
N THR M 98 61.43 -54.90 -3.62
CA THR M 98 60.27 -54.30 -2.98
C THR M 98 58.97 -54.84 -3.55
N LYS M 99 57.92 -54.73 -2.75
CA LYS M 99 56.57 -55.12 -3.12
C LYS M 99 55.67 -53.90 -3.04
N HIS M 100 54.87 -53.69 -4.08
CA HIS M 100 54.04 -52.50 -4.21
C HIS M 100 52.58 -52.82 -3.94
N GLY M 101 51.72 -51.81 -4.07
CA GLY M 101 50.32 -51.96 -3.75
C GLY M 101 49.45 -50.73 -3.93
N ARG M 102 48.13 -50.91 -3.84
CA ARG M 102 47.15 -49.85 -4.06
C ARG M 102 46.50 -49.43 -2.75
N ARG M 103 46.38 -48.13 -2.54
CA ARG M 103 45.53 -47.57 -1.50
C ARG M 103 44.42 -46.77 -2.19
N ILE M 104 43.19 -47.06 -1.83
CA ILE M 104 42.00 -46.54 -2.50
C ILE M 104 41.14 -45.87 -1.46
N TYR M 105 40.78 -44.60 -1.67
CA TYR M 105 39.94 -43.89 -0.73
C TYR M 105 38.61 -43.48 -1.33
N GLY M 106 38.62 -42.77 -2.45
CA GLY M 106 37.40 -42.24 -3.03
C GLY M 106 36.99 -43.00 -4.27
N VAL M 107 36.71 -42.24 -5.34
CA VAL M 107 36.29 -42.84 -6.59
C VAL M 107 37.48 -43.47 -7.27
N VAL M 108 37.27 -44.62 -7.90
CA VAL M 108 38.35 -45.30 -8.60
C VAL M 108 38.65 -44.62 -9.92
N ALA M 109 37.62 -44.19 -10.64
CA ALA M 109 37.82 -43.67 -11.97
C ALA M 109 38.41 -42.27 -11.98
N PHE M 110 38.32 -41.52 -10.89
CA PHE M 110 38.83 -40.16 -10.86
C PHE M 110 40.25 -40.08 -10.34
N LYS M 111 40.98 -41.20 -10.35
CA LYS M 111 42.33 -41.31 -9.80
C LYS M 111 42.42 -40.87 -8.35
N GLU M 112 41.41 -41.18 -7.54
CA GLU M 112 41.46 -40.88 -6.12
C GLU M 112 42.02 -42.06 -5.34
N TRP M 113 43.25 -42.44 -5.70
CA TRP M 113 43.91 -43.62 -5.19
C TRP M 113 45.37 -43.54 -5.60
N PHE M 114 46.23 -44.21 -4.86
CA PHE M 114 47.66 -44.13 -5.14
C PHE M 114 48.33 -45.47 -4.88
N THR M 115 49.63 -45.53 -5.17
CA THR M 115 50.43 -46.73 -4.96
C THR M 115 51.40 -46.51 -3.82
N TYR M 116 51.72 -47.58 -3.13
CA TYR M 116 52.71 -47.59 -2.08
C TYR M 116 53.69 -48.73 -2.32
N PHE M 117 54.80 -48.69 -1.60
CA PHE M 117 55.85 -49.68 -1.69
C PHE M 117 56.30 -50.08 -0.30
N TYR M 118 56.99 -51.20 -0.22
CA TYR M 118 57.76 -51.55 0.96
C TYR M 118 58.84 -52.56 0.57
N MET M 119 60.01 -52.41 1.18
CA MET M 119 61.14 -53.30 0.90
C MET M 119 61.05 -54.50 1.81
N ASP M 120 60.78 -55.67 1.21
CA ASP M 120 60.56 -56.88 2.00
C ASP M 120 61.86 -57.42 2.55
N VAL M 121 62.83 -57.69 1.67
CA VAL M 121 64.07 -58.34 2.06
C VAL M 121 65.23 -57.39 1.82
N TRP M 122 66.30 -57.60 2.57
CA TRP M 122 67.43 -56.69 2.61
C TRP M 122 68.68 -57.45 2.25
N GLY M 123 69.74 -56.71 1.93
CA GLY M 123 71.02 -57.31 1.63
C GLY M 123 71.90 -57.38 2.87
N LYS M 124 73.18 -57.07 2.68
CA LYS M 124 74.13 -57.05 3.78
C LYS M 124 74.69 -55.67 4.06
N GLY M 125 75.00 -54.90 3.03
CA GLY M 125 75.47 -53.55 3.23
C GLY M 125 76.95 -53.41 2.93
N THR M 126 77.36 -52.19 2.59
CA THR M 126 78.78 -51.93 2.31
C THR M 126 79.13 -50.54 2.83
N SER M 127 80.20 -50.45 3.62
CA SER M 127 80.61 -49.20 4.23
C SER M 127 81.47 -48.40 3.27
N VAL M 128 80.83 -47.61 2.42
CA VAL M 128 81.56 -46.76 1.49
C VAL M 128 81.92 -45.45 2.19
N THR M 129 83.22 -45.18 2.29
CA THR M 129 83.73 -43.97 2.94
C THR M 129 84.49 -43.15 1.91
N VAL M 130 84.04 -41.91 1.70
CA VAL M 130 84.68 -40.99 0.79
C VAL M 130 85.83 -40.32 1.51
N SER M 131 87.03 -40.38 0.93
CA SER M 131 88.20 -39.87 1.62
C SER M 131 89.24 -39.45 0.61
N SER M 132 90.04 -38.45 1.00
CA SER M 132 91.16 -37.99 0.19
C SER M 132 92.49 -38.38 0.82
N VAL N 5 63.14 -45.05 26.14
CA VAL N 5 61.78 -45.54 26.30
C VAL N 5 61.82 -46.94 26.89
N SER N 6 61.25 -47.12 28.09
CA SER N 6 61.46 -48.33 28.87
C SER N 6 60.18 -48.76 29.58
N VAL N 7 59.86 -50.05 29.51
CA VAL N 7 58.82 -50.67 30.31
C VAL N 7 59.33 -52.01 30.81
N ALA N 8 58.54 -52.62 31.70
CA ALA N 8 58.82 -53.94 32.25
C ALA N 8 58.68 -55.01 31.18
N PRO N 9 59.30 -56.19 31.36
CA PRO N 9 59.11 -57.27 30.40
C PRO N 9 57.71 -57.85 30.47
N GLY N 10 57.28 -58.43 29.35
CA GLY N 10 55.94 -58.98 29.21
C GLY N 10 54.86 -57.95 29.03
N GLN N 11 55.21 -56.67 28.94
CA GLN N 11 54.26 -55.57 28.94
C GLN N 11 54.04 -55.05 27.52
N THR N 12 53.31 -53.94 27.43
CA THR N 12 53.07 -53.23 26.19
C THR N 12 53.70 -51.85 26.27
N ALA N 13 54.41 -51.48 25.21
CA ALA N 13 54.99 -50.15 25.07
C ALA N 13 54.33 -49.43 23.91
N ARG N 14 54.38 -48.10 23.98
CA ARG N 14 53.72 -47.22 23.02
C ARG N 14 54.78 -46.40 22.31
N ILE N 15 54.80 -46.50 20.98
CA ILE N 15 55.86 -45.93 20.17
C ILE N 15 55.21 -45.14 19.03
N THR N 16 55.46 -43.85 18.98
CA THR N 16 54.95 -42.98 17.93
C THR N 16 56.10 -42.34 17.17
N CYS N 17 55.80 -41.91 15.94
CA CYS N 17 56.84 -41.45 15.04
C CYS N 17 56.23 -40.58 13.95
N GLY N 18 56.63 -39.32 13.89
CA GLY N 18 56.30 -38.47 12.76
C GLY N 18 55.16 -37.49 12.98
N GLU N 19 54.78 -36.88 11.85
CA GLU N 19 53.82 -35.77 11.82
C GLU N 19 52.42 -36.23 12.17
N GLU N 20 51.56 -35.26 12.46
CA GLU N 20 50.15 -35.55 12.63
C GLU N 20 49.52 -35.89 11.29
N SER N 21 48.43 -36.66 11.33
CA SER N 21 47.80 -37.14 10.12
C SER N 21 46.99 -36.03 9.46
N LEU N 22 46.97 -36.05 8.12
CA LEU N 22 46.21 -35.08 7.34
C LEU N 22 45.07 -35.72 6.60
N GLY N 23 45.37 -36.66 5.71
CA GLY N 23 44.33 -37.36 4.98
C GLY N 23 44.39 -38.86 5.21
N SER N 24 43.87 -39.64 4.27
CA SER N 24 44.02 -41.08 4.36
C SER N 24 45.47 -41.46 4.11
N ARG N 25 46.01 -42.27 5.01
CA ARG N 25 47.43 -42.57 4.99
C ARG N 25 47.65 -44.07 5.05
N SER N 26 48.84 -44.44 4.58
CA SER N 26 49.32 -45.82 4.68
C SER N 26 50.65 -45.75 5.39
N VAL N 27 50.78 -46.48 6.49
CA VAL N 27 51.98 -46.45 7.30
C VAL N 27 52.75 -47.74 7.08
N ILE N 28 54.06 -47.69 7.32
CA ILE N 28 54.96 -48.81 7.19
C ILE N 28 55.89 -48.79 8.39
N TRP N 29 56.05 -49.92 9.05
CA TRP N 29 56.92 -50.02 10.22
C TRP N 29 58.07 -50.98 9.93
N TYR N 30 59.29 -50.48 10.10
CA TYR N 30 60.51 -51.24 9.94
C TYR N 30 61.27 -51.30 11.26
N GLN N 31 62.03 -52.37 11.45
CA GLN N 31 62.84 -52.53 12.65
C GLN N 31 64.27 -52.89 12.27
N GLN N 32 65.17 -52.72 13.23
CA GLN N 32 66.58 -52.91 12.96
C GLN N 32 67.29 -53.28 14.25
N ARG N 33 67.88 -54.46 14.27
CA ARG N 33 68.76 -54.80 15.38
C ARG N 33 70.13 -54.14 15.16
N PRO N 34 70.81 -53.75 16.23
CA PRO N 34 72.08 -53.02 16.07
C PRO N 34 73.17 -53.91 15.50
N GLY N 35 73.99 -53.32 14.63
CA GLY N 35 75.04 -54.04 13.95
C GLY N 35 74.59 -54.84 12.74
N GLN N 36 73.30 -55.05 12.57
CA GLN N 36 72.78 -55.92 11.54
C GLN N 36 72.06 -55.13 10.46
N ALA N 37 71.47 -55.84 9.51
CA ALA N 37 70.76 -55.25 8.40
C ALA N 37 69.37 -54.81 8.86
N PRO N 38 68.70 -53.91 8.12
CA PRO N 38 67.32 -53.57 8.46
C PRO N 38 66.37 -54.74 8.19
N SER N 39 65.12 -54.55 8.59
CA SER N 39 64.16 -55.65 8.62
C SER N 39 62.74 -55.11 8.66
N LEU N 40 61.82 -55.84 8.03
CA LEU N 40 60.41 -55.42 8.02
C LEU N 40 59.69 -55.91 9.27
N ILE N 41 58.66 -55.17 9.67
CA ILE N 41 57.67 -55.66 10.63
C ILE N 41 56.26 -55.57 10.06
N ILE N 42 55.79 -54.37 9.74
CA ILE N 42 54.38 -54.14 9.42
C ILE N 42 54.30 -53.40 8.10
N TYR N 43 53.60 -53.98 7.11
CA TYR N 43 53.64 -53.39 5.77
C TYR N 43 52.43 -52.52 5.46
N ASN N 44 51.22 -52.93 5.79
CA ASN N 44 50.12 -52.00 5.75
C ASN N 44 49.95 -51.38 7.13
N ASN N 45 48.80 -50.78 7.37
CA ASN N 45 48.59 -50.12 8.65
C ASN N 45 48.46 -51.12 9.79
N ASN N 46 47.87 -52.29 9.54
CA ASN N 46 47.76 -53.30 10.57
C ASN N 46 48.01 -54.69 9.99
N ASP N 47 48.82 -54.77 8.95
CA ASP N 47 49.06 -56.04 8.30
C ASP N 47 50.55 -56.36 8.31
N ARG N 48 50.86 -57.63 8.52
CA ARG N 48 52.22 -58.12 8.69
C ARG N 48 52.44 -59.29 7.75
N PRO N 49 53.66 -59.52 7.31
CA PRO N 49 53.91 -60.63 6.39
C PRO N 49 53.93 -61.94 7.17
N SER N 50 53.89 -63.03 6.42
CA SER N 50 53.92 -64.36 7.01
C SER N 50 55.30 -64.67 7.56
N GLY N 51 55.34 -65.50 8.59
CA GLY N 51 56.56 -65.76 9.30
C GLY N 51 56.90 -64.75 10.35
N ILE N 52 56.04 -63.77 10.59
CA ILE N 52 56.29 -62.76 11.60
C ILE N 52 55.24 -62.95 12.69
N PRO N 53 55.57 -62.72 13.96
CA PRO N 53 54.61 -62.99 15.04
C PRO N 53 53.56 -61.89 15.12
N ASP N 54 52.55 -62.14 15.94
CA ASP N 54 51.52 -61.17 16.27
C ASP N 54 51.99 -60.26 17.39
N ARG N 55 51.03 -59.60 18.06
CA ARG N 55 51.15 -58.74 19.23
C ARG N 55 51.79 -57.42 18.88
N PHE N 56 51.69 -57.00 17.62
CA PHE N 56 52.17 -55.69 17.17
C PHE N 56 50.95 -54.90 16.71
N SER N 57 50.48 -54.00 17.56
CA SER N 57 49.28 -53.23 17.26
C SER N 57 49.63 -51.96 16.52
N GLY N 58 48.97 -51.75 15.38
CA GLY N 58 49.13 -50.55 14.59
C GLY N 58 47.86 -49.71 14.62
N SER N 59 47.97 -48.54 14.01
CA SER N 59 46.81 -47.67 14.04
C SER N 59 45.99 -47.82 12.76
N PRO N 60 44.67 -47.63 12.84
CA PRO N 60 43.87 -47.50 11.63
C PRO N 60 44.25 -46.23 10.87
N GLY N 61 44.01 -46.26 9.56
CA GLY N 61 44.42 -45.16 8.72
C GLY N 61 43.35 -44.12 8.49
N SER N 62 42.11 -44.41 8.87
CA SER N 62 41.00 -43.52 8.58
C SER N 62 40.97 -42.29 9.46
N THR N 63 41.59 -42.34 10.63
CA THR N 63 41.46 -41.28 11.60
C THR N 63 42.31 -40.07 11.22
N PHE N 64 41.68 -38.91 11.21
CA PHE N 64 42.30 -37.68 10.74
C PHE N 64 42.77 -36.83 11.90
N GLY N 65 43.92 -36.19 11.75
CA GLY N 65 44.42 -35.34 12.80
C GLY N 65 44.93 -36.11 14.00
N THR N 66 45.50 -37.29 13.78
CA THR N 66 46.08 -38.11 14.83
C THR N 66 47.53 -38.39 14.52
N THR N 67 48.19 -39.10 15.43
CA THR N 67 49.59 -39.49 15.27
C THR N 67 49.66 -41.00 15.17
N ALA N 68 50.53 -41.49 14.30
CA ALA N 68 50.69 -42.92 14.12
C ALA N 68 51.39 -43.51 15.33
N THR N 69 50.82 -44.56 15.90
CA THR N 69 51.37 -45.23 17.06
C THR N 69 51.87 -46.61 16.68
N LEU N 70 52.49 -47.28 17.64
CA LEU N 70 52.90 -48.67 17.49
C LEU N 70 52.98 -49.26 18.89
N THR N 71 52.14 -50.24 19.18
CA THR N 71 52.05 -50.83 20.51
C THR N 71 52.62 -52.24 20.48
N ILE N 72 53.64 -52.48 21.31
CA ILE N 72 54.27 -53.79 21.41
C ILE N 72 53.82 -54.46 22.70
N THR N 73 53.22 -55.63 22.57
CA THR N 73 52.73 -56.38 23.72
C THR N 73 53.54 -57.67 23.85
N SER N 74 53.70 -58.11 25.10
CA SER N 74 54.50 -59.28 25.50
C SER N 74 55.94 -59.14 25.00
N VAL N 75 56.58 -58.11 25.53
CA VAL N 75 57.92 -57.72 25.09
C VAL N 75 58.95 -58.68 25.66
N GLU N 76 60.18 -58.60 25.14
CA GLU N 76 61.28 -59.42 25.61
C GLU N 76 62.59 -58.72 25.28
N ALA N 77 63.69 -59.41 25.61
CA ALA N 77 65.02 -58.85 25.36
C ALA N 77 65.38 -58.86 23.88
N GLY N 78 64.88 -59.84 23.13
CA GLY N 78 65.09 -59.88 21.69
C GLY N 78 64.38 -58.76 20.94
N ASP N 79 63.40 -58.12 21.57
CA ASP N 79 62.68 -57.03 20.93
C ASP N 79 63.41 -55.70 20.96
N GLU N 80 64.66 -55.68 21.43
CA GLU N 80 65.43 -54.44 21.50
C GLU N 80 65.91 -54.04 20.11
N ALA N 81 65.08 -53.28 19.39
CA ALA N 81 65.40 -52.93 18.03
C ALA N 81 65.04 -51.47 17.78
N ASP N 82 65.92 -50.80 17.04
CA ASP N 82 65.65 -49.45 16.58
C ASP N 82 64.50 -49.48 15.58
N TYR N 83 63.56 -48.57 15.76
CA TYR N 83 62.35 -48.59 14.95
C TYR N 83 62.31 -47.41 14.01
N TYR N 84 61.62 -47.59 12.90
CA TYR N 84 61.52 -46.59 11.87
C TYR N 84 60.13 -46.60 11.26
N CYS N 85 59.48 -45.45 11.28
CA CYS N 85 58.20 -45.29 10.64
C CYS N 85 58.41 -44.80 9.22
N HIS N 86 57.40 -45.03 8.39
CA HIS N 86 57.42 -44.55 7.01
C HIS N 86 55.99 -44.26 6.64
N ILE N 87 55.63 -42.99 6.57
CA ILE N 87 54.27 -42.60 6.35
C ILE N 87 54.08 -42.26 4.88
N TRP N 88 52.87 -42.48 4.40
CA TRP N 88 52.49 -42.07 3.06
C TRP N 88 51.11 -41.44 3.20
N ASP N 89 51.03 -40.13 3.00
CA ASP N 89 49.77 -39.42 3.05
C ASP N 89 49.27 -39.16 1.64
N SER N 90 47.95 -39.05 1.50
CA SER N 90 47.34 -38.64 0.25
C SER N 90 47.24 -37.13 0.10
N ARG N 91 47.93 -36.34 0.91
CA ARG N 91 47.93 -34.90 0.71
C ARG N 91 49.35 -34.36 0.63
N ARG N 92 50.27 -35.00 1.29
CA ARG N 92 51.66 -34.55 1.30
C ARG N 92 52.44 -35.28 0.23
N PRO N 93 53.57 -34.71 -0.23
CA PRO N 93 54.38 -35.42 -1.22
C PRO N 93 55.15 -36.60 -0.66
N THR N 94 55.93 -37.25 -1.52
CA THR N 94 56.56 -38.52 -1.19
C THR N 94 57.80 -38.32 -0.33
N ASN N 95 57.83 -38.94 0.83
CA ASN N 95 58.96 -38.81 1.74
C ASN N 95 60.04 -39.78 1.31
N TRP N 96 61.14 -39.24 0.77
CA TRP N 96 62.25 -40.06 0.35
C TRP N 96 63.23 -40.37 1.46
N VAL N 97 62.96 -39.90 2.68
CA VAL N 97 63.78 -40.24 3.83
C VAL N 97 62.87 -40.88 4.87
N PHE N 98 63.48 -41.60 5.81
CA PHE N 98 62.70 -42.28 6.84
C PHE N 98 62.50 -41.40 8.05
N GLY N 99 61.62 -41.84 8.94
CA GLY N 99 61.30 -41.09 10.12
C GLY N 99 62.39 -41.20 11.17
N GLU N 100 62.12 -40.60 12.32
CA GLU N 100 63.09 -40.55 13.39
C GLU N 100 63.06 -41.85 14.17
N GLY N 101 64.26 -42.35 14.50
CA GLY N 101 64.36 -43.58 15.24
C GLY N 101 63.93 -43.39 16.68
N THR N 102 63.27 -44.42 17.21
CA THR N 102 62.82 -44.45 18.60
C THR N 102 63.38 -45.74 19.20
N THR N 103 64.55 -45.65 19.82
CA THR N 103 65.20 -46.85 20.35
C THR N 103 64.49 -47.30 21.61
N LEU N 104 64.30 -48.61 21.73
CA LEU N 104 63.68 -49.21 22.90
C LEU N 104 64.77 -49.71 23.84
N ILE N 105 64.57 -49.49 25.13
CA ILE N 105 65.47 -49.97 26.17
C ILE N 105 64.66 -50.86 27.09
N VAL N 106 64.82 -52.17 26.96
CA VAL N 106 63.94 -53.11 27.62
C VAL N 106 64.38 -53.34 29.05
N LEU N 107 63.46 -53.84 29.86
CA LEU N 107 63.77 -54.29 31.20
C LEU N 107 63.72 -55.81 31.22
N GLN O 1 13.75 2.24 -33.53
CA GLN O 1 13.95 1.46 -34.75
C GLN O 1 14.99 0.37 -34.53
N VAL O 2 14.95 -0.65 -35.38
CA VAL O 2 15.84 -1.79 -35.28
C VAL O 2 16.98 -1.57 -36.25
N GLN O 3 18.20 -1.82 -35.81
CA GLN O 3 19.36 -1.65 -36.68
C GLN O 3 20.36 -2.77 -36.45
N LEU O 4 20.88 -3.30 -37.55
CA LEU O 4 21.97 -4.25 -37.54
C LEU O 4 23.13 -3.71 -38.35
N VAL O 5 24.34 -4.05 -37.96
CA VAL O 5 25.54 -3.63 -38.68
C VAL O 5 26.46 -4.83 -38.82
N GLN O 6 26.87 -5.13 -40.04
CA GLN O 6 27.83 -6.18 -40.31
C GLN O 6 29.21 -5.59 -40.51
N SER O 7 30.17 -6.46 -40.81
CA SER O 7 31.56 -6.06 -40.95
C SER O 7 31.92 -5.88 -42.41
N GLY O 8 33.17 -5.48 -42.66
CA GLY O 8 33.64 -5.25 -44.01
C GLY O 8 33.96 -6.53 -44.75
N ALA O 9 34.11 -6.39 -46.06
CA ALA O 9 34.34 -7.53 -46.94
C ALA O 9 35.75 -8.09 -46.73
N VAL O 10 35.96 -9.32 -47.23
CA VAL O 10 37.19 -10.02 -46.91
C VAL O 10 37.48 -11.05 -48.00
N ILE O 11 38.77 -11.18 -48.31
CA ILE O 11 39.32 -12.22 -49.15
C ILE O 11 40.25 -13.05 -48.29
N LYS O 12 40.15 -14.36 -48.41
CA LYS O 12 40.93 -15.25 -47.56
C LYS O 12 41.58 -16.34 -48.39
N THR O 13 42.71 -16.83 -47.89
CA THR O 13 43.37 -17.98 -48.44
C THR O 13 42.57 -19.23 -48.10
N PRO O 14 42.71 -20.30 -48.87
CA PRO O 14 42.01 -21.54 -48.51
C PRO O 14 42.59 -22.17 -47.25
N GLY O 15 41.72 -22.81 -46.49
CA GLY O 15 42.13 -23.37 -45.22
C GLY O 15 42.39 -22.33 -44.15
N SER O 16 41.60 -21.28 -44.09
CA SER O 16 41.78 -20.21 -43.14
C SER O 16 40.60 -20.13 -42.19
N SER O 17 40.57 -19.11 -41.35
CA SER O 17 39.51 -18.90 -40.37
C SER O 17 39.01 -17.47 -40.49
N VAL O 18 37.71 -17.29 -40.30
CA VAL O 18 37.08 -15.99 -40.49
C VAL O 18 36.12 -15.74 -39.35
N LYS O 19 36.20 -14.55 -38.75
CA LYS O 19 35.33 -14.16 -37.66
C LYS O 19 34.58 -12.90 -38.03
N ILE O 20 33.25 -12.97 -37.96
CA ILE O 20 32.37 -11.93 -38.45
C ILE O 20 31.53 -11.42 -37.29
N SER O 21 31.55 -10.11 -37.08
CA SER O 21 30.72 -9.51 -36.06
C SER O 21 29.40 -9.05 -36.64
N CYS O 22 28.36 -9.07 -35.81
CA CYS O 22 27.05 -8.55 -36.15
C CYS O 22 26.60 -7.75 -34.95
N ARG O 23 26.56 -6.43 -35.08
CA ARG O 23 26.27 -5.55 -33.97
C ARG O 23 24.82 -5.10 -34.04
N ALA O 24 24.09 -5.25 -32.95
CA ALA O 24 22.67 -4.96 -32.91
C ALA O 24 22.40 -3.78 -32.01
N SER O 25 21.52 -2.89 -32.46
CA SER O 25 21.17 -1.72 -31.68
C SER O 25 19.73 -1.32 -31.95
N GLY O 26 19.05 -0.90 -30.91
CA GLY O 26 17.71 -0.37 -31.02
C GLY O 26 16.63 -1.16 -30.32
N TYR O 27 16.98 -2.23 -29.61
CA TYR O 27 15.98 -3.02 -28.91
C TYR O 27 16.68 -3.75 -27.78
N ASN O 28 15.89 -4.32 -26.88
CA ASN O 28 16.43 -5.08 -25.76
C ASN O 28 17.02 -6.39 -26.27
N PHE O 29 18.34 -6.52 -26.17
CA PHE O 29 19.02 -7.65 -26.79
C PHE O 29 18.76 -8.96 -26.11
N ARG O 30 18.35 -8.95 -24.85
CA ARG O 30 18.20 -10.19 -24.12
C ARG O 30 16.93 -10.95 -24.44
N ASP O 31 16.19 -10.60 -25.49
CA ASP O 31 14.87 -11.18 -25.68
C ASP O 31 14.62 -11.75 -27.07
N TYR O 32 15.59 -11.80 -27.95
CA TYR O 32 15.32 -12.20 -29.32
C TYR O 32 16.43 -13.09 -29.85
N SER O 33 16.04 -14.02 -30.70
CA SER O 33 17.01 -14.87 -31.35
C SER O 33 17.78 -14.09 -32.40
N ILE O 34 18.88 -14.67 -32.86
CA ILE O 34 19.65 -14.13 -33.97
C ILE O 34 19.96 -15.28 -34.89
N HIS O 35 19.67 -15.14 -36.18
CA HIS O 35 19.97 -16.24 -37.09
C HIS O 35 21.06 -15.82 -38.08
N TRP O 36 21.84 -16.80 -38.50
CA TRP O 36 22.86 -16.61 -39.53
C TRP O 36 22.49 -17.42 -40.76
N VAL O 37 22.61 -16.78 -41.94
CA VAL O 37 22.22 -17.37 -43.21
C VAL O 37 23.21 -16.93 -44.27
N ARG O 38 23.30 -17.73 -45.34
CA ARG O 38 24.26 -17.55 -46.41
C ARG O 38 23.55 -17.51 -47.75
N LEU O 39 24.22 -16.94 -48.75
CA LEU O 39 23.69 -16.82 -50.10
C LEU O 39 24.81 -17.00 -51.11
N ILE O 40 24.76 -18.09 -51.86
CA ILE O 40 25.73 -18.40 -52.90
C ILE O 40 25.08 -18.14 -54.25
N PRO O 41 25.80 -17.68 -55.26
CA PRO O 41 25.26 -17.67 -56.61
C PRO O 41 24.95 -19.07 -57.10
N ASP O 42 23.84 -19.19 -57.85
CA ASP O 42 23.29 -20.44 -58.38
C ASP O 42 22.97 -21.44 -57.29
N LYS O 43 22.60 -20.97 -56.10
CA LYS O 43 22.25 -21.85 -55.02
C LYS O 43 21.00 -21.45 -54.27
N GLY O 44 20.57 -20.21 -54.36
CA GLY O 44 19.51 -19.78 -53.50
C GLY O 44 20.02 -19.64 -52.07
N PHE O 45 19.08 -19.59 -51.15
CA PHE O 45 19.45 -19.41 -49.77
C PHE O 45 19.72 -20.75 -49.10
N GLU O 46 20.44 -20.70 -47.99
CA GLU O 46 20.84 -21.89 -47.27
C GLU O 46 21.04 -21.52 -45.81
N TRP O 47 20.26 -22.10 -44.93
CA TRP O 47 20.23 -21.68 -43.54
C TRP O 47 21.42 -22.24 -42.79
N ILE O 48 22.04 -21.43 -41.94
CA ILE O 48 23.16 -21.94 -41.17
C ILE O 48 22.70 -22.25 -39.76
N GLY O 49 22.33 -21.23 -39.00
CA GLY O 49 22.18 -21.54 -37.59
C GLY O 49 21.52 -20.43 -36.80
N TRP O 50 21.24 -20.73 -35.54
CA TRP O 50 20.52 -19.76 -34.72
C TRP O 50 21.05 -19.78 -33.29
N ILE O 51 20.96 -18.62 -32.64
CA ILE O 51 21.53 -18.44 -31.32
C ILE O 51 20.64 -17.55 -30.48
N LYS O 52 20.34 -18.02 -29.26
CA LYS O 52 19.67 -17.22 -28.25
C LYS O 52 20.70 -16.68 -27.28
N PRO O 53 20.72 -15.37 -27.03
CA PRO O 53 21.84 -14.78 -26.30
C PRO O 53 21.64 -14.72 -24.80
N LEU O 54 20.49 -15.15 -24.28
CA LEU O 54 20.25 -15.08 -22.84
C LEU O 54 21.16 -16.05 -22.10
N TRP O 55 21.44 -17.20 -22.70
CA TRP O 55 22.50 -18.05 -22.19
C TRP O 55 23.44 -18.46 -23.30
N GLY O 56 23.29 -17.91 -24.50
CA GLY O 56 24.12 -18.30 -25.60
C GLY O 56 23.84 -19.68 -26.13
N ALA O 57 22.60 -20.13 -26.05
CA ALA O 57 22.26 -21.45 -26.53
C ALA O 57 22.20 -21.43 -28.04
N VAL O 58 22.99 -22.28 -28.69
CA VAL O 58 23.11 -22.25 -30.13
C VAL O 58 22.57 -23.53 -30.73
N SER O 59 22.39 -23.51 -32.03
CA SER O 59 22.21 -24.72 -32.81
C SER O 59 22.66 -24.47 -34.24
N TYR O 60 23.35 -25.46 -34.79
CA TYR O 60 23.93 -25.38 -36.13
C TYR O 60 23.21 -26.36 -37.04
N ALA O 61 23.36 -26.17 -38.34
CA ALA O 61 22.80 -27.10 -39.29
C ALA O 61 23.60 -28.39 -39.30
N ARG O 62 23.02 -29.43 -39.90
CA ARG O 62 23.66 -30.74 -39.83
C ARG O 62 24.81 -30.87 -40.82
N GLN O 63 24.66 -30.35 -42.02
CA GLN O 63 25.70 -30.52 -43.03
C GLN O 63 26.84 -29.54 -42.86
N LEU O 64 26.82 -28.71 -41.82
CA LEU O 64 27.88 -27.77 -41.57
C LEU O 64 28.46 -27.94 -40.17
N GLN O 65 28.22 -29.07 -39.53
CA GLN O 65 28.63 -29.24 -38.15
C GLN O 65 30.12 -29.47 -38.07
N GLY O 66 30.70 -29.09 -36.93
CA GLY O 66 32.11 -29.22 -36.72
C GLY O 66 32.97 -28.16 -37.37
N ARG O 67 32.37 -27.19 -38.05
CA ARG O 67 33.13 -26.19 -38.75
C ARG O 67 32.70 -24.77 -38.44
N VAL O 68 31.91 -24.54 -37.40
CA VAL O 68 31.38 -23.22 -37.14
C VAL O 68 31.19 -23.05 -35.64
N SER O 69 31.17 -21.79 -35.19
CA SER O 69 30.97 -21.50 -33.78
C SER O 69 30.37 -20.11 -33.62
N MET O 70 29.36 -20.00 -32.75
CA MET O 70 28.66 -18.75 -32.51
C MET O 70 28.79 -18.36 -31.05
N THR O 71 29.27 -17.15 -30.80
CA THR O 71 29.35 -16.62 -29.44
C THR O 71 28.59 -15.30 -29.38
N ARG O 72 28.45 -14.77 -28.18
CA ARG O 72 27.79 -13.48 -28.01
C ARG O 72 28.50 -12.69 -26.92
N GLN O 73 28.25 -11.39 -26.92
CA GLN O 73 28.65 -10.51 -25.83
C GLN O 73 27.50 -9.55 -25.55
N LEU O 74 27.03 -9.58 -24.31
CA LEU O 74 25.95 -8.71 -23.87
C LEU O 74 26.48 -7.36 -23.47
N SER O 75 25.57 -6.52 -23.01
CA SER O 75 25.90 -5.19 -22.51
C SER O 75 25.60 -5.16 -21.02
N GLN O 76 26.61 -4.85 -20.22
CA GLN O 76 26.48 -4.91 -18.77
C GLN O 76 26.78 -3.54 -18.18
N ASP O 77 25.73 -2.72 -18.06
CA ASP O 77 25.68 -1.44 -17.37
C ASP O 77 24.22 -1.01 -17.33
N PRO O 78 23.79 -0.26 -16.31
CA PRO O 78 22.40 0.23 -16.29
C PRO O 78 22.16 1.47 -17.12
N ASP O 79 23.08 1.83 -18.01
CA ASP O 79 22.92 3.01 -18.85
C ASP O 79 22.35 2.68 -20.21
N ASP O 80 23.01 1.76 -20.94
CA ASP O 80 22.57 1.37 -22.28
C ASP O 80 22.33 -0.13 -22.29
N PRO O 81 21.17 -0.58 -21.80
CA PRO O 81 20.91 -2.01 -21.73
C PRO O 81 20.44 -2.64 -23.02
N ASP O 82 20.59 -1.98 -24.16
CA ASP O 82 19.96 -2.50 -25.37
C ASP O 82 20.94 -3.12 -26.36
N TRP O 83 22.11 -2.51 -26.59
CA TRP O 83 22.97 -2.96 -27.68
C TRP O 83 23.63 -4.30 -27.36
N GLY O 84 24.04 -5.00 -28.42
CA GLY O 84 24.65 -6.30 -28.22
C GLY O 84 25.48 -6.73 -29.40
N VAL O 85 26.35 -7.72 -29.18
CA VAL O 85 27.27 -8.15 -30.23
C VAL O 85 27.15 -9.66 -30.40
N ALA O 86 26.94 -10.11 -31.63
CA ALA O 86 27.02 -11.52 -31.96
C ALA O 86 28.29 -11.77 -32.78
N TYR O 87 28.91 -12.93 -32.55
CA TYR O 87 30.14 -13.28 -33.24
C TYR O 87 29.94 -14.63 -33.92
N MET O 88 30.16 -14.67 -35.22
CA MET O 88 30.21 -15.94 -35.93
C MET O 88 31.65 -16.24 -36.27
N GLU O 89 32.00 -17.51 -36.28
CA GLU O 89 33.37 -17.91 -36.56
C GLU O 89 33.33 -19.16 -37.41
N PHE O 90 34.12 -19.18 -38.48
CA PHE O 90 34.03 -20.19 -39.51
C PHE O 90 35.42 -20.67 -39.84
N SER O 91 35.62 -21.98 -39.77
CA SER O 91 36.91 -22.61 -39.98
C SER O 91 36.81 -23.66 -41.07
N GLY O 92 37.96 -24.08 -41.57
CA GLY O 92 38.02 -25.05 -42.64
C GLY O 92 37.49 -24.49 -43.94
N LEU O 93 38.14 -23.45 -44.44
CA LEU O 93 37.61 -22.71 -45.58
C LEU O 93 37.93 -23.42 -46.89
N THR O 94 36.93 -23.53 -47.76
CA THR O 94 37.02 -24.12 -49.09
C THR O 94 36.77 -23.05 -50.14
N PRO O 95 37.15 -23.27 -51.40
CA PRO O 95 36.80 -22.30 -52.44
C PRO O 95 35.33 -22.24 -52.76
N ALA O 96 34.53 -23.23 -52.33
CA ALA O 96 33.10 -23.18 -52.59
C ALA O 96 32.37 -22.20 -51.69
N ASP O 97 33.05 -21.58 -50.73
CA ASP O 97 32.43 -20.65 -49.80
C ASP O 97 32.29 -19.24 -50.34
N THR O 98 32.51 -19.04 -51.64
CA THR O 98 32.39 -17.72 -52.24
C THR O 98 30.94 -17.25 -52.20
N ALA O 99 30.62 -16.34 -51.29
CA ALA O 99 29.20 -16.11 -51.02
C ALA O 99 28.99 -14.75 -50.37
N GLU O 100 27.77 -14.51 -49.90
CA GLU O 100 27.48 -13.36 -49.06
C GLU O 100 26.72 -13.83 -47.84
N TYR O 101 27.11 -13.30 -46.67
CA TYR O 101 26.55 -13.74 -45.39
C TYR O 101 25.70 -12.64 -44.78
N PHE O 102 24.67 -13.07 -44.04
CA PHE O 102 23.67 -12.18 -43.46
C PHE O 102 23.30 -12.66 -42.06
N CYS O 103 23.13 -11.71 -41.14
CA CYS O 103 22.57 -11.99 -39.83
C CYS O 103 21.21 -11.31 -39.73
N VAL O 104 20.20 -12.04 -39.25
CA VAL O 104 18.82 -11.57 -39.31
C VAL O 104 18.15 -11.69 -37.95
N ARG O 105 17.09 -10.89 -37.78
CA ARG O 105 16.20 -10.97 -36.64
C ARG O 105 14.76 -11.03 -37.12
N ARG O 106 13.94 -11.81 -36.41
CA ARG O 106 12.58 -12.06 -36.83
C ARG O 106 11.68 -10.86 -36.55
N GLY O 107 10.46 -10.96 -37.06
CA GLY O 107 9.45 -9.97 -36.74
C GLY O 107 8.93 -10.11 -35.34
N SER O 108 8.32 -9.05 -34.84
CA SER O 108 7.92 -8.95 -33.44
C SER O 108 6.41 -8.80 -33.27
N CYS O 109 5.63 -9.57 -34.02
CA CYS O 109 4.19 -9.51 -33.88
C CYS O 109 3.68 -10.70 -33.08
N ASP O 110 2.37 -10.83 -32.99
CA ASP O 110 1.76 -11.92 -32.23
C ASP O 110 1.88 -13.23 -32.96
N TYR O 111 1.36 -13.29 -34.18
CA TYR O 111 1.46 -14.49 -35.00
C TYR O 111 2.77 -14.60 -35.73
N CYS O 112 3.73 -13.75 -35.40
CA CYS O 112 5.08 -13.90 -35.89
C CYS O 112 5.66 -15.21 -35.38
N GLY O 113 6.16 -16.03 -36.30
CA GLY O 113 6.77 -17.26 -35.87
C GLY O 113 8.21 -17.02 -35.47
N ASP O 114 9.11 -17.82 -35.99
CA ASP O 114 10.51 -17.59 -35.74
C ASP O 114 11.32 -17.42 -37.01
N PHE O 115 11.02 -18.19 -38.01
CA PHE O 115 11.69 -18.12 -39.29
C PHE O 115 11.35 -16.93 -40.21
N PRO O 116 10.14 -16.30 -40.16
CA PRO O 116 9.97 -15.09 -40.98
C PRO O 116 10.79 -13.90 -40.51
N TRP O 117 12.05 -13.84 -40.94
CA TRP O 117 12.99 -12.84 -40.46
C TRP O 117 12.65 -11.47 -41.05
N GLN O 118 12.44 -10.50 -40.18
CA GLN O 118 12.10 -9.16 -40.64
C GLN O 118 13.34 -8.33 -40.95
N TYR O 119 14.20 -8.12 -39.97
CA TYR O 119 15.28 -7.16 -40.12
C TYR O 119 16.57 -7.85 -40.50
N TRP O 120 17.32 -7.21 -41.40
CA TRP O 120 18.49 -7.80 -42.03
C TRP O 120 19.69 -6.89 -41.87
N CYS O 121 20.87 -7.46 -42.02
CA CYS O 121 22.09 -6.66 -42.10
C CYS O 121 22.38 -6.35 -43.57
N GLN O 122 23.43 -5.56 -43.80
CA GLN O 122 23.73 -5.15 -45.16
C GLN O 122 24.60 -6.16 -45.89
N GLY O 123 24.94 -7.28 -45.28
CA GLY O 123 25.57 -8.35 -46.01
C GLY O 123 27.06 -8.21 -46.18
N THR O 124 27.80 -9.28 -45.94
CA THR O 124 29.24 -9.27 -46.11
C THR O 124 29.63 -10.28 -47.16
N VAL O 125 30.33 -9.83 -48.19
CA VAL O 125 30.76 -10.70 -49.27
C VAL O 125 32.09 -11.32 -48.89
N VAL O 126 32.21 -12.63 -49.07
CA VAL O 126 33.40 -13.36 -48.68
C VAL O 126 33.91 -14.11 -49.89
N VAL O 127 35.18 -13.87 -50.23
CA VAL O 127 35.83 -14.54 -51.36
C VAL O 127 37.01 -15.34 -50.84
N VAL O 128 37.08 -16.62 -51.23
CA VAL O 128 38.15 -17.50 -50.82
C VAL O 128 39.01 -17.82 -52.03
N SER O 129 40.29 -17.45 -51.96
CA SER O 129 41.27 -17.83 -52.98
C SER O 129 42.70 -17.72 -52.45
N GLU P 1 13.09 -34.51 -45.79
CA GLU P 1 13.16 -33.05 -45.74
C GLU P 1 12.17 -32.42 -46.71
N ILE P 2 11.56 -31.32 -46.29
CA ILE P 2 10.52 -30.66 -47.07
C ILE P 2 11.20 -29.91 -48.20
N VAL P 3 10.80 -30.20 -49.43
CA VAL P 3 11.35 -29.53 -50.60
C VAL P 3 10.22 -28.76 -51.27
N LEU P 4 10.50 -27.51 -51.62
CA LEU P 4 9.55 -26.64 -52.28
C LEU P 4 9.80 -26.65 -53.77
N THR P 5 8.73 -26.57 -54.54
CA THR P 5 8.81 -26.48 -56.00
C THR P 5 8.21 -25.16 -56.45
N GLN P 6 8.94 -24.46 -57.31
CA GLN P 6 8.53 -23.15 -57.82
C GLN P 6 8.01 -23.30 -59.24
N SER P 7 6.97 -22.53 -59.57
CA SER P 7 6.25 -22.62 -60.82
C SER P 7 6.00 -21.22 -61.34
N PRO P 8 5.46 -21.08 -62.56
CA PRO P 8 6.30 -20.80 -63.74
C PRO P 8 7.67 -20.18 -63.52
N GLY P 9 7.81 -19.11 -62.77
CA GLY P 9 9.16 -18.62 -62.60
C GLY P 9 9.54 -17.56 -63.60
N ILE P 10 10.16 -17.96 -64.71
CA ILE P 10 10.58 -17.00 -65.74
C ILE P 10 9.33 -16.46 -66.42
N LEU P 11 9.00 -15.21 -66.13
CA LEU P 11 7.71 -14.64 -66.50
C LEU P 11 7.92 -13.21 -66.94
N SER P 12 7.67 -12.93 -68.22
CA SER P 12 7.91 -11.62 -68.80
C SER P 12 6.57 -10.99 -69.17
N LEU P 13 6.31 -9.80 -68.62
CA LEU P 13 5.05 -9.11 -68.83
C LEU P 13 5.25 -7.61 -68.89
N SER P 14 4.18 -6.92 -69.22
CA SER P 14 4.09 -5.47 -69.35
C SER P 14 3.55 -4.86 -68.06
N PRO P 15 3.76 -3.55 -67.85
CA PRO P 15 3.18 -2.90 -66.66
C PRO P 15 1.66 -2.87 -66.68
N GLY P 16 1.10 -2.52 -65.52
CA GLY P 16 -0.33 -2.32 -65.39
C GLY P 16 -1.17 -3.58 -65.31
N GLU P 17 -0.58 -4.75 -65.46
CA GLU P 17 -1.34 -6.00 -65.46
C GLU P 17 -1.32 -6.65 -64.09
N THR P 18 -1.80 -7.90 -64.02
CA THR P 18 -1.67 -8.74 -62.84
C THR P 18 -0.85 -9.97 -63.20
N ALA P 19 -0.17 -10.53 -62.20
CA ALA P 19 0.62 -11.73 -62.36
C ALA P 19 0.51 -12.61 -61.12
N THR P 20 0.92 -13.87 -61.27
CA THR P 20 0.74 -14.87 -60.23
C THR P 20 1.79 -15.96 -60.37
N LEU P 21 2.56 -16.19 -59.32
CA LEU P 21 3.56 -17.24 -59.28
C LEU P 21 3.07 -18.39 -58.40
N PHE P 22 3.57 -19.59 -58.66
CA PHE P 22 2.97 -20.75 -58.01
C PHE P 22 4.03 -21.50 -57.23
N CYS P 23 3.65 -22.10 -56.10
CA CYS P 23 4.58 -22.94 -55.38
C CYS P 23 3.84 -24.12 -54.77
N LYS P 24 4.55 -25.23 -54.64
CA LYS P 24 3.96 -26.48 -54.19
C LYS P 24 4.91 -27.18 -53.24
N ALA P 25 4.37 -27.65 -52.12
CA ALA P 25 5.18 -28.27 -51.09
C ALA P 25 5.12 -29.78 -51.18
N SER P 26 6.13 -30.42 -50.59
CA SER P 26 6.13 -31.87 -50.47
C SER P 26 5.42 -32.36 -49.22
N GLN P 27 5.11 -31.46 -48.29
CA GLN P 27 4.41 -31.81 -47.07
C GLN P 27 3.42 -30.71 -46.73
N GLY P 28 2.15 -31.07 -46.64
CA GLY P 28 1.15 -30.09 -46.29
C GLY P 28 1.07 -29.84 -44.80
N GLY P 29 0.23 -28.87 -44.44
CA GLY P 29 -0.07 -28.58 -43.06
C GLY P 29 0.56 -27.30 -42.53
N ASN P 30 1.63 -26.83 -43.13
CA ASN P 30 2.36 -25.70 -42.59
C ASN P 30 1.96 -24.40 -43.31
N ALA P 31 2.56 -23.30 -42.88
CA ALA P 31 2.25 -21.99 -43.41
C ALA P 31 3.21 -21.64 -44.53
N MET P 32 3.16 -20.40 -45.01
CA MET P 32 3.89 -20.02 -46.20
C MET P 32 4.40 -18.60 -46.05
N THR P 33 5.49 -18.30 -46.77
CA THR P 33 6.19 -17.04 -46.66
C THR P 33 6.69 -16.63 -48.02
N TRP P 34 6.59 -15.33 -48.34
CA TRP P 34 7.03 -14.79 -49.61
C TRP P 34 7.99 -13.62 -49.40
N TYR P 35 9.10 -13.66 -50.15
CA TYR P 35 10.23 -12.75 -50.04
C TYR P 35 10.52 -12.10 -51.39
N GLN P 36 10.82 -10.80 -51.37
CA GLN P 36 11.22 -10.08 -52.57
C GLN P 36 12.67 -9.65 -52.47
N LYS P 37 13.44 -9.91 -53.54
CA LYS P 37 14.81 -9.43 -53.64
C LYS P 37 14.93 -8.64 -54.92
N ARG P 38 15.36 -7.38 -54.81
CA ARG P 38 15.67 -6.55 -55.97
C ARG P 38 17.15 -6.65 -56.30
N ARG P 39 17.56 -5.91 -57.32
CA ARG P 39 18.92 -6.03 -57.85
C ARG P 39 19.89 -5.28 -56.96
N GLY P 40 20.90 -5.99 -56.47
CA GLY P 40 21.97 -5.40 -55.69
C GLY P 40 21.53 -4.80 -54.37
N GLN P 41 20.45 -5.31 -53.80
CA GLN P 41 19.92 -4.73 -52.58
C GLN P 41 19.71 -5.80 -51.53
N VAL P 42 19.06 -5.42 -50.43
CA VAL P 42 18.78 -6.34 -49.34
C VAL P 42 17.37 -6.87 -49.52
N PRO P 43 17.15 -8.18 -49.38
CA PRO P 43 15.80 -8.73 -49.47
C PRO P 43 14.87 -8.20 -48.39
N ARG P 44 13.59 -8.44 -48.60
CA ARG P 44 12.54 -7.72 -47.89
C ARG P 44 11.34 -8.66 -47.72
N LEU P 45 10.67 -8.56 -46.59
CA LEU P 45 9.60 -9.49 -46.27
C LEU P 45 8.27 -8.99 -46.81
N LEU P 46 7.58 -9.84 -47.57
CA LEU P 46 6.25 -9.52 -48.06
C LEU P 46 5.17 -10.24 -47.28
N ILE P 47 5.22 -11.58 -47.25
CA ILE P 47 4.09 -12.35 -46.76
C ILE P 47 4.57 -13.35 -45.71
N TYR P 48 4.01 -13.25 -44.51
CA TYR P 48 4.17 -14.27 -43.49
C TYR P 48 2.79 -14.77 -43.07
N ASP P 49 2.77 -16.02 -42.59
CA ASP P 49 1.56 -16.74 -42.19
C ASP P 49 0.54 -16.82 -43.33
N THR P 50 1.05 -16.87 -44.57
CA THR P 50 0.34 -17.22 -45.80
C THR P 50 -0.69 -16.18 -46.24
N SER P 51 -1.03 -15.22 -45.38
CA SER P 51 -1.91 -14.15 -45.80
C SER P 51 -1.60 -12.78 -45.21
N ARG P 52 -0.65 -12.66 -44.30
CA ARG P 52 -0.46 -11.42 -43.59
C ARG P 52 0.68 -10.62 -44.18
N ARG P 53 0.52 -9.30 -44.18
CA ARG P 53 1.48 -8.39 -44.79
C ARG P 53 2.32 -7.72 -43.72
N ALA P 54 3.55 -7.39 -44.09
CA ALA P 54 4.50 -6.77 -43.17
C ALA P 54 4.31 -5.25 -43.17
N SER P 55 5.25 -4.55 -42.55
CA SER P 55 5.25 -3.10 -42.62
C SER P 55 5.76 -2.64 -43.98
N GLY P 56 5.29 -1.47 -44.39
CA GLY P 56 5.69 -0.92 -45.68
C GLY P 56 5.23 -1.73 -46.85
N VAL P 57 4.07 -2.35 -46.76
CA VAL P 57 3.57 -3.27 -47.77
C VAL P 57 2.23 -2.75 -48.29
N PRO P 58 2.15 -2.35 -49.54
CA PRO P 58 0.83 -2.09 -50.14
C PRO P 58 0.09 -3.40 -50.36
N ASP P 59 -1.23 -3.33 -50.22
CA ASP P 59 -2.03 -4.56 -50.20
C ASP P 59 -2.26 -5.15 -51.58
N ARG P 60 -1.68 -4.57 -52.64
CA ARG P 60 -1.83 -5.15 -53.97
C ARG P 60 -1.04 -6.45 -54.13
N PHE P 61 -0.15 -6.76 -53.19
CA PHE P 61 0.41 -8.10 -53.07
C PHE P 61 -0.55 -8.94 -52.24
N VAL P 62 -1.08 -10.02 -52.80
CA VAL P 62 -1.99 -10.90 -52.10
C VAL P 62 -1.49 -12.32 -52.25
N GLY P 63 -1.22 -12.98 -51.13
CA GLY P 63 -0.89 -14.39 -51.12
C GLY P 63 -2.13 -15.18 -50.76
N SER P 64 -2.21 -16.39 -51.29
CA SER P 64 -3.34 -17.25 -51.03
C SER P 64 -2.91 -18.69 -51.28
N GLY P 65 -3.83 -19.62 -51.11
CA GLY P 65 -3.57 -21.03 -51.29
C GLY P 65 -3.92 -21.82 -50.06
N SER P 66 -3.83 -23.13 -50.21
CA SER P 66 -4.15 -24.05 -49.13
C SER P 66 -3.45 -25.37 -49.37
N GLY P 67 -3.40 -26.17 -48.31
CA GLY P 67 -2.78 -27.48 -48.34
C GLY P 67 -1.31 -27.39 -48.67
N THR P 68 -0.97 -27.81 -49.89
CA THR P 68 0.38 -27.72 -50.41
C THR P 68 0.55 -26.64 -51.47
N ASP P 69 -0.55 -26.15 -52.04
CA ASP P 69 -0.47 -25.27 -53.21
C ASP P 69 -0.71 -23.83 -52.79
N PHE P 70 0.24 -22.95 -53.10
CA PHE P 70 0.10 -21.55 -52.75
C PHE P 70 0.41 -20.66 -53.94
N PHE P 71 -0.40 -19.64 -54.11
CA PHE P 71 -0.26 -18.66 -55.18
C PHE P 71 0.11 -17.31 -54.60
N LEU P 72 0.98 -16.60 -55.30
CA LEU P 72 1.25 -15.20 -54.98
C LEU P 72 0.80 -14.36 -56.17
N THR P 73 -0.08 -13.40 -55.90
CA THR P 73 -0.74 -12.63 -56.95
C THR P 73 -0.52 -11.15 -56.71
N ILE P 74 0.07 -10.48 -57.68
CA ILE P 74 0.23 -9.03 -57.65
C ILE P 74 -0.68 -8.45 -58.72
N ASN P 75 -1.57 -7.57 -58.32
CA ASN P 75 -2.32 -6.80 -59.29
C ASN P 75 -1.67 -5.43 -59.46
N LYS P 76 -1.91 -4.83 -60.64
CA LYS P 76 -1.52 -3.47 -60.97
C LYS P 76 0.01 -3.28 -60.89
N LEU P 77 0.69 -3.97 -61.80
CA LEU P 77 2.15 -4.06 -61.78
C LEU P 77 2.80 -2.71 -62.03
N ASP P 78 3.84 -2.43 -61.25
CA ASP P 78 4.60 -1.19 -61.37
C ASP P 78 6.04 -1.51 -61.76
N ARG P 79 6.80 -0.44 -62.02
CA ARG P 79 8.20 -0.60 -62.43
C ARG P 79 9.07 -1.14 -61.29
N GLU P 80 8.82 -0.71 -60.05
CA GLU P 80 9.61 -1.23 -58.94
C GLU P 80 9.26 -2.66 -58.58
N ASP P 81 8.14 -3.19 -59.09
CA ASP P 81 7.73 -4.53 -58.74
C ASP P 81 8.47 -5.61 -59.52
N PHE P 82 9.22 -5.24 -60.56
CA PHE P 82 10.00 -6.21 -61.31
C PHE P 82 11.21 -6.62 -60.49
N ALA P 83 11.18 -7.83 -59.95
CA ALA P 83 12.23 -8.30 -59.05
C ALA P 83 12.25 -9.82 -59.05
N VAL P 84 13.04 -10.38 -58.15
CA VAL P 84 13.15 -11.83 -57.96
C VAL P 84 12.39 -12.19 -56.70
N TYR P 85 11.70 -13.33 -56.72
CA TYR P 85 10.80 -13.67 -55.63
C TYR P 85 11.10 -15.07 -55.11
N TYR P 86 10.91 -15.27 -53.82
CA TYR P 86 11.20 -16.55 -53.18
C TYR P 86 10.05 -17.00 -52.29
N CYS P 87 9.76 -18.29 -52.35
CA CYS P 87 8.85 -18.93 -51.43
C CYS P 87 9.64 -19.52 -50.28
N GLN P 88 8.97 -19.67 -49.13
CA GLN P 88 9.62 -20.11 -47.92
C GLN P 88 8.59 -20.76 -47.00
N GLN P 89 8.68 -22.08 -46.88
CA GLN P 89 8.45 -22.80 -45.64
C GLN P 89 9.85 -22.89 -45.08
N PHE P 90 10.01 -23.61 -43.97
CA PHE P 90 11.00 -23.55 -42.83
C PHE P 90 12.43 -23.18 -43.25
N GLU P 91 13.44 -23.60 -42.51
CA GLU P 91 14.84 -23.43 -42.93
C GLU P 91 15.11 -23.82 -44.39
N PHE P 92 14.33 -24.75 -44.97
CA PHE P 92 14.33 -25.01 -46.40
C PHE P 92 13.98 -23.80 -47.27
N PHE P 93 14.31 -23.85 -48.56
CA PHE P 93 14.01 -22.73 -49.44
C PHE P 93 13.74 -23.21 -50.85
N GLY P 94 12.99 -22.39 -51.60
CA GLY P 94 12.76 -22.66 -53.00
C GLY P 94 13.76 -21.95 -53.89
N LEU P 95 13.74 -22.30 -55.17
CA LEU P 95 14.78 -21.81 -56.07
C LEU P 95 14.54 -20.38 -56.52
N GLY P 96 13.29 -19.98 -56.72
CA GLY P 96 12.97 -18.61 -57.05
C GLY P 96 12.20 -18.47 -58.35
N SER P 97 11.88 -17.21 -58.66
CA SER P 97 11.16 -16.85 -59.87
C SER P 97 11.75 -15.56 -60.41
N GLU P 98 11.38 -15.21 -61.64
CA GLU P 98 11.94 -14.03 -62.30
C GLU P 98 10.85 -13.21 -62.95
N LEU P 99 10.76 -11.94 -62.58
CA LEU P 99 9.80 -11.03 -63.18
C LEU P 99 10.53 -10.02 -64.05
N GLU P 100 10.23 -10.03 -65.35
CA GLU P 100 10.94 -9.24 -66.34
C GLU P 100 9.96 -8.41 -67.16
N VAL P 101 10.43 -7.27 -67.64
CA VAL P 101 9.57 -6.34 -68.35
C VAL P 101 9.42 -6.78 -69.80
N HIS P 102 8.17 -6.97 -70.23
CA HIS P 102 7.91 -7.24 -71.64
C HIS P 102 6.94 -6.22 -72.23
N ALA Q 1 -56.97 16.27 -3.91
CA ALA Q 1 -56.78 17.43 -4.77
C ALA Q 1 -55.69 18.33 -4.21
N GLU Q 2 -56.06 19.20 -3.26
CA GLU Q 2 -55.10 20.10 -2.64
C GLU Q 2 -54.14 19.40 -1.71
N ASN Q 3 -54.40 18.14 -1.36
CA ASN Q 3 -53.44 17.33 -0.62
C ASN Q 3 -52.36 16.86 -1.59
N LEU Q 4 -51.41 17.73 -1.86
CA LEU Q 4 -50.25 17.34 -2.65
C LEU Q 4 -49.37 16.44 -1.81
N TRP Q 5 -48.81 15.43 -2.44
CA TRP Q 5 -48.01 14.43 -1.75
C TRP Q 5 -46.57 14.53 -2.20
N VAL Q 6 -45.66 14.21 -1.29
CA VAL Q 6 -44.25 14.27 -1.60
C VAL Q 6 -43.89 13.08 -2.47
N THR Q 7 -42.92 13.27 -3.36
CA THR Q 7 -42.45 12.22 -4.24
C THR Q 7 -40.94 12.32 -4.33
N VAL Q 8 -40.26 11.23 -4.14
CA VAL Q 8 -38.81 11.22 -4.19
C VAL Q 8 -38.36 10.77 -5.56
N TYR Q 9 -37.30 11.37 -6.03
CA TYR Q 9 -36.79 11.16 -7.37
C TYR Q 9 -35.32 10.82 -7.25
N TYR Q 10 -34.92 9.70 -7.81
CA TYR Q 10 -33.53 9.29 -7.77
C TYR Q 10 -32.85 9.62 -9.09
N GLY Q 11 -31.67 10.22 -8.99
CA GLY Q 11 -30.96 10.62 -10.18
C GLY Q 11 -31.38 11.95 -10.75
N VAL Q 12 -31.78 12.89 -9.91
CA VAL Q 12 -32.01 14.25 -10.39
C VAL Q 12 -30.67 14.85 -10.80
N PRO Q 13 -30.53 15.39 -11.99
CA PRO Q 13 -29.26 16.01 -12.36
C PRO Q 13 -29.05 17.34 -11.67
N VAL Q 14 -28.26 17.32 -10.60
CA VAL Q 14 -27.89 18.53 -9.89
C VAL Q 14 -26.60 18.25 -9.15
N TRP Q 15 -25.88 19.30 -8.79
CA TRP Q 15 -24.56 19.10 -8.21
C TRP Q 15 -24.31 20.12 -7.11
N LYS Q 16 -23.13 20.03 -6.52
CA LYS Q 16 -22.59 21.05 -5.64
C LYS Q 16 -21.09 21.19 -5.90
N ASP Q 17 -20.49 22.16 -5.22
CA ASP Q 17 -19.06 22.37 -5.32
C ASP Q 17 -18.36 21.60 -4.22
N ALA Q 18 -17.22 20.99 -4.54
CA ALA Q 18 -16.52 20.17 -3.57
C ALA Q 18 -15.05 20.09 -3.95
N GLU Q 19 -14.30 19.33 -3.18
CA GLU Q 19 -12.89 19.09 -3.44
C GLU Q 19 -12.57 17.64 -3.13
N THR Q 20 -11.79 17.03 -4.00
CA THR Q 20 -11.38 15.65 -3.80
C THR Q 20 -10.08 15.42 -4.54
N THR Q 21 -9.67 14.15 -4.60
CA THR Q 21 -8.49 13.77 -5.35
C THR Q 21 -8.83 13.70 -6.83
N LEU Q 22 -7.84 13.36 -7.64
CA LEU Q 22 -8.03 13.29 -9.08
C LEU Q 22 -7.27 12.08 -9.61
N PHE Q 23 -7.07 12.07 -10.93
CA PHE Q 23 -6.69 10.87 -11.62
C PHE Q 23 -5.76 11.24 -12.76
N CYS Q 24 -4.60 10.60 -12.84
CA CYS Q 24 -3.60 10.91 -13.83
C CYS Q 24 -3.59 9.86 -14.93
N ALA Q 25 -3.61 10.30 -16.19
CA ALA Q 25 -3.65 9.36 -17.29
C ALA Q 25 -3.12 10.03 -18.55
N SER Q 26 -2.37 9.27 -19.35
CA SER Q 26 -1.81 9.81 -20.59
C SER Q 26 -2.09 8.89 -21.77
N ASP Q 27 -1.46 9.15 -22.91
CA ASP Q 27 -1.76 8.41 -24.13
C ASP Q 27 -1.08 7.06 -24.13
N ALA Q 28 -1.24 6.33 -25.24
CA ALA Q 28 -0.60 5.05 -25.42
C ALA Q 28 0.77 5.14 -26.08
N LYS Q 29 1.10 6.29 -26.67
CA LYS Q 29 2.41 6.45 -27.29
C LYS Q 29 3.52 6.58 -26.27
N ALA Q 30 3.19 7.04 -25.06
CA ALA Q 30 4.18 7.14 -23.99
C ALA Q 30 4.62 5.78 -23.47
N TYR Q 31 3.85 4.73 -23.72
CA TYR Q 31 4.26 3.39 -23.33
C TYR Q 31 5.21 2.76 -24.34
N GLU Q 32 5.34 3.33 -25.54
CA GLU Q 32 6.26 2.79 -26.54
C GLU Q 32 7.70 3.01 -26.13
N THR Q 33 8.02 4.18 -25.56
CA THR Q 33 9.31 4.39 -24.92
C THR Q 33 9.29 3.61 -23.62
N GLU Q 34 9.80 2.37 -23.67
CA GLU Q 34 9.47 1.36 -22.68
C GLU Q 34 10.29 1.54 -21.39
N LYS Q 35 9.89 0.75 -20.38
CA LYS Q 35 10.63 0.54 -19.13
C LYS Q 35 10.78 1.82 -18.31
N HIS Q 36 9.73 2.65 -18.32
CA HIS Q 36 9.59 3.83 -17.47
C HIS Q 36 10.71 4.85 -17.66
N ASN Q 37 11.22 4.97 -18.89
CA ASN Q 37 12.29 5.93 -19.14
C ASN Q 37 11.78 7.36 -18.98
N VAL Q 38 10.63 7.67 -19.57
CA VAL Q 38 9.90 8.86 -19.14
C VAL Q 38 9.19 8.52 -17.85
N TRP Q 39 9.05 9.51 -16.98
CA TRP Q 39 8.17 9.37 -15.84
C TRP Q 39 6.71 9.51 -16.28
N ALA Q 40 5.81 9.38 -15.30
CA ALA Q 40 4.35 9.37 -15.49
C ALA Q 40 3.93 8.27 -16.46
N THR Q 41 4.55 7.11 -16.30
CA THR Q 41 4.00 5.86 -16.79
C THR Q 41 4.18 4.77 -15.75
N HIS Q 42 4.87 5.06 -14.65
CA HIS Q 42 4.70 4.29 -13.43
C HIS Q 42 3.24 4.34 -12.98
N ALA Q 43 2.65 5.53 -13.03
CA ALA Q 43 1.33 5.79 -12.46
C ALA Q 43 0.34 6.32 -13.48
N CYS Q 44 0.22 5.65 -14.62
CA CYS Q 44 -0.59 6.16 -15.71
C CYS Q 44 -1.34 5.01 -16.39
N VAL Q 45 -2.66 5.06 -16.33
CA VAL Q 45 -3.49 4.21 -17.18
C VAL Q 45 -3.51 4.90 -18.54
N PRO Q 46 -3.43 4.19 -19.66
CA PRO Q 46 -3.54 4.85 -20.95
C PRO Q 46 -4.91 5.45 -21.16
N THR Q 47 -4.94 6.67 -21.71
CA THR Q 47 -6.19 7.36 -21.93
C THR Q 47 -6.99 6.68 -23.02
N ASP Q 48 -8.27 6.72 -22.85
CA ASP Q 48 -9.13 6.19 -23.90
C ASP Q 48 -9.39 7.29 -24.93
N PRO Q 49 -9.23 6.97 -26.21
CA PRO Q 49 -9.42 7.99 -27.25
C PRO Q 49 -10.88 8.39 -27.38
N ASN Q 50 -11.07 9.60 -27.93
CA ASN Q 50 -12.29 10.40 -28.06
C ASN Q 50 -13.20 10.31 -26.84
N PRO Q 51 -12.83 10.90 -25.70
CA PRO Q 51 -13.78 10.99 -24.59
C PRO Q 51 -14.89 11.98 -24.94
N GLN Q 52 -15.96 11.90 -24.19
CA GLN Q 52 -17.11 12.75 -24.45
C GLN Q 52 -16.85 14.15 -23.92
N GLU Q 53 -17.28 15.15 -24.69
CA GLU Q 53 -17.24 16.53 -24.26
C GLU Q 53 -18.64 17.05 -24.52
N ILE Q 54 -19.53 16.84 -23.60
CA ILE Q 54 -20.93 17.10 -23.90
C ILE Q 54 -21.24 18.55 -23.64
N HIS Q 55 -22.10 19.10 -24.48
CA HIS Q 55 -22.43 20.52 -24.45
C HIS Q 55 -23.68 20.73 -23.60
N LEU Q 56 -23.84 21.95 -23.10
CA LEU Q 56 -25.01 22.29 -22.33
C LEU Q 56 -25.58 23.61 -22.82
N GLU Q 57 -26.88 23.77 -22.62
CA GLU Q 57 -27.65 24.98 -22.85
C GLU Q 57 -27.63 25.82 -21.58
N ASN Q 58 -28.70 26.60 -21.39
CA ASN Q 58 -28.89 27.73 -20.49
C ASN Q 58 -28.06 27.85 -19.21
N VAL Q 59 -27.78 26.74 -18.51
CA VAL Q 59 -27.11 26.69 -17.20
C VAL Q 59 -25.83 27.53 -17.14
N THR Q 60 -25.70 28.36 -16.12
CA THR Q 60 -24.62 29.34 -15.99
C THR Q 60 -24.02 29.29 -14.58
N GLU Q 61 -22.72 29.03 -14.50
CA GLU Q 61 -21.99 28.90 -13.24
C GLU Q 61 -20.89 29.93 -13.17
N GLU Q 62 -20.47 30.23 -11.95
CA GLU Q 62 -19.38 31.16 -11.73
C GLU Q 62 -18.10 30.42 -11.40
N PHE Q 63 -16.99 30.95 -11.87
CA PHE Q 63 -15.68 30.39 -11.67
C PHE Q 63 -14.77 31.40 -10.98
N ASN Q 64 -13.68 30.87 -10.45
CA ASN Q 64 -12.71 31.70 -9.74
C ASN Q 64 -11.37 30.98 -9.85
N MET Q 65 -10.43 31.58 -10.57
CA MET Q 65 -9.15 30.94 -10.72
C MET Q 65 -8.28 31.09 -9.48
N TRP Q 66 -8.61 32.02 -8.59
CA TRP Q 66 -7.62 32.36 -7.59
C TRP Q 66 -7.73 31.51 -6.34
N LYS Q 67 -8.95 31.21 -5.91
CA LYS Q 67 -9.13 30.25 -4.83
C LYS Q 67 -9.42 28.86 -5.35
N ASN Q 68 -9.07 28.60 -6.60
CA ASN Q 68 -9.33 27.29 -7.17
C ASN Q 68 -8.40 26.26 -6.56
N ASN Q 69 -8.93 25.06 -6.35
CA ASN Q 69 -8.12 23.96 -5.87
C ASN Q 69 -7.64 23.15 -7.07
N MET Q 70 -7.03 22.00 -6.76
CA MET Q 70 -6.45 20.98 -7.62
C MET Q 70 -5.14 21.44 -8.26
N VAL Q 71 -4.87 22.74 -8.21
CA VAL Q 71 -3.57 23.22 -8.63
C VAL Q 71 -2.57 22.91 -7.54
N GLU Q 72 -3.01 22.98 -6.29
CA GLU Q 72 -2.17 22.65 -5.15
C GLU Q 72 -1.73 21.20 -5.19
N GLN Q 73 -2.64 20.30 -5.56
CA GLN Q 73 -2.23 18.92 -5.64
C GLN Q 73 -1.42 18.65 -6.89
N MET Q 74 -1.54 19.49 -7.91
CA MET Q 74 -0.65 19.36 -9.05
C MET Q 74 0.77 19.74 -8.68
N HIS Q 75 0.92 20.83 -7.93
CA HIS Q 75 2.23 21.24 -7.44
C HIS Q 75 2.79 20.23 -6.46
N THR Q 76 1.94 19.52 -5.74
CA THR Q 76 2.42 18.41 -4.92
C THR Q 76 2.87 17.23 -5.78
N ASP Q 77 2.08 16.89 -6.80
CA ASP Q 77 2.30 15.66 -7.54
C ASP Q 77 3.54 15.73 -8.40
N ILE Q 78 3.84 16.89 -8.95
CA ILE Q 78 5.04 17.00 -9.78
C ILE Q 78 6.28 16.87 -8.91
N ILE Q 79 6.24 17.44 -7.71
CA ILE Q 79 7.35 17.32 -6.77
C ILE Q 79 7.53 15.87 -6.34
N SER Q 80 6.42 15.17 -6.11
CA SER Q 80 6.51 13.78 -5.69
C SER Q 80 7.01 12.90 -6.82
N LEU Q 81 6.63 13.20 -8.07
CA LEU Q 81 7.14 12.44 -9.20
C LEU Q 81 8.62 12.68 -9.42
N TRP Q 82 9.04 13.91 -9.21
CA TRP Q 82 10.46 14.27 -9.29
C TRP Q 82 11.27 13.51 -8.25
N ASP Q 83 10.73 13.39 -7.04
CA ASP Q 83 11.48 12.68 -6.00
C ASP Q 83 11.45 11.18 -6.23
N GLN Q 84 10.38 10.66 -6.80
CA GLN Q 84 10.34 9.23 -7.08
C GLN Q 84 11.25 8.87 -8.24
N SER Q 85 11.60 9.81 -9.10
CA SER Q 85 12.48 9.50 -10.20
C SER Q 85 13.96 9.62 -9.84
N LEU Q 86 14.32 9.61 -8.57
CA LEU Q 86 15.72 9.82 -8.22
C LEU Q 86 16.32 8.73 -7.35
N LYS Q 87 15.55 8.16 -6.42
CA LYS Q 87 16.09 7.14 -5.52
C LYS Q 87 16.70 5.90 -6.18
N PRO Q 88 16.28 5.42 -7.36
CA PRO Q 88 17.06 4.37 -8.01
C PRO Q 88 18.37 4.84 -8.65
N CYS Q 89 18.78 6.09 -8.51
CA CYS Q 89 20.02 6.54 -9.12
C CYS Q 89 21.09 6.77 -8.07
N VAL Q 90 22.32 6.91 -8.55
CA VAL Q 90 23.50 6.82 -7.71
C VAL Q 90 23.67 8.09 -6.86
N LYS Q 91 24.25 7.94 -5.68
CA LYS Q 91 24.67 9.06 -4.87
C LYS Q 91 26.05 9.51 -5.31
N LEU Q 92 26.41 10.73 -4.95
CA LEU Q 92 27.71 11.29 -5.28
C LEU Q 92 28.47 11.71 -4.02
N THR Q 93 28.48 10.84 -3.01
CA THR Q 93 29.19 11.14 -1.78
C THR Q 93 30.70 11.26 -1.93
N PRO Q 94 31.46 10.30 -2.53
CA PRO Q 94 32.92 10.41 -2.46
C PRO Q 94 33.53 11.44 -3.38
N LEU Q 95 32.70 12.27 -4.02
CA LEU Q 95 33.17 13.30 -4.92
C LEU Q 95 33.57 14.59 -4.20
N CYS Q 96 33.03 14.86 -3.02
CA CYS Q 96 33.42 16.04 -2.25
C CYS Q 96 34.84 15.86 -1.77
N VAL Q 97 35.80 16.46 -2.48
CA VAL Q 97 37.21 16.25 -2.21
C VAL Q 97 37.98 17.49 -2.68
N THR Q 98 39.22 17.61 -2.24
CA THR Q 98 40.04 18.78 -2.56
C THR Q 98 40.45 18.77 -4.02
N LEU Q 99 40.19 19.87 -4.72
CA LEU Q 99 40.35 19.93 -6.16
C LEU Q 99 41.56 20.78 -6.50
N GLN Q 100 42.46 20.26 -7.33
CA GLN Q 100 43.58 21.05 -7.84
C GLN Q 100 43.18 21.63 -9.18
N CYS Q 101 42.98 22.94 -9.25
CA CYS Q 101 42.37 23.52 -10.44
C CYS Q 101 43.28 24.53 -11.12
N THR Q 102 42.97 24.81 -12.38
CA THR Q 102 43.69 25.80 -13.17
C THR Q 102 42.77 26.29 -14.28
N ASN Q 103 43.31 27.18 -15.11
CA ASN Q 103 42.58 27.69 -16.26
C ASN Q 103 42.69 26.73 -17.42
N VAL Q 104 41.65 26.70 -18.26
CA VAL Q 104 41.70 25.89 -19.47
C VAL Q 104 42.62 26.57 -20.48
N THR Q 105 43.12 25.79 -21.44
CA THR Q 105 44.02 26.35 -22.45
C THR Q 105 43.26 27.26 -23.39
N ASN Q 106 43.41 28.56 -23.22
CA ASN Q 106 42.71 29.53 -24.04
C ASN Q 106 43.47 30.85 -24.00
N ASN Q 107 43.56 31.51 -25.15
CA ASN Q 107 44.22 32.83 -25.25
C ASN Q 107 43.28 33.83 -24.60
N ILE Q 108 43.47 34.01 -23.31
CA ILE Q 108 42.51 34.75 -22.51
C ILE Q 108 42.95 36.19 -22.40
N THR Q 109 42.03 37.11 -22.70
CA THR Q 109 42.21 38.48 -22.28
C THR Q 109 42.15 38.54 -20.75
N ASP Q 110 42.98 39.43 -20.17
CA ASP Q 110 43.16 39.43 -18.72
C ASP Q 110 41.90 39.91 -18.00
N ASP Q 111 41.18 40.86 -18.58
CA ASP Q 111 40.03 41.41 -17.89
C ASP Q 111 38.83 40.48 -17.98
N MET Q 112 38.74 39.67 -19.03
CA MET Q 112 37.69 38.68 -19.03
C MET Q 112 38.10 37.50 -18.16
N ARG Q 113 37.10 36.82 -17.61
CA ARG Q 113 37.31 35.70 -16.71
C ARG Q 113 36.95 34.42 -17.42
N GLY Q 114 37.53 33.31 -16.95
CA GLY Q 114 37.24 32.02 -17.52
C GLY Q 114 35.88 31.52 -17.04
N GLU Q 115 35.09 31.02 -17.98
CA GLU Q 115 33.85 30.36 -17.64
C GLU Q 115 34.03 28.89 -17.36
N LEU Q 116 35.17 28.33 -17.72
CA LEU Q 116 35.47 26.93 -17.50
C LEU Q 116 36.74 26.83 -16.66
N LYS Q 117 36.70 25.98 -15.65
CA LYS Q 117 37.89 25.67 -14.88
C LYS Q 117 38.20 24.19 -15.05
N ASN Q 118 39.49 23.87 -14.93
CA ASN Q 118 40.00 22.57 -15.29
C ASN Q 118 40.67 21.98 -14.06
N CYS Q 119 40.10 20.91 -13.51
CA CYS Q 119 40.52 20.45 -12.20
C CYS Q 119 40.91 18.98 -12.24
N SER Q 120 41.79 18.60 -11.32
CA SER Q 120 42.25 17.22 -11.19
C SER Q 120 42.30 16.88 -9.71
N PHE Q 121 42.11 15.60 -9.42
CA PHE Q 121 41.95 15.18 -8.03
C PHE Q 121 42.10 13.68 -7.92
N ASN Q 122 41.85 13.18 -6.72
CA ASN Q 122 41.96 11.76 -6.42
C ASN Q 122 40.62 11.09 -6.36
N MET Q 123 40.58 9.82 -6.72
CA MET Q 123 39.33 9.09 -6.66
C MET Q 123 39.60 7.61 -6.47
N THR Q 124 38.73 6.96 -5.71
CA THR Q 124 38.86 5.54 -5.47
C THR Q 124 38.52 4.76 -6.73
N THR Q 125 39.23 3.68 -6.93
CA THR Q 125 39.01 2.81 -8.07
C THR Q 125 37.99 1.75 -7.68
N GLU Q 126 37.88 0.69 -8.48
CA GLU Q 126 36.97 -0.40 -8.18
C GLU Q 126 37.39 -1.13 -6.91
N LEU Q 127 38.68 -1.33 -6.73
CA LEU Q 127 39.20 -1.88 -5.49
C LEU Q 127 39.21 -0.82 -4.41
N ARG Q 128 39.62 -1.22 -3.21
CA ARG Q 128 39.75 -0.28 -2.11
C ARG Q 128 41.17 0.24 -1.94
N ASP Q 129 42.16 -0.47 -2.48
CA ASP Q 129 43.53 -0.10 -2.20
C ASP Q 129 44.07 0.89 -3.21
N LYS Q 130 43.79 0.67 -4.48
CA LYS Q 130 44.24 1.61 -5.49
C LYS Q 130 43.43 2.89 -5.43
N LYS Q 131 44.09 4.00 -5.74
CA LYS Q 131 43.42 5.27 -5.95
C LYS Q 131 44.10 5.95 -7.12
N GLN Q 132 43.33 6.71 -7.88
CA GLN Q 132 43.82 7.21 -9.14
C GLN Q 132 43.66 8.72 -9.21
N LYS Q 133 44.35 9.31 -10.17
CA LYS Q 133 44.35 10.74 -10.40
C LYS Q 133 43.62 11.00 -11.70
N VAL Q 134 42.62 11.89 -11.66
CA VAL Q 134 41.75 12.09 -12.80
C VAL Q 134 41.41 13.57 -12.90
N TYR Q 135 40.94 13.99 -14.07
CA TYR Q 135 40.67 15.40 -14.32
C TYR Q 135 39.35 15.57 -15.03
N SER Q 136 38.79 16.77 -14.92
CA SER Q 136 37.52 17.10 -15.54
C SER Q 136 37.36 18.60 -15.64
N LEU Q 137 36.21 19.01 -16.16
CA LEU Q 137 35.89 20.41 -16.36
C LEU Q 137 34.68 20.81 -15.52
N PHE Q 138 34.65 22.07 -15.11
CA PHE Q 138 33.53 22.56 -14.34
C PHE Q 138 33.28 24.01 -14.69
N TYR Q 139 32.07 24.45 -14.44
CA TYR Q 139 31.74 25.85 -14.60
C TYR Q 139 32.10 26.60 -13.33
N ARG Q 140 32.21 27.92 -13.45
CA ARG Q 140 32.61 28.73 -12.30
C ARG Q 140 31.52 28.78 -11.25
N LEU Q 141 30.27 28.58 -11.64
CA LEU Q 141 29.18 28.64 -10.68
C LEU Q 141 29.02 27.36 -9.87
N ASP Q 142 30.00 26.48 -9.86
CA ASP Q 142 29.91 25.26 -9.07
C ASP Q 142 31.06 25.06 -8.09
N VAL Q 143 32.19 25.72 -8.28
CA VAL Q 143 33.30 25.59 -7.37
C VAL Q 143 33.52 26.91 -6.65
N VAL Q 144 33.99 26.84 -5.42
CA VAL Q 144 34.35 28.01 -4.65
C VAL Q 144 35.73 27.79 -4.07
N GLN Q 145 36.27 28.86 -3.52
CA GLN Q 145 37.64 28.89 -3.06
C GLN Q 145 37.70 28.40 -1.62
N ILE Q 146 38.49 27.38 -1.39
CA ILE Q 146 38.87 27.05 -0.03
C ILE Q 146 40.11 27.86 0.32
N ASN Q 147 40.29 28.13 1.60
CA ASN Q 147 41.37 29.01 2.01
C ASN Q 147 41.98 28.58 3.33
N SER Q 157 50.79 31.26 -2.82
CA SER Q 157 51.24 29.88 -2.69
C SER Q 157 50.60 29.01 -3.77
N ASN Q 158 49.56 28.29 -3.38
CA ASN Q 158 48.81 27.43 -4.28
C ASN Q 158 47.39 27.97 -4.48
N LYS Q 159 46.54 27.19 -5.15
CA LYS Q 159 45.19 27.62 -5.46
C LYS Q 159 44.31 26.40 -5.61
N GLU Q 160 43.32 26.24 -4.75
CA GLU Q 160 42.51 25.05 -4.72
C GLU Q 160 41.05 25.38 -4.41
N TYR Q 161 40.16 24.53 -4.90
CA TYR Q 161 38.73 24.77 -4.85
C TYR Q 161 38.00 23.58 -4.26
N ARG Q 162 36.71 23.76 -4.00
CA ARG Q 162 35.84 22.66 -3.66
C ARG Q 162 34.47 22.93 -4.26
N LEU Q 163 33.59 21.92 -4.21
CA LEU Q 163 32.26 22.12 -4.76
C LEU Q 163 31.43 23.03 -3.87
N ILE Q 164 30.39 23.59 -4.45
CA ILE Q 164 29.59 24.59 -3.76
C ILE Q 164 28.68 23.95 -2.72
N ASN Q 165 28.21 22.75 -2.96
CA ASN Q 165 27.18 22.16 -2.13
C ASN Q 165 27.72 21.24 -1.06
N CYS Q 166 29.03 20.98 -1.04
CA CYS Q 166 29.56 19.97 -0.14
C CYS Q 166 29.74 20.45 1.29
N ASN Q 167 29.10 21.54 1.71
CA ASN Q 167 29.12 21.91 3.12
C ASN Q 167 27.73 21.96 3.72
N THR Q 168 26.70 21.57 2.99
CA THR Q 168 25.38 21.57 3.60
C THR Q 168 24.52 20.36 3.26
N SER Q 169 24.98 19.51 2.36
CA SER Q 169 24.10 18.51 1.79
C SER Q 169 24.91 17.47 1.04
N ALA Q 170 24.26 16.37 0.72
CA ALA Q 170 24.80 15.40 -0.21
C ALA Q 170 24.39 15.82 -1.62
N ILE Q 171 24.57 14.94 -2.59
CA ILE Q 171 24.32 15.31 -3.98
C ILE Q 171 24.00 14.04 -4.76
N THR Q 172 22.94 14.09 -5.55
CA THR Q 172 22.45 12.91 -6.27
C THR Q 172 22.53 13.18 -7.75
N GLN Q 173 23.16 12.26 -8.48
CA GLN Q 173 23.24 12.37 -9.92
C GLN Q 173 21.99 11.76 -10.54
N ALA Q 174 21.44 12.43 -11.54
CA ALA Q 174 20.33 11.85 -12.27
C ALA Q 174 20.84 10.73 -13.16
N CYS Q 175 19.97 9.83 -13.48
CA CYS Q 175 20.39 8.78 -14.39
C CYS Q 175 20.33 9.28 -15.82
N PRO Q 176 21.26 8.88 -16.69
CA PRO Q 176 21.20 9.31 -18.08
C PRO Q 176 20.15 8.58 -18.88
N LYS Q 177 19.51 7.57 -18.32
CA LYS Q 177 18.42 6.91 -19.02
C LYS Q 177 17.20 7.81 -19.10
N VAL Q 178 16.79 8.34 -17.96
CA VAL Q 178 15.51 9.04 -17.85
C VAL Q 178 15.61 10.41 -18.52
N SER Q 179 14.66 10.68 -19.42
CA SER Q 179 14.64 11.94 -20.14
C SER Q 179 13.93 13.01 -19.34
N PHE Q 180 13.97 14.23 -19.87
CA PHE Q 180 13.42 15.38 -19.18
C PHE Q 180 12.31 16.09 -19.92
N GLU Q 181 12.02 15.72 -21.16
CA GLU Q 181 11.03 16.45 -21.92
C GLU Q 181 9.63 16.20 -21.35
N PRO Q 182 8.76 17.19 -21.42
CA PRO Q 182 7.39 16.98 -20.93
C PRO Q 182 6.59 16.11 -21.88
N ILE Q 183 5.46 15.63 -21.38
CA ILE Q 183 4.51 14.86 -22.17
C ILE Q 183 3.11 15.22 -21.73
N PRO Q 184 2.12 15.11 -22.64
CA PRO Q 184 0.77 15.57 -22.30
C PRO Q 184 0.11 14.74 -21.21
N ILE Q 185 0.04 15.32 -20.02
CA ILE Q 185 -0.64 14.69 -18.90
C ILE Q 185 -2.12 15.04 -18.98
N HIS Q 186 -2.97 14.03 -18.93
CA HIS Q 186 -4.39 14.26 -18.85
C HIS Q 186 -4.87 14.01 -17.43
N TYR Q 187 -5.72 14.89 -16.95
CA TYR Q 187 -6.36 14.74 -15.65
C TYR Q 187 -7.79 14.24 -15.86
N CYS Q 188 -8.24 13.36 -14.98
CA CYS Q 188 -9.57 12.81 -15.05
C CYS Q 188 -10.14 12.68 -13.65
N ALA Q 189 -11.46 12.77 -13.56
CA ALA Q 189 -12.23 12.67 -12.33
C ALA Q 189 -12.66 11.24 -12.09
N PRO Q 190 -12.78 10.81 -10.83
CA PRO Q 190 -13.22 9.45 -10.56
C PRO Q 190 -14.73 9.35 -10.70
N ALA Q 191 -15.26 8.19 -10.36
CA ALA Q 191 -16.68 7.94 -10.51
C ALA Q 191 -17.49 8.72 -9.48
N GLY Q 192 -18.41 9.55 -9.97
CA GLY Q 192 -19.23 10.35 -9.10
C GLY Q 192 -18.88 11.81 -9.02
N PHE Q 193 -18.15 12.34 -9.99
CA PHE Q 193 -17.87 13.78 -10.06
C PHE Q 193 -17.89 14.18 -11.52
N ALA Q 194 -17.69 15.46 -11.77
CA ALA Q 194 -17.56 15.93 -13.14
C ALA Q 194 -16.67 17.17 -13.16
N ILE Q 195 -16.13 17.48 -14.32
CA ILE Q 195 -15.30 18.67 -14.48
C ILE Q 195 -15.99 19.62 -15.45
N LEU Q 196 -16.21 20.84 -15.00
CA LEU Q 196 -16.85 21.83 -15.85
C LEU Q 196 -15.79 22.61 -16.62
N LYS Q 197 -16.24 23.31 -17.65
CA LYS Q 197 -15.33 24.03 -18.51
C LYS Q 197 -16.05 25.20 -19.12
N CYS Q 198 -15.52 26.41 -18.93
CA CYS Q 198 -16.10 27.61 -19.52
C CYS Q 198 -15.57 27.77 -20.94
N LYS Q 199 -16.47 27.73 -21.91
CA LYS Q 199 -16.09 27.88 -23.30
C LYS Q 199 -16.31 29.29 -23.80
N ASP Q 200 -16.49 30.26 -22.90
CA ASP Q 200 -16.74 31.62 -23.35
C ASP Q 200 -15.47 32.23 -23.92
N LYS Q 201 -15.67 33.06 -24.94
CA LYS Q 201 -14.55 33.64 -25.68
C LYS Q 201 -13.85 34.71 -24.86
N LYS Q 202 -14.61 35.54 -24.16
CA LYS Q 202 -14.05 36.57 -23.30
C LYS Q 202 -14.48 36.29 -21.87
N PHE Q 203 -13.54 35.82 -21.06
CA PHE Q 203 -13.80 35.61 -19.64
C PHE Q 203 -12.48 35.83 -18.95
N ASN Q 204 -12.41 36.87 -18.12
CA ASN Q 204 -11.11 37.33 -17.64
C ASN Q 204 -10.53 36.38 -16.60
N GLY Q 205 -11.38 35.70 -15.84
CA GLY Q 205 -10.88 34.80 -14.84
C GLY Q 205 -11.67 34.78 -13.57
N THR Q 206 -12.73 35.58 -13.49
CA THR Q 206 -13.57 35.61 -12.30
C THR Q 206 -15.00 35.90 -12.71
N GLY Q 207 -15.96 35.20 -12.11
CA GLY Q 207 -17.35 35.55 -12.28
C GLY Q 207 -18.12 34.52 -13.06
N PRO Q 208 -19.32 34.87 -13.52
CA PRO Q 208 -20.16 33.90 -14.22
C PRO Q 208 -19.78 33.75 -15.67
N CYS Q 209 -20.00 32.54 -16.18
CA CYS Q 209 -19.72 32.22 -17.58
C CYS Q 209 -20.99 31.62 -18.16
N PRO Q 210 -21.52 32.16 -19.27
CA PRO Q 210 -22.86 31.78 -19.70
C PRO Q 210 -22.94 30.59 -20.63
N SER Q 211 -21.81 30.06 -21.10
CA SER Q 211 -21.81 28.88 -21.97
C SER Q 211 -20.82 27.88 -21.42
N VAL Q 212 -21.31 26.87 -20.71
CA VAL Q 212 -20.47 25.90 -20.05
C VAL Q 212 -20.52 24.60 -20.83
N SER Q 213 -19.61 23.68 -20.48
CA SER Q 213 -19.69 22.32 -20.95
C SER Q 213 -18.99 21.42 -19.94
N THR Q 214 -19.58 20.27 -19.67
CA THR Q 214 -18.95 19.34 -18.75
C THR Q 214 -18.03 18.40 -19.48
N VAL Q 215 -17.23 17.66 -18.71
CA VAL Q 215 -16.23 16.78 -19.28
C VAL Q 215 -15.82 15.78 -18.22
N GLN Q 216 -15.24 14.67 -18.69
CA GLN Q 216 -14.69 13.62 -17.85
C GLN Q 216 -13.17 13.71 -17.74
N CYS Q 217 -12.50 14.19 -18.79
CA CYS Q 217 -11.05 14.33 -18.77
C CYS Q 217 -10.65 15.62 -19.45
N THR Q 218 -9.59 16.25 -18.95
CA THR Q 218 -9.13 17.51 -19.50
C THR Q 218 -8.39 17.30 -20.82
N HIS Q 219 -7.96 18.40 -21.40
CA HIS Q 219 -7.16 18.38 -22.61
C HIS Q 219 -5.73 18.00 -22.26
N GLY Q 220 -4.85 18.05 -23.26
CA GLY Q 220 -3.45 17.77 -23.04
C GLY Q 220 -2.79 18.90 -22.27
N ILE Q 221 -2.05 18.56 -21.22
CA ILE Q 221 -1.31 19.55 -20.45
C ILE Q 221 0.14 19.10 -20.42
N LYS Q 222 1.03 19.95 -20.89
CA LYS Q 222 2.45 19.66 -20.86
C LYS Q 222 3.09 20.46 -19.75
N PRO Q 223 3.62 19.83 -18.73
CA PRO Q 223 4.25 20.58 -17.62
C PRO Q 223 5.66 20.99 -17.97
N VAL Q 224 5.86 22.28 -18.14
CA VAL Q 224 7.19 22.83 -18.32
C VAL Q 224 7.48 23.75 -17.16
N VAL Q 225 8.73 23.81 -16.76
CA VAL Q 225 9.16 24.65 -15.66
C VAL Q 225 9.91 25.83 -16.26
N SER Q 226 9.43 27.03 -15.99
CA SER Q 226 10.05 28.24 -16.50
C SER Q 226 9.65 29.40 -15.59
N THR Q 227 10.54 30.37 -15.47
CA THR Q 227 10.40 31.39 -14.45
C THR Q 227 9.72 32.65 -14.95
N GLN Q 228 10.21 33.21 -16.03
CA GLN Q 228 9.46 34.20 -16.78
C GLN Q 228 9.27 33.67 -18.18
N LEU Q 229 8.31 34.25 -18.90
CA LEU Q 229 8.08 33.99 -20.32
C LEU Q 229 7.76 32.52 -20.57
N LEU Q 230 6.59 32.10 -20.09
CA LEU Q 230 6.21 30.70 -20.10
C LEU Q 230 6.07 30.16 -21.51
N LEU Q 231 6.45 28.90 -21.71
CA LEU Q 231 6.67 28.35 -23.04
C LEU Q 231 5.71 27.22 -23.34
N ASN Q 232 5.51 27.01 -24.64
CA ASN Q 232 4.73 25.89 -25.21
C ASN Q 232 3.31 25.84 -24.63
N GLY Q 233 2.75 27.02 -24.34
CA GLY Q 233 1.46 27.12 -23.71
C GLY Q 233 0.34 27.21 -24.72
N SER Q 234 -0.87 27.37 -24.19
CA SER Q 234 -2.07 27.44 -25.02
C SER Q 234 -2.49 28.88 -25.17
N LEU Q 235 -2.42 29.40 -26.39
CA LEU Q 235 -2.75 30.78 -26.63
C LEU Q 235 -4.25 30.98 -26.71
N ALA Q 236 -4.69 32.21 -26.42
CA ALA Q 236 -6.10 32.53 -26.46
C ALA Q 236 -6.55 32.75 -27.90
N GLU Q 237 -7.85 33.02 -28.05
CA GLU Q 237 -8.45 32.99 -29.37
C GLU Q 237 -8.14 34.25 -30.19
N GLU Q 238 -8.57 35.41 -29.71
CA GLU Q 238 -8.47 36.59 -30.57
C GLU Q 238 -7.54 37.67 -30.02
N GLU Q 239 -7.85 38.24 -28.88
CA GLU Q 239 -7.18 39.42 -28.39
C GLU Q 239 -6.02 38.99 -27.50
N VAL Q 240 -5.47 39.93 -26.75
CA VAL Q 240 -4.47 39.66 -25.75
C VAL Q 240 -5.10 39.95 -24.40
N MET Q 241 -5.17 38.95 -23.55
CA MET Q 241 -5.90 39.09 -22.30
C MET Q 241 -4.95 39.21 -21.13
N ILE Q 242 -5.20 40.17 -20.28
CA ILE Q 242 -4.51 40.30 -19.00
C ILE Q 242 -5.47 39.86 -17.92
N ARG Q 243 -4.93 39.20 -16.90
CA ARG Q 243 -5.76 38.76 -15.80
C ARG Q 243 -5.01 38.95 -14.49
N SER Q 244 -5.74 39.35 -13.46
CA SER Q 244 -5.17 39.53 -12.14
C SER Q 244 -6.26 39.34 -11.10
N GLU Q 245 -5.86 39.25 -9.85
CA GLU Q 245 -6.83 39.03 -8.78
C GLU Q 245 -7.39 40.36 -8.26
N ASN Q 246 -6.55 41.21 -7.70
CA ASN Q 246 -6.93 42.57 -7.35
C ASN Q 246 -5.89 43.48 -8.01
N ILE Q 247 -6.33 44.26 -8.99
CA ILE Q 247 -5.40 44.97 -9.87
C ILE Q 247 -4.79 46.15 -9.11
N THR Q 248 -5.61 46.87 -8.36
CA THR Q 248 -5.12 47.97 -7.56
C THR Q 248 -4.20 47.52 -6.45
N ASN Q 249 -4.32 46.28 -5.99
CA ASN Q 249 -3.27 45.71 -5.17
C ASN Q 249 -2.07 45.40 -6.04
N ASN Q 250 -0.89 45.78 -5.56
CA ASN Q 250 0.33 45.54 -6.29
C ASN Q 250 1.09 44.33 -5.78
N ALA Q 251 0.53 43.57 -4.85
CA ALA Q 251 1.21 42.38 -4.37
C ALA Q 251 1.04 41.20 -5.31
N LYS Q 252 -0.02 41.17 -6.09
CA LYS Q 252 -0.31 40.03 -6.92
C LYS Q 252 0.30 40.18 -8.30
N ASN Q 253 0.68 39.06 -8.89
CA ASN Q 253 1.24 39.07 -10.22
C ASN Q 253 0.14 39.32 -11.24
N ILE Q 254 0.56 39.57 -12.48
CA ILE Q 254 -0.33 39.80 -13.59
C ILE Q 254 -0.01 38.80 -14.68
N LEU Q 255 -0.98 38.01 -15.10
CA LEU Q 255 -0.76 37.01 -16.13
C LEU Q 255 -1.23 37.57 -17.47
N VAL Q 256 -0.34 37.56 -18.45
CA VAL Q 256 -0.65 38.04 -19.79
C VAL Q 256 -0.62 36.86 -20.73
N GLN Q 257 -1.73 36.59 -21.38
CA GLN Q 257 -1.78 35.55 -22.39
C GLN Q 257 -2.01 36.24 -23.73
N PHE Q 258 -1.08 36.09 -24.66
CA PHE Q 258 -1.23 36.76 -25.93
C PHE Q 258 -1.49 35.78 -27.06
N ASN Q 259 -1.96 36.33 -28.19
CA ASN Q 259 -2.64 35.55 -29.20
C ASN Q 259 -1.65 34.82 -30.10
N THR Q 260 -0.81 35.54 -30.76
CA THR Q 260 0.04 34.85 -31.71
C THR Q 260 1.33 34.42 -31.03
N PRO Q 261 1.79 33.19 -31.21
CA PRO Q 261 3.04 32.78 -30.59
C PRO Q 261 4.20 33.43 -31.30
N VAL Q 262 5.26 33.69 -30.56
CA VAL Q 262 6.45 34.28 -31.16
C VAL Q 262 7.60 33.30 -31.03
N GLN Q 263 8.26 33.00 -32.13
CA GLN Q 263 9.31 31.99 -32.16
C GLN Q 263 10.51 32.44 -31.35
N ILE Q 264 11.19 31.48 -30.73
CA ILE Q 264 12.42 31.74 -29.99
C ILE Q 264 13.38 30.59 -30.26
N ASN Q 265 14.65 30.93 -30.52
CA ASN Q 265 15.70 29.94 -30.64
C ASN Q 265 16.68 30.11 -29.50
N CYS Q 266 17.21 29.00 -29.01
CA CYS Q 266 18.31 29.06 -28.07
C CYS Q 266 19.29 27.96 -28.41
N THR Q 267 20.57 28.22 -28.21
CA THR Q 267 21.55 27.23 -28.57
C THR Q 267 22.81 27.36 -27.74
N ARG Q 268 23.47 26.22 -27.55
CA ARG Q 268 24.82 26.15 -27.07
C ARG Q 268 25.68 25.55 -28.17
N PRO Q 269 26.72 26.25 -28.61
CA PRO Q 269 27.52 25.78 -29.73
C PRO Q 269 28.75 24.95 -29.40
N ASN Q 270 29.19 24.89 -28.15
CA ASN Q 270 30.45 24.20 -27.86
C ASN Q 270 30.29 22.69 -27.95
N ASN Q 271 31.09 22.05 -28.80
CA ASN Q 271 31.09 20.60 -28.89
C ASN Q 271 31.69 20.00 -27.64
N ASN Q 272 31.07 18.95 -27.10
CA ASN Q 272 31.47 18.39 -25.82
C ASN Q 272 31.64 16.89 -25.91
N THR Q 273 32.55 16.37 -25.10
CA THR Q 273 32.86 14.95 -25.06
C THR Q 273 32.68 14.45 -23.64
N ARG Q 274 31.77 13.50 -23.45
CA ARG Q 274 31.61 12.96 -22.11
C ARG Q 274 32.66 11.90 -21.84
N LYS Q 275 32.76 11.50 -20.59
CA LYS Q 275 33.78 10.57 -20.16
C LYS Q 275 33.29 9.86 -18.91
N SER Q 276 33.57 8.57 -18.82
CA SER Q 276 33.02 7.73 -17.76
C SER Q 276 34.12 7.37 -16.78
N ILE Q 277 34.07 7.93 -15.62
CA ILE Q 277 34.92 7.50 -14.52
C ILE Q 277 34.16 6.47 -13.71
N ARG Q 278 34.87 5.51 -13.15
CA ARG Q 278 34.28 4.52 -12.26
C ARG Q 278 34.55 4.92 -10.82
N ILE Q 279 33.53 4.82 -9.98
CA ILE Q 279 33.72 5.15 -8.58
C ILE Q 279 34.13 3.92 -7.81
N GLY Q 280 33.47 2.80 -8.05
CA GLY Q 280 33.78 1.55 -7.42
C GLY Q 280 33.05 0.42 -8.09
N PRO Q 281 32.52 -0.50 -7.30
CA PRO Q 281 31.73 -1.59 -7.87
C PRO Q 281 30.43 -1.07 -8.45
N GLY Q 282 30.34 -1.09 -9.77
CA GLY Q 282 29.09 -0.82 -10.48
C GLY Q 282 28.58 0.60 -10.36
N GLN Q 283 29.46 1.55 -10.12
CA GLN Q 283 29.06 2.95 -10.04
C GLN Q 283 29.73 3.70 -11.17
N ALA Q 284 28.93 4.35 -11.99
CA ALA Q 284 29.44 5.14 -13.09
C ALA Q 284 29.40 6.59 -12.67
N PHE Q 285 30.21 7.42 -13.30
CA PHE Q 285 30.18 8.86 -13.07
C PHE Q 285 30.60 9.55 -14.36
N TYR Q 286 29.94 10.65 -14.71
CA TYR Q 286 30.16 11.27 -16.00
C TYR Q 286 30.82 12.64 -15.83
N ALA Q 287 32.02 12.77 -16.35
CA ALA Q 287 32.75 14.03 -16.34
C ALA Q 287 32.49 14.76 -17.65
N THR Q 288 33.25 15.82 -17.91
CA THR Q 288 33.19 16.53 -19.18
C THR Q 288 34.59 16.64 -19.73
N GLY Q 289 34.86 15.92 -20.80
CA GLY Q 289 36.23 15.72 -21.24
C GLY Q 289 36.78 16.85 -22.08
N ASP Q 290 37.15 16.52 -23.31
CA ASP Q 290 37.80 17.49 -24.17
C ASP Q 290 36.77 18.35 -24.89
N ILE Q 291 37.22 19.50 -25.38
CA ILE Q 291 36.36 20.43 -26.10
C ILE Q 291 36.96 20.64 -27.48
N ILE Q 292 36.28 20.15 -28.50
CA ILE Q 292 36.73 20.25 -29.88
C ILE Q 292 36.01 21.46 -30.49
N GLY Q 293 36.73 22.56 -30.65
CA GLY Q 293 36.16 23.73 -31.29
C GLY Q 293 36.50 25.02 -30.58
N ASP Q 294 35.96 26.13 -31.07
CA ASP Q 294 36.20 27.40 -30.40
C ASP Q 294 35.20 27.60 -29.28
N ILE Q 295 35.65 28.24 -28.21
CA ILE Q 295 34.80 28.47 -27.04
C ILE Q 295 33.92 29.67 -27.35
N ARG Q 296 32.65 29.42 -27.65
CA ARG Q 296 31.71 30.50 -27.88
C ARG Q 296 30.74 30.55 -26.71
N GLN Q 297 29.74 31.41 -26.80
CA GLN Q 297 28.85 31.64 -25.68
C GLN Q 297 27.41 31.32 -26.07
N ALA Q 298 26.74 30.54 -25.23
CA ALA Q 298 25.40 30.07 -25.53
C ALA Q 298 24.38 31.20 -25.38
N HIS Q 299 23.45 31.27 -26.33
CA HIS Q 299 22.66 32.48 -26.47
C HIS Q 299 21.27 32.15 -27.01
N CYS Q 300 20.43 33.19 -27.10
CA CYS Q 300 19.09 33.04 -27.64
C CYS Q 300 18.77 34.17 -28.60
N ASN Q 301 18.02 33.84 -29.66
CA ASN Q 301 17.58 34.77 -30.68
C ASN Q 301 16.06 34.84 -30.69
N VAL Q 302 15.53 36.06 -30.83
CA VAL Q 302 14.13 36.28 -31.21
C VAL Q 302 14.09 37.31 -32.33
N SER Q 303 12.98 37.34 -33.04
CA SER Q 303 12.81 38.29 -34.11
C SER Q 303 12.46 39.66 -33.56
N LYS Q 304 12.84 40.70 -34.29
CA LYS Q 304 12.66 42.06 -33.80
C LYS Q 304 11.20 42.49 -33.89
N ALA Q 305 10.67 42.53 -35.12
CA ALA Q 305 9.45 43.26 -35.39
C ALA Q 305 8.24 42.57 -34.77
N THR Q 306 8.25 41.24 -34.72
CA THR Q 306 7.17 40.51 -34.09
C THR Q 306 7.12 40.80 -32.60
N TRP Q 307 8.29 40.91 -31.97
CA TRP Q 307 8.33 41.26 -30.56
C TRP Q 307 7.83 42.66 -30.32
N ASN Q 308 8.23 43.60 -31.17
CA ASN Q 308 7.77 44.98 -30.99
C ASN Q 308 6.27 45.10 -31.23
N GLU Q 309 5.76 44.35 -32.19
CA GLU Q 309 4.33 44.41 -32.50
C GLU Q 309 3.49 43.78 -31.40
N THR Q 310 3.97 42.68 -30.82
CA THR Q 310 3.24 42.07 -29.71
C THR Q 310 3.29 42.94 -28.47
N LEU Q 311 4.40 43.63 -28.24
CA LEU Q 311 4.43 44.58 -27.14
C LEU Q 311 3.48 45.76 -27.38
N GLY Q 312 3.34 46.18 -28.63
CA GLY Q 312 2.33 47.17 -28.95
C GLY Q 312 0.92 46.67 -28.68
N LYS Q 313 0.68 45.39 -28.98
CA LYS Q 313 -0.61 44.77 -28.68
C LYS Q 313 -0.90 44.81 -27.20
N VAL Q 314 0.09 44.44 -26.37
CA VAL Q 314 -0.21 44.36 -24.95
C VAL Q 314 -0.28 45.75 -24.33
N VAL Q 315 0.37 46.74 -24.93
CA VAL Q 315 0.18 48.10 -24.46
C VAL Q 315 -1.23 48.57 -24.76
N LYS Q 316 -1.71 48.29 -25.97
CA LYS Q 316 -3.04 48.69 -26.38
C LYS Q 316 -4.11 48.03 -25.55
N GLN Q 317 -3.88 46.79 -25.12
CA GLN Q 317 -4.87 46.15 -24.27
C GLN Q 317 -4.74 46.58 -22.82
N LEU Q 318 -3.53 46.89 -22.37
CA LEU Q 318 -3.30 47.26 -20.98
C LEU Q 318 -3.81 48.64 -20.66
N ARG Q 319 -3.92 49.50 -21.67
CA ARG Q 319 -4.33 50.87 -21.43
C ARG Q 319 -5.76 51.00 -20.92
N LYS Q 320 -6.60 49.97 -21.12
CA LYS Q 320 -7.98 50.07 -20.68
C LYS Q 320 -8.12 49.93 -19.17
N HIS Q 321 -7.17 49.31 -18.51
CA HIS Q 321 -7.30 49.13 -17.08
C HIS Q 321 -6.71 50.27 -16.29
N PHE Q 322 -6.15 51.29 -16.94
CA PHE Q 322 -5.49 52.36 -16.21
C PHE Q 322 -5.73 53.74 -16.81
N GLY Q 323 -6.80 53.92 -17.57
CA GLY Q 323 -7.01 55.19 -18.23
C GLY Q 323 -6.18 55.32 -19.50
N ASN Q 324 -6.68 56.14 -20.41
CA ASN Q 324 -6.06 56.20 -21.74
C ASN Q 324 -4.78 57.04 -21.73
N ASN Q 325 -4.80 58.19 -21.08
CA ASN Q 325 -3.64 59.07 -21.08
C ASN Q 325 -2.69 58.63 -19.98
N THR Q 326 -1.88 57.62 -20.27
CA THR Q 326 -0.95 57.10 -19.30
C THR Q 326 0.31 56.65 -20.01
N ILE Q 327 1.45 57.15 -19.54
CA ILE Q 327 2.75 56.68 -20.01
C ILE Q 327 3.00 55.32 -19.38
N ILE Q 328 3.41 54.35 -20.19
CA ILE Q 328 3.72 53.01 -19.71
C ILE Q 328 5.12 52.66 -20.19
N ARG Q 329 5.92 52.09 -19.30
CA ARG Q 329 7.29 51.74 -19.64
C ARG Q 329 7.62 50.36 -19.09
N PHE Q 330 8.83 49.89 -19.39
CA PHE Q 330 9.31 48.61 -18.89
C PHE Q 330 10.72 48.74 -18.33
N ALA Q 331 11.11 47.78 -17.50
CA ALA Q 331 12.42 47.76 -16.89
C ALA Q 331 12.79 46.32 -16.58
N ASN Q 332 14.09 46.08 -16.36
CA ASN Q 332 14.53 44.73 -16.08
C ASN Q 332 14.23 44.36 -14.64
N SER Q 333 14.62 43.15 -14.24
CA SER Q 333 14.29 42.68 -12.89
C SER Q 333 15.10 43.43 -11.85
N SER Q 334 14.52 43.55 -10.66
CA SER Q 334 15.08 44.48 -9.70
C SER Q 334 16.23 43.87 -8.93
N GLY Q 335 16.15 42.58 -8.64
CA GLY Q 335 17.23 41.92 -7.96
C GLY Q 335 16.76 40.61 -7.36
N GLY Q 336 17.59 40.06 -6.49
CA GLY Q 336 17.27 38.82 -5.83
C GLY Q 336 18.23 37.71 -6.22
N ASP Q 337 17.80 36.46 -6.04
CA ASP Q 337 18.64 35.31 -6.34
C ASP Q 337 18.71 35.12 -7.86
N LEU Q 338 19.48 34.11 -8.29
CA LEU Q 338 19.84 33.97 -9.69
C LEU Q 338 18.64 33.64 -10.55
N GLU Q 339 17.91 32.60 -10.20
CA GLU Q 339 16.87 32.11 -11.08
C GLU Q 339 15.58 32.89 -11.00
N VAL Q 340 15.57 34.12 -10.49
CA VAL Q 340 14.39 34.96 -10.63
C VAL Q 340 14.68 36.28 -11.37
N THR Q 341 15.95 36.69 -11.45
CA THR Q 341 16.24 37.88 -12.24
C THR Q 341 16.14 37.56 -13.71
N THR Q 342 16.97 36.63 -14.17
CA THR Q 342 16.85 36.13 -15.52
C THR Q 342 15.67 35.18 -15.63
N HIS Q 343 15.50 34.59 -16.79
CA HIS Q 343 14.53 33.53 -16.97
C HIS Q 343 15.29 32.26 -17.31
N SER Q 344 14.70 31.13 -16.94
CA SER Q 344 15.43 29.89 -16.84
C SER Q 344 14.59 28.73 -17.35
N PHE Q 345 15.22 27.81 -18.07
CA PHE Q 345 14.47 26.71 -18.63
C PHE Q 345 15.38 25.51 -18.82
N ASN Q 346 14.80 24.45 -19.39
CA ASN Q 346 15.49 23.18 -19.51
C ASN Q 346 15.35 22.64 -20.92
N CYS Q 347 16.35 22.85 -21.75
CA CYS Q 347 16.30 22.43 -23.14
C CYS Q 347 17.34 21.34 -23.39
N GLY Q 348 16.93 20.31 -24.11
CA GLY Q 348 17.82 19.23 -24.50
C GLY Q 348 18.40 18.45 -23.36
N GLY Q 349 17.74 18.43 -22.22
CA GLY Q 349 18.34 17.80 -21.06
C GLY Q 349 19.45 18.61 -20.45
N GLU Q 350 19.42 19.93 -20.58
CA GLU Q 350 20.39 20.76 -19.88
C GLU Q 350 19.74 22.10 -19.55
N PHE Q 351 20.16 22.69 -18.44
CA PHE Q 351 19.47 23.85 -17.91
C PHE Q 351 20.16 25.13 -18.34
N PHE Q 352 19.35 26.11 -18.73
CA PHE Q 352 19.80 27.42 -19.15
C PHE Q 352 19.26 28.48 -18.21
N TYR Q 353 20.11 29.46 -17.95
CA TYR Q 353 19.73 30.69 -17.28
C TYR Q 353 20.13 31.81 -18.22
N CYS Q 354 19.17 32.55 -18.76
CA CYS Q 354 19.47 33.49 -19.83
C CYS Q 354 18.95 34.88 -19.49
N ASN Q 355 19.86 35.86 -19.55
CA ASN Q 355 19.59 37.25 -19.19
C ASN Q 355 18.53 37.86 -20.10
N THR Q 356 17.65 38.67 -19.52
CA THR Q 356 16.51 39.19 -20.26
C THR Q 356 16.44 40.70 -20.25
N SER Q 357 17.53 41.39 -19.92
CA SER Q 357 17.48 42.85 -19.82
C SER Q 357 17.32 43.52 -21.18
N GLY Q 358 17.66 42.83 -22.26
CA GLY Q 358 17.60 43.42 -23.58
C GLY Q 358 16.20 43.53 -24.15
N LEU Q 359 15.21 42.93 -23.50
CA LEU Q 359 13.87 42.96 -24.06
C LEU Q 359 12.97 43.96 -23.37
N PHE Q 360 13.14 44.17 -22.08
CA PHE Q 360 12.24 45.04 -21.32
C PHE Q 360 12.85 46.43 -21.10
N ASN Q 361 13.22 47.10 -22.17
CA ASN Q 361 13.61 48.51 -22.07
C ASN Q 361 12.87 49.28 -23.12
N SER Q 362 11.76 49.90 -22.72
CA SER Q 362 10.95 50.69 -23.64
C SER Q 362 10.10 51.65 -22.86
N THR Q 363 9.58 52.64 -23.57
CA THR Q 363 8.59 53.58 -23.07
C THR Q 363 7.60 53.86 -24.18
N TRP Q 364 6.35 54.16 -23.81
CA TRP Q 364 5.26 54.21 -24.77
C TRP Q 364 4.42 55.44 -24.51
N ILE Q 365 4.33 56.32 -25.52
CA ILE Q 365 3.63 57.59 -25.37
C ILE Q 365 2.13 57.34 -25.39
N SER Q 366 1.38 58.41 -25.10
CA SER Q 366 -0.07 58.29 -24.98
C SER Q 366 -0.78 58.06 -26.31
N ASN Q 367 -0.26 58.58 -27.41
CA ASN Q 367 -0.94 58.39 -28.68
C ASN Q 367 -0.51 57.09 -29.34
N ASN Q 379 13.63 41.81 -39.68
CA ASN Q 379 14.78 41.30 -40.42
C ASN Q 379 15.96 41.10 -39.48
N ASP Q 380 16.26 42.12 -38.67
CA ASP Q 380 17.26 41.95 -37.65
C ASP Q 380 16.69 41.16 -36.47
N SER Q 381 17.58 40.65 -35.64
CA SER Q 381 17.19 39.75 -34.57
C SER Q 381 17.88 40.15 -33.28
N ILE Q 382 17.16 40.04 -32.17
CA ILE Q 382 17.69 40.35 -30.86
C ILE Q 382 18.28 39.09 -30.27
N THR Q 383 19.57 39.15 -29.92
CA THR Q 383 20.19 38.08 -29.16
C THR Q 383 20.26 38.46 -27.69
N LEU Q 384 20.42 37.46 -26.85
CA LEU Q 384 20.66 37.70 -25.43
C LEU Q 384 21.49 36.55 -24.90
N PRO Q 385 22.46 36.81 -24.02
CA PRO Q 385 23.39 35.76 -23.61
C PRO Q 385 22.93 35.02 -22.37
N CYS Q 386 23.34 33.76 -22.30
CA CYS Q 386 22.91 32.89 -21.22
C CYS Q 386 24.10 32.37 -20.43
N ARG Q 387 23.80 31.59 -19.39
CA ARG Q 387 24.81 30.88 -18.61
C ARG Q 387 24.32 29.46 -18.37
N ILE Q 388 25.24 28.59 -17.98
CA ILE Q 388 24.96 27.18 -17.81
C ILE Q 388 25.40 26.74 -16.42
N LYS Q 389 24.45 26.30 -15.61
CA LYS Q 389 24.75 25.67 -14.34
C LYS Q 389 24.65 24.17 -14.48
N GLN Q 390 25.55 23.45 -13.84
CA GLN Q 390 25.44 22.00 -13.88
C GLN Q 390 24.63 21.47 -12.71
N ILE Q 391 24.94 21.89 -11.49
CA ILE Q 391 24.08 21.50 -10.37
C ILE Q 391 22.92 22.47 -10.27
N ILE Q 392 21.78 21.94 -9.84
CA ILE Q 392 20.57 22.73 -9.72
C ILE Q 392 19.97 22.47 -8.35
N ASN Q 393 18.98 23.27 -8.02
CA ASN Q 393 18.16 23.05 -6.83
C ASN Q 393 16.82 23.73 -7.09
N MET Q 394 15.89 23.00 -7.64
CA MET Q 394 14.56 23.53 -7.84
C MET Q 394 13.74 23.24 -6.60
N TRP Q 395 12.75 24.10 -6.35
CA TRP Q 395 11.83 24.13 -5.22
C TRP Q 395 12.47 24.48 -3.89
N GLN Q 396 13.79 24.66 -3.84
CA GLN Q 396 14.53 25.20 -2.69
C GLN Q 396 14.29 24.37 -1.43
N ARG Q 397 14.33 23.07 -1.62
CA ARG Q 397 14.22 22.15 -0.50
C ARG Q 397 15.52 22.19 0.30
N ILE Q 398 15.44 21.82 1.57
CA ILE Q 398 16.52 22.17 2.47
C ILE Q 398 17.71 21.22 2.40
N GLY Q 399 17.55 20.04 1.83
CA GLY Q 399 18.65 19.11 1.80
C GLY Q 399 18.75 18.35 0.48
N GLN Q 400 18.34 18.99 -0.61
CA GLN Q 400 18.15 18.30 -1.86
C GLN Q 400 18.83 19.07 -2.98
N ALA Q 401 19.99 18.62 -3.39
CA ALA Q 401 20.71 19.22 -4.52
C ALA Q 401 20.93 18.14 -5.56
N MET Q 402 20.75 18.50 -6.82
CA MET Q 402 20.77 17.53 -7.91
C MET Q 402 21.82 17.93 -8.92
N TYR Q 403 22.65 16.98 -9.30
CA TYR Q 403 23.65 17.20 -10.33
C TYR Q 403 23.03 16.83 -11.67
N ALA Q 404 23.55 17.41 -12.74
CA ALA Q 404 23.07 16.99 -14.02
C ALA Q 404 24.24 16.61 -14.92
N PRO Q 405 24.12 15.52 -15.69
CA PRO Q 405 25.23 15.11 -16.51
C PRO Q 405 25.31 15.95 -17.77
N PRO Q 406 26.49 16.10 -18.34
CA PRO Q 406 26.61 16.79 -19.63
C PRO Q 406 26.15 15.88 -20.76
N ILE Q 407 26.04 16.46 -21.95
CA ILE Q 407 25.59 15.75 -23.13
C ILE Q 407 26.58 15.97 -24.26
N GLN Q 408 26.27 15.37 -25.40
CA GLN Q 408 27.15 15.36 -26.56
C GLN Q 408 26.65 16.32 -27.62
N GLY Q 409 27.57 16.96 -28.30
CA GLY Q 409 27.26 17.68 -29.53
C GLY Q 409 26.66 19.05 -29.31
N VAL Q 410 26.57 19.79 -30.40
CA VAL Q 410 25.97 21.11 -30.40
C VAL Q 410 24.49 20.99 -30.13
N ILE Q 411 23.95 21.87 -29.30
CA ILE Q 411 22.57 21.76 -28.86
C ILE Q 411 21.82 23.00 -29.32
N ARG Q 412 20.64 22.81 -29.90
CA ARG Q 412 19.78 23.94 -30.20
C ARG Q 412 18.33 23.52 -29.99
N CYS Q 413 17.48 24.50 -29.72
CA CYS Q 413 16.08 24.22 -29.46
C CYS Q 413 15.23 25.40 -29.88
N VAL Q 414 14.07 25.09 -30.44
CA VAL Q 414 13.12 26.07 -30.94
C VAL Q 414 11.84 25.96 -30.12
N SER Q 415 11.22 27.09 -29.81
CA SER Q 415 9.98 27.04 -29.05
C SER Q 415 9.13 28.27 -29.34
N ASN Q 416 7.92 28.25 -28.78
CA ASN Q 416 6.95 29.32 -28.94
C ASN Q 416 6.80 30.04 -27.61
N ILE Q 417 7.22 31.31 -27.55
CA ILE Q 417 6.87 32.13 -26.42
C ILE Q 417 5.38 32.42 -26.54
N THR Q 418 4.66 32.24 -25.43
CA THR Q 418 3.21 32.29 -25.40
C THR Q 418 2.64 33.28 -24.39
N GLY Q 419 3.19 33.35 -23.18
CA GLY Q 419 2.64 34.19 -22.15
C GLY Q 419 3.70 34.97 -21.40
N LEU Q 420 3.24 35.82 -20.49
CA LEU Q 420 4.10 36.73 -19.74
C LEU Q 420 3.61 36.87 -18.31
N ILE Q 421 4.54 37.18 -17.41
CA ILE Q 421 4.25 37.36 -15.99
C ILE Q 421 4.80 38.71 -15.56
N LEU Q 422 3.95 39.56 -15.02
CA LEU Q 422 4.37 40.92 -14.73
C LEU Q 422 4.03 41.32 -13.31
N THR Q 423 4.61 42.45 -12.90
CA THR Q 423 4.43 43.00 -11.57
C THR Q 423 4.52 44.51 -11.65
N ARG Q 424 3.49 45.19 -11.14
CA ARG Q 424 3.48 46.64 -11.07
C ARG Q 424 4.36 47.10 -9.92
N ASP Q 425 5.03 48.23 -10.11
CA ASP Q 425 5.75 48.85 -9.02
C ASP Q 425 4.81 49.69 -8.17
N GLY Q 426 5.00 49.61 -6.85
CA GLY Q 426 4.14 50.27 -5.90
C GLY Q 426 4.36 51.77 -5.81
N GLY Q 427 4.07 52.47 -6.90
CA GLY Q 427 4.40 53.86 -6.98
C GLY Q 427 3.43 54.83 -6.36
N SER Q 428 3.80 55.37 -5.20
CA SER Q 428 3.05 56.45 -4.59
C SER Q 428 3.57 57.78 -5.13
N THR Q 429 3.16 58.88 -4.51
CA THR Q 429 3.69 60.24 -4.71
C THR Q 429 3.56 60.73 -6.15
N ASN Q 430 2.35 60.60 -6.70
CA ASN Q 430 1.83 61.43 -7.80
C ASN Q 430 2.69 61.35 -9.07
N SER Q 431 2.80 60.16 -9.64
CA SER Q 431 3.52 59.97 -10.88
C SER Q 431 2.60 59.30 -11.89
N THR Q 432 2.54 59.84 -13.10
CA THR Q 432 1.57 59.36 -14.08
C THR Q 432 2.04 58.08 -14.76
N THR Q 433 3.33 57.83 -14.81
CA THR Q 433 3.83 56.62 -15.45
C THR Q 433 3.63 55.42 -14.52
N GLU Q 434 3.39 54.26 -15.12
CA GLU Q 434 3.24 53.00 -14.38
C GLU Q 434 4.17 51.98 -15.00
N THR Q 435 5.35 51.83 -14.40
CA THR Q 435 6.32 50.87 -14.90
C THR Q 435 5.88 49.45 -14.60
N PHE Q 436 6.44 48.49 -15.33
CA PHE Q 436 6.16 47.08 -15.15
C PHE Q 436 7.44 46.28 -15.19
N ARG Q 437 7.48 45.19 -14.42
CA ARG Q 437 8.70 44.39 -14.39
C ARG Q 437 8.35 42.91 -14.39
N PRO Q 438 9.19 42.06 -14.95
CA PRO Q 438 8.94 40.62 -14.86
C PRO Q 438 9.41 40.07 -13.53
N GLY Q 439 8.64 39.13 -13.00
CA GLY Q 439 8.98 38.51 -11.73
C GLY Q 439 8.50 37.09 -11.64
N GLY Q 440 9.41 36.15 -11.39
CA GLY Q 440 9.08 34.75 -11.47
C GLY Q 440 8.27 34.25 -10.30
N GLY Q 441 8.85 34.31 -9.11
CA GLY Q 441 8.11 33.97 -7.91
C GLY Q 441 7.81 32.50 -7.82
N ASP Q 442 6.54 32.18 -7.60
CA ASP Q 442 6.13 30.81 -7.40
C ASP Q 442 6.21 30.03 -8.71
N MET Q 443 6.24 28.71 -8.57
CA MET Q 443 6.01 27.84 -9.71
C MET Q 443 4.53 27.60 -9.96
N ARG Q 444 3.66 28.02 -9.04
CA ARG Q 444 2.24 27.70 -9.16
C ARG Q 444 1.57 28.46 -10.30
N ASP Q 445 2.07 29.65 -10.63
CA ASP Q 445 1.41 30.49 -11.61
C ASP Q 445 1.46 29.90 -13.01
N ASN Q 446 2.47 29.09 -13.31
CA ASN Q 446 2.51 28.46 -14.61
C ASN Q 446 1.39 27.45 -14.77
N TRP Q 447 1.06 26.72 -13.71
CA TRP Q 447 -0.10 25.84 -13.81
C TRP Q 447 -1.39 26.62 -13.79
N ARG Q 448 -1.41 27.74 -13.06
CA ARG Q 448 -2.61 28.56 -13.05
C ARG Q 448 -2.86 29.21 -14.40
N SER Q 449 -1.86 29.29 -15.26
CA SER Q 449 -2.10 29.70 -16.62
C SER Q 449 -2.84 28.67 -17.45
N GLU Q 450 -2.94 27.43 -16.98
CA GLU Q 450 -3.59 26.38 -17.75
C GLU Q 450 -4.82 25.79 -17.10
N LEU Q 451 -4.99 25.96 -15.80
CA LEU Q 451 -6.18 25.45 -15.13
C LEU Q 451 -7.12 26.59 -14.78
N TYR Q 452 -7.13 27.61 -15.63
CA TYR Q 452 -8.04 28.72 -15.46
C TYR Q 452 -9.41 28.44 -16.02
N LYS Q 453 -9.71 27.21 -16.40
CA LYS Q 453 -10.97 26.90 -17.05
C LYS Q 453 -11.65 25.64 -16.50
N TYR Q 454 -11.33 25.19 -15.29
CA TYR Q 454 -11.92 23.95 -14.80
C TYR Q 454 -12.16 24.03 -13.31
N LYS Q 455 -13.41 23.81 -12.90
CA LYS Q 455 -13.72 23.54 -11.51
C LYS Q 455 -14.34 22.14 -11.43
N VAL Q 456 -14.28 21.54 -10.26
CA VAL Q 456 -14.69 20.15 -10.08
C VAL Q 456 -15.93 20.11 -9.19
N VAL Q 457 -16.96 19.41 -9.65
CA VAL Q 457 -18.24 19.43 -8.96
C VAL Q 457 -18.71 18.00 -8.67
N LYS Q 458 -19.53 17.88 -7.64
CA LYS Q 458 -19.96 16.60 -7.11
C LYS Q 458 -21.45 16.39 -7.36
N ILE Q 459 -21.77 15.23 -7.93
CA ILE Q 459 -23.15 14.87 -8.26
C ILE Q 459 -23.91 14.61 -6.98
N GLU Q 460 -25.19 14.94 -6.98
CA GLU Q 460 -26.08 14.60 -5.88
C GLU Q 460 -27.39 14.09 -6.44
N PRO Q 461 -27.71 12.83 -6.30
CA PRO Q 461 -29.04 12.36 -6.70
C PRO Q 461 -30.07 12.54 -5.60
N LEU Q 462 -31.25 11.97 -5.82
CA LEU Q 462 -32.41 11.91 -4.91
C LEU Q 462 -32.85 13.31 -4.47
N GLY Q 463 -33.47 13.98 -5.42
CA GLY Q 463 -34.28 15.13 -5.10
C GLY Q 463 -35.64 14.69 -4.59
N VAL Q 464 -36.44 15.68 -4.19
CA VAL Q 464 -37.76 15.41 -3.64
C VAL Q 464 -38.66 16.60 -3.96
N ALA Q 465 -39.84 16.31 -4.48
CA ALA Q 465 -40.72 17.38 -4.95
C ALA Q 465 -42.16 16.98 -4.74
N PRO Q 466 -43.06 17.92 -4.49
CA PRO Q 466 -44.47 17.59 -4.36
C PRO Q 466 -45.20 17.50 -5.69
N THR Q 467 -46.12 16.55 -5.78
CA THR Q 467 -47.05 16.43 -6.90
C THR Q 467 -48.27 15.66 -6.44
N ARG Q 468 -49.19 15.45 -7.39
CA ARG Q 468 -50.50 14.89 -7.08
C ARG Q 468 -50.57 13.44 -7.50
N CYS Q 469 -50.04 12.57 -6.64
CA CYS Q 469 -50.23 11.13 -6.76
C CYS Q 469 -50.09 10.55 -5.36
N LYS Q 470 -50.65 9.37 -5.16
CA LYS Q 470 -50.68 8.83 -3.80
C LYS Q 470 -50.62 7.32 -3.85
N ARG Q 471 -49.82 6.75 -2.96
CA ARG Q 471 -49.57 5.32 -2.97
C ARG Q 471 -50.71 4.55 -2.33
N ARG Q 472 -51.17 3.50 -3.01
CA ARG Q 472 -52.30 2.72 -2.52
C ARG Q 472 -51.84 1.60 -1.59
N VAL Q 473 -52.73 1.19 -0.72
CA VAL Q 473 -52.43 0.15 0.26
C VAL Q 473 -52.42 -1.23 -0.40
N ALA R 1 -40.79 8.78 -40.29
CA ALA R 1 -41.63 9.29 -39.22
C ALA R 1 -41.02 10.52 -38.60
N VAL R 2 -39.92 10.32 -37.87
CA VAL R 2 -39.22 11.41 -37.22
C VAL R 2 -38.12 11.92 -38.14
N GLY R 3 -38.28 13.16 -38.58
CA GLY R 3 -37.23 13.82 -39.33
C GLY R 3 -36.14 14.29 -38.38
N ILE R 4 -36.51 15.14 -37.44
CA ILE R 4 -35.58 15.68 -36.47
C ILE R 4 -36.30 15.79 -35.13
N GLY R 5 -35.98 14.89 -34.21
CA GLY R 5 -36.46 14.95 -32.85
C GLY R 5 -35.30 14.94 -31.86
N ALA R 6 -35.59 15.39 -30.64
CA ALA R 6 -34.57 15.44 -29.59
C ALA R 6 -34.22 14.03 -29.17
N VAL R 7 -32.99 13.62 -29.43
CA VAL R 7 -32.64 12.22 -29.28
C VAL R 7 -32.46 11.88 -27.82
N PHE R 8 -31.36 12.36 -27.23
CA PHE R 8 -30.97 12.25 -25.83
C PHE R 8 -29.65 12.98 -25.69
N LEU R 9 -29.33 13.34 -24.46
CA LEU R 9 -28.09 14.04 -24.17
C LEU R 9 -27.23 13.20 -23.25
N GLY R 10 -26.05 13.69 -22.94
CA GLY R 10 -25.22 13.06 -21.95
C GLY R 10 -25.80 13.24 -20.56
N PHE R 11 -25.13 12.63 -19.59
CA PHE R 11 -25.58 12.77 -18.22
C PHE R 11 -25.28 14.18 -17.73
N LEU R 12 -26.23 14.73 -16.98
CA LEU R 12 -26.44 16.15 -16.72
C LEU R 12 -26.71 16.95 -17.97
N GLY R 13 -27.15 16.32 -19.06
CA GLY R 13 -27.45 17.07 -20.27
C GLY R 13 -28.69 17.91 -20.15
N ALA R 14 -29.74 17.38 -19.54
CA ALA R 14 -31.00 18.11 -19.49
C ALA R 14 -31.02 19.16 -18.41
N ALA R 15 -29.98 19.21 -17.55
CA ALA R 15 -30.07 19.85 -16.25
C ALA R 15 -30.25 21.35 -16.32
N GLY R 16 -30.09 21.97 -17.48
CA GLY R 16 -30.47 23.35 -17.64
C GLY R 16 -31.96 23.52 -17.86
N SER R 17 -32.63 22.49 -18.37
CA SER R 17 -34.01 22.63 -18.75
C SER R 17 -34.93 22.53 -17.54
N THR R 18 -36.23 22.57 -17.80
CA THR R 18 -37.22 22.49 -16.75
C THR R 18 -37.30 21.06 -16.20
N MET R 19 -37.92 20.93 -15.03
CA MET R 19 -37.98 19.64 -14.37
C MET R 19 -38.92 18.67 -15.07
N GLY R 20 -39.96 19.19 -15.73
CA GLY R 20 -40.89 18.31 -16.41
C GLY R 20 -40.25 17.59 -17.57
N ALA R 21 -39.43 18.30 -18.35
CA ALA R 21 -38.70 17.66 -19.42
C ALA R 21 -37.55 16.82 -18.90
N ALA R 22 -36.95 17.23 -17.78
CA ALA R 22 -35.81 16.50 -17.25
C ALA R 22 -36.22 15.18 -16.62
N SER R 23 -37.47 15.07 -16.17
CA SER R 23 -37.92 13.85 -15.55
C SER R 23 -38.14 12.72 -16.55
N MET R 24 -38.10 13.01 -17.85
CA MET R 24 -38.24 11.95 -18.83
C MET R 24 -37.03 11.04 -18.86
N THR R 25 -35.85 11.57 -18.53
CA THR R 25 -34.61 10.79 -18.54
C THR R 25 -34.02 10.80 -17.15
N LEU R 26 -33.92 9.63 -16.53
CA LEU R 26 -33.25 9.51 -15.25
C LEU R 26 -32.18 8.44 -15.31
N THR R 27 -32.40 7.45 -16.17
CA THR R 27 -31.52 6.31 -16.24
C THR R 27 -30.13 6.70 -16.70
N VAL R 28 -30.03 7.72 -17.56
CA VAL R 28 -28.73 8.22 -17.95
C VAL R 28 -28.02 8.85 -16.77
N GLN R 29 -28.75 9.64 -15.98
CA GLN R 29 -28.15 10.24 -14.80
C GLN R 29 -27.87 9.22 -13.71
N ALA R 30 -28.49 8.05 -13.78
CA ALA R 30 -28.26 7.00 -12.79
C ALA R 30 -27.14 6.06 -13.17
N ARG R 31 -26.96 5.77 -14.46
CA ARG R 31 -26.00 4.75 -14.85
C ARG R 31 -24.57 5.26 -14.71
N ASN R 32 -24.33 6.52 -15.01
CA ASN R 32 -22.98 7.09 -14.95
C ASN R 32 -22.60 7.44 -13.50
N LEU R 33 -22.61 6.43 -12.66
CA LEU R 33 -22.43 6.62 -11.24
C LEU R 33 -21.59 5.54 -10.58
N LEU R 34 -21.38 4.40 -11.21
CA LEU R 34 -20.70 3.29 -10.55
C LEU R 34 -19.28 3.06 -11.05
N SER R 35 -19.10 2.87 -12.33
CA SER R 35 -17.76 2.62 -12.84
C SER R 35 -17.36 3.51 -13.99
N GLY R 36 -18.29 3.86 -14.86
CA GLY R 36 -17.99 4.69 -16.01
C GLY R 36 -19.18 5.49 -16.49
N THR R 58 4.41 3.41 -6.69
CA THR R 58 3.34 2.45 -6.43
C THR R 58 2.61 2.78 -5.14
N VAL R 59 2.52 4.07 -4.84
CA VAL R 59 1.62 4.54 -3.79
C VAL R 59 0.29 4.95 -4.38
N TRP R 60 0.24 5.15 -5.70
CA TRP R 60 -0.93 5.68 -6.37
C TRP R 60 -2.09 4.70 -6.34
N GLY R 61 -1.78 3.41 -6.24
CA GLY R 61 -2.82 2.41 -6.12
C GLY R 61 -3.66 2.59 -4.87
N ILE R 62 -3.06 3.12 -3.80
CA ILE R 62 -3.83 3.38 -2.59
C ILE R 62 -4.83 4.50 -2.83
N LYS R 63 -4.43 5.53 -3.58
CA LYS R 63 -5.33 6.62 -3.88
C LYS R 63 -6.47 6.17 -4.79
N GLN R 64 -6.17 5.31 -5.76
CA GLN R 64 -7.23 4.77 -6.61
C GLN R 64 -8.16 3.86 -5.84
N LEU R 65 -7.62 3.07 -4.94
CA LEU R 65 -8.46 2.15 -4.19
C LEU R 65 -9.34 2.89 -3.19
N GLN R 66 -8.82 3.93 -2.57
CA GLN R 66 -9.67 4.68 -1.66
C GLN R 66 -10.69 5.52 -2.43
N ALA R 67 -10.37 5.91 -3.67
CA ALA R 67 -11.36 6.58 -4.49
C ALA R 67 -12.51 5.64 -4.84
N ARG R 68 -12.17 4.41 -5.25
CA ARG R 68 -13.20 3.45 -5.64
C ARG R 68 -14.07 3.05 -4.45
N VAL R 69 -13.46 2.85 -3.28
CA VAL R 69 -14.28 2.47 -2.15
C VAL R 69 -15.08 3.64 -1.61
N LEU R 70 -14.61 4.88 -1.81
CA LEU R 70 -15.43 6.02 -1.46
C LEU R 70 -16.65 6.11 -2.36
N ALA R 71 -16.47 5.79 -3.64
CA ALA R 71 -17.59 5.79 -4.58
C ALA R 71 -18.63 4.75 -4.19
N VAL R 72 -18.18 3.53 -3.89
CA VAL R 72 -19.17 2.51 -3.59
C VAL R 72 -19.78 2.72 -2.20
N GLU R 73 -19.06 3.39 -1.31
CA GLU R 73 -19.62 3.72 -0.01
C GLU R 73 -20.75 4.73 -0.15
N ARG R 74 -20.55 5.75 -0.98
CA ARG R 74 -21.59 6.73 -1.21
C ARG R 74 -22.82 6.11 -1.86
N TYR R 75 -22.61 5.27 -2.88
CA TYR R 75 -23.75 4.65 -3.55
C TYR R 75 -24.50 3.69 -2.65
N LEU R 76 -23.79 2.98 -1.78
CA LEU R 76 -24.49 2.07 -0.89
C LEU R 76 -25.25 2.81 0.19
N ARG R 77 -24.72 3.94 0.66
CA ARG R 77 -25.46 4.77 1.59
C ARG R 77 -26.76 5.25 0.97
N ASP R 78 -26.71 5.64 -0.31
CA ASP R 78 -27.91 6.13 -0.96
C ASP R 78 -28.92 5.01 -1.18
N GLN R 79 -28.44 3.82 -1.50
CA GLN R 79 -29.35 2.70 -1.69
C GLN R 79 -30.03 2.30 -0.39
N GLN R 80 -29.29 2.36 0.72
CA GLN R 80 -29.89 1.99 2.01
C GLN R 80 -30.91 3.03 2.45
N LEU R 81 -30.55 4.31 2.31
CA LEU R 81 -31.46 5.39 2.67
C LEU R 81 -32.72 5.37 1.82
N LEU R 82 -32.61 4.91 0.58
CA LEU R 82 -33.83 4.75 -0.18
C LEU R 82 -34.57 3.50 0.22
N GLY R 83 -33.86 2.48 0.70
CA GLY R 83 -34.52 1.25 1.07
C GLY R 83 -35.37 1.37 2.31
N ILE R 84 -34.98 2.22 3.26
CA ILE R 84 -35.75 2.33 4.48
C ILE R 84 -37.05 3.09 4.32
N TRP R 85 -37.28 3.72 3.18
CA TRP R 85 -38.57 4.32 2.89
C TRP R 85 -39.42 3.29 2.18
N GLY R 86 -40.51 3.73 1.54
CA GLY R 86 -41.43 2.81 0.92
C GLY R 86 -40.89 2.11 -0.30
N CYS R 87 -40.05 2.77 -1.08
CA CYS R 87 -39.64 2.26 -2.37
C CYS R 87 -38.17 1.83 -2.35
N SER R 88 -37.95 0.54 -2.55
CA SER R 88 -36.57 0.06 -2.66
C SER R 88 -35.99 0.40 -4.02
N GLY R 89 -36.58 -0.15 -5.08
CA GLY R 89 -35.97 -0.03 -6.38
C GLY R 89 -36.90 0.48 -7.44
N LYS R 90 -37.86 1.31 -7.03
CA LYS R 90 -38.88 1.76 -7.98
C LYS R 90 -38.33 2.81 -8.93
N LEU R 91 -37.39 3.64 -8.45
CA LEU R 91 -36.72 4.78 -9.10
C LEU R 91 -37.66 5.98 -9.25
N ILE R 92 -38.96 5.77 -9.07
CA ILE R 92 -39.96 6.82 -8.94
C ILE R 92 -40.93 6.36 -7.87
N CYS R 93 -41.13 7.17 -6.84
CA CYS R 93 -42.02 6.74 -5.78
C CYS R 93 -43.11 7.77 -5.55
N CYS R 94 -44.12 7.34 -4.82
CA CYS R 94 -45.08 8.23 -4.18
C CYS R 94 -45.35 7.65 -2.80
N THR R 95 -45.89 8.47 -1.92
CA THR R 95 -46.03 8.04 -0.54
C THR R 95 -47.23 8.75 0.09
N ASN R 96 -47.33 8.65 1.41
CA ASN R 96 -48.48 9.13 2.15
C ASN R 96 -48.09 10.21 3.14
N VAL R 97 -47.38 11.23 2.68
CA VAL R 97 -47.09 12.40 3.48
C VAL R 97 -47.54 13.63 2.71
N PRO R 98 -48.47 14.40 3.22
CA PRO R 98 -49.01 15.52 2.45
C PRO R 98 -48.08 16.70 2.48
N TRP R 99 -48.06 17.42 1.37
CA TRP R 99 -47.17 18.56 1.26
C TRP R 99 -47.71 19.73 2.05
N ASN R 100 -46.93 20.20 3.01
CA ASN R 100 -47.25 21.41 3.74
C ASN R 100 -46.80 22.61 2.92
N SER R 101 -47.74 23.50 2.61
CA SER R 101 -47.42 24.63 1.74
C SER R 101 -46.60 25.70 2.43
N SER R 102 -46.39 25.59 3.75
CA SER R 102 -45.57 26.56 4.46
C SER R 102 -44.09 26.45 4.10
N TRP R 103 -43.67 25.31 3.52
CA TRP R 103 -42.30 25.23 3.05
C TRP R 103 -42.10 25.99 1.76
N SER R 104 -42.91 25.72 0.75
CA SER R 104 -42.55 26.13 -0.60
C SER R 104 -43.27 27.36 -1.11
N ASN R 105 -44.52 27.60 -0.69
CA ASN R 105 -45.43 28.66 -1.13
C ASN R 105 -45.45 28.90 -2.64
N ARG R 106 -45.37 27.84 -3.43
CA ARG R 106 -45.39 27.94 -4.87
C ARG R 106 -46.63 27.26 -5.43
N ASN R 107 -47.07 27.75 -6.59
CA ASN R 107 -48.17 27.13 -7.30
C ASN R 107 -47.70 25.84 -7.96
N LEU R 108 -48.65 24.95 -8.21
CA LEU R 108 -48.32 23.74 -8.97
C LEU R 108 -48.05 24.05 -10.43
N SER R 109 -48.75 25.04 -10.97
CA SER R 109 -48.71 25.31 -12.40
C SER R 109 -47.36 25.83 -12.86
N GLU R 110 -46.62 26.47 -11.96
CA GLU R 110 -45.39 27.14 -12.33
C GLU R 110 -44.15 26.28 -12.17
N ILE R 111 -44.17 25.32 -11.25
CA ILE R 111 -42.91 24.66 -10.93
C ILE R 111 -42.51 23.66 -12.00
N TRP R 112 -43.47 22.92 -12.55
CA TRP R 112 -43.13 21.92 -13.55
C TRP R 112 -42.87 22.51 -14.91
N ASP R 113 -43.22 23.78 -15.12
CA ASP R 113 -43.02 24.42 -16.41
C ASP R 113 -42.20 25.70 -16.27
N ASN R 114 -41.55 25.92 -15.15
CA ASN R 114 -40.82 27.16 -15.03
C ASN R 114 -39.39 27.00 -14.52
N MET R 115 -39.15 26.11 -13.56
CA MET R 115 -37.91 26.14 -12.82
C MET R 115 -37.08 24.89 -13.03
N THR R 116 -35.79 25.02 -12.76
CA THR R 116 -34.85 23.92 -12.83
C THR R 116 -34.57 23.38 -11.44
N TRP R 117 -33.93 22.21 -11.40
CA TRP R 117 -33.61 21.59 -10.13
C TRP R 117 -32.54 22.37 -9.38
N LEU R 118 -31.56 22.89 -10.12
CA LEU R 118 -30.57 23.78 -9.54
C LEU R 118 -31.25 25.01 -8.96
N GLN R 119 -32.25 25.54 -9.66
CA GLN R 119 -33.04 26.62 -9.10
C GLN R 119 -33.84 26.13 -7.91
N TRP R 120 -34.26 24.86 -7.93
CA TRP R 120 -35.15 24.35 -6.89
C TRP R 120 -34.42 24.15 -5.57
N ASP R 121 -33.15 23.76 -5.63
CA ASP R 121 -32.48 23.26 -4.45
C ASP R 121 -32.18 24.38 -3.47
N LYS R 122 -31.88 25.57 -3.98
CA LYS R 122 -31.70 26.70 -3.08
C LYS R 122 -33.00 27.12 -2.43
N GLU R 123 -34.14 26.87 -3.08
CA GLU R 123 -35.40 27.23 -2.45
C GLU R 123 -35.80 26.25 -1.37
N ILE R 124 -35.54 24.95 -1.56
CA ILE R 124 -35.94 23.97 -0.56
C ILE R 124 -34.80 23.59 0.38
N SER R 125 -33.75 24.41 0.46
CA SER R 125 -32.58 24.04 1.23
C SER R 125 -32.80 24.10 2.73
N ASN R 126 -33.69 24.98 3.19
CA ASN R 126 -33.95 25.11 4.62
C ASN R 126 -34.64 23.88 5.17
N TYR R 127 -35.66 23.39 4.48
CA TYR R 127 -36.52 22.33 5.00
C TYR R 127 -36.00 21.03 4.43
N THR R 128 -34.93 20.55 5.03
CA THR R 128 -34.40 19.22 4.78
C THR R 128 -34.15 18.63 6.15
N GLN R 129 -33.83 17.33 6.17
CA GLN R 129 -33.47 16.53 7.34
C GLN R 129 -34.65 16.30 8.28
N ILE R 130 -35.79 16.90 7.98
CA ILE R 130 -37.02 16.69 8.72
C ILE R 130 -37.96 15.81 7.91
N ILE R 131 -38.03 16.09 6.61
CA ILE R 131 -38.84 15.33 5.67
C ILE R 131 -38.39 13.89 5.62
N TYR R 132 -37.08 13.68 5.77
CA TYR R 132 -36.55 12.33 5.81
C TYR R 132 -37.06 11.56 7.02
N GLY R 133 -37.07 12.20 8.19
CA GLY R 133 -37.61 11.54 9.37
C GLY R 133 -39.10 11.30 9.28
N LEU R 134 -39.81 12.20 8.61
CA LEU R 134 -41.23 12.00 8.38
C LEU R 134 -41.49 10.77 7.52
N LEU R 135 -40.67 10.58 6.49
CA LEU R 135 -40.78 9.39 5.66
C LEU R 135 -40.46 8.15 6.46
N GLU R 136 -39.47 8.22 7.35
CA GLU R 136 -39.10 7.09 8.18
C GLU R 136 -40.26 6.65 9.07
N GLU R 137 -40.84 7.61 9.79
CA GLU R 137 -41.94 7.31 10.70
C GLU R 137 -43.16 6.81 9.95
N SER R 138 -43.43 7.39 8.77
CA SER R 138 -44.59 6.98 7.98
C SER R 138 -44.46 5.55 7.48
N GLN R 139 -43.27 5.20 6.97
CA GLN R 139 -43.05 3.84 6.49
C GLN R 139 -43.08 2.85 7.66
N ASN R 140 -42.58 3.26 8.82
CA ASN R 140 -42.57 2.39 9.99
C ASN R 140 -43.98 2.08 10.47
N GLN R 141 -44.81 3.11 10.56
CA GLN R 141 -46.19 2.93 11.02
C GLN R 141 -47.01 2.14 10.01
N GLN R 142 -46.77 2.38 8.71
CA GLN R 142 -47.49 1.62 7.69
C GLN R 142 -47.08 0.15 7.70
N GLU R 143 -45.81 -0.14 7.96
CA GLU R 143 -45.35 -1.51 8.02
C GLU R 143 -45.92 -2.24 9.23
N LYS R 144 -45.98 -1.57 10.39
CA LYS R 144 -46.54 -2.26 11.55
C LYS R 144 -48.04 -2.43 11.44
N ASN R 145 -48.74 -1.52 10.75
CA ASN R 145 -50.18 -1.69 10.59
C ASN R 145 -50.50 -2.79 9.59
N GLU R 146 -49.77 -2.87 8.48
CA GLU R 146 -50.01 -3.98 7.56
C GLU R 146 -49.53 -5.30 8.15
N GLN R 147 -48.53 -5.24 9.03
CA GLN R 147 -48.12 -6.41 9.80
C GLN R 147 -49.26 -6.90 10.68
N ASP R 148 -49.96 -5.98 11.34
CA ASP R 148 -51.12 -6.36 12.13
C ASP R 148 -52.25 -6.89 11.25
N LEU R 149 -52.37 -6.35 10.03
CA LEU R 149 -53.40 -6.81 9.10
C LEU R 149 -53.15 -8.26 8.68
N LEU R 150 -51.93 -8.57 8.26
CA LEU R 150 -51.62 -9.96 7.94
C LEU R 150 -51.44 -10.82 9.18
N ALA R 151 -51.38 -10.21 10.37
CA ALA R 151 -51.40 -10.97 11.61
C ALA R 151 -52.80 -11.50 11.89
N LEU R 152 -53.82 -10.65 11.72
CA LEU R 152 -55.18 -11.17 11.78
C LEU R 152 -55.56 -11.91 10.51
N ASP R 153 -54.74 -11.87 9.47
CA ASP R 153 -54.92 -12.73 8.32
C ASP R 153 -54.08 -13.99 8.50
N VAL S 2 -51.45 20.57 -44.49
CA VAL S 2 -50.21 21.06 -43.91
C VAL S 2 -49.22 21.39 -45.02
N GLN S 3 -49.18 22.65 -45.43
CA GLN S 3 -48.20 23.12 -46.40
C GLN S 3 -47.45 24.30 -45.80
N LEU S 4 -46.19 24.44 -46.23
CA LEU S 4 -45.28 25.41 -45.63
C LEU S 4 -44.73 26.33 -46.70
N GLN S 5 -44.77 27.63 -46.41
CA GLN S 5 -44.34 28.62 -47.40
C GLN S 5 -43.57 29.72 -46.70
N GLU S 6 -42.79 30.46 -47.47
CA GLU S 6 -41.80 31.36 -46.93
C GLU S 6 -42.07 32.78 -47.40
N SER S 7 -41.69 33.75 -46.58
CA SER S 7 -41.95 35.15 -46.85
C SER S 7 -40.85 36.01 -46.23
N GLY S 8 -40.42 37.03 -46.97
CA GLY S 8 -39.43 37.95 -46.47
C GLY S 8 -38.68 38.65 -47.58
N PRO S 9 -37.87 39.65 -47.23
CA PRO S 9 -37.04 40.33 -48.24
C PRO S 9 -35.89 39.45 -48.68
N GLY S 10 -35.62 39.46 -49.99
CA GLY S 10 -34.52 38.67 -50.53
C GLY S 10 -33.16 39.33 -50.37
N LEU S 11 -33.13 40.63 -50.10
CA LEU S 11 -31.89 41.36 -49.99
C LEU S 11 -31.79 42.03 -48.62
N VAL S 12 -30.66 41.82 -47.95
CA VAL S 12 -30.43 42.43 -46.64
C VAL S 12 -29.14 43.23 -46.71
N LYS S 13 -29.16 44.41 -46.11
CA LYS S 13 -27.99 45.25 -45.95
C LYS S 13 -27.06 44.65 -44.89
N PRO S 14 -25.76 44.86 -45.01
CA PRO S 14 -24.84 44.36 -43.99
C PRO S 14 -25.04 45.05 -42.64
N SER S 15 -24.73 44.32 -41.58
CA SER S 15 -24.87 44.67 -40.17
C SER S 15 -26.30 44.90 -39.74
N GLU S 16 -27.28 44.50 -40.54
CA GLU S 16 -28.68 44.71 -40.22
C GLU S 16 -29.34 43.38 -39.87
N THR S 17 -30.66 43.40 -39.70
CA THR S 17 -31.42 42.28 -39.18
C THR S 17 -32.36 41.73 -40.24
N LEU S 18 -32.07 40.52 -40.70
CA LEU S 18 -32.97 39.80 -41.58
C LEU S 18 -34.13 39.23 -40.77
N SER S 19 -35.34 39.30 -41.33
CA SER S 19 -36.53 38.74 -40.71
C SER S 19 -37.25 37.84 -41.71
N LEU S 20 -37.78 36.72 -41.24
CA LEU S 20 -38.49 35.77 -42.08
C LEU S 20 -39.80 35.35 -41.44
N THR S 21 -40.83 35.17 -42.27
CA THR S 21 -42.14 34.70 -41.86
C THR S 21 -42.49 33.42 -42.61
N CYS S 22 -42.76 32.36 -41.86
CA CYS S 22 -43.14 31.06 -42.42
C CYS S 22 -44.62 30.86 -42.20
N GLY S 23 -45.37 30.75 -43.30
CA GLY S 23 -46.81 30.58 -43.24
C GLY S 23 -47.18 29.12 -43.45
N VAL S 24 -48.06 28.63 -42.59
CA VAL S 24 -48.43 27.22 -42.53
C VAL S 24 -49.93 27.10 -42.82
N SER S 25 -50.28 26.13 -43.66
CA SER S 25 -51.66 25.82 -43.99
C SER S 25 -51.99 24.39 -43.59
N GLY S 26 -53.27 24.12 -43.39
CA GLY S 26 -53.75 22.78 -43.16
C GLY S 26 -53.56 22.26 -41.76
N GLY S 27 -53.04 23.05 -40.84
CA GLY S 27 -52.83 22.57 -39.48
C GLY S 27 -52.57 23.71 -38.52
N SER S 28 -52.63 23.38 -37.23
CA SER S 28 -52.32 24.33 -36.19
C SER S 28 -50.84 24.31 -35.87
N ILE S 29 -50.36 25.44 -35.36
CA ILE S 29 -48.96 25.50 -34.93
C ILE S 29 -48.78 24.95 -33.52
N SER S 30 -49.87 24.78 -32.78
CA SER S 30 -49.79 24.33 -31.39
C SER S 30 -49.65 22.82 -31.26
N ASP S 31 -49.63 22.09 -32.37
CA ASP S 31 -49.63 20.64 -32.32
C ASP S 31 -48.30 20.11 -31.82
N ALA S 32 -48.30 18.86 -31.36
CA ALA S 32 -47.12 18.26 -30.73
C ALA S 32 -46.11 17.86 -31.81
N TYR S 33 -45.41 18.87 -32.33
CA TYR S 33 -44.44 18.67 -33.39
C TYR S 33 -43.34 19.72 -33.26
N TYR S 34 -42.19 19.40 -33.85
CA TYR S 34 -41.07 20.32 -33.94
C TYR S 34 -41.18 21.11 -35.23
N TRP S 35 -40.80 22.39 -35.17
CA TRP S 35 -40.75 23.26 -36.33
C TRP S 35 -39.34 23.82 -36.43
N SER S 36 -38.71 23.64 -37.58
CA SER S 36 -37.29 23.94 -37.71
C SER S 36 -37.00 24.83 -38.91
N TRP S 37 -35.93 25.60 -38.82
CA TRP S 37 -35.40 26.37 -39.93
C TRP S 37 -34.12 25.72 -40.45
N ILE S 38 -34.02 25.57 -41.77
CA ILE S 38 -32.82 25.04 -42.39
C ILE S 38 -32.36 26.04 -43.45
N ARG S 39 -31.06 26.32 -43.49
CA ARG S 39 -30.51 27.14 -44.56
C ARG S 39 -29.49 26.33 -45.36
N GLN S 40 -29.31 26.75 -46.61
CA GLN S 40 -28.42 26.09 -47.57
C GLN S 40 -27.58 27.16 -48.25
N SER S 41 -26.27 27.09 -48.04
CA SER S 41 -25.31 28.00 -48.62
C SER S 41 -25.08 27.66 -50.09
N PRO S 42 -24.46 28.56 -50.85
CA PRO S 42 -23.89 28.14 -52.14
C PRO S 42 -22.81 27.08 -51.96
N GLY S 43 -22.73 26.18 -52.93
CA GLY S 43 -21.98 24.97 -52.75
C GLY S 43 -22.75 23.88 -52.02
N LYS S 44 -24.03 24.11 -51.74
CA LYS S 44 -24.95 23.15 -51.12
C LYS S 44 -24.47 22.69 -49.76
N ARG S 45 -23.87 23.60 -49.00
CA ARG S 45 -23.53 23.30 -47.62
C ARG S 45 -24.79 23.43 -46.78
N LEU S 46 -25.25 22.31 -46.24
CA LEU S 46 -26.47 22.29 -45.45
C LEU S 46 -26.13 22.52 -43.99
N GLU S 47 -26.93 23.36 -43.33
CA GLU S 47 -26.63 23.83 -42.00
C GLU S 47 -27.94 24.03 -41.24
N TRP S 48 -28.05 23.35 -40.10
CA TRP S 48 -29.22 23.52 -39.25
C TRP S 48 -29.11 24.81 -38.48
N ILE S 49 -30.23 25.48 -38.28
CA ILE S 49 -30.29 26.73 -37.54
C ILE S 49 -30.91 26.53 -36.17
N GLY S 50 -32.15 26.09 -36.12
CA GLY S 50 -32.87 26.08 -34.86
C GLY S 50 -34.21 25.40 -35.03
N TYR S 51 -34.78 25.04 -33.89
CA TYR S 51 -36.13 24.49 -33.90
C TYR S 51 -36.86 24.87 -32.62
N ILE S 52 -38.19 24.79 -32.68
CA ILE S 52 -39.07 25.11 -31.57
C ILE S 52 -40.22 24.11 -31.56
N PHE S 53 -40.54 23.60 -30.37
CA PHE S 53 -41.61 22.63 -30.21
C PHE S 53 -42.95 23.33 -30.36
N GLY S 54 -43.92 22.61 -30.93
CA GLY S 54 -45.18 23.23 -31.27
C GLY S 54 -46.07 23.57 -30.08
N SER S 55 -46.04 22.75 -29.03
CA SER S 55 -47.04 22.90 -27.97
C SER S 55 -46.73 24.08 -27.06
N ASN S 56 -45.63 24.01 -26.32
CA ASN S 56 -45.36 25.05 -25.33
C ASN S 56 -44.42 26.11 -25.87
N GLY S 57 -43.69 25.81 -26.94
CA GLY S 57 -42.80 26.77 -27.55
C GLY S 57 -41.35 26.66 -27.15
N GLY S 58 -40.91 25.51 -26.66
CA GLY S 58 -39.54 25.38 -26.17
C GLY S 58 -38.56 25.38 -27.33
N THR S 59 -37.45 26.10 -27.16
CA THR S 59 -36.57 26.44 -28.26
C THR S 59 -35.23 25.72 -28.09
N ARG S 60 -34.56 25.45 -29.21
CA ARG S 60 -33.18 25.03 -29.20
C ARG S 60 -32.51 25.48 -30.49
N TYR S 61 -31.43 26.24 -30.35
CA TYR S 61 -30.73 26.80 -31.49
C TYR S 61 -29.40 26.10 -31.71
N ASN S 62 -28.76 26.41 -32.81
CA ASN S 62 -27.35 26.11 -32.93
C ASN S 62 -26.61 27.01 -31.96
N PRO S 63 -25.72 26.47 -31.13
CA PRO S 63 -24.97 27.34 -30.21
C PRO S 63 -24.00 28.25 -30.92
N SER S 64 -23.45 27.82 -32.05
CA SER S 64 -22.38 28.56 -32.73
C SER S 64 -22.87 29.88 -33.33
N LEU S 65 -24.18 30.09 -33.44
CA LEU S 65 -24.73 31.38 -33.84
C LEU S 65 -25.62 31.96 -32.76
N ARG S 66 -25.56 31.40 -31.54
CA ARG S 66 -26.58 31.58 -30.50
C ARG S 66 -26.77 33.04 -30.11
N SER S 67 -25.76 33.87 -30.33
CA SER S 67 -25.84 35.27 -29.96
C SER S 67 -26.84 36.02 -30.81
N ARG S 68 -26.92 35.70 -32.10
CA ARG S 68 -27.57 36.60 -33.03
C ARG S 68 -28.88 36.07 -33.59
N VAL S 69 -29.31 34.87 -33.20
CA VAL S 69 -30.49 34.23 -33.78
C VAL S 69 -31.62 34.29 -32.74
N SER S 70 -32.84 34.50 -33.22
CA SER S 70 -34.02 34.43 -32.37
C SER S 70 -35.19 33.88 -33.17
N ILE S 71 -35.96 32.99 -32.55
CA ILE S 71 -37.06 32.29 -33.20
C ILE S 71 -38.31 32.50 -32.38
N SER S 72 -39.41 32.86 -33.03
CA SER S 72 -40.68 33.04 -32.34
C SER S 72 -41.79 32.35 -33.11
N ILE S 73 -42.93 32.21 -32.44
CA ILE S 73 -44.10 31.53 -32.98
C ILE S 73 -45.34 32.34 -32.59
N ASP S 74 -46.22 32.59 -33.55
CA ASP S 74 -47.51 33.17 -33.24
C ASP S 74 -48.61 32.24 -33.70
N THR S 75 -49.35 31.67 -32.75
CA THR S 75 -50.46 30.79 -33.07
C THR S 75 -51.66 31.56 -33.63
N SER S 76 -51.72 32.86 -33.39
CA SER S 76 -52.87 33.66 -33.84
C SER S 76 -52.89 33.78 -35.35
N LYS S 77 -51.73 34.02 -35.97
CA LYS S 77 -51.63 34.07 -37.41
C LYS S 77 -51.22 32.73 -38.02
N ASN S 78 -50.99 31.72 -37.17
CA ASN S 78 -50.44 30.41 -37.57
C ASN S 78 -49.13 30.61 -38.34
N GLN S 79 -48.17 31.24 -37.66
CA GLN S 79 -46.95 31.64 -38.32
C GLN S 79 -45.73 31.35 -37.47
N LEU S 80 -44.62 31.14 -38.17
CA LEU S 80 -43.29 31.01 -37.59
C LEU S 80 -42.48 32.24 -37.97
N SER S 81 -41.58 32.66 -37.09
CA SER S 81 -40.79 33.84 -37.37
C SER S 81 -39.34 33.63 -36.98
N LEU S 82 -38.45 34.13 -37.84
CA LEU S 82 -37.01 34.05 -37.63
C LEU S 82 -36.44 35.45 -37.69
N LYS S 83 -35.48 35.75 -36.82
CA LYS S 83 -34.78 37.03 -36.82
C LYS S 83 -33.29 36.80 -36.61
N LEU S 84 -32.48 37.41 -37.48
CA LEU S 84 -31.02 37.30 -37.40
C LEU S 84 -30.43 38.69 -37.49
N THR S 85 -29.73 39.12 -36.45
CA THR S 85 -29.17 40.45 -36.39
C THR S 85 -27.72 40.45 -36.87
N SER S 86 -27.33 41.57 -37.48
CA SER S 86 -25.97 41.89 -37.93
C SER S 86 -25.45 40.84 -38.90
N VAL S 87 -26.14 40.72 -40.02
CA VAL S 87 -25.80 39.73 -41.03
C VAL S 87 -24.56 40.14 -41.79
N THR S 88 -23.82 39.15 -42.27
CA THR S 88 -22.67 39.39 -43.12
C THR S 88 -22.73 38.45 -44.31
N ALA S 89 -21.64 38.39 -45.10
CA ALA S 89 -21.65 37.75 -46.40
C ALA S 89 -21.79 36.24 -46.34
N ALA S 90 -21.53 35.62 -45.19
CA ALA S 90 -21.68 34.18 -45.07
C ALA S 90 -23.14 33.74 -45.01
N ASP S 91 -24.07 34.67 -44.79
CA ASP S 91 -25.46 34.34 -44.54
C ASP S 91 -26.32 34.30 -45.81
N THR S 92 -25.70 34.43 -46.98
CA THR S 92 -26.42 34.28 -48.24
C THR S 92 -26.86 32.84 -48.40
N ALA S 93 -28.17 32.58 -48.35
CA ALA S 93 -28.61 31.19 -48.28
C ALA S 93 -30.05 31.06 -48.73
N VAL S 94 -30.45 29.82 -48.98
CA VAL S 94 -31.84 29.48 -49.22
C VAL S 94 -32.41 28.91 -47.93
N TYR S 95 -33.63 29.31 -47.59
CA TYR S 95 -34.21 29.03 -46.29
C TYR S 95 -35.51 28.24 -46.45
N TYR S 96 -35.63 27.17 -45.67
CA TYR S 96 -36.80 26.32 -45.60
C TYR S 96 -37.27 26.25 -44.15
N CYS S 97 -38.58 26.12 -43.95
CA CYS S 97 -39.15 25.79 -42.65
C CYS S 97 -39.87 24.45 -42.74
N VAL S 98 -39.63 23.58 -41.75
CA VAL S 98 -40.10 22.20 -41.82
C VAL S 98 -40.81 21.78 -40.54
N ARG S 99 -41.76 20.85 -40.71
CA ARG S 99 -42.43 20.15 -39.63
C ARG S 99 -41.90 18.72 -39.60
N GLU S 100 -41.87 18.14 -38.39
CA GLU S 100 -41.10 16.91 -38.18
C GLU S 100 -41.77 15.68 -38.78
N GLY S 101 -43.09 15.62 -38.75
CA GLY S 101 -43.78 14.46 -39.28
C GLY S 101 -44.37 13.58 -38.19
N VAL S 102 -45.42 12.86 -38.55
CA VAL S 102 -46.22 12.11 -37.58
C VAL S 102 -45.51 10.81 -37.24
N PRO S 103 -45.44 10.41 -35.98
CA PRO S 103 -44.82 9.12 -35.61
C PRO S 103 -45.77 7.95 -35.78
N THR S 104 -46.09 7.63 -37.03
CA THR S 104 -47.06 6.59 -37.35
C THR S 104 -46.45 5.63 -38.37
N GLU S 105 -47.30 4.76 -38.91
CA GLU S 105 -46.83 3.74 -39.84
C GLU S 105 -46.75 4.25 -41.27
N ALA S 106 -47.74 5.03 -41.72
CA ALA S 106 -47.84 5.35 -43.12
C ALA S 106 -47.70 6.85 -43.34
N THR S 107 -46.70 7.46 -42.72
CA THR S 107 -46.49 8.88 -42.87
C THR S 107 -45.95 9.21 -44.25
N THR S 108 -46.10 10.48 -44.62
CA THR S 108 -45.54 11.00 -45.85
C THR S 108 -44.05 11.34 -45.72
N GLY S 109 -43.48 11.18 -44.53
CA GLY S 109 -42.12 11.60 -44.31
C GLY S 109 -42.12 12.99 -43.71
N ASP S 110 -41.05 13.74 -43.93
CA ASP S 110 -41.00 15.10 -43.42
C ASP S 110 -41.81 16.01 -44.32
N HIS S 111 -42.09 17.21 -43.83
CA HIS S 111 -42.89 18.18 -44.57
C HIS S 111 -42.02 19.39 -44.81
N TRP S 112 -41.72 19.67 -46.07
CA TRP S 112 -40.76 20.69 -46.45
C TRP S 112 -41.46 21.93 -46.98
N GLY S 113 -40.83 23.08 -46.80
CA GLY S 113 -41.29 24.30 -47.42
C GLY S 113 -40.74 24.47 -48.81
N GLN S 114 -41.14 25.57 -49.44
CA GLN S 114 -40.66 25.86 -50.80
C GLN S 114 -39.37 26.65 -50.79
N GLY S 115 -39.26 27.65 -49.92
CA GLY S 115 -38.01 28.32 -49.67
C GLY S 115 -37.95 29.77 -50.07
N VAL S 116 -37.11 30.53 -49.39
CA VAL S 116 -36.83 31.92 -49.75
C VAL S 116 -35.32 32.05 -49.97
N PRO S 117 -34.88 32.62 -51.09
CA PRO S 117 -33.45 32.93 -51.24
C PRO S 117 -33.16 34.32 -50.67
N VAL S 118 -32.13 34.39 -49.81
CA VAL S 118 -31.80 35.62 -49.11
C VAL S 118 -30.34 35.97 -49.39
N THR S 119 -30.13 37.19 -49.86
CA THR S 119 -28.82 37.72 -50.23
C THR S 119 -28.42 38.83 -49.28
N VAL S 120 -27.21 38.71 -48.71
CA VAL S 120 -26.63 39.77 -47.90
C VAL S 120 -25.72 40.58 -48.81
N SER S 121 -26.08 41.84 -49.06
CA SER S 121 -25.29 42.67 -49.94
C SER S 121 -25.49 44.13 -49.57
N SER S 122 -24.50 44.95 -49.96
CA SER S 122 -24.55 46.39 -49.71
C SER S 122 -25.17 47.15 -50.87
N ALA S 123 -25.18 46.55 -52.06
CA ALA S 123 -25.70 47.22 -53.25
C ALA S 123 -27.21 47.35 -53.17
N SER S 124 -27.73 48.38 -53.81
CA SER S 124 -29.17 48.62 -53.82
C SER S 124 -29.87 47.69 -54.79
N THR S 125 -31.13 47.39 -54.50
CA THR S 125 -31.90 46.49 -55.34
C THR S 125 -32.30 47.17 -56.64
N LYS S 126 -32.78 46.36 -57.58
CA LYS S 126 -33.09 46.87 -58.91
C LYS S 126 -34.36 46.22 -59.44
N GLY S 127 -35.24 47.06 -59.99
CA GLY S 127 -36.34 46.58 -60.80
C GLY S 127 -35.85 46.16 -62.18
N PRO S 128 -36.32 45.01 -62.65
CA PRO S 128 -35.74 44.41 -63.85
C PRO S 128 -36.10 45.13 -65.14
N SER S 129 -35.27 44.88 -66.16
CA SER S 129 -35.59 45.24 -67.53
C SER S 129 -35.93 43.97 -68.30
N VAL S 130 -37.20 43.83 -68.68
CA VAL S 130 -37.65 42.63 -69.37
C VAL S 130 -37.91 42.98 -70.82
N PHE S 131 -37.23 42.29 -71.72
CA PHE S 131 -37.34 42.51 -73.15
C PHE S 131 -37.89 41.27 -73.85
N PRO S 132 -38.85 41.44 -74.77
CA PRO S 132 -39.43 40.28 -75.44
C PRO S 132 -38.49 39.73 -76.50
N LEU S 133 -37.99 38.53 -76.26
CA LEU S 133 -37.19 37.79 -77.23
C LEU S 133 -38.15 37.39 -78.36
N ALA S 134 -38.25 38.26 -79.35
CA ALA S 134 -39.12 38.05 -80.49
C ALA S 134 -38.49 37.00 -81.41
N PRO S 135 -39.24 36.00 -81.85
CA PRO S 135 -38.67 34.97 -82.71
C PRO S 135 -38.44 35.49 -84.13
N SER S 136 -37.20 35.40 -84.57
CA SER S 136 -36.85 35.76 -85.93
C SER S 136 -37.20 34.60 -86.87
N SER S 137 -36.91 34.79 -88.16
CA SER S 137 -37.05 33.70 -89.12
C SER S 137 -36.03 32.59 -88.86
N ARG S 138 -34.89 32.93 -88.26
CA ARG S 138 -33.94 31.94 -87.80
C ARG S 138 -34.35 31.30 -86.47
N SER S 139 -35.44 31.76 -85.86
CA SER S 139 -36.02 31.13 -84.69
C SER S 139 -37.24 30.27 -84.98
N THR S 140 -37.84 30.39 -86.18
CA THR S 140 -39.08 29.71 -86.53
C THR S 140 -38.87 28.45 -87.38
N SER S 141 -37.83 27.66 -87.11
CA SER S 141 -37.51 26.51 -87.94
C SER S 141 -38.52 25.38 -87.75
N GLU S 142 -39.00 24.84 -88.88
CA GLU S 142 -39.92 23.68 -89.03
C GLU S 142 -41.10 23.72 -88.06
N SER S 143 -41.92 24.77 -88.22
CA SER S 143 -43.24 24.98 -87.63
C SER S 143 -43.21 25.15 -86.10
N THR S 144 -42.05 25.20 -85.47
CA THR S 144 -41.92 25.47 -84.05
C THR S 144 -40.99 26.66 -83.85
N ALA S 145 -41.36 27.56 -82.95
CA ALA S 145 -40.58 28.76 -82.71
C ALA S 145 -40.28 28.89 -81.23
N ALA S 146 -39.15 29.52 -80.92
CA ALA S 146 -38.81 29.89 -79.56
C ALA S 146 -39.07 31.38 -79.41
N LEU S 147 -39.94 31.74 -78.46
CA LEU S 147 -40.21 33.13 -78.16
C LEU S 147 -40.11 33.31 -76.66
N GLY S 148 -39.41 34.34 -76.23
CA GLY S 148 -39.15 34.42 -74.81
C GLY S 148 -39.08 35.81 -74.23
N CYS S 149 -38.43 35.92 -73.08
CA CYS S 149 -38.17 37.20 -72.43
C CYS S 149 -36.79 37.14 -71.78
N LEU S 150 -36.00 38.17 -72.02
CA LEU S 150 -34.76 38.38 -71.29
C LEU S 150 -35.05 39.29 -70.11
N VAL S 151 -34.79 38.81 -68.91
CA VAL S 151 -34.92 39.59 -67.69
C VAL S 151 -33.51 40.05 -67.34
N LYS S 152 -33.13 41.19 -67.88
CA LYS S 152 -31.78 41.73 -67.75
C LYS S 152 -31.74 42.75 -66.62
N ASP S 153 -30.67 42.67 -65.83
CA ASP S 153 -30.33 43.64 -64.78
C ASP S 153 -31.43 43.72 -63.73
N TYR S 154 -31.65 42.61 -63.05
CA TYR S 154 -32.45 42.61 -61.85
C TYR S 154 -31.55 42.26 -60.68
N PHE S 155 -31.82 42.90 -59.55
CA PHE S 155 -30.94 42.69 -58.42
C PHE S 155 -31.76 42.80 -57.16
N PRO S 156 -31.72 41.79 -56.27
CA PRO S 156 -31.08 40.51 -56.52
C PRO S 156 -32.00 39.51 -57.24
N GLU S 157 -31.66 38.23 -57.14
CA GLU S 157 -32.59 37.16 -57.51
C GLU S 157 -33.79 37.17 -56.56
N PRO S 158 -34.93 36.59 -56.97
CA PRO S 158 -35.36 35.97 -58.22
C PRO S 158 -36.40 36.76 -59.00
N VAL S 159 -36.67 36.27 -60.20
CA VAL S 159 -37.80 36.73 -60.99
C VAL S 159 -38.63 35.51 -61.38
N THR S 160 -39.92 35.59 -61.14
CA THR S 160 -40.85 34.52 -61.49
C THR S 160 -41.44 34.85 -62.84
N VAL S 161 -41.36 33.91 -63.77
CA VAL S 161 -41.87 34.10 -65.11
C VAL S 161 -43.04 33.15 -65.33
N SER S 162 -44.25 33.69 -65.29
CA SER S 162 -45.43 32.99 -65.76
C SER S 162 -45.70 33.40 -67.20
N TRP S 163 -46.46 32.58 -67.91
CA TRP S 163 -46.69 32.82 -69.33
C TRP S 163 -48.18 32.83 -69.60
N ASN S 164 -48.67 33.99 -70.06
CA ASN S 164 -50.10 34.32 -70.12
C ASN S 164 -50.75 34.10 -68.76
N SER S 165 -50.13 34.72 -67.73
CA SER S 165 -50.54 34.62 -66.32
C SER S 165 -50.57 33.17 -65.85
N GLY S 166 -49.57 32.39 -66.27
CA GLY S 166 -49.44 31.01 -65.87
C GLY S 166 -50.38 30.04 -66.55
N SER S 167 -51.31 30.52 -67.37
CA SER S 167 -52.28 29.66 -68.03
C SER S 167 -51.66 28.76 -69.09
N LEU S 168 -50.48 29.09 -69.58
CA LEU S 168 -49.72 28.19 -70.44
C LEU S 168 -48.41 27.86 -69.74
N THR S 169 -48.20 26.56 -69.53
CA THR S 169 -46.93 26.07 -69.02
C THR S 169 -46.27 25.09 -69.97
N SER S 170 -46.97 24.68 -71.04
CA SER S 170 -46.42 23.73 -71.98
C SER S 170 -45.32 24.38 -72.83
N GLY S 171 -44.21 23.68 -72.98
CA GLY S 171 -43.12 24.12 -73.83
C GLY S 171 -42.32 25.27 -73.28
N VAL S 172 -42.48 25.61 -72.01
CA VAL S 172 -41.78 26.73 -71.42
C VAL S 172 -40.51 26.21 -70.74
N HIS S 173 -39.54 27.10 -70.59
CA HIS S 173 -38.28 26.80 -69.92
C HIS S 173 -37.70 28.10 -69.42
N THR S 174 -37.60 28.24 -68.10
CA THR S 174 -36.87 29.34 -67.50
C THR S 174 -35.43 28.88 -67.36
N PHE S 175 -34.56 29.41 -68.21
CA PHE S 175 -33.17 29.00 -68.27
C PHE S 175 -32.42 29.50 -67.05
N PRO S 176 -31.25 28.92 -66.75
CA PRO S 176 -30.38 29.49 -65.72
C PRO S 176 -29.94 30.91 -66.06
N ALA S 177 -30.09 31.79 -65.07
CA ALA S 177 -29.64 33.17 -65.20
C ALA S 177 -28.13 33.26 -65.16
N VAL S 178 -27.59 34.34 -65.69
CA VAL S 178 -26.16 34.59 -65.67
C VAL S 178 -25.86 35.65 -64.62
N LEU S 179 -24.62 35.63 -64.12
CA LEU S 179 -24.16 36.61 -63.16
C LEU S 179 -23.12 37.50 -63.85
N GLN S 180 -23.51 38.73 -64.15
CA GLN S 180 -22.69 39.60 -64.96
C GLN S 180 -21.51 40.17 -64.18
N SER S 181 -20.59 40.80 -64.90
CA SER S 181 -19.49 41.54 -64.29
C SER S 181 -19.97 42.81 -63.60
N SER S 182 -21.14 43.32 -63.97
CA SER S 182 -21.76 44.42 -63.24
C SER S 182 -22.34 43.97 -61.91
N GLY S 183 -22.47 42.68 -61.69
CA GLY S 183 -23.11 42.18 -60.48
C GLY S 183 -24.60 42.05 -60.59
N LEU S 184 -25.16 42.24 -61.78
CA LEU S 184 -26.59 42.19 -62.00
C LEU S 184 -26.96 40.91 -62.72
N TYR S 185 -28.12 40.36 -62.38
CA TYR S 185 -28.56 39.09 -62.92
C TYR S 185 -29.35 39.30 -64.20
N SER S 186 -29.25 38.34 -65.10
CA SER S 186 -30.03 38.34 -66.34
C SER S 186 -30.42 36.91 -66.67
N LEU S 187 -31.70 36.69 -66.93
CA LEU S 187 -32.24 35.36 -67.14
C LEU S 187 -32.91 35.30 -68.49
N SER S 188 -33.05 34.08 -69.03
CA SER S 188 -33.84 33.86 -70.23
C SER S 188 -34.97 32.90 -69.92
N SER S 189 -36.18 33.30 -70.28
CA SER S 189 -37.34 32.43 -70.13
C SER S 189 -38.05 32.33 -71.47
N VAL S 190 -38.03 31.14 -72.07
CA VAL S 190 -38.58 30.96 -73.40
C VAL S 190 -39.77 30.01 -73.32
N VAL S 191 -40.62 30.11 -74.33
CA VAL S 191 -41.64 29.12 -74.59
C VAL S 191 -41.57 28.79 -76.07
N THR S 192 -41.59 27.49 -76.38
CA THR S 192 -41.64 27.01 -77.75
C THR S 192 -43.10 26.87 -78.15
N VAL S 193 -43.48 27.56 -79.22
CA VAL S 193 -44.87 27.69 -79.65
C VAL S 193 -44.97 27.20 -81.10
N PRO S 194 -46.02 26.45 -81.46
CA PRO S 194 -46.25 26.15 -82.88
C PRO S 194 -46.54 27.40 -83.70
N SER S 195 -46.18 27.35 -84.99
CA SER S 195 -46.21 28.54 -85.82
C SER S 195 -47.62 29.01 -86.16
N SER S 196 -48.58 28.07 -86.25
CA SER S 196 -49.95 28.43 -86.59
C SER S 196 -50.63 29.25 -85.49
N SER S 197 -50.17 29.09 -84.25
CA SER S 197 -50.67 29.90 -83.15
C SER S 197 -49.99 31.27 -83.09
N LEU S 198 -49.00 31.53 -83.95
CA LEU S 198 -48.28 32.80 -83.90
C LEU S 198 -49.16 33.97 -84.33
N GLY S 199 -50.12 33.74 -85.23
CA GLY S 199 -50.97 34.82 -85.69
C GLY S 199 -52.20 35.08 -84.84
N THR S 200 -52.55 34.16 -83.93
CA THR S 200 -53.79 34.25 -83.18
C THR S 200 -53.56 34.58 -81.71
N GLN S 201 -52.69 33.86 -81.02
CA GLN S 201 -52.57 33.97 -79.58
C GLN S 201 -51.57 35.05 -79.18
N THR S 202 -51.72 35.55 -77.95
CA THR S 202 -50.91 36.62 -77.40
C THR S 202 -50.17 36.09 -76.18
N TYR S 203 -48.93 36.54 -75.98
CA TYR S 203 -48.03 35.91 -75.01
C TYR S 203 -47.36 36.97 -74.15
N VAL S 204 -47.84 37.13 -72.92
CA VAL S 204 -47.19 37.98 -71.93
C VAL S 204 -46.33 37.10 -71.03
N CYS S 205 -45.08 37.49 -70.86
CA CYS S 205 -44.28 36.99 -69.76
C CYS S 205 -44.56 37.87 -68.54
N ASN S 206 -45.01 37.23 -67.48
CA ASN S 206 -45.37 37.88 -66.23
C ASN S 206 -44.18 37.61 -65.33
N VAL S 207 -43.24 38.54 -65.34
CA VAL S 207 -42.00 38.44 -64.60
C VAL S 207 -42.15 39.25 -63.32
N ASN S 208 -41.74 38.70 -62.19
CA ASN S 208 -41.89 39.36 -60.91
C ASN S 208 -40.56 39.37 -60.17
N HIS S 209 -40.22 40.51 -59.57
CA HIS S 209 -39.02 40.68 -58.76
C HIS S 209 -39.47 41.15 -57.37
N LYS S 210 -39.53 40.21 -56.44
CA LYS S 210 -39.94 40.52 -55.08
C LYS S 210 -39.02 41.47 -54.29
N PRO S 211 -37.67 41.39 -54.34
CA PRO S 211 -36.89 42.36 -53.54
C PRO S 211 -37.02 43.79 -53.98
N SER S 212 -37.37 44.04 -55.25
CA SER S 212 -37.74 45.37 -55.69
C SER S 212 -39.24 45.55 -55.74
N ASN S 213 -39.99 44.48 -55.42
CA ASN S 213 -41.45 44.50 -55.24
C ASN S 213 -42.18 44.96 -56.49
N THR S 214 -41.68 44.53 -57.65
CA THR S 214 -42.29 44.94 -58.91
C THR S 214 -42.68 43.72 -59.73
N LYS S 215 -43.57 43.95 -60.68
CA LYS S 215 -43.93 42.94 -61.67
C LYS S 215 -44.05 43.59 -63.03
N VAL S 216 -43.32 43.05 -63.99
CA VAL S 216 -43.36 43.50 -65.37
C VAL S 216 -44.07 42.44 -66.20
N ASP S 217 -45.14 42.83 -66.88
CA ASP S 217 -45.87 41.93 -67.75
C ASP S 217 -45.59 42.41 -69.17
N LYS S 218 -44.66 41.74 -69.84
CA LYS S 218 -44.17 42.15 -71.15
C LYS S 218 -44.67 41.17 -72.21
N ARG S 219 -45.34 41.69 -73.22
CA ARG S 219 -45.88 40.82 -74.25
C ARG S 219 -44.82 40.57 -75.31
N VAL S 220 -44.82 39.33 -75.83
CA VAL S 220 -43.88 38.92 -76.87
C VAL S 220 -44.65 38.89 -78.18
N GLU S 221 -44.21 39.70 -79.13
CA GLU S 221 -44.92 39.87 -80.38
C GLU S 221 -43.96 39.79 -81.55
N ILE S 222 -44.41 39.15 -82.61
CA ILE S 222 -43.61 39.02 -83.83
C ILE S 222 -43.74 40.29 -84.67
N LYS S 223 -42.60 40.77 -85.19
CA LYS S 223 -42.59 41.91 -86.09
C LYS S 223 -41.38 41.79 -87.02
N THR S 224 -41.58 42.12 -88.29
CA THR S 224 -40.49 42.12 -89.25
C THR S 224 -39.52 43.27 -88.94
N CYS S 225 -38.36 42.91 -88.39
CA CYS S 225 -37.31 43.83 -87.94
C CYS S 225 -37.82 44.87 -86.93
N GLN T 1 -15.69 22.73 -42.42
CA GLN T 1 -15.53 21.45 -41.74
C GLN T 1 -16.88 20.79 -41.47
N PHE T 2 -16.94 19.50 -41.76
CA PHE T 2 -18.10 18.65 -41.44
C PHE T 2 -17.60 17.54 -40.53
N VAL T 3 -18.32 17.30 -39.42
CA VAL T 3 -17.98 16.17 -38.57
C VAL T 3 -18.43 14.84 -39.13
N LEU T 4 -19.19 14.85 -40.22
CA LEU T 4 -19.62 13.64 -40.90
C LEU T 4 -19.01 13.65 -42.29
N THR T 5 -18.28 12.58 -42.63
CA THR T 5 -17.51 12.53 -43.85
C THR T 5 -18.10 11.55 -44.84
N GLN T 6 -18.18 11.98 -46.10
CA GLN T 6 -18.58 11.16 -47.22
C GLN T 6 -17.61 11.40 -48.36
N PRO T 7 -17.35 10.40 -49.20
CA PRO T 7 -16.73 10.65 -50.49
C PRO T 7 -17.66 11.46 -51.38
N PRO T 8 -17.14 12.44 -52.11
CA PRO T 8 -18.02 13.48 -52.66
C PRO T 8 -18.88 13.04 -53.85
N SER T 9 -18.38 12.20 -54.75
CA SER T 9 -19.11 11.87 -55.96
C SER T 9 -18.99 10.39 -56.27
N MET T 10 -20.01 9.85 -56.94
CA MET T 10 -20.02 8.45 -57.33
C MET T 10 -20.94 8.26 -58.52
N SER T 11 -20.60 7.30 -59.39
CA SER T 11 -21.40 7.05 -60.58
C SER T 11 -21.52 5.54 -60.82
N GLY T 12 -22.62 5.15 -61.45
CA GLY T 12 -22.85 3.73 -61.71
C GLY T 12 -23.88 3.51 -62.78
N ALA T 13 -23.79 2.33 -63.41
CA ALA T 13 -24.66 1.89 -64.50
C ALA T 13 -26.09 1.69 -63.99
N PRO T 14 -27.09 1.74 -64.87
CA PRO T 14 -28.45 1.43 -64.43
C PRO T 14 -28.60 -0.04 -64.06
N GLY T 15 -29.37 -0.30 -63.01
CA GLY T 15 -29.48 -1.63 -62.47
C GLY T 15 -28.42 -1.99 -61.47
N GLN T 16 -27.44 -1.12 -61.22
CA GLN T 16 -26.35 -1.44 -60.33
C GLN T 16 -26.78 -1.36 -58.88
N ARG T 17 -25.97 -1.95 -58.02
CA ARG T 17 -26.15 -1.94 -56.58
C ARG T 17 -24.94 -1.26 -55.96
N VAL T 18 -25.18 -0.11 -55.34
CA VAL T 18 -24.08 0.66 -54.75
C VAL T 18 -24.34 0.84 -53.26
N THR T 19 -23.26 1.13 -52.54
CA THR T 19 -23.32 1.43 -51.12
C THR T 19 -22.68 2.79 -50.88
N ILE T 20 -23.47 3.70 -50.32
CA ILE T 20 -23.01 5.02 -49.93
C ILE T 20 -22.72 4.95 -48.45
N SER T 21 -21.46 5.23 -48.08
CA SER T 21 -21.02 5.19 -46.71
C SER T 21 -20.91 6.60 -46.14
N CYS T 22 -21.40 6.74 -44.91
CA CYS T 22 -21.31 7.98 -44.15
C CYS T 22 -20.45 7.68 -42.93
N THR T 23 -19.37 8.42 -42.78
CA THR T 23 -18.36 8.12 -41.77
C THR T 23 -18.25 9.28 -40.78
N GLY T 24 -18.45 8.97 -39.51
CA GLY T 24 -18.32 9.92 -38.42
C GLY T 24 -17.65 9.28 -37.23
N THR T 25 -17.88 9.81 -36.03
CA THR T 25 -17.29 9.30 -34.82
C THR T 25 -18.36 8.66 -33.94
N ASN T 26 -17.93 8.18 -32.78
CA ASN T 26 -18.85 7.57 -31.82
C ASN T 26 -19.78 8.61 -31.22
N SER T 27 -19.31 9.84 -31.05
CA SER T 27 -20.01 10.84 -30.27
C SER T 27 -21.31 11.30 -30.92
N ASN T 28 -21.48 11.09 -32.22
CA ASN T 28 -22.70 11.49 -32.93
C ASN T 28 -23.44 10.29 -33.48
N ILE T 29 -22.77 9.45 -34.26
CA ILE T 29 -23.45 8.33 -34.90
C ILE T 29 -23.71 7.22 -33.89
N GLY T 30 -22.75 6.97 -33.01
CA GLY T 30 -22.76 5.75 -32.21
C GLY T 30 -23.83 5.69 -31.14
N VAL T 31 -24.57 6.78 -30.95
CA VAL T 31 -25.60 6.79 -29.93
C VAL T 31 -26.92 7.27 -30.51
N ASN T 32 -26.88 7.96 -31.63
CA ASN T 32 -28.08 8.58 -32.15
C ASN T 32 -28.61 7.83 -33.37
N TYR T 33 -29.76 8.30 -33.84
CA TYR T 33 -30.30 7.87 -35.11
C TYR T 33 -29.74 8.70 -36.24
N VAL T 34 -29.57 8.08 -37.39
CA VAL T 34 -29.10 8.81 -38.57
C VAL T 34 -30.17 8.73 -39.63
N GLN T 35 -30.22 9.76 -40.47
CA GLN T 35 -31.20 9.85 -41.52
C GLN T 35 -30.52 10.07 -42.87
N TRP T 36 -31.20 9.63 -43.91
CA TRP T 36 -30.72 9.75 -45.26
C TRP T 36 -31.73 10.57 -46.05
N TYR T 37 -31.24 11.63 -46.68
CA TYR T 37 -32.05 12.59 -47.40
C TYR T 37 -31.62 12.69 -48.86
N GLN T 38 -32.58 13.05 -49.72
CA GLN T 38 -32.39 13.19 -51.16
C GLN T 38 -32.88 14.56 -51.62
N GLN T 39 -32.07 15.25 -52.42
CA GLN T 39 -32.51 16.45 -53.10
C GLN T 39 -32.01 16.46 -54.54
N PHE T 40 -32.83 16.97 -55.44
CA PHE T 40 -32.34 17.34 -56.75
C PHE T 40 -31.78 18.76 -56.69
N PRO T 41 -30.97 19.16 -57.67
CA PRO T 41 -30.61 20.58 -57.79
C PRO T 41 -31.84 21.44 -58.05
N GLY T 42 -31.90 22.59 -57.39
CA GLY T 42 -33.06 23.45 -57.47
C GLY T 42 -34.29 22.90 -56.80
N THR T 43 -34.16 21.92 -55.91
CA THR T 43 -35.29 21.21 -55.34
C THR T 43 -35.11 21.06 -53.84
N ALA T 44 -36.20 21.29 -53.10
CA ALA T 44 -36.22 21.03 -51.67
C ALA T 44 -35.97 19.54 -51.39
N PRO T 45 -35.31 19.22 -50.29
CA PRO T 45 -34.91 17.84 -50.04
C PRO T 45 -36.08 16.94 -49.63
N LYS T 46 -35.86 15.64 -49.73
CA LYS T 46 -36.84 14.64 -49.35
C LYS T 46 -36.19 13.60 -48.44
N LEU T 47 -36.92 13.18 -47.41
CA LEU T 47 -36.46 12.09 -46.54
C LEU T 47 -36.53 10.76 -47.28
N LEU T 48 -35.48 9.97 -47.15
CA LEU T 48 -35.48 8.60 -47.65
C LEU T 48 -35.47 7.57 -46.53
N ILE T 49 -34.52 7.68 -45.60
CA ILE T 49 -34.37 6.69 -44.55
C ILE T 49 -34.40 7.41 -43.21
N TYR T 50 -35.34 7.01 -42.35
CA TYR T 50 -35.38 7.51 -40.99
C TYR T 50 -35.11 6.35 -40.04
N GLU T 51 -34.40 6.66 -38.95
CA GLU T 51 -34.04 5.71 -37.89
C GLU T 51 -33.29 4.51 -38.44
N ASN T 52 -32.40 4.80 -39.40
CA ASN T 52 -31.33 3.97 -39.91
C ASN T 52 -31.77 2.79 -40.79
N TYR T 53 -33.06 2.45 -40.82
CA TYR T 53 -33.48 1.44 -41.78
C TYR T 53 -34.91 1.60 -42.30
N LYS T 54 -35.66 2.58 -41.83
CA LYS T 54 -37.08 2.65 -42.12
C LYS T 54 -37.37 3.71 -43.18
N ARG T 55 -38.38 3.42 -44.02
CA ARG T 55 -38.79 4.27 -45.14
C ARG T 55 -40.24 4.70 -44.98
N PRO T 56 -40.56 5.98 -45.21
CA PRO T 56 -41.96 6.41 -45.15
C PRO T 56 -42.71 6.02 -46.41
N SER T 57 -44.03 6.15 -46.34
CA SER T 57 -44.87 5.84 -47.48
C SER T 57 -44.75 6.92 -48.54
N GLY T 58 -44.82 6.48 -49.79
CA GLY T 58 -44.43 7.29 -50.92
C GLY T 58 -43.05 6.94 -51.47
N ILE T 59 -42.26 6.19 -50.72
CA ILE T 59 -40.91 5.81 -51.13
C ILE T 59 -40.88 4.30 -51.33
N SER T 60 -40.26 3.87 -52.43
CA SER T 60 -40.15 2.46 -52.75
C SER T 60 -39.22 1.74 -51.77
N ASP T 61 -39.32 0.41 -51.77
CA ASP T 61 -38.39 -0.43 -51.03
C ASP T 61 -37.12 -0.75 -51.80
N ARG T 62 -36.80 0.03 -52.85
CA ARG T 62 -35.63 -0.23 -53.66
C ARG T 62 -34.33 0.03 -52.88
N PHE T 63 -34.34 1.01 -52.00
CA PHE T 63 -33.17 1.33 -51.18
C PHE T 63 -33.20 0.54 -49.89
N SER T 64 -32.03 0.33 -49.28
CA SER T 64 -31.94 -0.29 -47.97
C SER T 64 -30.94 0.49 -47.11
N GLY T 65 -31.08 0.35 -45.80
CA GLY T 65 -30.22 1.08 -44.88
C GLY T 65 -29.66 0.26 -43.73
N SER T 66 -28.40 0.50 -43.37
CA SER T 66 -27.78 -0.17 -42.25
C SER T 66 -26.88 0.79 -41.49
N GLN T 67 -26.56 0.43 -40.25
CA GLN T 67 -25.72 1.24 -39.39
C GLN T 67 -24.87 0.32 -38.53
N SER T 68 -23.60 0.69 -38.37
CA SER T 68 -22.68 -0.11 -37.57
C SER T 68 -21.61 0.80 -37.01
N GLY T 69 -21.47 0.81 -35.68
CA GLY T 69 -20.45 1.58 -35.00
C GLY T 69 -20.58 3.07 -35.22
N SER T 70 -19.60 3.64 -35.93
CA SER T 70 -19.62 5.04 -36.27
C SER T 70 -19.82 5.24 -37.77
N SER T 71 -20.41 4.27 -38.45
CA SER T 71 -20.60 4.35 -39.89
C SER T 71 -22.02 3.95 -40.25
N ALA T 72 -22.53 4.58 -41.30
CA ALA T 72 -23.85 4.31 -41.81
C ALA T 72 -23.75 4.02 -43.30
N SER T 73 -24.74 3.31 -43.83
CA SER T 73 -24.63 2.89 -45.21
C SER T 73 -26.02 2.77 -45.81
N LEU T 74 -26.17 3.30 -47.01
CA LEU T 74 -27.35 3.10 -47.83
C LEU T 74 -26.97 2.26 -49.03
N THR T 75 -27.84 1.34 -49.42
CA THR T 75 -27.56 0.44 -50.53
C THR T 75 -28.69 0.50 -51.55
N ILE T 76 -28.33 0.78 -52.79
CA ILE T 76 -29.26 0.86 -53.90
C ILE T 76 -29.11 -0.42 -54.70
N THR T 77 -30.17 -1.22 -54.73
CA THR T 77 -30.22 -2.43 -55.54
C THR T 77 -31.06 -2.14 -56.78
N GLY T 78 -30.46 -2.31 -57.95
CA GLY T 78 -31.18 -1.99 -59.16
C GLY T 78 -31.28 -0.49 -59.36
N LEU T 79 -30.15 0.14 -59.67
CA LEU T 79 -30.11 1.58 -59.89
C LEU T 79 -30.96 1.99 -61.09
N GLN T 80 -31.77 3.01 -60.89
CA GLN T 80 -32.57 3.59 -61.94
C GLN T 80 -31.96 4.91 -62.39
N SER T 81 -32.39 5.38 -63.56
CA SER T 81 -31.84 6.61 -64.10
C SER T 81 -32.32 7.84 -63.35
N GLU T 82 -33.42 7.72 -62.61
CA GLU T 82 -33.99 8.86 -61.88
C GLU T 82 -33.10 9.32 -60.73
N ASP T 83 -32.20 8.47 -60.26
CA ASP T 83 -31.48 8.72 -59.02
C ASP T 83 -30.28 9.65 -59.18
N GLU T 84 -30.15 10.35 -60.32
CA GLU T 84 -29.15 11.42 -60.42
C GLU T 84 -29.59 12.56 -59.52
N ALA T 85 -28.97 12.67 -58.37
CA ALA T 85 -29.39 13.63 -57.35
C ALA T 85 -28.20 13.86 -56.43
N ASP T 86 -28.47 14.50 -55.29
CA ASP T 86 -27.49 14.64 -54.21
C ASP T 86 -28.12 14.07 -52.95
N TYR T 87 -27.38 13.21 -52.28
CA TYR T 87 -27.85 12.53 -51.09
C TYR T 87 -27.00 12.97 -49.90
N TYR T 88 -27.60 12.95 -48.72
CA TYR T 88 -26.94 13.43 -47.53
C TYR T 88 -27.26 12.51 -46.36
N CYS T 89 -26.29 12.34 -45.48
CA CYS T 89 -26.56 11.77 -44.17
C CYS T 89 -26.62 12.88 -43.12
N GLN T 90 -27.47 12.66 -42.12
CA GLN T 90 -27.73 13.69 -41.12
C GLN T 90 -27.92 13.00 -39.78
N SER T 91 -27.48 13.65 -38.71
CA SER T 91 -27.78 13.17 -37.37
C SER T 91 -27.73 14.35 -36.41
N TYR T 92 -27.76 14.04 -35.12
CA TYR T 92 -27.53 15.01 -34.06
C TYR T 92 -26.26 14.64 -33.34
N ASP T 93 -25.52 15.66 -32.90
CA ASP T 93 -24.22 15.49 -32.28
C ASP T 93 -24.22 16.15 -30.91
N ILE T 94 -23.63 15.45 -29.95
CA ILE T 94 -23.63 15.93 -28.57
C ILE T 94 -22.60 17.00 -28.37
N SER T 95 -21.39 16.79 -28.92
CA SER T 95 -20.27 17.65 -28.63
C SER T 95 -20.46 19.05 -29.20
N LEU T 96 -21.09 19.16 -30.36
CA LEU T 96 -21.52 20.46 -30.83
C LEU T 96 -22.89 20.83 -30.30
N GLY T 97 -23.62 19.87 -29.76
CA GLY T 97 -24.97 20.11 -29.30
C GLY T 97 -25.91 20.53 -30.41
N ALA T 98 -25.77 19.91 -31.59
CA ALA T 98 -26.45 20.43 -32.76
C ALA T 98 -26.69 19.32 -33.77
N HIS T 99 -27.69 19.52 -34.62
CA HIS T 99 -27.86 18.65 -35.77
C HIS T 99 -26.78 18.95 -36.79
N VAL T 100 -26.28 17.91 -37.44
CA VAL T 100 -25.25 18.07 -38.45
C VAL T 100 -25.58 17.23 -39.66
N PHE T 101 -25.02 17.65 -40.80
CA PHE T 101 -25.18 16.98 -42.08
C PHE T 101 -23.85 16.42 -42.54
N GLY T 102 -23.92 15.52 -43.53
CA GLY T 102 -22.75 14.91 -44.09
C GLY T 102 -22.09 15.77 -45.17
N SER T 103 -21.16 15.14 -45.90
CA SER T 103 -20.42 15.83 -46.93
C SER T 103 -21.25 16.06 -48.19
N GLY T 104 -22.25 15.24 -48.43
CA GLY T 104 -23.00 15.31 -49.67
C GLY T 104 -22.41 14.40 -50.73
N THR T 105 -23.28 13.64 -51.40
CA THR T 105 -22.84 12.69 -52.39
C THR T 105 -23.72 12.82 -53.62
N GLU T 106 -23.10 13.17 -54.75
CA GLU T 106 -23.82 13.38 -55.99
C GLU T 106 -23.84 12.08 -56.78
N LEU T 107 -25.01 11.46 -56.84
CA LEU T 107 -25.19 10.22 -57.58
C LEU T 107 -25.56 10.57 -59.02
N THR T 108 -24.62 10.38 -59.93
CA THR T 108 -24.81 10.58 -61.35
C THR T 108 -24.89 9.22 -62.01
N VAL T 109 -26.05 8.89 -62.58
CA VAL T 109 -26.33 7.54 -63.07
C VAL T 109 -25.73 7.41 -64.46
N LEU T 110 -24.92 6.37 -64.66
CA LEU T 110 -24.32 6.10 -65.96
C LEU T 110 -25.38 5.63 -66.96
N GLY T 111 -24.96 5.37 -68.19
CA GLY T 111 -25.86 4.88 -69.21
C GLY T 111 -26.68 5.94 -69.90
N GLN T 112 -26.58 7.19 -69.48
CA GLN T 112 -27.29 8.27 -70.16
C GLN T 112 -26.63 8.51 -71.51
N PRO T 113 -27.40 8.50 -72.60
CA PRO T 113 -26.80 8.66 -73.92
C PRO T 113 -26.42 10.11 -74.18
N LYS T 114 -25.43 10.28 -75.04
CA LYS T 114 -24.96 11.61 -75.41
C LYS T 114 -26.01 12.30 -76.28
N ALA T 115 -26.48 13.45 -75.82
CA ALA T 115 -27.55 14.17 -76.50
C ALA T 115 -26.97 15.41 -77.17
N ALA T 116 -27.19 15.51 -78.48
CA ALA T 116 -26.73 16.64 -79.28
C ALA T 116 -27.55 17.90 -78.91
N PRO T 117 -26.90 19.06 -78.82
CA PRO T 117 -27.56 20.21 -78.20
C PRO T 117 -28.56 20.92 -79.10
N SER T 118 -29.59 21.47 -78.47
CA SER T 118 -30.51 22.37 -79.16
C SER T 118 -30.07 23.81 -78.95
N VAL T 119 -29.95 24.57 -80.04
CA VAL T 119 -29.45 25.93 -79.99
C VAL T 119 -30.56 26.88 -80.42
N THR T 120 -30.59 28.07 -79.80
CA THR T 120 -31.47 29.17 -80.19
C THR T 120 -30.72 30.48 -80.07
N LEU T 121 -30.61 31.22 -81.17
CA LEU T 121 -29.91 32.49 -81.21
C LEU T 121 -30.92 33.61 -81.48
N PHE T 122 -31.21 34.39 -80.45
CA PHE T 122 -32.07 35.57 -80.44
C PHE T 122 -31.26 36.83 -80.72
N PRO T 123 -31.80 37.68 -81.60
CA PRO T 123 -31.29 39.04 -81.74
C PRO T 123 -31.87 39.91 -80.64
N PRO T 124 -31.33 41.11 -80.43
CA PRO T 124 -31.98 42.05 -79.52
C PRO T 124 -33.29 42.55 -80.09
N SER T 125 -34.18 42.92 -79.18
CA SER T 125 -35.40 43.62 -79.58
C SER T 125 -35.06 45.01 -80.09
N SER T 126 -35.93 45.54 -80.96
CA SER T 126 -35.78 46.91 -81.41
C SER T 126 -36.06 47.90 -80.29
N GLU T 127 -36.80 47.47 -79.26
CA GLU T 127 -36.86 48.22 -78.02
C GLU T 127 -35.47 48.39 -77.41
N GLU T 128 -34.66 47.32 -77.42
CA GLU T 128 -33.32 47.40 -76.86
C GLU T 128 -32.41 48.26 -77.72
N LEU T 129 -32.67 48.30 -79.04
CA LEU T 129 -31.94 49.22 -79.90
C LEU T 129 -32.39 50.65 -79.67
N GLN T 130 -33.65 50.86 -79.29
CA GLN T 130 -34.11 52.16 -78.82
C GLN T 130 -33.46 52.51 -77.49
N ALA T 131 -33.17 51.50 -76.67
CA ALA T 131 -32.37 51.67 -75.46
C ALA T 131 -30.86 51.64 -75.76
N ASN T 132 -30.49 51.59 -77.04
CA ASN T 132 -29.11 51.68 -77.53
C ASN T 132 -28.23 50.55 -77.02
N LYS T 133 -28.82 49.37 -76.88
CA LYS T 133 -28.12 48.17 -76.45
C LYS T 133 -28.47 47.03 -77.40
N ALA T 134 -27.71 45.94 -77.30
CA ALA T 134 -27.90 44.78 -78.16
C ALA T 134 -27.53 43.54 -77.38
N THR T 135 -28.52 42.72 -77.04
CA THR T 135 -28.30 41.45 -76.37
C THR T 135 -28.50 40.32 -77.37
N LEU T 136 -27.47 39.50 -77.55
CA LEU T 136 -27.56 38.32 -78.39
C LEU T 136 -27.61 37.08 -77.52
N VAL T 137 -28.65 36.28 -77.69
CA VAL T 137 -29.00 35.24 -76.72
C VAL T 137 -28.77 33.88 -77.37
N CYS T 138 -27.94 33.05 -76.74
CA CYS T 138 -27.66 31.71 -77.22
C CYS T 138 -28.08 30.72 -76.14
N LEU T 139 -29.25 30.11 -76.34
CA LEU T 139 -29.80 29.12 -75.43
C LEU T 139 -29.49 27.73 -75.95
N ILE T 140 -28.88 26.90 -75.10
CA ILE T 140 -28.43 25.58 -75.49
C ILE T 140 -29.10 24.60 -74.52
N SER T 141 -30.08 23.87 -74.99
CA SER T 141 -30.95 23.07 -74.13
C SER T 141 -30.89 21.60 -74.53
N ASP T 142 -31.21 20.76 -73.54
CA ASP T 142 -31.53 19.33 -73.71
C ASP T 142 -30.36 18.57 -74.33
N PHE T 143 -29.22 18.61 -73.63
CA PHE T 143 -28.02 17.97 -74.13
C PHE T 143 -27.34 17.20 -73.01
N TYR T 144 -26.61 16.16 -73.42
CA TYR T 144 -25.84 15.31 -72.55
C TYR T 144 -24.58 15.00 -73.35
N PRO T 145 -23.40 15.01 -72.74
CA PRO T 145 -23.08 15.34 -71.35
C PRO T 145 -23.03 16.84 -71.10
N GLY T 146 -22.70 17.22 -69.87
CA GLY T 146 -22.62 18.61 -69.50
C GLY T 146 -21.29 19.29 -69.81
N ALA T 147 -20.63 18.88 -70.87
CA ALA T 147 -19.41 19.53 -71.34
C ALA T 147 -19.69 20.26 -72.65
N VAL T 148 -20.16 21.49 -72.55
CA VAL T 148 -20.54 22.27 -73.72
C VAL T 148 -19.59 23.45 -73.84
N GLU T 149 -19.40 23.95 -75.05
CA GLU T 149 -18.51 25.06 -75.33
C GLU T 149 -19.29 26.10 -76.11
N VAL T 150 -19.24 27.35 -75.66
CA VAL T 150 -19.86 28.47 -76.36
C VAL T 150 -18.73 29.37 -76.86
N ALA T 151 -18.91 29.94 -78.04
CA ALA T 151 -17.98 30.94 -78.56
C ALA T 151 -18.75 31.97 -79.37
N TRP T 152 -18.63 33.23 -78.98
CA TRP T 152 -19.26 34.31 -79.72
C TRP T 152 -18.28 34.84 -80.77
N LYS T 153 -18.82 35.21 -81.92
CA LYS T 153 -17.98 35.56 -83.05
C LYS T 153 -18.53 36.78 -83.79
N ALA T 154 -17.61 37.58 -84.33
CA ALA T 154 -17.94 38.71 -85.18
C ALA T 154 -18.04 38.24 -86.63
N ASP T 155 -18.03 39.20 -87.56
CA ASP T 155 -18.11 38.93 -89.00
C ASP T 155 -17.02 37.98 -89.50
N GLY T 156 -15.77 38.22 -89.11
CA GLY T 156 -14.71 37.29 -89.46
C GLY T 156 -13.97 36.77 -88.25
N SER T 157 -14.09 37.48 -87.14
CA SER T 157 -13.34 37.19 -85.93
C SER T 157 -14.25 36.67 -84.83
N ALA T 158 -13.65 36.28 -83.72
CA ALA T 158 -14.40 36.03 -82.49
C ALA T 158 -14.61 37.33 -81.73
N VAL T 159 -15.61 37.32 -80.84
CA VAL T 159 -15.81 38.41 -79.89
C VAL T 159 -16.01 37.81 -78.51
N ASN T 160 -15.41 38.44 -77.50
CA ASN T 160 -15.58 38.03 -76.11
C ASN T 160 -15.84 39.24 -75.22
N ALA T 161 -16.59 40.21 -75.74
CA ALA T 161 -16.87 41.45 -75.02
C ALA T 161 -18.37 41.60 -74.85
N GLY T 162 -18.79 41.70 -73.59
CA GLY T 162 -20.19 41.56 -73.24
C GLY T 162 -20.66 40.13 -73.09
N VAL T 163 -19.76 39.18 -73.11
CA VAL T 163 -20.09 37.77 -73.07
C VAL T 163 -20.21 37.31 -71.63
N GLU T 164 -21.35 36.71 -71.29
CA GLU T 164 -21.55 36.04 -70.03
C GLU T 164 -22.19 34.70 -70.31
N THR T 165 -21.85 33.68 -69.53
CA THR T 165 -22.24 32.31 -69.88
C THR T 165 -22.63 31.51 -68.65
N THR T 166 -23.82 30.92 -68.67
CA THR T 166 -24.22 29.93 -67.69
C THR T 166 -23.72 28.55 -68.10
N LYS T 167 -23.38 27.74 -67.10
CA LYS T 167 -22.84 26.42 -67.34
C LYS T 167 -23.95 25.45 -67.74
N PRO T 168 -23.60 24.29 -68.30
CA PRO T 168 -24.58 23.22 -68.45
C PRO T 168 -25.17 22.81 -67.11
N SER T 169 -26.45 23.13 -66.94
CA SER T 169 -27.15 22.94 -65.68
C SER T 169 -28.07 21.75 -65.83
N LYS T 170 -27.91 20.77 -64.96
CA LYS T 170 -28.63 19.50 -65.10
C LYS T 170 -30.10 19.71 -64.82
N GLN T 171 -30.90 19.64 -65.87
CA GLN T 171 -32.32 19.96 -65.82
C GLN T 171 -33.13 18.73 -65.40
N SER T 172 -34.45 18.83 -65.54
CA SER T 172 -35.37 17.85 -64.95
C SER T 172 -35.28 16.49 -65.61
N ASN T 173 -34.94 16.44 -66.90
CA ASN T 173 -34.83 15.18 -67.64
C ASN T 173 -33.45 14.55 -67.51
N ASN T 174 -32.65 14.99 -66.54
CA ASN T 174 -31.25 14.64 -66.28
C ASN T 174 -30.33 15.00 -67.44
N LYS T 175 -30.79 15.77 -68.43
CA LYS T 175 -29.93 16.34 -69.45
C LYS T 175 -29.42 17.67 -68.94
N TYR T 176 -28.89 18.52 -69.82
CA TYR T 176 -28.30 19.77 -69.37
C TYR T 176 -28.88 20.93 -70.16
N ALA T 177 -28.82 22.12 -69.54
CA ALA T 177 -29.23 23.36 -70.17
C ALA T 177 -28.23 24.44 -69.80
N ALA T 178 -28.05 25.40 -70.71
CA ALA T 178 -27.06 26.45 -70.55
C ALA T 178 -27.43 27.61 -71.46
N SER T 179 -26.73 28.73 -71.27
CA SER T 179 -27.04 29.95 -71.98
C SER T 179 -25.82 30.85 -72.03
N SER T 180 -25.81 31.75 -73.01
CA SER T 180 -24.79 32.78 -73.11
C SER T 180 -25.37 34.04 -73.72
N TYR T 181 -24.99 35.19 -73.17
CA TYR T 181 -25.43 36.50 -73.65
C TYR T 181 -24.23 37.27 -74.16
N LEU T 182 -24.43 37.94 -75.29
CA LEU T 182 -23.43 38.82 -75.90
C LEU T 182 -23.97 40.25 -75.83
N SER T 183 -23.32 41.10 -75.05
CA SER T 183 -23.82 42.42 -74.71
C SER T 183 -23.04 43.49 -75.47
N LEU T 184 -23.73 44.21 -76.35
CA LEU T 184 -23.15 45.28 -77.16
C LEU T 184 -24.04 46.51 -77.05
N THR T 185 -23.62 47.59 -77.70
CA THR T 185 -24.55 48.70 -77.90
C THR T 185 -25.23 48.53 -79.26
N SER T 186 -26.25 49.36 -79.50
CA SER T 186 -26.93 49.31 -80.80
C SER T 186 -26.05 49.88 -81.91
N ASP T 187 -25.14 50.80 -81.57
CA ASP T 187 -24.21 51.31 -82.56
C ASP T 187 -23.14 50.28 -82.89
N GLN T 188 -22.67 49.53 -81.88
CA GLN T 188 -21.78 48.41 -82.13
C GLN T 188 -22.51 47.26 -82.80
N TRP T 189 -23.82 47.13 -82.54
CA TRP T 189 -24.66 46.19 -83.28
C TRP T 189 -24.63 46.49 -84.76
N LYS T 190 -24.99 47.70 -85.14
CA LYS T 190 -24.98 48.11 -86.54
C LYS T 190 -23.58 48.41 -87.08
N SER T 191 -22.53 48.12 -86.32
CA SER T 191 -21.15 48.23 -86.78
C SER T 191 -20.65 46.95 -87.42
N HIS T 192 -21.48 45.92 -87.50
CA HIS T 192 -21.05 44.63 -87.99
C HIS T 192 -22.07 44.06 -88.97
N LYS T 193 -21.64 43.02 -89.69
CA LYS T 193 -22.52 42.38 -90.65
C LYS T 193 -23.15 41.11 -90.11
N SER T 194 -22.55 40.48 -89.11
CA SER T 194 -23.09 39.26 -88.53
C SER T 194 -22.56 39.07 -87.11
N TYR T 195 -23.33 38.36 -86.30
CA TYR T 195 -22.87 37.90 -85.01
C TYR T 195 -23.20 36.43 -84.87
N SER T 196 -22.24 35.66 -84.36
CA SER T 196 -22.36 34.21 -84.38
C SER T 196 -22.23 33.67 -82.97
N CYS T 197 -23.05 32.67 -82.66
CA CYS T 197 -22.85 31.81 -81.51
C CYS T 197 -22.49 30.42 -82.04
N GLN T 198 -21.24 30.02 -81.85
CA GLN T 198 -20.77 28.72 -82.29
C GLN T 198 -20.54 27.87 -81.05
N VAL T 199 -21.32 26.81 -80.93
CA VAL T 199 -21.25 25.92 -79.78
C VAL T 199 -20.64 24.60 -80.23
N THR T 200 -19.73 24.08 -79.41
CA THR T 200 -19.12 22.77 -79.61
C THR T 200 -19.57 21.84 -78.50
N HIS T 201 -20.19 20.73 -78.88
CA HIS T 201 -20.67 19.74 -77.91
C HIS T 201 -20.49 18.37 -78.51
N GLU T 202 -19.82 17.50 -77.77
CA GLU T 202 -19.49 16.12 -78.16
C GLU T 202 -18.76 16.09 -79.51
N GLY T 203 -17.80 17.00 -79.64
CA GLY T 203 -17.04 17.16 -80.86
C GLY T 203 -17.78 17.80 -82.01
N SER T 204 -19.06 18.10 -81.86
CA SER T 204 -19.87 18.66 -82.93
C SER T 204 -19.92 20.18 -82.79
N THR T 205 -19.53 20.88 -83.84
CA THR T 205 -19.53 22.34 -83.83
C THR T 205 -20.66 22.85 -84.71
N VAL T 206 -21.53 23.67 -84.13
CA VAL T 206 -22.66 24.23 -84.84
C VAL T 206 -22.69 25.73 -84.55
N GLU T 207 -22.77 26.53 -85.60
CA GLU T 207 -22.71 27.98 -85.49
C GLU T 207 -24.03 28.55 -85.96
N LYS T 208 -24.77 29.17 -85.05
CA LYS T 208 -25.90 29.99 -85.42
C LYS T 208 -25.40 31.40 -85.68
N THR T 209 -26.02 32.08 -86.62
CA THR T 209 -25.56 33.38 -87.08
C THR T 209 -26.76 34.29 -87.30
N VAL T 210 -26.69 35.48 -86.72
CA VAL T 210 -27.65 36.53 -87.02
C VAL T 210 -26.91 37.60 -87.79
N ALA T 211 -27.69 38.48 -88.42
CA ALA T 211 -27.11 39.62 -89.08
C ALA T 211 -27.76 40.88 -88.51
N PRO T 212 -26.96 41.92 -88.25
CA PRO T 212 -27.55 43.24 -87.98
C PRO T 212 -28.32 43.82 -89.16
N ALA T 213 -28.07 43.34 -90.38
CA ALA T 213 -28.98 43.62 -91.48
C ALA T 213 -30.34 42.97 -91.25
N GLU T 214 -30.37 41.84 -90.55
CA GLU T 214 -31.62 41.16 -90.21
C GLU T 214 -32.25 41.66 -88.92
N CYS T 215 -31.68 42.69 -88.30
CA CYS T 215 -32.14 43.30 -87.04
C CYS T 215 -32.28 42.30 -85.90
N GLN U 1 53.89 53.44 -56.78
CA GLN U 1 55.04 52.58 -56.55
C GLN U 1 55.61 52.84 -55.17
N VAL U 2 56.06 51.78 -54.51
CA VAL U 2 56.65 51.84 -53.18
C VAL U 2 57.91 51.00 -53.15
N HIS U 3 58.88 51.46 -52.36
CA HIS U 3 59.97 50.64 -51.88
C HIS U 3 60.59 51.28 -50.64
N LEU U 4 61.37 50.49 -49.93
CA LEU U 4 61.89 50.85 -48.62
C LEU U 4 63.41 50.79 -48.64
N GLN U 5 64.04 51.17 -47.52
CA GLN U 5 65.48 51.03 -47.38
C GLN U 5 65.85 50.86 -45.92
N GLU U 6 66.39 49.70 -45.57
CA GLU U 6 67.00 49.52 -44.26
C GLU U 6 68.33 50.26 -44.21
N SER U 7 68.70 50.72 -43.02
CA SER U 7 69.97 51.41 -42.82
C SER U 7 70.38 51.30 -41.37
N GLY U 8 71.64 50.89 -41.14
CA GLY U 8 72.17 50.71 -39.81
C GLY U 8 73.68 50.78 -39.76
N PRO U 9 74.24 50.97 -38.55
CA PRO U 9 75.71 51.02 -38.40
C PRO U 9 76.38 49.66 -38.61
N GLY U 10 75.83 48.60 -38.02
CA GLY U 10 76.29 47.26 -38.32
C GLY U 10 77.17 46.61 -37.27
N LEU U 11 78.13 47.36 -36.73
CA LEU U 11 79.06 46.82 -35.74
C LEU U 11 78.80 47.50 -34.41
N VAL U 12 78.23 46.74 -33.47
CA VAL U 12 77.80 47.26 -32.19
C VAL U 12 78.63 46.60 -31.09
N LYS U 13 79.06 47.39 -30.13
CA LYS U 13 79.68 46.82 -28.94
C LYS U 13 78.62 46.09 -28.12
N PRO U 14 79.02 45.07 -27.36
CA PRO U 14 78.09 44.45 -26.41
C PRO U 14 77.61 45.44 -25.36
N SER U 15 76.34 45.27 -24.96
CA SER U 15 75.61 46.15 -24.03
C SER U 15 75.63 47.60 -24.51
N GLU U 16 75.00 47.82 -25.67
CA GLU U 16 75.01 49.13 -26.28
C GLU U 16 73.67 49.42 -26.95
N THR U 17 73.46 50.69 -27.28
CA THR U 17 72.21 51.16 -27.88
C THR U 17 72.31 51.08 -29.39
N LEU U 18 71.46 50.27 -30.00
CA LEU U 18 71.41 50.17 -31.46
C LEU U 18 70.32 51.07 -32.01
N SER U 19 70.56 51.64 -33.19
CA SER U 19 69.58 52.42 -33.91
C SER U 19 69.50 51.94 -35.36
N LEU U 20 68.34 52.17 -35.98
CA LEU U 20 68.06 51.75 -37.34
C LEU U 20 67.10 52.73 -37.99
N THR U 21 67.26 52.93 -39.30
CA THR U 21 66.38 53.81 -40.04
C THR U 21 65.88 53.09 -41.29
N CYS U 22 64.72 53.53 -41.76
CA CYS U 22 64.06 52.88 -42.90
C CYS U 22 63.46 53.96 -43.78
N ASN U 23 63.93 54.03 -45.02
CA ASN U 23 63.52 55.07 -45.95
C ASN U 23 62.34 54.61 -46.80
N VAL U 24 61.52 55.57 -47.20
CA VAL U 24 60.27 55.30 -47.86
C VAL U 24 60.37 55.64 -49.34
N SER U 25 59.33 55.29 -50.09
CA SER U 25 59.16 55.76 -51.46
C SER U 25 57.67 55.84 -51.75
N GLY U 26 57.18 57.05 -52.02
CA GLY U 26 55.80 57.24 -52.44
C GLY U 26 54.81 57.33 -51.30
N THR U 27 54.44 56.19 -50.74
CA THR U 27 53.43 56.17 -49.69
C THR U 27 54.01 56.74 -48.40
N LEU U 28 53.32 57.73 -47.85
CA LEU U 28 53.80 58.43 -46.68
C LEU U 28 53.66 57.55 -45.44
N VAL U 29 54.30 57.99 -44.35
CA VAL U 29 54.36 57.21 -43.13
C VAL U 29 53.02 57.17 -42.40
N ARG U 30 52.10 58.09 -42.71
CA ARG U 30 50.81 58.12 -42.03
C ARG U 30 49.93 56.96 -42.45
N ASP U 31 50.13 56.46 -43.67
CA ASP U 31 49.15 55.57 -44.28
C ASP U 31 49.17 54.17 -43.68
N ASN U 32 50.35 53.62 -43.46
CA ASN U 32 50.49 52.18 -43.30
C ASN U 32 50.92 51.80 -41.89
N TYR U 33 50.47 50.63 -41.45
CA TYR U 33 51.06 49.99 -40.29
C TYR U 33 52.45 49.50 -40.65
N TRP U 34 53.44 49.85 -39.84
CA TRP U 34 54.83 49.46 -40.08
C TRP U 34 55.22 48.32 -39.16
N SER U 35 56.32 47.66 -39.50
CA SER U 35 56.78 46.54 -38.70
C SER U 35 58.28 46.39 -38.86
N TRP U 36 58.91 45.85 -37.82
CA TRP U 36 60.30 45.44 -37.83
C TRP U 36 60.41 43.96 -37.58
N ILE U 37 61.40 43.35 -38.27
CA ILE U 37 61.60 41.92 -38.35
C ILE U 37 63.10 41.65 -38.20
N ARG U 38 63.45 40.70 -37.32
CA ARG U 38 64.83 40.28 -37.10
C ARG U 38 64.98 38.84 -37.57
N GLN U 39 66.13 38.54 -38.19
CA GLN U 39 66.38 37.16 -38.58
C GLN U 39 67.86 36.82 -38.55
N PRO U 40 68.27 35.79 -37.81
CA PRO U 40 69.61 35.25 -37.98
C PRO U 40 69.61 34.11 -38.99
N LEU U 41 70.82 33.63 -39.28
CA LEU U 41 71.02 32.68 -40.37
C LEU U 41 70.46 31.31 -40.03
N GLY U 42 69.70 30.76 -40.98
CA GLY U 42 69.13 29.44 -40.80
C GLY U 42 68.06 29.36 -39.75
N LYS U 43 67.45 30.49 -39.39
CA LYS U 43 66.45 30.53 -38.35
C LYS U 43 65.13 30.98 -38.95
N GLN U 44 64.06 30.75 -38.20
CA GLN U 44 62.84 31.46 -38.51
C GLN U 44 63.04 32.93 -38.19
N PRO U 45 62.55 33.82 -39.03
CA PRO U 45 62.64 35.25 -38.72
C PRO U 45 61.72 35.58 -37.56
N GLU U 46 62.13 36.59 -36.80
CA GLU U 46 61.45 36.93 -35.57
C GLU U 46 60.80 38.29 -35.76
N TRP U 47 59.48 38.32 -35.65
CA TRP U 47 58.72 39.55 -35.76
C TRP U 47 59.02 40.40 -34.52
N ILE U 48 59.79 41.47 -34.71
CA ILE U 48 60.08 42.35 -33.57
C ILE U 48 58.84 43.10 -33.16
N GLY U 49 58.09 43.61 -34.11
CA GLY U 49 56.86 44.28 -33.72
C GLY U 49 56.31 45.17 -34.80
N TYR U 50 55.20 45.83 -34.46
CA TYR U 50 54.51 46.70 -35.40
C TYR U 50 54.16 48.01 -34.71
N VAL U 51 54.13 49.07 -35.52
CA VAL U 51 54.07 50.43 -35.04
C VAL U 51 53.23 51.27 -36.00
N HIS U 52 52.39 52.11 -35.43
CA HIS U 52 51.56 53.04 -36.19
C HIS U 52 51.12 54.14 -35.23
N ASP U 53 50.72 55.28 -35.79
CA ASP U 53 50.14 56.38 -35.04
C ASP U 53 48.85 55.96 -34.35
N SER U 54 48.42 56.78 -33.38
CA SER U 54 47.21 56.60 -32.56
C SER U 54 47.29 55.33 -31.72
N GLY U 55 48.41 55.14 -31.04
CA GLY U 55 48.55 54.07 -30.07
C GLY U 55 48.62 52.68 -30.63
N ASP U 56 48.81 52.54 -31.94
CA ASP U 56 48.87 51.23 -32.59
C ASP U 56 50.32 50.74 -32.55
N THR U 57 50.77 50.46 -31.34
CA THR U 57 52.19 50.28 -31.04
C THR U 57 52.42 49.12 -30.09
N ASN U 58 51.80 47.98 -30.35
CA ASN U 58 52.00 46.83 -29.49
C ASN U 58 53.32 46.13 -29.81
N TYR U 59 54.00 45.69 -28.77
CA TYR U 59 55.36 45.17 -28.91
C TYR U 59 55.41 43.67 -28.65
N ASN U 60 56.56 43.08 -28.98
CA ASN U 60 56.82 41.70 -28.64
C ASN U 60 57.04 41.59 -27.14
N PRO U 61 56.29 40.75 -26.42
CA PRO U 61 56.51 40.61 -24.97
C PRO U 61 57.75 39.85 -24.60
N SER U 62 58.55 39.38 -25.55
CA SER U 62 59.82 38.75 -25.22
C SER U 62 60.79 39.78 -24.66
N LEU U 63 61.15 40.77 -25.46
CA LEU U 63 62.10 41.80 -24.99
C LEU U 63 61.36 42.89 -24.23
N LYS U 64 60.54 43.66 -24.94
CA LYS U 64 59.43 44.48 -24.43
C LYS U 64 59.85 45.70 -23.61
N SER U 65 61.11 45.81 -23.29
CA SER U 65 61.51 46.90 -22.40
C SER U 65 62.65 47.73 -22.95
N ARG U 66 63.66 47.08 -23.54
CA ARG U 66 64.85 47.78 -23.97
C ARG U 66 64.80 48.19 -25.44
N VAL U 67 63.67 48.02 -26.10
CA VAL U 67 63.53 48.31 -27.52
C VAL U 67 62.38 49.30 -27.71
N HIS U 68 62.60 50.32 -28.53
CA HIS U 68 61.60 51.34 -28.83
C HIS U 68 61.49 51.50 -30.34
N LEU U 69 60.34 51.16 -30.88
CA LEU U 69 60.01 51.49 -32.26
C LEU U 69 59.49 52.91 -32.30
N SER U 70 59.65 53.57 -33.45
CA SER U 70 59.18 54.94 -33.61
C SER U 70 59.04 55.23 -35.09
N LEU U 71 58.48 56.39 -35.40
CA LEU U 71 58.34 56.83 -36.78
C LEU U 71 59.14 58.09 -37.01
N ASP U 72 59.02 58.65 -38.21
CA ASP U 72 59.63 59.92 -38.58
C ASP U 72 58.72 60.54 -39.65
N LYS U 73 57.84 61.43 -39.21
CA LYS U 73 56.92 62.07 -40.16
C LYS U 73 57.54 63.29 -40.83
N SER U 74 58.57 63.87 -40.23
CA SER U 74 59.25 65.02 -40.82
C SER U 74 60.02 64.60 -42.07
N LYS U 75 60.84 63.56 -41.95
CA LYS U 75 61.67 63.09 -43.05
C LYS U 75 61.11 61.86 -43.73
N ASN U 76 59.96 61.35 -43.25
CA ASN U 76 59.29 60.15 -43.76
C ASN U 76 60.23 58.94 -43.69
N LEU U 77 60.51 58.53 -42.45
CA LEU U 77 61.32 57.36 -42.19
C LEU U 77 60.70 56.54 -41.06
N VAL U 78 61.24 55.36 -40.83
CA VAL U 78 60.85 54.50 -39.73
C VAL U 78 62.08 54.28 -38.85
N SER U 79 61.93 54.50 -37.54
CA SER U 79 63.07 54.57 -36.65
C SER U 79 63.00 53.45 -35.63
N LEU U 80 64.18 52.95 -35.27
CA LEU U 80 64.30 51.90 -34.28
C LEU U 80 65.41 52.27 -33.32
N ARG U 81 65.14 52.14 -32.03
CA ARG U 81 66.11 52.37 -30.98
C ARG U 81 66.17 51.13 -30.11
N LEU U 82 67.36 50.75 -29.69
CA LEU U 82 67.53 49.69 -28.71
C LEU U 82 68.39 50.22 -27.57
N THR U 83 68.57 49.40 -26.55
CA THR U 83 69.42 49.73 -25.42
C THR U 83 70.02 48.45 -24.85
N GLY U 84 71.35 48.40 -24.80
CA GLY U 84 72.03 47.26 -24.21
C GLY U 84 72.02 46.01 -25.08
N VAL U 85 72.53 46.13 -26.31
CA VAL U 85 72.57 44.99 -27.21
C VAL U 85 73.68 44.05 -26.78
N THR U 86 73.33 42.80 -26.49
CA THR U 86 74.32 41.80 -26.16
C THR U 86 74.63 40.96 -27.41
N ALA U 87 75.34 39.85 -27.21
CA ALA U 87 75.78 39.02 -28.32
C ALA U 87 74.64 38.28 -29.00
N ALA U 88 73.47 38.20 -28.36
CA ALA U 88 72.37 37.42 -28.91
C ALA U 88 71.71 38.09 -30.11
N ASP U 89 71.90 39.39 -30.29
CA ASP U 89 71.16 40.11 -31.31
C ASP U 89 71.92 40.22 -32.63
N SER U 90 72.89 39.35 -32.88
CA SER U 90 73.59 39.33 -34.16
C SER U 90 72.66 38.76 -35.22
N ALA U 91 72.15 39.61 -36.10
CA ALA U 91 71.16 39.17 -37.08
C ALA U 91 71.09 40.21 -38.20
N ILE U 92 70.37 39.86 -39.24
CA ILE U 92 70.01 40.84 -40.27
C ILE U 92 68.62 41.35 -39.98
N TYR U 93 68.37 42.60 -40.32
CA TYR U 93 67.16 43.29 -39.92
C TYR U 93 66.40 43.78 -41.14
N TYR U 94 65.09 43.96 -40.94
CA TYR U 94 64.14 44.24 -42.01
C TYR U 94 63.05 45.17 -41.50
N CYS U 95 62.79 46.24 -42.22
CA CYS U 95 61.54 46.97 -42.03
C CYS U 95 60.54 46.56 -43.10
N ALA U 96 59.26 46.71 -42.79
CA ALA U 96 58.21 46.32 -43.73
C ALA U 96 56.93 47.06 -43.41
N THR U 97 55.99 47.01 -44.34
CA THR U 97 54.63 47.44 -44.11
C THR U 97 53.74 46.21 -43.90
N THR U 98 52.53 46.43 -43.42
CA THR U 98 51.65 45.29 -43.28
C THR U 98 50.19 45.66 -43.51
N LYS U 99 49.41 44.65 -43.87
CA LYS U 99 47.98 44.75 -44.07
C LYS U 99 47.26 43.86 -43.10
N HIS U 100 46.23 44.40 -42.45
CA HIS U 100 45.52 43.70 -41.39
C HIS U 100 44.16 43.21 -41.86
N GLY U 101 43.41 42.61 -40.95
CA GLY U 101 42.12 42.02 -41.30
C GLY U 101 41.37 41.33 -40.18
N ARG U 102 40.12 40.97 -40.45
CA ARG U 102 39.22 40.38 -39.46
C ARG U 102 38.99 38.91 -39.75
N ARG U 103 39.06 38.08 -38.72
CA ARG U 103 38.58 36.71 -38.77
C ARG U 103 37.41 36.59 -37.79
N ILE U 104 36.28 36.07 -38.28
CA ILE U 104 35.03 36.05 -37.55
C ILE U 104 34.54 34.63 -37.52
N TYR U 105 34.27 34.11 -36.32
CA TYR U 105 33.78 32.74 -36.19
C TYR U 105 32.38 32.67 -35.59
N GLY U 106 32.17 33.26 -34.44
CA GLY U 106 30.90 33.16 -33.75
C GLY U 106 30.09 34.43 -33.83
N VAL U 107 29.62 34.88 -32.67
CA VAL U 107 28.82 36.09 -32.61
C VAL U 107 29.72 37.30 -32.77
N VAL U 108 29.23 38.30 -33.48
CA VAL U 108 30.01 39.51 -33.68
C VAL U 108 30.01 40.37 -32.44
N ALA U 109 28.86 40.48 -31.78
CA ALA U 109 28.75 41.40 -30.65
C ALA U 109 29.46 40.92 -29.40
N PHE U 110 29.74 39.63 -29.28
CA PHE U 110 30.37 39.10 -28.08
C PHE U 110 31.87 39.01 -28.20
N LYS U 111 32.46 39.76 -29.14
CA LYS U 111 33.90 39.74 -29.44
C LYS U 111 34.42 38.35 -29.76
N GLU U 112 33.64 37.54 -30.46
CA GLU U 112 34.10 36.22 -30.88
C GLU U 112 34.72 36.30 -32.27
N TRP U 113 35.76 37.11 -32.37
CA TRP U 113 36.42 37.44 -33.62
C TRP U 113 37.71 38.16 -33.27
N PHE U 114 38.68 38.10 -34.19
CA PHE U 114 39.98 38.71 -33.91
C PHE U 114 40.56 39.32 -35.18
N THR U 115 41.72 39.95 -35.04
CA THR U 115 42.42 40.58 -36.14
C THR U 115 43.68 39.79 -36.45
N TYR U 116 44.07 39.82 -37.72
CA TYR U 116 45.30 39.23 -38.18
C TYR U 116 46.06 40.24 -39.02
N PHE U 117 47.33 39.93 -39.27
CA PHE U 117 48.21 40.78 -40.05
C PHE U 117 48.98 39.93 -41.04
N TYR U 118 49.55 40.60 -42.04
CA TYR U 118 50.57 39.99 -42.88
C TYR U 118 51.39 41.09 -43.52
N MET U 119 52.69 40.86 -43.64
CA MET U 119 53.62 41.82 -44.22
C MET U 119 53.66 41.62 -45.72
N ASP U 120 53.12 42.59 -46.47
CA ASP U 120 53.00 42.45 -47.91
C ASP U 120 54.35 42.62 -48.60
N VAL U 121 55.02 43.75 -48.36
CA VAL U 121 56.25 44.09 -49.06
C VAL U 121 57.39 44.16 -48.05
N TRP U 122 58.59 43.93 -48.55
CA TRP U 122 59.78 43.79 -47.72
C TRP U 122 60.81 44.80 -48.16
N GLY U 123 61.80 45.02 -47.31
CA GLY U 123 62.90 45.92 -47.63
C GLY U 123 64.06 45.17 -48.25
N LYS U 124 65.27 45.54 -47.82
CA LYS U 124 66.47 44.88 -48.29
C LYS U 124 67.22 44.14 -47.21
N GLY U 125 67.32 44.72 -46.02
CA GLY U 125 67.96 44.05 -44.91
C GLY U 125 69.29 44.64 -44.57
N THR U 126 69.73 44.47 -43.33
CA THR U 126 71.03 44.97 -42.89
C THR U 126 71.65 43.99 -41.91
N SER U 127 72.89 43.59 -42.16
CA SER U 127 73.57 42.59 -41.35
C SER U 127 74.21 43.25 -40.14
N VAL U 128 73.45 43.40 -39.07
CA VAL U 128 73.99 43.98 -37.84
C VAL U 128 74.64 42.88 -37.02
N THR U 129 75.94 43.03 -36.77
CA THR U 129 76.72 42.07 -36.02
C THR U 129 77.27 42.74 -34.76
N VAL U 130 76.90 42.21 -33.61
CA VAL U 130 77.35 42.70 -32.32
C VAL U 130 78.72 42.10 -32.04
N SER U 131 79.70 42.96 -31.76
CA SER U 131 81.06 42.48 -31.60
C SER U 131 81.83 43.40 -30.67
N SER U 132 82.79 42.83 -29.96
CA SER U 132 83.69 43.61 -29.11
C SER U 132 85.10 43.64 -29.70
N VAL V 5 63.11 17.43 -49.11
CA VAL V 5 61.81 17.15 -49.68
C VAL V 5 61.87 17.33 -51.19
N SER V 6 61.64 16.26 -51.95
CA SER V 6 61.92 16.24 -53.38
C SER V 6 60.85 15.50 -54.15
N VAL V 7 60.39 16.09 -55.26
CA VAL V 7 59.55 15.42 -56.24
C VAL V 7 60.04 15.78 -57.63
N ALA V 8 59.46 15.10 -58.63
CA ALA V 8 59.76 15.35 -60.03
C ALA V 8 59.22 16.72 -60.46
N PRO V 9 59.76 17.30 -61.54
CA PRO V 9 59.20 18.56 -62.04
C PRO V 9 57.82 18.38 -62.65
N GLY V 10 57.06 19.47 -62.64
CA GLY V 10 55.69 19.47 -63.10
C GLY V 10 54.70 18.83 -62.17
N GLN V 11 55.13 18.40 -60.99
CA GLN V 11 54.32 17.61 -60.07
C GLN V 11 53.79 18.47 -58.94
N THR V 12 53.17 17.81 -57.96
CA THR V 12 52.68 18.45 -56.75
C THR V 12 53.44 17.90 -55.56
N ALA V 13 53.87 18.80 -54.69
CA ALA V 13 54.52 18.46 -53.44
C ALA V 13 53.64 18.89 -52.27
N ARG V 14 53.84 18.21 -51.14
CA ARG V 14 53.05 18.40 -49.93
C ARG V 14 53.94 18.91 -48.83
N ILE V 15 53.60 20.07 -48.27
CA ILE V 15 54.45 20.78 -47.33
C ILE V 15 53.60 21.17 -46.13
N THR V 16 53.96 20.67 -44.96
CA THR V 16 53.27 20.98 -43.72
C THR V 16 54.23 21.63 -42.73
N CYS V 17 53.66 22.37 -41.78
CA CYS V 17 54.46 23.20 -40.89
C CYS V 17 53.65 23.52 -39.64
N GLY V 18 54.15 23.09 -38.49
CA GLY V 18 53.61 23.53 -37.21
C GLY V 18 52.68 22.56 -36.52
N GLU V 19 52.07 23.11 -35.46
CA GLU V 19 51.26 22.34 -34.52
C GLU V 19 49.96 21.86 -35.15
N GLU V 20 49.31 20.92 -34.48
CA GLU V 20 47.97 20.52 -34.86
C GLU V 20 46.97 21.62 -34.56
N SER V 21 45.86 21.63 -35.30
CA SER V 21 44.88 22.70 -35.16
C SER V 21 44.05 22.50 -33.91
N LEU V 22 43.66 23.62 -33.28
CA LEU V 22 42.83 23.59 -32.09
C LEU V 22 41.47 24.20 -32.35
N GLY V 23 41.43 25.46 -32.72
CA GLY V 23 40.17 26.11 -33.03
C GLY V 23 40.14 26.65 -34.45
N SER V 24 39.32 27.65 -34.71
CA SER V 24 39.33 28.30 -36.00
C SER V 24 40.62 29.10 -36.15
N ARG V 25 41.31 28.89 -37.27
CA ARG V 25 42.63 29.45 -37.45
C ARG V 25 42.71 30.18 -38.77
N SER V 26 43.69 31.08 -38.83
CA SER V 26 44.04 31.79 -40.05
C SER V 26 45.52 31.54 -40.27
N VAL V 27 45.85 31.01 -41.45
CA VAL V 27 47.23 30.66 -41.75
C VAL V 27 47.78 31.68 -42.74
N ILE V 28 49.11 31.80 -42.74
CA ILE V 28 49.82 32.72 -43.62
C ILE V 28 51.04 31.96 -44.14
N TRP V 29 51.26 31.99 -45.45
CA TRP V 29 52.40 31.32 -46.06
C TRP V 29 53.33 32.32 -46.70
N TYR V 30 54.60 32.30 -46.29
CA TYR V 30 55.65 33.14 -46.82
C TYR V 30 56.72 32.28 -47.48
N GLN V 31 57.40 32.84 -48.47
CA GLN V 31 58.48 32.15 -49.15
C GLN V 31 59.70 33.04 -49.21
N GLN V 32 60.85 32.41 -49.49
CA GLN V 32 62.11 33.13 -49.46
C GLN V 32 63.10 32.43 -50.37
N ARG V 33 63.56 33.13 -51.38
CA ARG V 33 64.66 32.62 -52.18
C ARG V 33 65.97 32.88 -51.44
N PRO V 34 66.96 31.99 -51.58
CA PRO V 34 68.21 32.14 -50.81
C PRO V 34 69.01 33.34 -51.26
N GLY V 35 69.62 34.02 -50.28
CA GLY V 35 70.37 35.22 -50.54
C GLY V 35 69.54 36.48 -50.67
N GLN V 36 68.23 36.36 -50.83
CA GLN V 36 67.36 37.49 -51.12
C GLN V 36 66.47 37.81 -49.94
N ALA V 37 65.59 38.78 -50.14
CA ALA V 37 64.66 39.22 -49.11
C ALA V 37 63.50 38.23 -49.01
N PRO V 38 62.75 38.23 -47.91
CA PRO V 38 61.54 37.39 -47.84
C PRO V 38 60.45 37.90 -48.77
N SER V 39 59.36 37.13 -48.85
CA SER V 39 58.36 37.36 -49.87
C SER V 39 57.06 36.68 -49.48
N LEU V 40 55.93 37.28 -49.86
CA LEU V 40 54.63 36.70 -49.55
C LEU V 40 54.23 35.69 -50.62
N ILE V 41 53.41 34.70 -50.21
CA ILE V 41 52.66 33.87 -51.14
C ILE V 41 51.17 33.91 -50.86
N ILE V 42 50.76 33.46 -49.68
CA ILE V 42 49.34 33.22 -49.39
C ILE V 42 48.99 33.95 -48.10
N TYR V 43 48.00 34.85 -48.16
CA TYR V 43 47.73 35.69 -47.00
C TYR V 43 46.57 35.21 -46.14
N ASN V 44 45.47 34.77 -46.72
CA ASN V 44 44.48 34.06 -45.94
C ASN V 44 44.76 32.57 -46.07
N ASN V 45 43.78 31.75 -45.71
CA ASN V 45 43.99 30.31 -45.77
C ASN V 45 44.07 29.80 -47.20
N ASN V 46 43.32 30.41 -48.12
CA ASN V 46 43.40 30.01 -49.51
C ASN V 46 43.34 31.21 -50.44
N ASP V 47 43.83 32.35 -49.97
CA ASP V 47 43.76 33.57 -50.76
C ASP V 47 45.16 34.12 -50.97
N ARG V 48 45.39 34.65 -52.17
CA ARG V 48 46.69 35.11 -52.61
C ARG V 48 46.53 36.51 -53.17
N PRO V 49 47.56 37.35 -53.10
CA PRO V 49 47.45 38.70 -53.62
C PRO V 49 47.55 38.68 -55.14
N SER V 50 47.20 39.82 -55.74
CA SER V 50 47.25 39.95 -57.18
C SER V 50 48.70 40.03 -57.64
N GLY V 51 48.92 39.58 -58.88
CA GLY V 51 50.27 39.47 -59.40
C GLY V 51 50.98 38.20 -59.00
N ILE V 52 50.30 37.29 -58.31
CA ILE V 52 50.92 36.03 -57.89
C ILE V 52 50.19 34.92 -58.63
N PRO V 53 50.86 33.86 -59.02
CA PRO V 53 50.21 32.82 -59.82
C PRO V 53 49.34 31.93 -58.95
N ASP V 54 48.56 31.08 -59.63
CA ASP V 54 47.76 30.05 -58.97
C ASP V 54 48.59 28.81 -58.70
N ARG V 55 47.91 27.67 -58.49
CA ARG V 55 48.44 26.31 -58.30
C ARG V 55 49.09 26.17 -56.94
N PHE V 56 48.68 26.99 -55.97
CA PHE V 56 49.16 26.88 -54.59
C PHE V 56 47.94 26.55 -53.74
N SER V 57 47.81 25.28 -53.38
CA SER V 57 46.66 24.81 -52.62
C SER V 57 46.92 24.93 -51.12
N GLY V 58 46.00 25.60 -50.42
CA GLY V 58 46.06 25.73 -48.99
C GLY V 58 44.93 24.94 -48.32
N SER V 59 44.99 24.92 -47.01
CA SER V 59 43.96 24.16 -46.31
C SER V 59 42.81 25.07 -45.86
N PRO V 60 41.60 24.54 -45.81
CA PRO V 60 40.52 25.26 -45.13
C PRO V 60 40.81 25.40 -43.64
N GLY V 61 40.22 26.43 -43.05
CA GLY V 61 40.49 26.73 -41.66
C GLY V 61 39.51 26.12 -40.67
N SER V 62 38.39 25.61 -41.18
CA SER V 62 37.34 25.11 -40.30
C SER V 62 37.66 23.76 -39.67
N THR V 63 38.57 23.00 -40.25
CA THR V 63 38.81 21.64 -39.79
C THR V 63 39.64 21.63 -38.52
N PHE V 64 39.15 20.90 -37.51
CA PHE V 64 39.74 20.89 -36.18
C PHE V 64 40.58 19.64 -35.98
N GLY V 65 41.70 19.80 -35.30
CA GLY V 65 42.55 18.65 -35.04
C GLY V 65 43.29 18.17 -36.27
N THR V 66 43.66 19.07 -37.16
CA THR V 66 44.41 18.75 -38.37
C THR V 66 45.70 19.54 -38.39
N THR V 67 46.50 19.31 -39.43
CA THR V 67 47.74 20.03 -39.62
C THR V 67 47.65 20.85 -40.89
N ALA V 68 48.20 22.06 -40.86
CA ALA V 68 48.17 22.93 -42.02
C ALA V 68 49.11 22.40 -43.09
N THR V 69 48.61 22.27 -44.30
CA THR V 69 49.38 21.77 -45.43
C THR V 69 49.63 22.88 -46.43
N LEU V 70 50.42 22.57 -47.44
CA LEU V 70 50.63 23.47 -48.57
C LEU V 70 51.03 22.61 -49.75
N THR V 71 50.20 22.60 -50.79
CA THR V 71 50.41 21.75 -51.96
C THR V 71 50.82 22.60 -53.15
N ILE V 72 51.98 22.31 -53.72
CA ILE V 72 52.50 23.03 -54.87
C ILE V 72 52.34 22.14 -56.10
N THR V 73 51.61 22.64 -57.10
CA THR V 73 51.39 21.91 -58.33
C THR V 73 52.06 22.64 -59.48
N SER V 74 52.52 21.85 -60.47
CA SER V 74 53.26 22.31 -61.64
C SER V 74 54.54 23.05 -61.22
N VAL V 75 55.38 22.31 -60.53
CA VAL V 75 56.60 22.85 -59.93
C VAL V 75 57.65 23.14 -61.00
N GLU V 76 58.68 23.88 -60.62
CA GLU V 76 59.79 24.19 -61.52
C GLU V 76 61.03 24.50 -60.68
N ALA V 77 62.10 24.86 -61.38
CA ALA V 77 63.37 25.18 -60.72
C ALA V 77 63.30 26.51 -59.99
N GLY V 78 62.52 27.47 -60.52
CA GLY V 78 62.34 28.74 -59.83
C GLY V 78 61.58 28.63 -58.54
N ASP V 79 60.87 27.53 -58.32
CA ASP V 79 60.10 27.34 -57.10
C ASP V 79 60.95 26.89 -55.91
N GLU V 80 62.27 26.84 -56.06
CA GLU V 80 63.15 26.41 -54.98
C GLU V 80 63.28 27.51 -53.93
N ALA V 81 62.36 27.52 -52.97
CA ALA V 81 62.34 28.58 -51.98
C ALA V 81 62.07 28.00 -50.60
N ASP V 82 62.78 28.53 -49.61
CA ASP V 82 62.52 28.20 -48.23
C ASP V 82 61.16 28.72 -47.82
N TYR V 83 60.38 27.89 -47.15
CA TYR V 83 59.01 28.23 -46.84
C TYR V 83 58.83 28.44 -45.35
N TYR V 84 57.85 29.26 -45.02
CA TYR V 84 57.58 29.60 -43.63
C TYR V 84 56.09 29.73 -43.43
N CYS V 85 55.59 28.98 -42.46
CA CYS V 85 54.20 29.08 -42.06
C CYS V 85 54.07 30.09 -40.93
N HIS V 86 52.85 30.60 -40.78
CA HIS V 86 52.56 31.53 -39.71
C HIS V 86 51.11 31.29 -39.33
N ILE V 87 50.88 30.64 -38.21
CA ILE V 87 49.55 30.27 -37.83
C ILE V 87 49.00 31.26 -36.82
N TRP V 88 47.69 31.43 -36.83
CA TRP V 88 46.99 32.25 -35.85
C TRP V 88 45.79 31.44 -35.42
N ASP V 89 45.79 30.96 -34.19
CA ASP V 89 44.66 30.22 -33.64
C ASP V 89 43.83 31.15 -32.77
N SER V 90 42.54 30.83 -32.67
CA SER V 90 41.66 31.51 -31.73
C SER V 90 41.67 30.89 -30.34
N ARG V 91 42.63 30.03 -30.02
CA ARG V 91 42.71 29.52 -28.66
C ARG V 91 44.10 29.72 -28.08
N ARG V 92 45.09 29.74 -28.92
CA ARG V 92 46.46 29.91 -28.46
C ARG V 92 46.87 31.37 -28.54
N PRO V 93 47.88 31.79 -27.78
CA PRO V 93 48.32 33.19 -27.88
C PRO V 93 49.09 33.50 -29.15
N THR V 94 49.55 34.75 -29.25
CA THR V 94 50.11 35.26 -30.50
C THR V 94 51.55 34.79 -30.68
N ASN V 95 51.83 34.13 -31.79
CA ASN V 95 53.17 33.63 -32.06
C ASN V 95 54.00 34.75 -32.65
N TRP V 96 54.96 35.25 -31.87
CA TRP V 96 55.83 36.32 -32.33
C TRP V 96 57.04 35.80 -33.10
N VAL V 97 57.16 34.49 -33.28
CA VAL V 97 58.21 33.92 -34.10
C VAL V 97 57.56 33.10 -35.21
N PHE V 98 58.32 32.83 -36.26
CA PHE V 98 57.79 32.09 -37.38
C PHE V 98 58.01 30.59 -37.21
N GLY V 99 57.36 29.81 -38.07
CA GLY V 99 57.45 28.38 -38.00
C GLY V 99 58.76 27.87 -38.55
N GLU V 100 58.86 26.55 -38.59
CA GLU V 100 60.09 25.91 -39.02
C GLU V 100 60.15 25.87 -40.54
N GLY V 101 61.33 26.17 -41.06
CA GLY V 101 61.51 26.16 -42.50
C GLY V 101 61.50 24.76 -43.06
N THR V 102 60.90 24.62 -44.25
CA THR V 102 60.85 23.35 -44.97
C THR V 102 61.42 23.62 -46.35
N THR V 103 62.72 23.39 -46.52
CA THR V 103 63.35 23.70 -47.80
C THR V 103 62.97 22.66 -48.84
N LEU V 104 62.69 23.14 -50.04
CA LEU V 104 62.36 22.27 -51.17
C LEU V 104 63.61 22.03 -52.00
N ILE V 105 63.78 20.79 -52.45
CA ILE V 105 64.88 20.41 -53.32
C ILE V 105 64.25 19.84 -54.58
N VAL V 106 64.26 20.61 -55.65
CA VAL V 106 63.49 20.27 -56.84
C VAL V 106 64.27 19.29 -57.70
N LEU V 107 63.56 18.61 -58.59
CA LEU V 107 64.18 17.79 -59.61
C LEU V 107 63.98 18.48 -60.95
N GLN W 1 4.39 30.76 18.78
CA GLN W 1 4.18 32.20 18.69
C GLN W 1 5.13 32.82 17.69
N VAL W 2 4.77 34.00 17.22
CA VAL W 2 5.53 34.71 16.20
C VAL W 2 6.39 35.74 16.92
N GLN W 3 7.65 35.84 16.54
CA GLN W 3 8.54 36.81 17.16
C GLN W 3 9.46 37.43 16.12
N LEU W 4 9.61 38.75 16.22
CA LEU W 4 10.57 39.51 15.43
C LEU W 4 11.51 40.25 16.36
N VAL W 5 12.75 40.43 15.92
CA VAL W 5 13.74 41.16 16.69
C VAL W 5 14.47 42.10 15.75
N GLN W 6 14.49 43.38 16.10
CA GLN W 6 15.25 44.38 15.35
C GLN W 6 16.58 44.65 16.02
N SER W 7 17.33 45.58 15.46
CA SER W 7 18.66 45.90 15.93
C SER W 7 18.63 47.14 16.82
N GLY W 8 19.80 47.51 17.34
CA GLY W 8 19.91 48.65 18.22
C GLY W 8 19.89 49.97 17.47
N ALA W 9 19.70 51.04 18.23
CA ALA W 9 19.58 52.38 17.66
C ALA W 9 20.91 52.87 17.15
N VAL W 10 20.87 53.92 16.33
CA VAL W 10 22.06 54.34 15.62
C VAL W 10 21.95 55.83 15.25
N ILE W 11 23.10 56.51 15.36
CA ILE W 11 23.29 57.86 14.88
C ILE W 11 24.33 57.80 13.78
N LYS W 12 24.08 58.49 12.68
CA LYS W 12 24.98 58.43 11.54
C LYS W 12 25.26 59.81 11.00
N THR W 13 26.42 59.95 10.38
CA THR W 13 26.80 61.14 9.68
C THR W 13 26.00 61.23 8.39
N PRO W 14 25.83 62.43 7.82
CA PRO W 14 25.13 62.52 6.53
C PRO W 14 25.96 61.93 5.41
N GLY W 15 25.27 61.35 4.43
CA GLY W 15 25.94 60.67 3.35
C GLY W 15 26.59 59.36 3.75
N SER W 16 25.94 58.59 4.62
CA SER W 16 26.48 57.33 5.10
C SER W 16 25.61 56.18 4.64
N SER W 17 25.91 54.99 5.14
CA SER W 17 25.18 53.77 4.80
C SER W 17 24.81 53.05 6.08
N VAL W 18 23.62 52.44 6.09
CA VAL W 18 23.11 51.81 7.29
C VAL W 18 22.52 50.45 6.91
N LYS W 19 22.86 49.42 7.67
CA LYS W 19 22.37 48.08 7.44
C LYS W 19 21.67 47.58 8.68
N ILE W 20 20.41 47.18 8.53
CA ILE W 20 19.53 46.84 9.64
C ILE W 20 19.08 45.40 9.49
N SER W 21 19.30 44.61 10.53
CA SER W 21 18.83 43.23 10.52
C SER W 21 17.45 43.14 11.14
N CYS W 22 16.69 42.15 10.67
CA CYS W 22 15.39 41.82 11.23
C CYS W 22 15.35 40.31 11.32
N ARG W 23 15.41 39.78 12.54
CA ARG W 23 15.51 38.35 12.77
C ARG W 23 14.14 37.80 13.12
N ALA W 24 13.74 36.74 12.44
CA ALA W 24 12.40 36.18 12.61
C ALA W 24 12.50 34.78 13.19
N SER W 25 11.62 34.50 14.15
CA SER W 25 11.61 33.19 14.77
C SER W 25 10.21 32.83 15.19
N GLY W 26 9.88 31.55 15.01
CA GLY W 26 8.62 31.01 15.47
C GLY W 26 7.70 30.51 14.39
N TYR W 27 8.10 30.53 13.14
CA TYR W 27 7.27 30.03 12.06
C TYR W 27 8.16 29.64 10.90
N ASN W 28 7.59 28.93 9.94
CA ASN W 28 8.33 28.51 8.76
C ASN W 28 8.64 29.72 7.89
N PHE W 29 9.91 30.08 7.78
CA PHE W 29 10.29 31.33 7.13
C PHE W 29 10.09 31.30 5.63
N ARG W 30 10.04 30.14 5.02
CA ARG W 30 9.98 30.08 3.58
C ARG W 30 8.59 30.34 3.01
N ASP W 31 7.64 30.85 3.78
CA ASP W 31 6.26 30.91 3.32
C ASP W 31 5.59 32.26 3.46
N TYR W 32 6.28 33.30 3.91
CA TYR W 32 5.62 34.55 4.19
C TYR W 32 6.45 35.73 3.73
N SER W 33 5.76 36.77 3.30
CA SER W 33 6.43 37.99 2.92
C SER W 33 6.96 38.71 4.15
N ILE W 34 7.83 39.68 3.92
CA ILE W 34 8.32 40.56 4.97
C ILE W 34 8.26 41.97 4.41
N HIS W 35 7.66 42.89 5.13
CA HIS W 35 7.59 44.26 4.64
C HIS W 35 8.41 45.18 5.53
N TRP W 36 8.96 46.23 4.93
CA TRP W 36 9.67 47.29 5.62
C TRP W 36 8.92 48.59 5.50
N VAL W 37 8.76 49.30 6.63
CA VAL W 37 8.00 50.53 6.71
C VAL W 37 8.71 51.50 7.64
N ARG W 38 8.42 52.78 7.47
CA ARG W 38 9.07 53.86 8.20
C ARG W 38 8.04 54.76 8.83
N LEU W 39 8.47 55.51 9.86
CA LEU W 39 7.60 56.42 10.59
C LEU W 39 8.39 57.67 10.97
N ILE W 40 8.04 58.79 10.37
CA ILE W 40 8.66 60.08 10.65
C ILE W 40 7.69 60.90 11.50
N PRO W 41 8.16 61.73 12.42
CA PRO W 41 7.28 62.71 13.07
C PRO W 41 6.71 63.68 12.05
N ASP W 42 5.44 64.05 12.27
CA ASP W 42 4.65 64.94 11.41
C ASP W 42 4.54 64.41 9.98
N LYS W 43 4.55 63.10 9.81
CA LYS W 43 4.43 62.51 8.50
C LYS W 43 3.46 61.34 8.42
N GLY W 44 3.14 60.71 9.53
CA GLY W 44 2.41 59.48 9.45
C GLY W 44 3.29 58.37 8.91
N PHE W 45 2.63 57.31 8.46
CA PHE W 45 3.38 56.19 7.96
C PHE W 45 3.69 56.35 6.49
N GLU W 46 4.68 55.60 6.02
CA GLU W 46 5.13 55.67 4.65
C GLU W 46 5.76 54.34 4.29
N TRP W 47 5.19 53.65 3.31
CA TRP W 47 5.58 52.29 3.00
C TRP W 47 6.86 52.28 2.21
N ILE W 48 7.76 51.35 2.55
CA ILE W 48 8.99 51.27 1.77
C ILE W 48 8.90 50.12 0.80
N GLY W 49 8.85 48.89 1.31
CA GLY W 49 9.06 47.81 0.35
C GLY W 49 8.75 46.45 0.90
N TRP W 50 8.79 45.45 0.02
CA TRP W 50 8.41 44.11 0.43
C TRP W 50 9.30 43.08 -0.24
N ILE W 51 9.50 41.96 0.45
CA ILE W 51 10.44 40.94 -0.01
C ILE W 51 9.88 39.56 0.32
N LYS W 52 9.89 38.68 -0.69
CA LYS W 52 9.58 37.27 -0.51
C LYS W 52 10.88 36.50 -0.45
N PRO W 53 11.10 35.68 0.57
CA PRO W 53 12.42 35.10 0.79
C PRO W 53 12.64 33.77 0.10
N LEU W 54 11.64 33.21 -0.58
CA LEU W 54 11.80 31.92 -1.23
C LEU W 54 12.78 32.01 -2.39
N TRP W 55 12.78 33.13 -3.09
CA TRP W 55 13.84 33.42 -4.03
C TRP W 55 14.40 34.81 -3.81
N GLY W 56 13.99 35.49 -2.75
CA GLY W 56 14.47 36.84 -2.52
C GLY W 56 13.91 37.85 -3.49
N ALA W 57 12.69 37.64 -3.98
CA ALA W 57 12.11 38.58 -4.92
C ALA W 57 11.65 39.82 -4.17
N VAL W 58 12.15 40.98 -4.58
CA VAL W 58 11.88 42.20 -3.84
C VAL W 58 11.08 43.15 -4.70
N SER W 59 10.56 44.18 -4.05
CA SER W 59 10.06 45.36 -4.74
C SER W 59 10.13 46.55 -3.82
N TYR W 60 10.55 47.68 -4.37
CA TYR W 60 10.75 48.92 -3.64
C TYR W 60 9.72 49.94 -4.09
N ALA W 61 9.54 50.98 -3.27
CA ALA W 61 8.65 52.06 -3.66
C ALA W 61 9.29 52.90 -4.75
N ARG W 62 8.47 53.74 -5.40
CA ARG W 62 8.98 54.47 -6.55
C ARG W 62 9.79 55.68 -6.13
N GLN W 63 9.38 56.40 -5.10
CA GLN W 63 10.09 57.61 -4.72
C GLN W 63 11.33 57.33 -3.89
N LEU W 64 11.66 56.07 -3.66
CA LEU W 64 12.85 55.70 -2.92
C LEU W 64 13.76 54.78 -3.72
N GLN W 65 13.58 54.72 -5.03
CA GLN W 65 14.33 53.77 -5.82
C GLN W 65 15.76 54.23 -6.00
N GLY W 66 16.66 53.26 -6.18
CA GLY W 66 18.07 53.55 -6.33
C GLY W 66 18.80 53.83 -5.05
N ARG W 67 18.14 53.76 -3.91
CA ARG W 67 18.79 54.09 -2.65
C ARG W 67 18.60 53.03 -1.58
N VAL W 68 18.14 51.83 -1.92
CA VAL W 68 17.83 50.83 -0.91
C VAL W 68 18.08 49.45 -1.50
N SER W 69 18.29 48.48 -0.61
CA SER W 69 18.51 47.10 -1.05
C SER W 69 18.11 46.14 0.05
N MET W 70 17.39 45.09 -0.31
CA MET W 70 16.90 44.09 0.63
C MET W 70 17.46 42.72 0.27
N THR W 71 18.11 42.07 1.23
CA THR W 71 18.60 40.71 1.04
C THR W 71 18.02 39.83 2.13
N ARG W 72 18.25 38.52 2.00
CA ARG W 72 17.80 37.59 3.02
C ARG W 72 18.84 36.50 3.22
N GLN W 73 18.73 35.81 4.35
CA GLN W 73 19.49 34.61 4.61
C GLN W 73 18.57 33.58 5.25
N LEU W 74 18.44 32.43 4.61
CA LEU W 74 17.60 31.36 5.10
C LEU W 74 18.36 30.53 6.12
N SER W 75 17.70 29.49 6.60
CA SER W 75 18.27 28.52 7.52
C SER W 75 18.39 27.19 6.81
N GLN W 76 19.60 26.66 6.75
CA GLN W 76 19.87 25.45 5.99
C GLN W 76 20.43 24.39 6.92
N ASP W 77 19.54 23.60 7.52
CA ASP W 77 19.80 22.40 8.31
C ASP W 77 18.47 21.75 8.60
N PRO W 78 18.39 20.43 8.75
CA PRO W 78 17.12 19.79 9.10
C PRO W 78 16.78 19.82 10.58
N ASP W 79 17.46 20.64 11.36
CA ASP W 79 17.21 20.74 12.79
C ASP W 79 16.27 21.88 13.12
N ASP W 80 16.60 23.10 12.71
CA ASP W 80 15.79 24.28 12.99
C ASP W 80 15.41 24.94 11.68
N PRO W 81 14.38 24.42 11.00
CA PRO W 81 14.01 24.95 9.70
C PRO W 81 13.15 26.19 9.74
N ASP W 82 13.05 26.88 10.87
CA ASP W 82 12.09 27.96 10.98
C ASP W 82 12.70 29.35 10.97
N TRP W 83 13.80 29.59 11.66
CA TRP W 83 14.30 30.95 11.85
C TRP W 83 14.88 31.51 10.55
N GLY W 84 14.93 32.83 10.47
CA GLY W 84 15.43 33.45 9.25
C GLY W 84 15.87 34.88 9.49
N VAL W 85 16.66 35.42 8.57
CA VAL W 85 17.22 36.75 8.73
C VAL W 85 16.91 37.58 7.49
N ALA W 86 16.34 38.77 7.68
CA ALA W 86 16.20 39.74 6.60
C ALA W 86 17.16 40.88 6.84
N TYR W 87 17.70 41.42 5.75
CA TYR W 87 18.66 42.51 5.83
C TYR W 87 18.15 43.65 4.98
N MET W 88 18.01 44.83 5.57
CA MET W 88 17.74 46.04 4.81
C MET W 88 19.00 46.88 4.78
N GLU W 89 19.21 47.58 3.69
CA GLU W 89 20.41 48.40 3.53
C GLU W 89 20.02 49.68 2.85
N PHE W 90 20.49 50.80 3.39
CA PHE W 90 20.02 52.12 3.01
C PHE W 90 21.24 53.01 2.81
N SER W 91 21.31 53.64 1.63
CA SER W 91 22.43 54.48 1.24
C SER W 91 21.93 55.85 0.85
N GLY W 92 22.87 56.79 0.78
CA GLY W 92 22.53 58.16 0.46
C GLY W 92 21.73 58.83 1.54
N LEU W 93 22.32 58.94 2.72
CA LEU W 93 21.58 59.39 3.89
C LEU W 93 21.47 60.91 3.92
N THR W 94 20.27 61.39 4.20
CA THR W 94 19.94 62.81 4.33
C THR W 94 19.52 63.11 5.77
N PRO W 95 19.53 64.37 6.19
CA PRO W 95 19.00 64.69 7.53
C PRO W 95 17.51 64.50 7.66
N ALA W 96 16.77 64.39 6.57
CA ALA W 96 15.33 64.18 6.66
C ALA W 96 14.98 62.76 7.06
N ASP W 97 15.94 61.86 7.16
CA ASP W 97 15.69 60.46 7.49
C ASP W 97 15.55 60.20 8.98
N THR W 98 15.43 61.25 9.80
CA THR W 98 15.28 61.09 11.24
C THR W 98 13.95 60.43 11.56
N ALA W 99 13.97 59.14 11.91
CA ALA W 99 12.71 58.42 11.91
C ALA W 99 12.83 57.16 12.77
N GLU W 100 11.80 56.31 12.70
CA GLU W 100 11.86 54.99 13.29
C GLU W 100 11.41 53.97 12.25
N TYR W 101 12.15 52.86 12.16
CA TYR W 101 11.92 51.85 11.15
C TYR W 101 11.37 50.57 11.76
N PHE W 102 10.54 49.87 10.98
CA PHE W 102 9.83 48.68 11.43
C PHE W 102 9.80 47.64 10.32
N CYS W 103 9.97 46.37 10.70
CA CYS W 103 9.76 45.24 9.80
C CYS W 103 8.55 44.47 10.28
N VAL W 104 7.64 44.13 9.37
CA VAL W 104 6.35 43.56 9.74
C VAL W 104 6.07 42.30 8.95
N ARG W 105 5.18 41.49 9.52
CA ARG W 105 4.61 40.31 8.86
C ARG W 105 3.10 40.35 8.96
N ARG W 106 2.44 39.88 7.91
CA ARG W 106 1.00 39.97 7.82
C ARG W 106 0.32 38.91 8.70
N GLY W 107 -1.00 39.04 8.80
CA GLY W 107 -1.78 38.02 9.47
C GLY W 107 -1.92 36.77 8.63
N SER W 108 -2.27 35.67 9.30
CA SER W 108 -2.26 34.35 8.69
C SER W 108 -3.65 33.71 8.67
N CYS W 109 -4.66 34.49 8.32
CA CYS W 109 -6.01 33.93 8.25
C CYS W 109 -6.39 33.70 6.79
N ASP W 110 -7.65 33.30 6.57
CA ASP W 110 -8.12 33.02 5.23
C ASP W 110 -8.35 34.28 4.43
N TYR W 111 -9.18 35.18 4.94
CA TYR W 111 -9.42 36.46 4.30
C TYR W 111 -8.36 37.49 4.62
N CYS W 112 -7.27 37.08 5.25
CA CYS W 112 -6.12 37.96 5.41
C CYS W 112 -5.56 38.31 4.05
N GLY W 113 -5.41 39.60 3.80
CA GLY W 113 -4.83 40.00 2.55
C GLY W 113 -3.32 39.97 2.63
N ASP W 114 -2.68 41.03 2.22
CA ASP W 114 -1.23 41.11 2.38
C ASP W 114 -0.80 42.31 3.17
N PHE W 115 -1.42 43.42 2.96
CA PHE W 115 -1.12 44.66 3.67
C PHE W 115 -1.57 44.75 5.14
N PRO W 116 -2.66 44.07 5.62
CA PRO W 116 -2.92 44.14 7.06
C PRO W 116 -1.90 43.42 7.92
N TRP W 117 -0.80 44.09 8.22
CA TRP W 117 0.33 43.48 8.92
C TRP W 117 -0.01 43.23 10.37
N GLN W 118 0.11 41.98 10.80
CA GLN W 118 -0.21 41.63 12.19
C GLN W 118 0.97 41.84 13.12
N TYR W 119 2.09 41.18 12.86
CA TYR W 119 3.18 41.14 13.83
C TYR W 119 4.24 42.15 13.47
N TRP W 120 4.77 42.82 14.49
CA TRP W 120 5.68 43.94 14.32
C TRP W 120 6.95 43.71 15.10
N CYS W 121 7.99 44.45 14.74
CA CYS W 121 9.21 44.48 15.53
C CYS W 121 9.14 45.63 16.52
N GLN W 122 10.15 45.74 17.37
CA GLN W 122 10.12 46.77 18.40
C GLN W 122 10.66 48.10 17.92
N GLY W 123 11.03 48.22 16.65
CA GLY W 123 11.33 49.52 16.10
C GLY W 123 12.73 50.02 16.38
N THR W 124 13.40 50.53 15.36
CA THR W 124 14.74 51.07 15.53
C THR W 124 14.72 52.54 15.16
N VAL W 125 15.16 53.39 16.08
CA VAL W 125 15.20 54.82 15.87
C VAL W 125 16.52 55.17 15.20
N VAL W 126 16.45 55.98 14.15
CA VAL W 126 17.63 56.33 13.38
C VAL W 126 17.72 57.85 13.32
N VAL W 127 18.87 58.38 13.75
CA VAL W 127 19.12 59.81 13.75
C VAL W 127 20.32 60.10 12.86
N VAL W 128 20.15 61.04 11.92
CA VAL W 128 21.21 61.42 11.01
C VAL W 128 21.67 62.83 11.34
N SER W 129 22.95 62.96 11.70
CA SER W 129 23.59 64.26 11.91
C SER W 129 25.10 64.18 11.81
N GLU X 1 -3.13 58.26 -7.44
CA GLU X 1 -2.90 57.54 -6.20
C GLU X 1 -4.05 57.77 -5.22
N ILE X 2 -4.41 56.74 -4.49
CA ILE X 2 -5.56 56.77 -3.58
C ILE X 2 -5.14 57.54 -2.34
N VAL X 3 -5.87 58.59 -2.04
CA VAL X 3 -5.60 59.41 -0.86
C VAL X 3 -6.78 59.28 0.09
N LEU X 4 -6.48 59.06 1.36
CA LEU X 4 -7.49 58.92 2.40
C LEU X 4 -7.65 60.24 3.13
N THR X 5 -8.88 60.55 3.53
CA THR X 5 -9.18 61.74 4.30
C THR X 5 -9.75 61.33 5.64
N GLN X 6 -9.22 61.91 6.72
CA GLN X 6 -9.62 61.60 8.08
C GLN X 6 -10.51 62.70 8.62
N SER X 7 -11.52 62.32 9.40
CA SER X 7 -12.56 63.20 9.89
C SER X 7 -12.80 62.89 11.36
N PRO X 8 -13.61 63.69 12.05
CA PRO X 8 -13.11 64.78 12.89
C PRO X 8 -11.68 64.69 13.39
N GLY X 9 -11.23 63.59 13.97
CA GLY X 9 -9.85 63.61 14.38
C GLY X 9 -9.65 64.03 15.81
N ILE X 10 -9.39 65.32 16.03
CA ILE X 10 -9.18 65.85 17.37
C ILE X 10 -10.50 65.80 18.12
N LEU X 11 -10.62 64.87 19.06
CA LEU X 11 -11.89 64.54 19.68
C LEU X 11 -11.67 64.29 21.15
N SER X 12 -12.23 65.16 22.01
CA SER X 12 -12.03 65.08 23.45
C SER X 12 -13.35 64.71 24.11
N LEU X 13 -13.34 63.62 24.88
CA LEU X 13 -14.54 63.12 25.51
C LEU X 13 -14.20 62.51 26.87
N SER X 14 -15.24 62.15 27.59
CA SER X 14 -15.23 61.54 28.91
C SER X 14 -15.34 60.03 28.80
N PRO X 15 -14.96 59.29 29.84
CA PRO X 15 -15.13 57.83 29.82
C PRO X 15 -16.59 57.40 29.78
N GLY X 16 -16.78 56.12 29.49
CA GLY X 16 -18.09 55.50 29.55
C GLY X 16 -19.00 55.79 28.37
N GLU X 17 -18.60 56.64 27.43
CA GLU X 17 -19.45 57.02 26.32
C GLU X 17 -19.12 56.20 25.08
N THR X 18 -19.68 56.60 23.93
CA THR X 18 -19.32 56.06 22.64
C THR X 18 -18.75 57.17 21.77
N ALA X 19 -17.89 56.78 20.84
CA ALA X 19 -17.29 57.72 19.90
C ALA X 19 -17.15 57.08 18.53
N THR X 20 -16.93 57.91 17.52
CA THR X 20 -16.91 57.46 16.13
C THR X 20 -16.06 58.40 15.30
N LEU X 21 -15.05 57.85 14.62
CA LEU X 21 -14.19 58.60 13.73
C LEU X 21 -14.54 58.27 12.28
N PHE X 22 -14.25 59.20 11.37
CA PHE X 22 -14.76 59.04 10.02
C PHE X 22 -13.61 59.04 9.03
N CYS X 23 -13.73 58.29 7.95
CA CYS X 23 -12.72 58.35 6.90
C CYS X 23 -13.38 58.19 5.55
N LYS X 24 -12.77 58.82 4.55
CA LYS X 24 -13.34 58.86 3.21
C LYS X 24 -12.24 58.67 2.18
N ALA X 25 -12.50 57.81 1.20
CA ALA X 25 -11.52 57.47 0.21
C ALA X 25 -11.74 58.25 -1.08
N SER X 26 -10.69 58.34 -1.88
CA SER X 26 -10.79 58.94 -3.20
C SER X 26 -11.19 57.94 -4.26
N GLN X 27 -11.14 56.64 -3.95
CA GLN X 27 -11.53 55.59 -4.87
C GLN X 27 -12.28 54.50 -4.12
N GLY X 28 -13.50 54.24 -4.53
CA GLY X 28 -14.27 53.21 -3.90
C GLY X 28 -13.93 51.83 -4.40
N GLY X 29 -14.53 50.82 -3.76
CA GLY X 29 -14.42 49.45 -4.19
C GLY X 29 -13.55 48.58 -3.30
N ASN X 30 -12.64 49.16 -2.54
CA ASN X 30 -11.69 48.37 -1.79
C ASN X 30 -12.13 48.24 -0.33
N ALA X 31 -11.34 47.53 0.46
CA ALA X 31 -11.65 47.26 1.85
C ALA X 31 -10.99 48.30 2.73
N MET X 32 -11.06 48.09 4.05
CA MET X 32 -10.63 49.12 4.99
C MET X 32 -9.95 48.46 6.18
N THR X 33 -9.09 49.22 6.84
CA THR X 33 -8.25 48.72 7.92
C THR X 33 -8.11 49.82 8.97
N TRP X 34 -8.17 49.43 10.25
CA TRP X 34 -8.02 50.35 11.36
C TRP X 34 -6.94 49.90 12.32
N TYR X 35 -6.08 50.85 12.70
CA TYR X 35 -4.88 50.65 13.49
C TYR X 35 -4.90 51.54 14.73
N GLN X 36 -4.48 51.00 15.87
CA GLN X 36 -4.35 51.76 17.11
C GLN X 36 -2.89 51.89 17.50
N LYS X 37 -2.46 53.11 17.82
CA LYS X 37 -1.13 53.36 18.35
C LYS X 37 -1.28 54.09 19.67
N ARG X 38 -0.71 53.52 20.73
CA ARG X 38 -0.65 54.17 22.02
C ARG X 38 0.66 54.92 22.18
N ARG X 39 0.86 55.53 23.33
CA ARG X 39 2.01 56.40 23.54
C ARG X 39 3.26 55.59 23.81
N GLY X 40 4.28 55.81 23.00
CA GLY X 40 5.57 55.17 23.20
C GLY X 40 5.56 53.67 23.06
N GLN X 41 4.63 53.13 22.29
CA GLN X 41 4.51 51.67 22.18
C GLN X 41 4.48 51.24 20.73
N VAL X 42 4.20 49.98 20.50
CA VAL X 42 4.13 49.43 19.15
C VAL X 42 2.68 49.43 18.72
N PRO X 43 2.38 49.86 17.49
CA PRO X 43 1.00 49.83 17.00
C PRO X 43 0.46 48.40 16.89
N ARG X 44 -0.85 48.34 16.72
CA ARG X 44 -1.60 47.11 16.96
C ARG X 44 -2.78 47.08 16.01
N LEU X 45 -3.12 45.91 15.51
CA LEU X 45 -4.15 45.78 14.49
C LEU X 45 -5.52 45.61 15.14
N LEU X 46 -6.47 46.46 14.73
CA LEU X 46 -7.85 46.34 15.18
C LEU X 46 -8.74 45.72 14.11
N ILE X 47 -8.82 46.35 12.95
CA ILE X 47 -9.84 45.99 11.96
C ILE X 47 -9.20 45.73 10.62
N TYR X 48 -9.40 44.52 10.09
CA TYR X 48 -9.07 44.19 8.72
C TYR X 48 -10.32 43.70 8.02
N ASP X 49 -10.34 43.88 6.70
CA ASP X 49 -11.47 43.55 5.81
C ASP X 49 -12.75 44.26 6.25
N THR X 50 -12.61 45.46 6.82
CA THR X 50 -13.65 46.45 7.07
C THR X 50 -14.66 46.03 8.16
N SER X 51 -14.65 44.76 8.57
CA SER X 51 -15.51 44.35 9.66
C SER X 51 -14.92 43.31 10.58
N ARG X 52 -13.75 42.75 10.29
CA ARG X 52 -13.26 41.61 11.05
C ARG X 52 -12.24 42.06 12.10
N ARG X 53 -12.28 41.39 13.24
CA ARG X 53 -11.43 41.73 14.37
C ARG X 53 -10.27 40.76 14.48
N ALA X 54 -9.16 41.26 15.00
CA ALA X 54 -7.94 40.45 15.14
C ALA X 54 -7.97 39.69 16.46
N SER X 55 -6.84 39.10 16.82
CA SER X 55 -6.72 38.47 18.11
C SER X 55 -6.54 39.53 19.20
N GLY X 56 -6.99 39.18 20.40
CA GLY X 56 -6.90 40.11 21.52
C GLY X 56 -7.73 41.35 21.36
N VAL X 57 -8.89 41.23 20.72
CA VAL X 57 -9.73 42.37 20.38
C VAL X 57 -11.09 42.17 21.02
N PRO X 58 -11.48 43.01 21.98
CA PRO X 58 -12.86 43.00 22.43
C PRO X 58 -13.76 43.61 21.36
N ASP X 59 -14.99 43.09 21.29
CA ASP X 59 -15.86 43.44 20.18
C ASP X 59 -16.52 44.80 20.31
N ARG X 60 -16.19 45.57 21.35
CA ARG X 60 -16.74 46.91 21.49
C ARG X 60 -16.16 47.88 20.46
N PHE X 61 -15.09 47.50 19.78
CA PHE X 61 -14.65 48.20 18.57
C PHE X 61 -15.43 47.62 17.39
N VAL X 62 -16.18 48.47 16.70
CA VAL X 62 -16.95 48.04 15.54
C VAL X 62 -16.66 48.97 14.39
N GLY X 63 -16.16 48.43 13.30
CA GLY X 63 -15.99 49.18 12.08
C GLY X 63 -17.15 48.92 11.15
N SER X 64 -17.49 49.92 10.34
CA SER X 64 -18.59 49.79 9.41
C SER X 64 -18.38 50.80 8.30
N GLY X 65 -19.32 50.84 7.37
CA GLY X 65 -19.25 51.74 6.23
C GLY X 65 -19.34 50.99 4.92
N SER X 66 -19.41 51.76 3.85
CA SER X 66 -19.52 51.20 2.52
C SER X 66 -19.05 52.23 1.50
N GLY X 67 -18.79 51.73 0.30
CA GLY X 67 -18.32 52.56 -0.81
C GLY X 67 -17.00 53.22 -0.50
N THR X 68 -17.05 54.53 -0.26
CA THR X 68 -15.88 55.29 0.14
C THR X 68 -15.90 55.70 1.59
N ASP X 69 -17.06 55.63 2.25
CA ASP X 69 -17.21 56.22 3.59
C ASP X 69 -17.18 55.12 4.63
N PHE X 70 -16.27 55.22 5.59
CA PHE X 70 -16.16 54.24 6.65
C PHE X 70 -16.11 54.89 8.01
N PHE X 71 -16.84 54.31 8.96
CA PHE X 71 -16.88 54.79 10.33
C PHE X 71 -16.24 53.77 11.24
N LEU X 72 -15.52 54.25 12.24
CA LEU X 72 -15.05 53.39 13.33
C LEU X 72 -15.71 53.86 14.61
N THR X 73 -16.40 52.94 15.28
CA THR X 73 -17.23 53.26 16.44
C THR X 73 -16.80 52.41 17.62
N ILE X 74 -16.45 53.07 18.71
CA ILE X 74 -16.14 52.40 19.96
C ILE X 74 -17.24 52.76 20.94
N ASN X 75 -17.90 51.75 21.48
CA ASN X 75 -18.81 51.99 22.59
C ASN X 75 -18.09 51.67 23.90
N LYS X 76 -18.58 52.29 24.98
CA LYS X 76 -18.15 52.03 26.36
C LYS X 76 -16.66 52.31 26.54
N LEU X 77 -16.31 53.59 26.41
CA LEU X 77 -14.93 54.02 26.39
C LEU X 77 -14.24 53.77 27.72
N ASP X 78 -13.00 53.28 27.65
CA ASP X 78 -12.18 53.00 28.81
C ASP X 78 -10.94 53.88 28.79
N ARG X 79 -10.18 53.82 29.88
CA ARG X 79 -8.96 54.62 30.00
C ARG X 79 -7.88 54.18 29.03
N GLU X 80 -7.74 52.87 28.79
CA GLU X 80 -6.74 52.41 27.84
C GLU X 80 -7.12 52.69 26.40
N ASP X 81 -8.36 53.06 26.13
CA ASP X 81 -8.79 53.29 24.77
C ASP X 81 -8.41 54.65 24.24
N PHE X 82 -7.94 55.55 25.10
CA PHE X 82 -7.48 56.87 24.65
C PHE X 82 -6.14 56.71 23.96
N ALA X 83 -6.13 56.84 22.63
CA ALA X 83 -4.93 56.60 21.84
C ALA X 83 -5.08 57.33 20.50
N VAL X 84 -4.13 57.06 19.61
CA VAL X 84 -4.12 57.64 18.26
C VAL X 84 -4.54 56.54 17.29
N TYR X 85 -5.32 56.90 16.28
CA TYR X 85 -5.92 55.90 15.42
C TYR X 85 -5.64 56.22 13.96
N TYR X 86 -5.48 55.19 13.14
CA TYR X 86 -5.16 55.34 11.73
C TYR X 86 -6.06 54.49 10.86
N CYS X 87 -6.49 55.07 9.75
CA CYS X 87 -7.18 54.35 8.70
C CYS X 87 -6.17 53.89 7.67
N GLN X 88 -6.52 52.82 6.95
CA GLN X 88 -5.60 52.20 6.00
C GLN X 88 -6.41 51.46 4.95
N GLN X 89 -6.43 52.01 3.74
CA GLN X 89 -6.39 51.25 2.51
C GLN X 89 -4.91 51.23 2.21
N PHE X 90 -4.51 50.68 1.06
CA PHE X 90 -3.26 49.98 0.61
C PHE X 90 -1.97 50.56 1.20
N GLU X 91 -0.84 50.43 0.52
CA GLU X 91 0.41 51.09 0.94
C GLU X 91 0.23 52.58 1.31
N PHE X 92 -0.76 53.27 0.74
CA PHE X 92 -1.17 54.61 1.21
C PHE X 92 -1.62 54.65 2.66
N PHE X 93 -1.66 55.85 3.26
CA PHE X 93 -2.07 55.96 4.64
C PHE X 93 -2.76 57.29 4.91
N GLY X 94 -3.59 57.31 5.95
CA GLY X 94 -4.22 58.53 6.37
C GLY X 94 -3.43 59.22 7.47
N LEU X 95 -3.82 60.46 7.78
CA LEU X 95 -3.03 61.26 8.70
C LEU X 95 -3.23 60.89 10.16
N GLY X 96 -4.44 60.52 10.54
CA GLY X 96 -4.70 60.05 11.89
C GLY X 96 -5.78 60.84 12.60
N SER X 97 -6.05 60.42 13.83
CA SER X 97 -7.03 61.05 14.70
C SER X 97 -6.48 61.06 16.12
N GLU X 98 -7.13 61.80 17.00
CA GLU X 98 -6.65 61.96 18.38
C GLU X 98 -7.79 61.80 19.36
N LEU X 99 -7.65 60.86 20.29
CA LEU X 99 -8.65 60.66 21.33
C LEU X 99 -8.08 61.11 22.66
N GLU X 100 -8.73 62.10 23.27
CA GLU X 100 -8.22 62.76 24.47
C GLU X 100 -9.30 62.78 25.55
N VAL X 101 -8.88 62.76 26.80
CA VAL X 101 -9.80 62.67 27.92
C VAL X 101 -10.37 64.04 28.22
N HIS X 102 -11.70 64.14 28.22
CA HIS X 102 -12.36 65.38 28.64
C HIS X 102 -13.35 65.11 29.78
C1 NAG Y . 44.14 11.13 16.02
C2 NAG Y . 44.76 9.89 16.64
C3 NAG Y . 46.21 10.17 17.04
C4 NAG Y . 46.99 10.75 15.88
C5 NAG Y . 46.24 11.96 15.32
C6 NAG Y . 46.87 12.55 14.09
C7 NAG Y . 43.72 9.98 18.92
C8 NAG Y . 42.79 9.24 19.84
N2 NAG Y . 43.96 9.39 17.74
O3 NAG Y . 46.79 8.96 17.56
O4 NAG Y . 48.29 11.19 16.27
O5 NAG Y . 44.92 11.56 14.94
O6 NAG Y . 46.71 11.68 12.98
O7 NAG Y . 44.24 11.05 19.26
C1 NAG Y . 49.26 10.17 15.94
C2 NAG Y . 50.63 10.77 15.68
C3 NAG Y . 51.66 9.67 15.43
C4 NAG Y . 51.66 8.70 16.61
C5 NAG Y . 50.25 8.15 16.81
C6 NAG Y . 50.13 7.25 18.01
C7 NAG Y . 50.47 13.01 14.71
C8 NAG Y . 50.40 13.81 13.45
N2 NAG Y . 50.57 11.69 14.55
O3 NAG Y . 52.94 10.24 15.20
O4 NAG Y . 52.59 7.64 16.39
O5 NAG Y . 49.35 9.24 17.03
O6 NAG Y . 49.70 8.00 19.14
O7 NAG Y . 50.44 13.52 15.83
C1 BMA Y . 53.67 7.85 17.31
C2 BMA Y . 54.22 6.49 17.73
C3 BMA Y . 55.35 6.73 18.72
C4 BMA Y . 56.41 7.76 18.20
C5 BMA Y . 55.71 9.04 17.67
C6 BMA Y . 56.65 10.00 16.97
O2 BMA Y . 54.79 5.83 16.62
O3 BMA Y . 55.98 5.52 19.05
O4 BMA Y . 57.33 8.11 19.24
O5 BMA Y . 54.70 8.63 16.72
O6 BMA Y . 56.14 10.18 15.65
C1 NAG Z . 7.95 19.60 43.87
C2 NAG Z . 7.46 19.74 45.28
C3 NAG Z . 6.27 20.69 45.32
C4 NAG Z . 6.59 22.01 44.61
C5 NAG Z . 7.29 21.79 43.28
C6 NAG Z . 7.90 23.04 42.71
C7 NAG Z . 7.25 18.12 47.10
C8 NAG Z . 6.78 16.76 47.51
N2 NAG Z . 7.07 18.45 45.83
O3 NAG Z . 5.93 20.96 46.68
O4 NAG Z . 5.35 22.64 44.34
O5 NAG Z . 8.36 20.85 43.40
O6 NAG Z . 6.91 23.92 42.20
O7 NAG Z . 7.76 18.90 47.89
C1 NAG Z . 5.16 23.86 45.07
C2 NAG Z . 3.73 24.31 44.80
C3 NAG Z . 3.43 25.59 45.57
C4 NAG Z . 3.74 25.41 47.06
C5 NAG Z . 5.18 24.91 47.23
C6 NAG Z . 5.52 24.58 48.66
C7 NAG Z . 3.00 23.57 42.59
C8 NAG Z . 2.82 23.94 41.15
N2 NAG Z . 3.50 24.51 43.38
O3 NAG Z . 2.06 25.92 45.38
O4 NAG Z . 3.62 26.65 47.75
O5 NAG Z . 5.35 23.69 46.47
O6 NAG Z . 5.30 23.20 48.94
O7 NAG Z . 2.72 22.45 43.00
C1 BMA Z . 2.39 26.67 48.51
C2 BMA Z . 2.74 26.74 50.00
C3 BMA Z . 1.62 27.40 50.88
C4 BMA Z . 0.39 28.10 50.10
C5 BMA Z . 0.32 27.77 48.62
C6 BMA Z . -0.47 28.80 47.83
O2 BMA Z . 3.94 27.46 50.22
O3 BMA Z . 2.22 28.25 51.91
O4 BMA Z . -0.83 27.75 50.73
O5 BMA Z . 1.63 27.79 48.11
O6 BMA Z . 0.39 29.90 47.59
C1 MAN Z . 1.95 29.67 51.84
C2 MAN Z . 3.26 30.41 51.52
C3 MAN Z . 4.21 30.25 52.70
C4 MAN Z . 3.54 30.63 54.04
C5 MAN Z . 2.25 29.82 54.19
C6 MAN Z . 1.46 30.17 55.42
O2 MAN Z . 3.03 31.81 51.40
O3 MAN Z . 5.41 30.99 52.52
O4 MAN Z . 4.40 30.32 55.12
O5 MAN Z . 1.42 30.10 53.05
O6 MAN Z . 0.39 29.24 55.51
C1 NAG AA . 18.87 -4.19 47.90
C2 NAG AA . 19.92 -3.54 47.06
C3 NAG AA . 21.25 -4.25 47.24
C4 NAG AA . 21.65 -4.22 48.70
C5 NAG AA . 20.52 -4.78 49.56
C6 NAG AA . 20.77 -4.58 51.03
C7 NAG AA . 19.62 -2.39 44.92
C8 NAG AA . 19.19 -2.51 43.49
N2 NAG AA . 19.54 -3.50 45.65
O3 NAG AA . 22.21 -3.59 46.42
O4 NAG AA . 22.82 -5.00 48.93
O5 NAG AA . 19.26 -4.14 49.27
O6 NAG AA . 20.72 -3.19 51.36
O7 NAG AA . 20.03 -1.33 45.39
C1 NAG AA . 24.02 -4.19 49.00
C2 NAG AA . 25.00 -4.75 50.02
C3 NAG AA . 26.31 -3.95 49.98
C4 NAG AA . 26.85 -3.85 48.55
C5 NAG AA . 25.76 -3.34 47.62
C6 NAG AA . 26.16 -3.33 46.17
C7 NAG AA . 24.32 -5.79 52.12
C8 NAG AA . 23.72 -5.58 53.48
N2 NAG AA . 24.44 -4.70 51.36
O3 NAG AA . 27.25 -4.59 50.83
O4 NAG AA . 27.94 -2.94 48.52
O5 NAG AA . 24.60 -4.18 47.72
O6 NAG AA . 25.63 -4.46 45.50
O7 NAG AA . 24.67 -6.90 51.74
C1 BMA AA . 29.27 -3.54 48.51
C2 BMA AA . 29.54 -4.27 47.18
C3 BMA AA . 30.94 -4.84 47.18
C4 BMA AA . 31.98 -3.75 47.46
C5 BMA AA . 31.64 -3.03 48.79
C6 BMA AA . 32.55 -1.87 49.05
O2 BMA AA . 29.51 -3.35 46.12
O3 BMA AA . 31.23 -5.48 45.94
O4 BMA AA . 33.28 -4.31 47.55
O5 BMA AA . 30.27 -2.55 48.72
O6 BMA AA . 33.85 -2.18 48.57
C1 NAG BA . 20.13 2.20 46.53
C2 NAG BA . 21.53 1.67 46.29
C3 NAG BA . 22.07 0.97 47.54
C4 NAG BA . 21.96 1.87 48.76
C5 NAG BA . 20.53 2.37 48.90
C6 NAG BA . 20.37 3.38 50.00
C7 NAG BA . 22.62 0.65 44.36
C8 NAG BA . 22.48 -0.30 43.21
N2 NAG BA . 21.55 0.78 45.15
O3 NAG BA . 23.43 0.63 47.31
O4 NAG BA . 22.25 1.14 49.94
O5 NAG BA . 20.12 3.02 47.69
O6 NAG BA . 21.40 4.35 49.96
O7 NAG BA . 23.65 1.27 44.56
C1 NAG BA . 23.53 1.37 50.53
C2 NAG BA . 23.51 0.78 51.95
C3 NAG BA . 24.91 0.72 52.55
C4 NAG BA . 25.84 -0.02 51.61
C5 NAG BA . 25.91 0.77 50.32
C6 NAG BA . 26.83 0.18 49.30
C7 NAG BA . 22.00 1.05 53.87
C8 NAG BA . 21.12 1.99 54.63
N2 NAG BA . 22.63 1.56 52.80
O3 NAG BA . 24.86 0.02 53.80
O4 NAG BA . 27.11 -0.35 52.15
O5 NAG BA . 24.59 0.77 49.75
O6 NAG BA . 27.93 1.04 49.03
O7 NAG BA . 22.15 -0.12 54.21
C1 BMA BA . 27.91 0.64 52.81
C2 BMA BA . 28.18 0.11 54.24
C3 BMA BA . 29.38 0.78 54.87
C4 BMA BA . 30.58 0.77 53.94
C5 BMA BA . 30.19 1.57 52.71
C6 BMA BA . 31.30 1.73 51.66
O2 BMA BA . 28.49 -1.26 54.22
O3 BMA BA . 29.69 0.17 56.10
O4 BMA BA . 31.69 1.35 54.60
O5 BMA BA . 29.08 0.89 52.05
O6 BMA BA . 32.49 1.17 52.14
C1 MAN BA . 28.96 0.90 57.10
C2 MAN BA . 29.98 1.75 57.88
C3 MAN BA . 30.95 0.82 58.58
C4 MAN BA . 30.22 -0.22 59.47
C5 MAN BA . 29.14 -0.95 58.65
C6 MAN BA . 28.22 -1.77 59.54
O2 MAN BA . 29.37 2.50 58.92
O3 MAN BA . 31.89 1.55 59.35
O4 MAN BA . 31.14 -1.16 59.97
O5 MAN BA . 28.30 0.00 57.96
O6 MAN BA . 27.56 -0.85 60.42
C1 MAN BA . 33.53 2.17 51.97
C2 MAN BA . 34.50 1.72 50.84
C3 MAN BA . 35.42 0.58 51.31
C4 MAN BA . 36.03 0.87 52.70
C5 MAN BA . 34.88 1.17 53.68
C6 MAN BA . 35.32 1.47 55.09
O2 MAN BA . 35.39 2.77 50.46
O3 MAN BA . 36.45 0.31 50.36
O4 MAN BA . 36.80 -0.24 53.15
O5 MAN BA . 34.18 2.34 53.21
O6 MAN BA . 34.16 1.75 55.85
C1 NAG CA . 40.57 9.19 37.39
C2 NAG CA . 41.99 9.23 37.91
C3 NAG CA . 42.44 7.84 38.31
C4 NAG CA . 41.46 7.24 39.32
C5 NAG CA . 40.05 7.29 38.76
C6 NAG CA . 39.01 6.84 39.74
C7 NAG CA . 43.29 11.07 36.98
C8 NAG CA . 44.24 11.52 35.92
N2 NAG CA . 42.91 9.80 36.93
O3 NAG CA . 43.75 7.97 38.83
O4 NAG CA . 41.77 5.88 39.62
O5 NAG CA . 39.71 8.64 38.39
O6 NAG CA . 39.20 7.43 41.02
O7 NAG CA . 42.87 11.85 37.84
C1 NAG CA . 42.52 5.78 40.85
C2 NAG CA . 41.94 4.75 41.81
C3 NAG CA . 42.80 4.68 43.07
C4 NAG CA . 44.24 4.36 42.70
C5 NAG CA . 44.77 5.37 41.68
C6 NAG CA . 46.13 5.02 41.14
C7 NAG CA . 39.61 4.10 42.13
C8 NAG CA . 38.23 4.56 42.51
N2 NAG CA . 40.56 5.04 42.15
O3 NAG CA . 42.28 3.69 43.95
O4 NAG CA . 45.06 4.38 43.86
O5 NAG CA . 43.89 5.44 40.54
O6 NAG CA . 46.01 4.27 39.95
O7 NAG CA . 39.85 2.94 41.83
C1 NAG DA . 39.19 18.41 47.67
C2 NAG DA . 38.25 18.75 48.82
C3 NAG DA . 38.97 18.60 50.14
C4 NAG DA . 39.58 17.21 50.27
C5 NAG DA . 40.42 16.87 49.02
C6 NAG DA . 40.88 15.44 49.01
C7 NAG DA . 38.26 21.26 48.63
C8 NAG DA . 37.36 22.45 48.50
N2 NAG DA . 37.63 20.07 48.68
O3 NAG DA . 38.04 18.85 51.19
O4 NAG DA . 40.45 17.13 51.40
O5 NAG DA . 39.66 17.07 47.82
O6 NAG DA . 42.27 15.36 49.31
O7 NAG DA . 39.48 21.38 48.70
C1 NAG DA . 39.81 16.43 52.49
C2 NAG DA . 40.79 15.50 53.21
C3 NAG DA . 40.10 14.86 54.41
C4 NAG DA . 39.45 15.90 55.31
C5 NAG DA . 38.58 16.85 54.49
C6 NAG DA . 38.03 18.00 55.29
C7 NAG DA . 42.52 13.94 52.46
C8 NAG DA . 42.91 12.91 51.45
N2 NAG DA . 41.31 14.49 52.31
O3 NAG DA . 41.08 14.12 55.14
O4 NAG DA . 38.59 15.27 56.25
O5 NAG DA . 39.32 17.41 53.40
O6 NAG DA . 37.04 17.55 56.21
O7 NAG DA . 43.27 14.27 53.38
C1 BMA DA . 39.18 15.17 57.56
C2 BMA DA . 38.06 15.43 58.58
C3 BMA DA . 38.44 14.93 59.98
C4 BMA DA . 38.95 13.50 59.91
C5 BMA DA . 40.19 13.48 59.02
C6 BMA DA . 40.80 12.11 58.90
O2 BMA DA . 36.90 14.69 58.22
O3 BMA DA . 37.34 15.03 60.88
O4 BMA DA . 39.29 13.03 61.19
O5 BMA DA . 39.78 13.88 57.70
O6 BMA DA . 40.68 11.45 60.14
C1 NAG EA . 38.64 17.84 28.89
C2 NAG EA . 39.20 17.96 27.44
C3 NAG EA . 39.88 19.32 27.18
C4 NAG EA . 39.32 20.49 27.98
C5 NAG EA . 38.70 20.08 29.33
C6 NAG EA . 37.87 21.16 29.97
C7 NAG EA . 41.19 16.27 27.31
C8 NAG EA . 41.97 16.85 28.49
N2 NAG EA . 40.00 16.82 26.95
O3 NAG EA . 39.84 19.64 25.79
O4 NAG EA . 40.47 21.24 28.34
O5 NAG EA . 37.85 18.94 29.17
O6 NAG EA . 36.84 20.61 30.78
O7 NAG EA . 41.63 15.30 26.71
C1 NAG EA . 40.66 22.40 27.55
C2 NAG EA . 41.57 23.15 28.47
C3 NAG EA . 41.89 24.51 27.88
C4 NAG EA . 42.48 24.35 26.48
C5 NAG EA . 41.62 23.43 25.61
C6 NAG EA . 42.29 23.01 24.34
C7 NAG EA . 41.72 23.33 30.91
C8 NAG EA . 40.96 23.48 32.20
N2 NAG EA . 40.98 23.29 29.79
O3 NAG EA . 42.79 25.18 28.74
O4 NAG EA . 42.54 25.61 25.83
O5 NAG EA . 41.29 22.20 26.30
O6 NAG EA . 42.22 24.05 23.36
O7 NAG EA . 42.94 23.27 30.87
C1 BMA EA . 43.86 26.22 25.90
C2 BMA EA . 44.02 27.20 24.75
C3 BMA EA . 45.33 27.96 24.93
C4 BMA EA . 45.36 28.66 26.29
C5 BMA EA . 45.23 27.61 27.39
C6 BMA EA . 45.14 28.23 28.77
O2 BMA EA . 43.01 28.19 24.82
O3 BMA EA . 45.52 28.91 23.89
O4 BMA EA . 46.60 29.30 26.45
O5 BMA EA . 44.01 26.88 27.16
O6 BMA EA . 45.76 29.50 28.75
C1 NAG FA . 23.21 27.75 32.18
C2 NAG FA . 22.69 28.95 32.97
C3 NAG FA . 22.26 30.06 32.02
C4 NAG FA . 23.40 30.43 31.07
C5 NAG FA . 23.90 29.17 30.37
C6 NAG FA . 25.14 29.41 29.52
C7 NAG FA . 21.47 28.94 35.12
C8 NAG FA . 22.58 29.77 35.69
N2 NAG FA . 21.58 28.57 33.84
O3 NAG FA . 21.86 31.19 32.79
O4 NAG FA . 22.93 31.37 30.11
O5 NAG FA . 24.26 28.18 31.33
O6 NAG FA . 26.09 30.20 30.23
O7 NAG FA . 20.51 28.58 35.81
C1 NAG FA . 23.58 32.64 30.35
C2 NAG FA . 23.76 33.31 29.01
C3 NAG FA . 24.51 34.63 29.20
C4 NAG FA . 23.75 35.52 30.20
C5 NAG FA . 23.47 34.77 31.51
C6 NAG FA . 22.54 35.55 32.40
C7 NAG FA . 23.85 31.87 27.06
C8 NAG FA . 24.71 31.01 26.17
N2 NAG FA . 24.46 32.46 28.08
O3 NAG FA . 24.61 35.30 27.95
O4 NAG FA . 24.52 36.68 30.49
O5 NAG FA . 22.83 33.51 31.24
O6 NAG FA . 21.46 36.09 31.68
O7 NAG FA . 22.65 32.00 26.85
C1 NAG GA . 14.69 17.78 47.63
C2 NAG GA . 14.69 19.26 47.30
C3 NAG GA . 16.08 19.85 47.46
C4 NAG GA . 16.60 19.56 48.87
C5 NAG GA . 16.48 18.07 49.17
C6 NAG GA . 16.87 17.71 50.58
C7 NAG GA . 14.55 19.14 44.80
C8 NAG GA . 13.76 19.61 43.62
N2 NAG GA . 14.11 19.57 45.99
O3 NAG GA . 16.04 21.23 47.16
O4 NAG GA . 17.97 19.90 48.99
O5 NAG GA . 15.14 17.60 48.96
O6 NAG GA . 18.19 18.17 50.82
O7 NAG GA . 15.53 18.40 44.67
C1 NAG GA . 18.23 21.26 49.44
C2 NAG GA . 19.46 21.38 50.35
C3 NAG GA . 19.76 22.85 50.65
C4 NAG GA . 19.86 23.66 49.37
C5 NAG GA . 18.67 23.41 48.46
C6 NAG GA . 18.86 24.00 47.08
C7 NAG GA . 18.44 20.73 52.56
C8 NAG GA . 18.59 19.80 53.72
N2 NAG GA . 19.35 20.60 51.58
O3 NAG GA . 20.98 22.90 51.38
O4 NAG GA . 19.84 25.05 49.69
O5 NAG GA . 18.45 22.02 48.26
O6 NAG GA . 20.13 23.65 46.56
O7 NAG GA . 17.53 21.56 52.51
C1 BMA GA . 21.14 25.65 49.56
C2 BMA GA . 21.03 26.91 48.65
C3 BMA GA . 22.38 27.67 48.69
C4 BMA GA . 22.80 27.94 50.12
C5 BMA GA . 22.89 26.60 50.86
C6 BMA GA . 23.28 26.75 52.30
O2 BMA GA . 20.06 27.79 49.16
O3 BMA GA . 22.34 28.89 47.96
O4 BMA GA . 24.04 28.57 50.12
O5 BMA GA . 21.60 26.00 50.84
O6 BMA GA . 24.67 26.90 52.31
C1 NAG HA . -1.91 15.44 39.25
C2 NAG HA . -2.89 15.55 38.09
C3 NAG HA . -3.58 16.92 38.07
C4 NAG HA . -4.17 17.26 39.43
C5 NAG HA . -3.11 17.10 40.51
C6 NAG HA . -3.64 17.30 41.91
C7 NAG HA . -1.31 15.96 36.18
C8 NAG HA . -0.92 15.45 34.83
N2 NAG HA . -2.29 15.25 36.79
O3 NAG HA . -4.57 16.92 37.05
O4 NAG HA . -4.60 18.62 39.44
O5 NAG HA . -2.57 15.77 40.47
O6 NAG HA . -2.89 16.56 42.85
O7 NAG HA . -0.76 16.94 36.68
C1 NAG HA . -6.01 18.81 39.25
C2 NAG HA . -6.40 20.18 39.79
C3 NAG HA . -7.88 20.49 39.51
C4 NAG HA . -8.23 20.26 38.05
C5 NAG HA . -7.79 18.86 37.61
C6 NAG HA . -7.97 18.64 36.13
C7 NAG HA . -6.57 19.65 42.24
C8 NAG HA . -6.07 20.04 43.58
N2 NAG HA . -6.08 20.36 41.21
O3 NAG HA . -8.12 21.85 39.86
O4 NAG HA . -9.63 20.39 37.85
O5 NAG HA . -6.38 18.70 37.87
O6 NAG HA . -7.18 19.53 35.37
O7 NAG HA . -7.38 18.73 42.09
C1 NAG IA . 2.98 13.89 33.49
C2 NAG IA . 4.37 13.89 32.84
C3 NAG IA . 5.07 15.24 33.07
C4 NAG IA . 4.18 16.42 32.76
C5 NAG IA . 2.85 16.27 33.47
C6 NAG IA . 1.85 17.35 33.13
C7 NAG IA . 6.30 12.36 32.85
C8 NAG IA . 6.98 11.24 33.57
N2 NAG IA . 5.17 12.81 33.39
O3 NAG IA . 6.21 15.30 32.22
O4 NAG IA . 4.86 17.59 33.21
O5 NAG IA . 2.25 15.02 33.06
O6 NAG IA . 1.91 17.65 31.75
O7 NAG IA . 6.77 12.84 31.80
C1 NAG IA . 5.16 18.43 32.07
C2 NAG IA . 5.69 19.74 32.65
C3 NAG IA . 5.94 20.74 31.53
C4 NAG IA . 6.80 20.13 30.43
C5 NAG IA . 6.31 18.75 30.01
C6 NAG IA . 7.27 18.04 29.08
C7 NAG IA . 3.55 20.66 33.58
C8 NAG IA . 2.93 21.20 34.82
N2 NAG IA . 4.84 20.29 33.69
O3 NAG IA . 6.60 21.87 32.11
O4 NAG IA . 6.71 20.98 29.28
O5 NAG IA . 6.12 17.89 31.15
O6 NAG IA . 6.71 17.87 27.79
O7 NAG IA . 2.92 20.56 32.53
C1 BMA IA . 7.92 21.75 29.07
C2 BMA IA . 8.09 21.92 27.57
C3 BMA IA . 9.27 22.83 27.27
C4 BMA IA . 9.16 24.16 28.06
C5 BMA IA . 8.93 23.88 29.54
C6 BMA IA . 8.66 25.15 30.32
O2 BMA IA . 6.97 22.62 27.09
O3 BMA IA . 9.33 23.08 25.86
O4 BMA IA . 10.32 24.93 27.95
O5 BMA IA . 7.79 23.00 29.69
O6 BMA IA . 7.55 25.80 29.73
C1 MAN IA . 10.67 22.91 25.36
C2 MAN IA . 11.13 24.28 24.84
C3 MAN IA . 10.41 24.62 23.54
C4 MAN IA . 10.63 23.53 22.51
C5 MAN IA . 10.09 22.20 23.06
C6 MAN IA . 10.36 21.04 22.12
O2 MAN IA . 12.52 24.29 24.53
O3 MAN IA . 10.83 25.86 23.01
O4 MAN IA . 9.93 23.83 21.33
O5 MAN IA . 10.72 21.90 24.34
O6 MAN IA . 10.81 21.55 20.86
C1 MAN IA . 7.32 27.03 30.44
C2 MAN IA . 5.78 27.26 30.53
C3 MAN IA . 5.20 27.86 29.24
C4 MAN IA . 6.09 28.96 28.63
C5 MAN IA . 7.50 28.43 28.47
C6 MAN IA . 8.44 29.45 27.87
O2 MAN IA . 5.42 28.17 31.57
O3 MAN IA . 3.88 28.37 29.45
O4 MAN IA . 5.60 29.34 27.37
O5 MAN IA . 8.00 28.10 29.78
O6 MAN IA . 8.58 30.50 28.80
C1 NAG JA . -6.14 -19.94 39.43
C2 NAG JA . -7.21 -18.91 38.98
C3 NAG JA . -8.08 -19.44 37.83
C4 NAG JA . -7.21 -20.04 36.73
C5 NAG JA . -6.29 -21.09 37.33
C6 NAG JA . -5.38 -21.73 36.32
C7 NAG JA . -8.87 -19.19 40.85
C8 NAG JA . -9.61 -18.44 41.91
N2 NAG JA . -8.04 -18.45 40.09
O3 NAG JA . -8.80 -18.33 37.30
O4 NAG JA . -7.94 -20.56 35.62
O5 NAG JA . -5.44 -20.44 38.29
O6 NAG JA . -4.40 -22.52 36.98
O7 NAG JA . -9.01 -20.41 40.69
C1 NAG JA . -9.26 -21.11 35.74
C2 NAG JA . -9.93 -20.72 34.41
C3 NAG JA . -11.27 -21.43 34.23
C4 NAG JA . -11.14 -22.93 34.44
C5 NAG JA . -10.53 -23.16 35.82
C6 NAG JA . -10.30 -24.61 36.16
C7 NAG JA . -10.86 -18.45 34.97
C8 NAG JA . -10.81 -17.01 34.56
N2 NAG JA . -10.08 -19.28 34.27
O3 NAG JA . -11.80 -21.13 32.94
O4 NAG JA . -12.45 -23.49 34.36
O5 NAG JA . -9.25 -22.50 35.89
O6 NAG JA . -10.70 -24.90 37.50
O7 NAG JA . -11.56 -18.84 35.93
C1 BMA JA . -12.55 -24.26 33.14
C2 BMA JA . -13.61 -25.36 33.33
C3 BMA JA . -13.70 -26.14 32.01
C4 BMA JA . -14.02 -25.23 30.83
C5 BMA JA . -13.01 -24.07 30.78
C6 BMA JA . -13.43 -23.02 29.78
O2 BMA JA . -14.88 -24.82 33.58
O3 BMA JA . -14.62 -27.26 32.04
O4 BMA JA . -13.93 -25.98 29.62
O5 BMA JA . -12.92 -23.42 32.06
O6 BMA JA . -14.05 -23.68 28.71
C1 MAN JA . -14.16 -28.30 32.95
C2 MAN JA . -12.76 -28.85 32.56
C3 MAN JA . -12.85 -29.61 31.23
C4 MAN JA . -13.87 -30.74 31.36
C5 MAN JA . -15.23 -30.13 31.72
C6 MAN JA . -16.27 -31.20 31.92
O2 MAN JA . -12.37 -29.83 33.53
O3 MAN JA . -11.59 -30.11 30.83
O4 MAN JA . -13.97 -31.46 30.14
O5 MAN JA . -15.10 -29.37 32.97
O6 MAN JA . -15.98 -32.27 31.02
C1 NAG KA . -12.80 -10.88 41.86
C2 NAG KA . -12.71 -11.70 43.11
C3 NAG KA . -12.93 -13.16 42.77
C4 NAG KA . -14.29 -13.33 42.12
C5 NAG KA . -14.52 -12.30 40.99
C6 NAG KA . -15.97 -12.19 40.62
C7 NAG KA . -10.23 -11.71 43.46
C8 NAG KA . -9.16 -11.34 44.44
N2 NAG KA . -11.48 -11.47 43.85
O3 NAG KA . -12.83 -13.94 43.96
O4 NAG KA . -14.41 -14.64 41.59
O5 NAG KA . -14.10 -10.96 41.34
O6 NAG KA . -16.74 -11.76 41.73
O7 NAG KA . -9.94 -12.22 42.36
C1 NAG KA . -15.36 -15.38 42.36
C2 NAG KA . -15.76 -16.66 41.62
C3 NAG KA . -16.73 -17.50 42.48
C4 NAG KA . -16.12 -17.76 43.85
C5 NAG KA . -15.76 -16.44 44.51
C6 NAG KA . -15.10 -16.60 45.86
C7 NAG KA . -17.40 -15.73 39.96
C8 NAG KA . -17.72 -15.65 38.50
N2 NAG KA . -16.30 -16.43 40.29
O3 NAG KA . -17.01 -18.72 41.79
O4 NAG KA . -17.07 -18.42 44.68
O5 NAG KA . -14.84 -15.72 43.68
O6 NAG KA . -15.25 -15.43 46.65
O7 NAG KA . -18.10 -15.17 40.80
C1 BMA KA . -16.74 -19.82 44.83
C2 BMA KA . -16.91 -20.27 46.32
C3 BMA KA . -16.83 -21.80 46.42
C4 BMA KA . -17.75 -22.49 45.40
C5 BMA KA . -17.41 -22.00 43.99
C6 BMA KA . -18.33 -22.56 42.93
O2 BMA KA . -18.17 -19.91 46.85
O3 BMA KA . -17.13 -22.23 47.74
O4 BMA KA . -17.59 -23.89 45.48
O5 BMA KA . -17.57 -20.57 43.95
O6 BMA KA . -18.51 -23.92 43.22
C1 NAG LA . -35.26 -4.19 33.64
C2 NAG LA . -36.53 -4.02 32.80
C3 NAG LA . -37.74 -3.74 33.69
C4 NAG LA . -37.84 -4.82 34.77
C5 NAG LA . -36.54 -4.89 35.54
C6 NAG LA . -36.50 -5.97 36.59
C7 NAG LA . -36.15 -1.72 31.87
C8 NAG LA . -36.04 -0.94 30.58
N2 NAG LA . -36.40 -3.03 31.73
O3 NAG LA . -38.90 -3.71 32.86
O4 NAG LA . -38.94 -4.55 35.64
O5 NAG LA . -35.47 -5.18 34.64
O6 NAG LA . -36.74 -7.25 36.01
O7 NAG LA . -36.01 -1.18 32.96
C1 NAG LA . -39.89 -5.62 35.39
C2 NAG LA . -40.71 -5.84 36.65
C3 NAG LA . -41.66 -7.00 36.44
C4 NAG LA . -42.52 -6.80 35.18
C5 NAG LA . -41.64 -6.42 33.98
C6 NAG LA . -42.43 -6.01 32.76
C7 NAG LA . -39.46 -5.10 38.62
C8 NAG LA . -38.59 -5.51 39.75
N2 NAG LA . -39.86 -6.07 37.80
O3 NAG LA . -42.50 -7.12 37.58
O4 NAG LA . -43.10 -8.06 34.86
O5 NAG LA . -40.77 -5.31 34.30
O6 NAG LA . -42.54 -7.11 31.87
O7 NAG LA . -39.80 -3.93 38.43
C1 BMA LA . -44.54 -8.10 34.93
C2 BMA LA . -45.00 -9.56 35.18
C3 BMA LA . -46.55 -9.61 35.21
C4 BMA LA . -47.15 -8.58 36.17
C5 BMA LA . -46.56 -7.18 35.90
C6 BMA LA . -47.03 -6.14 36.91
O2 BMA LA . -44.55 -9.97 36.45
O3 BMA LA . -47.01 -10.91 35.51
O4 BMA LA . -48.56 -8.55 36.06
O5 BMA LA . -45.12 -7.24 35.94
O6 BMA LA . -48.48 -6.13 36.90
C1 NAG MA . 47.69 -6.19 4.03
C2 NAG MA . 48.33 -5.95 2.67
C3 NAG MA . 49.86 -6.01 2.78
C4 NAG MA . 50.35 -5.09 3.89
C5 NAG MA . 49.59 -5.41 5.18
C6 NAG MA . 49.93 -4.49 6.33
C7 NAG MA . 47.96 -8.19 1.59
C8 NAG MA . 47.23 -8.86 0.47
N2 NAG MA . 47.81 -6.85 1.65
O3 NAG MA . 50.43 -5.69 1.51
O4 NAG MA . 51.74 -5.26 4.15
O5 NAG MA . 48.19 -5.28 4.96
O6 NAG MA . 49.39 -3.19 6.09
O7 NAG MA . 48.65 -8.83 2.39
C1 NAG MA . 52.48 -4.22 3.46
C2 NAG MA . 53.79 -3.91 4.17
C3 NAG MA . 54.59 -2.89 3.38
C4 NAG MA . 54.82 -3.41 1.97
C5 NAG MA . 53.47 -3.72 1.31
C6 NAG MA . 53.59 -4.33 -0.06
C7 NAG MA . 53.59 -4.21 6.58
C8 NAG MA . 53.26 -3.57 7.89
N2 NAG MA . 53.52 -3.42 5.52
O3 NAG MA . 55.81 -2.60 4.04
O4 NAG MA . 55.53 -2.46 1.18
O5 NAG MA . 52.77 -4.67 2.12
O6 NAG MA . 53.55 -5.75 0.03
O7 NAG MA . 53.91 -5.39 6.50
C1 BMA MA . 56.85 -3.03 0.96
C2 BMA MA . 57.36 -2.57 -0.39
C3 BMA MA . 58.73 -3.19 -0.61
C4 BMA MA . 59.71 -2.95 0.59
C5 BMA MA . 59.02 -3.31 1.93
C6 BMA MA . 59.82 -2.91 3.15
O2 BMA MA . 57.53 -1.17 -0.41
O3 BMA MA . 59.31 -2.72 -1.80
O4 BMA MA . 60.90 -3.71 0.43
O5 BMA MA . 57.76 -2.61 1.98
O6 BMA MA . 59.00 -2.05 3.92
C1 NAG NA . 21.31 -43.63 -3.68
C2 NAG NA . 21.23 -45.02 -4.28
C3 NAG NA . 20.21 -45.84 -3.51
C4 NAG NA . 20.44 -45.78 -2.00
C5 NAG NA . 20.73 -44.36 -1.51
C6 NAG NA . 21.30 -44.32 -0.11
C7 NAG NA . 21.37 -45.82 -6.57
C8 NAG NA . 20.90 -45.64 -7.97
N2 NAG NA . 20.87 -44.96 -5.68
O3 NAG NA . 20.27 -47.19 -3.94
O4 NAG NA . 19.23 -46.20 -1.38
O5 NAG NA . 21.70 -43.73 -2.34
O6 NAG NA . 20.29 -44.59 0.86
O7 NAG NA . 22.15 -46.71 -6.25
C1 NAG NA . 19.38 -47.45 -0.67
C2 NAG NA . 17.97 -47.84 -0.20
C3 NAG NA . 18.03 -49.18 0.53
C4 NAG NA . 18.70 -50.24 -0.33
C5 NAG NA . 20.07 -49.73 -0.79
C6 NAG NA . 20.75 -50.68 -1.76
C7 NAG NA . 16.61 -45.84 0.18
C8 NAG NA . 16.09 -44.87 1.19
N2 NAG NA . 17.39 -46.82 0.64
O3 NAG NA . 16.68 -49.55 0.84
O4 NAG NA . 18.90 -51.43 0.41
O5 NAG NA . 19.93 -48.49 -1.48
O6 NAG NA . 20.48 -50.32 -3.10
O7 NAG NA . 16.34 -45.74 -1.02
C1 BMA NA . 17.93 -52.42 0.02
C2 BMA NA . 18.66 -53.61 -0.64
C3 BMA NA . 17.88 -54.97 -0.54
C4 BMA NA . 16.58 -55.00 0.40
C5 BMA NA . 16.07 -53.62 0.81
C6 BMA NA . 15.21 -53.69 2.05
O2 BMA NA . 19.94 -53.79 -0.07
O3 BMA NA . 18.83 -56.07 -0.27
O4 BMA NA . 15.54 -55.71 -0.27
O5 BMA NA . 17.20 -52.84 1.14
O6 BMA NA . 16.07 -53.76 3.18
C1 MAN NA . 18.68 -56.75 1.00
C2 MAN NA . 19.93 -56.47 1.86
C3 MAN NA . 21.15 -57.11 1.18
C4 MAN NA . 20.90 -58.60 0.84
C5 MAN NA . 19.62 -58.70 0.01
C6 MAN NA . 19.22 -60.11 -0.31
O2 MAN NA . 19.81 -57.10 3.13
O3 MAN NA . 22.31 -56.98 1.99
O4 MAN NA . 21.98 -59.10 0.09
O5 MAN NA . 18.54 -58.12 0.75
O6 MAN NA . 18.14 -60.05 -1.22
C1 NAG OA . 30.54 -32.62 -25.93
C2 NAG OA . 31.38 -31.92 -24.90
C3 NAG OA . 32.63 -31.36 -25.55
C4 NAG OA . 33.41 -32.48 -26.22
C5 NAG OA . 32.50 -33.25 -27.17
C6 NAG OA . 33.15 -34.51 -27.70
C7 NAG OA . 30.63 -30.77 -22.88
C8 NAG OA . 29.82 -29.64 -22.33
N2 NAG OA . 30.64 -30.88 -24.21
O3 NAG OA . 33.39 -30.71 -24.54
O4 NAG OA . 34.51 -31.97 -26.96
O5 NAG OA . 31.29 -33.67 -26.53
O6 NAG OA . 33.33 -35.44 -26.64
O7 NAG OA . 31.24 -31.55 -22.16
C1 NAG OA . 35.75 -32.09 -26.22
C2 NAG OA . 36.92 -32.39 -27.15
C3 NAG OA . 38.24 -32.36 -26.39
C4 NAG OA . 38.39 -31.07 -25.59
C5 NAG OA . 37.15 -30.84 -24.73
C6 NAG OA . 37.13 -29.52 -24.01
C7 NAG OA . 36.73 -33.84 -29.12
C8 NAG OA . 36.54 -35.23 -29.61
N2 NAG OA . 36.75 -33.68 -27.80
O3 NAG OA . 39.31 -32.50 -27.31
O4 NAG OA . 39.52 -31.16 -24.71
O5 NAG OA . 35.98 -30.86 -25.57
O6 NAG OA . 36.34 -28.56 -24.70
O7 NAG OA . 36.86 -32.89 -29.89
C1 BMA OA . 40.72 -30.50 -25.18
C2 BMA OA . 40.55 -28.96 -25.17
C3 BMA OA . 41.84 -28.30 -25.60
C4 BMA OA . 43.02 -28.77 -24.73
C5 BMA OA . 43.12 -30.30 -24.75
C6 BMA OA . 44.18 -30.82 -23.82
O2 BMA OA . 40.33 -28.52 -23.84
O3 BMA OA . 41.73 -26.88 -25.54
O4 BMA OA . 44.24 -28.21 -25.21
O5 BMA OA . 41.84 -30.86 -24.36
O6 BMA OA . 45.27 -29.90 -23.81
C1 NAG PA . 32.00 -34.15 -19.64
C2 NAG PA . 33.22 -33.30 -19.91
C3 NAG PA . 34.00 -33.86 -21.09
C4 NAG PA . 34.32 -35.33 -20.90
C5 NAG PA . 33.03 -36.09 -20.61
C6 NAG PA . 33.28 -37.54 -20.26
C7 NAG PA . 33.65 -30.90 -19.81
C8 NAG PA . 33.12 -29.54 -20.10
N2 NAG PA . 32.86 -31.93 -20.13
O3 NAG PA . 35.22 -33.13 -21.22
O4 NAG PA . 34.84 -35.90 -22.10
O5 NAG PA . 32.37 -35.51 -19.46
O6 NAG PA . 34.35 -37.67 -19.34
O7 NAG PA . 34.76 -31.08 -19.33
C1 NAG PA . 36.25 -36.13 -22.11
C2 NAG PA . 36.55 -37.04 -23.33
C3 NAG PA . 38.05 -37.12 -23.61
C4 NAG PA . 38.61 -35.72 -23.76
C5 NAG PA . 38.41 -35.01 -22.44
C6 NAG PA . 38.96 -33.61 -22.42
C7 NAG PA . 35.64 -39.20 -24.09
C8 NAG PA . 35.11 -40.53 -23.67
N2 NAG PA . 36.00 -38.37 -23.10
O3 NAG PA . 38.26 -37.84 -24.82
O4 NAG PA . 39.95 -35.65 -24.25
O5 NAG PA . 37.00 -34.89 -22.22
O6 NAG PA . 40.02 -33.49 -21.48
O7 NAG PA . 35.76 -38.88 -25.27
C1 BMA PA . 40.98 -36.45 -23.65
C2 BMA PA . 41.58 -37.32 -24.81
C3 BMA PA . 42.96 -37.83 -24.46
C4 BMA PA . 43.86 -36.71 -23.98
C5 BMA PA . 43.24 -36.16 -22.68
C6 BMA PA . 44.03 -35.06 -22.00
O2 BMA PA . 41.74 -36.55 -25.98
O3 BMA PA . 43.52 -38.47 -25.57
O4 BMA PA . 45.15 -37.22 -23.72
O5 BMA PA . 41.93 -35.61 -23.03
O6 BMA PA . 45.25 -34.85 -22.66
C1 MAN PA . 43.17 -39.86 -25.47
C2 MAN PA . 44.45 -40.62 -25.05
C3 MAN PA . 45.47 -40.48 -26.16
C4 MAN PA . 44.90 -40.95 -27.51
C5 MAN PA . 43.57 -40.23 -27.83
C6 MAN PA . 42.85 -40.82 -29.00
O2 MAN PA . 44.20 -42.02 -24.92
O3 MAN PA . 46.64 -41.22 -25.84
O4 MAN PA . 45.82 -40.65 -28.54
O5 MAN PA . 42.67 -40.33 -26.69
O6 MAN PA . 42.55 -42.18 -28.65
C1 MAN PA . 46.29 -34.90 -21.66
C2 MAN PA . 46.88 -33.46 -21.46
C3 MAN PA . 47.78 -33.05 -22.64
C4 MAN PA . 48.77 -34.18 -23.03
C5 MAN PA . 47.96 -35.47 -23.29
C6 MAN PA . 48.78 -36.66 -23.69
O2 MAN PA . 47.72 -33.40 -20.31
O3 MAN PA . 48.48 -31.85 -22.37
O4 MAN PA . 49.51 -33.81 -24.18
O5 MAN PA . 47.27 -35.82 -22.08
O6 MAN PA . 47.89 -37.75 -23.87
C1 NAG QA . 49.81 -24.09 -8.15
C2 NAG QA . 51.32 -24.14 -8.31
C3 NAG QA . 51.72 -23.68 -9.70
C4 NAG QA . 51.00 -24.53 -10.76
C5 NAG QA . 49.50 -24.48 -10.50
C6 NAG QA . 48.71 -25.38 -11.43
C7 NAG QA . 52.49 -23.88 -6.19
C8 NAG QA . 53.17 -22.94 -5.24
N2 NAG QA . 52.00 -23.34 -7.30
O3 NAG QA . 53.13 -23.81 -9.77
O4 NAG QA . 51.24 -24.04 -12.07
O5 NAG QA . 49.21 -24.90 -9.16
O6 NAG QA . 49.30 -26.67 -11.51
O7 NAG QA . 52.39 -25.08 -5.95
C1 NAG QA . 52.28 -24.81 -12.72
C2 NAG QA . 51.88 -25.28 -14.11
C3 NAG QA . 53.03 -26.05 -14.75
C4 NAG QA . 54.28 -25.18 -14.78
C5 NAG QA . 54.61 -24.67 -13.37
C6 NAG QA . 55.74 -23.67 -13.37
C7 NAG QA . 49.66 -25.90 -14.94
C8 NAG QA . 48.49 -26.82 -14.79
N2 NAG QA . 50.67 -26.09 -14.08
O3 NAG QA . 52.68 -26.46 -16.06
O4 NAG QA . 55.39 -25.94 -15.28
O5 NAG QA . 53.47 -24.01 -12.80
O6 NAG QA . 55.24 -22.34 -13.45
O7 NAG QA . 49.70 -25.02 -15.80
C1 NAG RA . 52.14 -37.42 -5.12
C2 NAG RA . 51.60 -38.81 -5.41
C3 NAG RA . 52.63 -39.65 -6.16
C4 NAG RA . 53.11 -38.91 -7.41
C5 NAG RA . 53.54 -37.49 -7.07
C6 NAG RA . 53.85 -36.66 -8.28
C7 NAG RA . 51.79 -39.85 -3.14
C8 NAG RA . 51.02 -40.55 -2.08
N2 NAG RA . 51.09 -39.50 -4.23
O3 NAG RA . 52.03 -40.89 -6.49
O4 NAG RA . 54.23 -39.57 -7.98
O5 NAG RA . 52.51 -36.79 -6.34
O6 NAG RA . 55.25 -36.47 -8.43
O7 NAG RA . 52.99 -39.61 -3.00
C1 NAG RA . 53.85 -40.33 -9.15
C2 NAG RA . 54.89 -40.22 -10.26
C3 NAG RA . 54.49 -41.10 -11.44
C4 NAG RA . 54.21 -42.54 -10.99
C5 NAG RA . 53.24 -42.54 -9.81
C6 NAG RA . 53.05 -43.91 -9.21
C7 NAG RA . 56.20 -38.37 -11.18
C8 NAG RA . 56.20 -36.91 -11.58
N2 NAG RA . 55.05 -38.83 -10.69
O3 NAG RA . 55.55 -41.09 -12.40
O4 NAG RA . 53.58 -43.26 -12.03
O5 NAG RA . 53.72 -41.69 -8.76
O6 NAG RA . 52.31 -44.75 -10.10
O7 NAG RA . 57.19 -39.08 -11.31
C1 BMA RA . 54.48 -44.13 -12.74
C2 BMA RA . 53.70 -45.43 -13.06
C3 BMA RA . 54.40 -46.25 -14.14
C4 BMA RA . 54.74 -45.37 -15.35
C5 BMA RA . 55.68 -44.27 -14.87
C6 BMA RA . 56.09 -43.34 -15.98
O2 BMA RA . 52.43 -45.10 -13.57
O3 BMA RA . 53.60 -47.36 -14.54
O4 BMA RA . 55.36 -46.12 -16.35
O5 BMA RA . 54.97 -43.47 -13.90
O6 BMA RA . 56.24 -44.09 -17.16
C1 NAG SA . 46.53 -21.65 3.42
C2 NAG SA . 46.69 -20.35 4.26
C3 NAG SA . 47.41 -20.59 5.60
C4 NAG SA . 47.20 -21.97 6.21
C5 NAG SA . 46.92 -23.07 5.18
C6 NAG SA . 46.41 -24.36 5.77
C7 NAG SA . 48.39 -18.88 2.93
C8 NAG SA . 49.51 -19.91 2.90
N2 NAG SA . 47.21 -19.17 3.53
O3 NAG SA . 47.02 -19.59 6.55
O4 NAG SA . 48.47 -22.30 6.74
O5 NAG SA . 45.96 -22.64 4.22
O6 NAG SA . 45.59 -25.06 4.85
O7 NAG SA . 48.56 -17.78 2.40
C1 NAG SA . 48.55 -22.15 8.15
C2 NAG SA . 49.74 -23.01 8.41
C3 NAG SA . 50.01 -23.07 9.90
C4 NAG SA . 50.20 -21.66 10.45
C5 NAG SA . 49.05 -20.74 10.03
C6 NAG SA . 49.31 -19.29 10.32
C7 NAG SA . 50.56 -25.09 7.40
C8 NAG SA . 50.19 -26.43 6.87
N2 NAG SA . 49.55 -24.35 7.87
O3 NAG SA . 51.19 -23.85 10.11
O4 NAG SA . 50.21 -21.70 11.88
O5 NAG SA . 48.81 -20.83 8.61
O6 NAG SA . 49.09 -18.99 11.69
O7 NAG SA . 51.72 -24.68 7.41
C1 BMA SA . 51.55 -21.68 12.43
C2 BMA SA . 51.49 -21.15 13.86
C3 BMA SA . 52.86 -21.28 14.49
C4 BMA SA . 53.33 -22.73 14.45
C5 BMA SA . 53.39 -23.20 13.00
C6 BMA SA . 53.74 -24.67 12.86
O2 BMA SA . 50.63 -21.95 14.63
O3 BMA SA . 52.86 -20.81 15.84
O4 BMA SA . 54.63 -22.83 14.99
O5 BMA SA . 52.10 -23.01 12.41
O6 BMA SA . 54.46 -25.08 14.02
C1 NAG TA . 33.60 -33.47 9.79
C2 NAG TA . 33.43 -34.84 10.43
C3 NAG TA . 32.87 -34.69 11.85
C4 NAG TA . 33.74 -33.75 12.68
C5 NAG TA . 33.91 -32.43 11.94
C6 NAG TA . 34.89 -31.49 12.62
C7 NAG TA . 32.83 -36.97 9.32
C8 NAG TA . 34.13 -37.52 9.83
N2 NAG TA . 32.56 -35.69 9.63
O3 NAG TA . 32.80 -35.98 12.44
O4 NAG TA . 33.11 -33.54 13.93
O5 NAG TA . 34.42 -32.66 10.62
O6 NAG TA . 36.06 -32.19 13.01
O7 NAG TA . 32.07 -37.64 8.65
C1 NAG TA . 33.93 -34.16 14.96
C2 NAG TA . 33.81 -33.31 16.22
C3 NAG TA . 34.71 -33.89 17.31
C4 NAG TA . 34.35 -35.35 17.56
C5 NAG TA . 34.35 -36.16 16.27
C6 NAG TA . 33.78 -37.54 16.46
C7 NAG TA . 33.24 -30.96 15.89
C8 NAG TA . 33.74 -29.59 15.62
N2 NAG TA . 34.16 -31.93 15.95
O3 NAG TA . 34.54 -33.13 18.50
O4 NAG TA . 35.27 -35.92 18.48
O5 NAG TA . 33.54 -35.52 15.26
O6 NAG TA . 32.59 -37.50 17.25
O7 NAG TA . 32.04 -31.19 16.05
C1 NAG UA . 28.61 -44.00 -6.78
C2 NAG UA . 28.65 -44.44 -5.32
C3 NAG UA . 30.09 -44.45 -4.83
C4 NAG UA . 30.94 -45.34 -5.73
C5 NAG UA . 30.76 -44.91 -7.19
C6 NAG UA . 31.48 -45.81 -8.17
C7 NAG UA . 27.84 -42.33 -4.24
C8 NAG UA . 26.82 -41.80 -3.28
N2 NAG UA . 27.78 -43.65 -4.46
O3 NAG UA . 30.11 -44.87 -3.47
O4 NAG UA . 32.32 -45.23 -5.42
O5 NAG UA . 29.37 -44.90 -7.56
O6 NAG UA . 32.86 -45.86 -7.82
O7 NAG UA . 28.67 -41.59 -4.77
C1 NAG UA . 32.83 -46.17 -4.45
C2 NAG UA . 34.25 -46.63 -4.73
C3 NAG UA . 34.77 -47.50 -3.57
C4 NAG UA . 34.61 -46.80 -2.24
C5 NAG UA . 33.18 -46.25 -2.07
C6 NAG UA . 33.05 -45.33 -0.89
C7 NAG UA . 33.81 -48.45 -6.40
C8 NAG UA . 34.17 -48.95 -7.77
N2 NAG UA . 34.41 -47.32 -6.01
O3 NAG UA . 36.13 -47.79 -3.83
O4 NAG UA . 34.79 -47.72 -1.18
O5 NAG UA . 32.79 -45.49 -3.22
O6 NAG UA . 34.09 -44.37 -0.89
O7 NAG UA . 32.99 -49.06 -5.70
C1 BMA UA . 36.06 -47.54 -0.53
C2 BMA UA . 35.85 -47.41 1.00
C3 BMA UA . 37.21 -47.42 1.71
C4 BMA UA . 38.03 -48.63 1.28
C5 BMA UA . 38.18 -48.58 -0.25
C6 BMA UA . 38.96 -49.73 -0.80
O2 BMA UA . 35.14 -48.52 1.49
O3 BMA UA . 37.11 -47.41 3.13
O4 BMA UA . 39.29 -48.57 1.89
O5 BMA UA . 36.88 -48.64 -0.82
O6 BMA UA . 40.32 -49.42 -0.62
C1 NAG VA . 10.22 -40.59 -5.55
C2 NAG VA . 8.97 -39.95 -4.93
C3 NAG VA . 8.45 -40.78 -3.76
C4 NAG VA . 8.27 -42.24 -4.15
C5 NAG VA . 9.57 -42.77 -4.76
C6 NAG VA . 9.45 -44.18 -5.28
C7 NAG VA . 10.01 -38.10 -3.58
C8 NAG VA . 9.98 -36.63 -3.35
N2 NAG VA . 9.18 -38.56 -4.53
O3 NAG VA . 7.22 -40.21 -3.31
O4 NAG VA . 8.01 -43.01 -2.98
O5 NAG VA . 9.94 -41.95 -5.87
O6 NAG VA . 10.36 -44.40 -6.34
O7 NAG VA . 10.78 -38.84 -2.94
C1 NAG VA . 6.62 -43.34 -2.79
C2 NAG VA . 6.53 -44.56 -1.86
C3 NAG VA . 5.06 -44.89 -1.53
C4 NAG VA . 4.31 -43.65 -1.05
C5 NAG VA . 4.48 -42.50 -2.03
C6 NAG VA . 3.88 -41.22 -1.52
C7 NAG VA . 6.96 -46.39 -3.52
C8 NAG VA . 7.85 -47.56 -3.80
N2 NAG VA . 7.23 -45.73 -2.38
O3 NAG VA . 5.04 -45.89 -0.51
O4 NAG VA . 2.93 -43.96 -0.91
O5 NAG VA . 5.88 -42.24 -2.23
O6 NAG VA . 4.53 -40.79 -0.33
O7 NAG VA . 6.05 -46.07 -4.29
C1 NAG WA . 13.21 -33.67 -3.89
C2 NAG WA . 14.36 -32.74 -3.51
C3 NAG WA . 15.23 -33.37 -2.42
C4 NAG WA . 14.41 -33.93 -1.27
C5 NAG WA . 13.30 -34.82 -1.81
C6 NAG WA . 12.37 -35.34 -0.75
C7 NAG WA . 16.07 -31.46 -4.77
C8 NAG WA . 16.80 -31.35 -6.06
N2 NAG WA . 15.16 -32.45 -4.69
O3 NAG WA . 16.10 -32.37 -1.89
O4 NAG WA . 15.29 -34.67 -0.44
O5 NAG WA . 12.50 -34.06 -2.73
O6 NAG WA . 12.07 -34.31 0.20
O7 NAG WA . 16.27 -30.70 -3.82
C1 NAG WA . 15.36 -34.03 0.87
C2 NAG WA . 16.15 -34.98 1.75
C3 NAG WA . 16.19 -34.46 3.18
C4 NAG WA . 16.65 -33.00 3.23
C5 NAG WA . 15.93 -32.14 2.19
C6 NAG WA . 16.54 -30.76 2.06
C7 NAG WA . 14.44 -36.80 2.00
C8 NAG WA . 14.22 -38.27 1.86
N2 NAG WA . 15.67 -36.36 1.69
O3 NAG WA . 17.09 -35.28 3.91
O4 NAG WA . 16.34 -32.48 4.51
O5 NAG WA . 15.98 -32.73 0.88
O6 NAG WA . 15.64 -29.76 2.51
O7 NAG WA . 13.54 -36.05 2.40
C1 BMA WA . 17.51 -32.33 5.34
C2 BMA WA . 17.30 -31.12 6.22
C3 BMA WA . 18.44 -30.96 7.21
C4 BMA WA . 18.67 -32.28 7.99
C5 BMA WA . 18.83 -33.45 7.03
C6 BMA WA . 18.90 -34.77 7.74
O2 BMA WA . 16.16 -31.35 7.02
O3 BMA WA . 18.14 -29.90 8.11
O4 BMA WA . 19.83 -32.23 8.78
O5 BMA WA . 17.69 -33.49 6.13
O6 BMA WA . 17.74 -34.91 8.55
C1 MAN WA . 19.27 -29.01 8.27
C2 MAN WA . 19.71 -29.10 9.76
C3 MAN WA . 18.70 -28.38 10.64
C4 MAN WA . 18.53 -26.94 10.19
C5 MAN WA . 18.03 -26.93 8.74
C6 MAN WA . 17.92 -25.51 8.18
O2 MAN WA . 20.96 -28.45 9.97
O3 MAN WA . 19.08 -28.41 12.00
O4 MAN WA . 17.57 -26.30 10.99
O5 MAN WA . 18.95 -27.67 7.89
O6 MAN WA . 18.07 -24.58 9.27
C1 MAN WA . 17.83 -36.15 9.28
C2 MAN WA . 16.39 -36.77 9.35
C3 MAN WA . 15.56 -36.14 10.48
C4 MAN WA . 16.35 -35.91 11.78
C5 MAN WA . 17.61 -35.12 11.46
C6 MAN WA . 18.45 -34.84 12.68
O2 MAN WA . 16.42 -38.17 9.64
O3 MAN WA . 14.40 -36.92 10.76
O4 MAN WA . 15.58 -35.17 12.69
O5 MAN WA . 18.41 -35.92 10.56
O6 MAN WA . 18.93 -36.08 13.17
C1 NAG XA . 2.75 -25.12 -36.77
C2 NAG XA . 1.70 -25.53 -35.69
C3 NAG XA . 0.51 -24.57 -35.64
C4 NAG XA . 0.99 -23.12 -35.59
C5 NAG XA . 1.93 -22.88 -36.76
C6 NAG XA . 2.47 -21.46 -36.80
C7 NAG XA . 0.59 -27.43 -36.92
C8 NAG XA . 0.23 -28.88 -36.81
N2 NAG XA . 1.25 -26.91 -35.86
O3 NAG XA . -0.22 -24.86 -34.46
O4 NAG XA . -0.06 -22.16 -35.55
O5 NAG XA . 3.07 -23.74 -36.61
O6 NAG XA . 3.51 -21.36 -37.76
O7 NAG XA . 0.29 -26.77 -37.92
C1 NAG XA . -1.35 -22.36 -36.15
C2 NAG XA . -2.30 -21.64 -35.21
C3 NAG XA . -3.71 -21.52 -35.79
C4 NAG XA . -3.67 -20.95 -37.20
C5 NAG XA . -2.75 -21.82 -38.04
C6 NAG XA . -2.57 -21.35 -39.47
C7 NAG XA . -2.82 -23.44 -33.53
C8 NAG XA . -2.74 -23.77 -32.07
N2 NAG XA . -2.34 -22.24 -33.88
O3 NAG XA . -4.54 -20.75 -34.93
O4 NAG XA . -5.00 -20.98 -37.71
O5 NAG XA . -1.44 -21.82 -37.44
O6 NAG XA . -2.63 -22.44 -40.38
O7 NAG XA . -3.27 -24.26 -34.36
C1 BMA XA . -5.50 -19.64 -37.80
C2 BMA XA . -6.57 -19.57 -38.90
C3 BMA XA . -7.10 -18.12 -38.95
C4 BMA XA . -7.63 -17.66 -37.60
C5 BMA XA . -6.56 -17.88 -36.51
C6 BMA XA . -7.12 -17.67 -35.13
O2 BMA XA . -7.67 -20.38 -38.61
O3 BMA XA . -8.07 -17.87 -39.99
O4 BMA XA . -7.93 -16.28 -37.66
O5 BMA XA . -6.07 -19.24 -36.56
O6 BMA XA . -8.09 -16.63 -35.22
C1 MAN XA . -7.50 -18.02 -41.32
C2 MAN XA . -6.31 -17.03 -41.55
C3 MAN XA . -6.83 -15.59 -41.57
C4 MAN XA . -7.88 -15.44 -42.66
C5 MAN XA . -9.03 -16.41 -42.38
C6 MAN XA . -10.07 -16.37 -43.45
O2 MAN XA . -5.77 -17.25 -42.84
O3 MAN XA . -5.78 -14.66 -41.76
O4 MAN XA . -8.38 -14.11 -42.72
O5 MAN XA . -8.50 -17.78 -42.31
O6 MAN XA . -10.14 -15.03 -43.94
C1 NAG YA . -2.10 -33.33 -30.32
C2 NAG YA . -1.75 -33.96 -31.64
C3 NAG YA . -2.19 -33.03 -32.77
C4 NAG YA . -3.69 -32.80 -32.66
C5 NAG YA . -4.11 -32.41 -31.23
C6 NAG YA . -5.59 -32.57 -31.01
C7 NAG YA . 0.72 -33.53 -31.71
C8 NAG YA . 2.04 -34.23 -31.80
N2 NAG YA . -0.35 -34.34 -31.74
O3 NAG YA . -1.86 -33.63 -34.01
O4 NAG YA . -4.08 -31.77 -33.55
O5 NAG YA . -3.50 -33.22 -30.21
O6 NAG YA . -5.99 -33.91 -31.22
O7 NAG YA . 0.64 -32.31 -31.61
C1 NAG YA . -4.86 -32.34 -34.61
C2 NAG YA . -5.57 -31.22 -35.41
C3 NAG YA . -6.34 -31.80 -36.59
C4 NAG YA . -5.42 -32.65 -37.46
C5 NAG YA . -4.76 -33.73 -36.60
C6 NAG YA . -3.78 -34.59 -37.36
C7 NAG YA . -7.48 -30.74 -33.85
C8 NAG YA . -8.17 -29.64 -33.11
N2 NAG YA . -6.41 -30.36 -34.57
O3 NAG YA . -6.90 -30.73 -37.34
O4 NAG YA . -6.17 -33.31 -38.48
O5 NAG YA . -4.03 -33.12 -35.53
O6 NAG YA . -3.61 -35.85 -36.72
O7 NAG YA . -7.88 -31.90 -33.81
C1 BMA YA . -5.95 -32.67 -39.76
C2 BMA YA . -5.75 -33.74 -40.88
C3 BMA YA . -5.79 -33.08 -42.26
C4 BMA YA . -7.03 -32.16 -42.42
C5 BMA YA . -7.04 -31.11 -41.29
C6 BMA YA . -8.24 -30.24 -41.31
O2 BMA YA . -6.79 -34.71 -40.87
O3 BMA YA . -5.77 -34.05 -43.29
O4 BMA YA . -6.99 -31.51 -43.67
O5 BMA YA . -7.06 -31.81 -40.03
O6 BMA YA . -8.48 -29.88 -42.64
C1 NAG ZA . -25.17 -35.99 -21.54
C2 NAG ZA . -26.60 -35.73 -21.04
C3 NAG ZA . -27.49 -36.94 -21.28
C4 NAG ZA . -27.41 -37.36 -22.75
C5 NAG ZA . -25.95 -37.60 -23.12
C6 NAG ZA . -25.74 -37.96 -24.58
C7 NAG ZA . -26.25 -35.93 -18.57
C8 NAG ZA . -26.42 -35.20 -17.26
N2 NAG ZA . -26.66 -35.26 -19.65
O3 NAG ZA . -28.82 -36.60 -20.91
O4 NAG ZA . -28.19 -38.52 -22.98
O5 NAG ZA . -25.20 -36.41 -22.89
O6 NAG ZA . -26.25 -36.93 -25.42
O7 NAG ZA . -25.78 -37.06 -18.61
C1 NAG ZA . -29.28 -38.07 -23.84
C2 NAG ZA . -29.75 -39.25 -24.68
C3 NAG ZA . -30.84 -38.79 -25.64
C4 NAG ZA . -31.97 -38.07 -24.90
C5 NAG ZA . -31.41 -37.01 -23.94
C6 NAG ZA . -32.45 -36.41 -23.04
C7 NAG ZA . -27.96 -40.89 -24.92
C8 NAG ZA . -26.84 -41.39 -25.79
N2 NAG ZA . -28.65 -39.85 -25.40
O3 NAG ZA . -31.34 -39.92 -26.33
O4 NAG ZA . -32.73 -37.38 -25.88
O5 NAG ZA . -30.39 -37.56 -23.09
O6 NAG ZA . -32.91 -35.18 -23.57
O7 NAG ZA . -28.20 -41.39 -23.83
C1 BMA ZA . -34.11 -37.82 -26.00
C2 BMA ZA . -34.61 -37.47 -27.42
C3 BMA ZA . -36.09 -37.90 -27.55
C4 BMA ZA . -36.31 -39.37 -27.15
C5 BMA ZA . -35.69 -39.63 -25.76
C6 BMA ZA . -35.76 -41.10 -25.36
O2 BMA ZA . -33.88 -38.21 -28.38
O3 BMA ZA . -36.58 -37.67 -28.86
O4 BMA ZA . -37.69 -39.69 -27.12
O5 BMA ZA . -34.31 -39.24 -25.77
O6 BMA ZA . -37.15 -41.51 -25.42
C1 NAG AB . 46.18 13.04 -5.17
C2 NAG AB . 46.45 14.23 -4.27
C3 NAG AB . 47.94 14.60 -4.30
C4 NAG AB . 48.80 13.37 -4.02
C5 NAG AB . 48.39 12.24 -4.96
C6 NAG AB . 49.11 10.94 -4.68
C7 NAG AB . 45.59 16.09 -5.73
C8 NAG AB . 44.52 17.14 -5.80
N2 NAG AB . 45.59 15.36 -4.59
O3 NAG AB . 48.18 15.67 -3.39
O4 NAG AB . 50.19 13.64 -4.22
O5 NAG AB . 47.00 11.96 -4.80
O6 NAG AB . 48.65 10.37 -3.46
O7 NAG AB . 46.40 15.93 -6.65
C1 NAG AB . 50.81 13.92 -2.95
C2 NAG AB . 52.28 13.55 -2.96
C3 NAG AB . 52.94 13.95 -1.65
C4 NAG AB . 52.73 15.45 -1.41
C5 NAG AB . 51.23 15.75 -1.42
C6 NAG AB . 50.91 17.21 -1.29
C7 NAG AB . 52.71 11.62 -4.40
C8 NAG AB . 52.81 10.13 -4.49
N2 NAG AB . 52.43 12.12 -3.19
O3 NAG AB . 54.32 13.61 -1.67
O4 NAG AB . 53.30 15.85 -0.16
O5 NAG AB . 50.68 15.33 -2.68
O6 NAG AB . 50.76 17.81 -2.57
O7 NAG AB . 52.88 12.35 -5.38
C1 BMA AB . 54.44 16.66 -0.50
C2 BMA AB . 54.61 17.73 0.58
C3 BMA AB . 55.81 18.59 0.20
C4 BMA AB . 57.09 17.74 -0.12
C5 BMA AB . 56.76 16.61 -1.12
C6 BMA AB . 57.89 15.63 -1.32
O2 BMA AB . 54.91 17.13 1.82
O3 BMA AB . 56.08 19.52 1.22
O4 BMA AB . 58.11 18.58 -0.66
O5 BMA AB . 55.63 15.88 -0.59
O6 BMA AB . 57.39 14.34 -0.98
C1 NAG BB . 15.16 29.82 -35.40
C2 NAG BB . 14.79 30.95 -36.33
C3 NAG BB . 13.94 30.41 -37.46
C4 NAG BB . 14.58 29.20 -38.13
C5 NAG BB . 15.11 28.19 -37.10
C6 NAG BB . 16.03 27.17 -37.72
C7 NAG BB . 14.22 33.28 -35.91
C8 NAG BB . 13.42 34.23 -35.10
N2 NAG BB . 14.08 31.99 -35.62
O3 NAG BB . 13.75 31.44 -38.43
O4 NAG BB . 13.54 28.53 -38.85
O5 NAG BB . 15.89 28.86 -36.10
O6 NAG BB . 15.32 26.20 -38.48
O7 NAG BB . 14.98 33.65 -36.81
C1 NAG BB . 13.75 28.58 -40.27
C2 NAG BB . 12.49 27.98 -40.91
C3 NAG BB . 12.60 28.02 -42.42
C4 NAG BB . 12.92 29.44 -42.91
C5 NAG BB . 14.15 29.97 -42.19
C6 NAG BB . 14.46 31.41 -42.52
C7 NAG BB . 11.49 26.33 -39.40
C8 NAG BB . 11.35 24.88 -39.07
N2 NAG BB . 12.26 26.62 -40.45
O3 NAG BB . 11.37 27.55 -42.97
O4 NAG BB . 13.18 29.43 -44.31
O5 NAG BB . 13.96 29.90 -40.77
O6 NAG BB . 13.87 32.28 -41.55
O7 NAG BB . 10.92 27.20 -38.75
C1 BMA BB . 12.05 29.97 -45.02
C2 BMA BB . 12.46 31.28 -45.71
C3 BMA BB . 11.61 31.62 -46.99
C4 BMA BB . 10.61 30.49 -47.51
C5 BMA BB . 10.37 29.35 -46.55
C6 BMA BB . 9.88 28.10 -47.23
O2 BMA BB . 13.83 31.25 -46.09
O3 BMA BB . 12.49 32.18 -48.02
O4 BMA BB . 9.37 31.09 -47.86
O5 BMA BB . 11.62 29.02 -45.96
O6 BMA BB . 11.00 27.44 -47.81
C1 MAN BB . 12.62 31.41 -49.24
C2 MAN BB . 14.07 30.91 -49.37
C3 MAN BB . 15.00 32.12 -49.54
C4 MAN BB . 14.52 33.04 -50.69
C5 MAN BB . 13.06 33.43 -50.42
C6 MAN BB . 12.46 34.25 -51.52
O2 MAN BB . 14.24 30.13 -50.54
O3 MAN BB . 16.33 31.72 -49.76
O4 MAN BB . 15.31 34.21 -50.71
O5 MAN BB . 12.28 32.23 -50.33
O6 MAN BB . 11.18 34.68 -51.08
C1 NAG CB . 19.11 45.73 -14.59
C2 NAG CB . 20.27 44.77 -14.44
C3 NAG CB . 21.34 45.40 -13.58
C4 NAG CB . 21.80 46.71 -14.20
C5 NAG CB . 20.60 47.62 -14.45
C6 NAG CB . 20.95 48.83 -15.27
C7 NAG CB . 20.20 42.34 -14.44
C8 NAG CB . 19.69 41.11 -13.77
N2 NAG CB . 19.84 43.50 -13.89
O3 NAG CB . 22.40 44.47 -13.46
O4 NAG CB . 22.71 47.40 -13.35
O5 NAG CB . 19.57 46.93 -15.18
O6 NAG CB . 21.33 48.45 -16.58
O7 NAG CB . 20.90 42.28 -15.44
C1 NAG CB . 24.09 47.18 -13.75
C2 NAG CB . 24.93 48.44 -13.50
C3 NAG CB . 26.40 48.15 -13.79
C4 NAG CB . 26.88 46.92 -13.04
C5 NAG CB . 25.94 45.75 -13.32
C6 NAG CB . 26.25 44.51 -12.50
C7 NAG CB . 24.07 50.71 -13.83
C8 NAG CB . 23.62 51.73 -14.83
N2 NAG CB . 24.46 49.53 -14.33
O3 NAG CB . 27.16 49.30 -13.41
O4 NAG CB . 28.19 46.55 -13.48
O5 NAG CB . 24.60 46.12 -12.97
O6 NAG CB . 25.40 44.42 -11.38
O7 NAG CB . 24.08 50.95 -12.62
C1 BMA CB . 29.28 46.97 -12.63
C2 BMA CB . 29.27 46.18 -11.30
C3 BMA CB . 30.46 46.58 -10.45
C4 BMA CB . 31.77 46.42 -11.23
C5 BMA CB . 31.71 47.20 -12.55
C6 BMA CB . 32.93 46.97 -13.41
O2 BMA CB . 29.46 44.81 -11.56
O3 BMA CB . 30.50 45.83 -9.25
O4 BMA CB . 32.87 46.89 -10.46
O5 BMA CB . 30.54 46.77 -13.29
O6 BMA CB . 34.07 46.82 -12.56
C1 NAG DB . 22.05 41.62 -18.91
C2 NAG DB . 23.24 41.79 -17.98
C3 NAG DB . 23.61 43.26 -17.85
C4 NAG DB . 23.82 43.89 -19.22
C5 NAG DB . 22.59 43.64 -20.09
C6 NAG DB . 22.78 44.11 -21.51
C7 NAG DB . 23.91 40.69 -15.90
C8 NAG DB . 23.45 40.13 -14.59
N2 NAG DB . 22.96 41.22 -16.68
O3 NAG DB . 24.81 43.36 -17.09
O4 NAG DB . 23.95 45.30 -19.11
O5 NAG DB . 22.33 42.24 -20.16
O6 NAG DB . 24.04 43.71 -22.01
O7 NAG DB . 25.08 40.68 -16.24
C1 NAG DB . 25.27 45.82 -19.23
C2 NAG DB . 25.14 47.36 -19.44
C3 NAG DB . 26.49 48.05 -19.30
C4 NAG DB . 27.13 47.66 -17.98
C5 NAG DB . 27.35 46.17 -18.00
C6 NAG DB . 28.04 45.65 -16.76
C7 NAG DB . 23.85 48.76 -20.99
C8 NAG DB . 23.32 48.90 -22.38
N2 NAG DB . 24.55 47.64 -20.74
O3 NAG DB . 26.30 49.46 -19.34
O4 NAG DB . 28.29 48.42 -17.62
O5 NAG DB . 26.07 45.54 -18.08
O6 NAG DB . 29.31 45.11 -17.06
O7 NAG DB . 23.68 49.62 -20.15
C1 BMA DB . 29.36 48.60 -18.56
C2 BMA DB . 29.53 50.13 -18.73
C3 BMA DB . 30.90 50.48 -19.28
C4 BMA DB . 32.01 49.80 -18.49
C5 BMA DB . 31.81 48.29 -18.67
C6 BMA DB . 32.86 47.41 -17.99
O2 BMA DB . 29.45 50.79 -17.49
O3 BMA DB . 31.08 51.87 -19.27
O4 BMA DB . 33.26 50.19 -19.00
O5 BMA DB . 30.52 47.94 -18.08
O6 BMA DB . 33.87 48.22 -17.45
C1 MAN DB . 30.63 52.34 -20.56
C2 MAN DB . 31.90 52.71 -21.37
C3 MAN DB . 32.59 53.86 -20.67
C4 MAN DB . 31.63 55.05 -20.44
C5 MAN DB . 30.35 54.59 -19.72
C6 MAN DB . 29.29 55.66 -19.72
O2 MAN DB . 31.56 53.20 -22.66
O3 MAN DB . 33.73 54.29 -21.41
O4 MAN DB . 32.27 56.04 -19.64
O5 MAN DB . 29.78 53.45 -20.40
O6 MAN DB . 28.96 55.92 -21.07
C1 MAN DB . 35.13 47.70 -17.92
C2 MAN DB . 35.89 47.01 -16.74
C3 MAN DB . 36.47 48.05 -15.77
C4 MAN DB . 37.21 49.19 -16.51
C5 MAN DB . 36.24 49.79 -17.55
C6 MAN DB . 36.80 50.93 -18.36
O2 MAN DB . 37.02 46.27 -17.19
O3 MAN DB . 37.34 47.45 -14.81
O4 MAN DB . 37.65 50.18 -15.60
O5 MAN DB . 35.87 48.76 -18.48
O6 MAN DB . 35.79 51.35 -19.28
C1 NAG EB . 43.19 32.30 -14.84
C2 NAG EB . 44.59 32.87 -14.74
C3 NAG EB . 44.64 33.93 -13.64
C4 NAG EB . 43.59 35.00 -13.90
C5 NAG EB . 42.22 34.34 -14.05
C6 NAG EB . 41.14 35.32 -14.43
C7 NAG EB . 46.31 31.31 -15.48
C8 NAG EB . 47.30 30.27 -15.08
N2 NAG EB . 45.59 31.84 -14.50
O3 NAG EB . 45.97 34.45 -13.65
O4 NAG EB . 43.51 35.94 -12.83
O5 NAG EB . 42.26 33.35 -15.09
O6 NAG EB . 41.55 36.18 -15.48
O7 NAG EB . 46.16 31.65 -16.65
C1 NAG EB . 44.27 37.13 -13.15
C2 NAG EB . 43.45 38.41 -12.90
C3 NAG EB . 44.31 39.63 -13.21
C4 NAG EB . 45.59 39.60 -12.38
C5 NAG EB . 46.33 38.28 -12.60
C6 NAG EB . 47.51 38.11 -11.67
C7 NAG EB . 41.05 38.76 -13.15
C8 NAG EB . 39.87 38.75 -14.08
N2 NAG EB . 42.23 38.43 -13.68
O3 NAG EB . 43.58 40.81 -12.96
O4 NAG EB . 46.44 40.68 -12.76
O5 NAG EB . 45.46 37.16 -12.34
O6 NAG EB . 47.14 37.41 -10.50
O7 NAG EB . 40.94 39.08 -11.96
C1 NAG FB . 44.94 36.76 -27.85
C2 NAG FB . 44.20 37.51 -28.94
C3 NAG FB . 44.90 38.82 -29.27
C4 NAG FB . 45.10 39.65 -28.00
C5 NAG FB . 45.74 38.80 -26.90
C6 NAG FB . 45.79 39.51 -25.57
C7 NAG FB . 44.89 36.17 -30.94
C8 NAG FB . 44.37 35.40 -32.11
N2 NAG FB . 43.96 36.71 -30.14
O3 NAG FB . 44.12 39.52 -30.23
O4 NAG FB . 45.96 40.75 -28.24
O5 NAG FB . 45.02 37.58 -26.69
O6 NAG FB . 47.11 39.94 -25.28
O7 NAG FB . 46.10 36.27 -30.74
C1 NAG FB . 45.20 41.98 -28.37
C2 NAG FB . 45.91 43.14 -27.68
C3 NAG FB . 45.13 44.45 -27.90
C4 NAG FB . 44.84 44.67 -29.38
C5 NAG FB . 44.22 43.41 -30.01
C6 NAG FB . 44.08 43.52 -31.50
C7 NAG FB . 47.10 43.40 -25.55
C8 NAG FB . 47.14 43.05 -24.09
N2 NAG FB . 46.09 42.89 -26.25
O3 NAG FB . 45.88 45.52 -27.38
O4 NAG FB . 43.88 45.71 -29.54
O5 NAG FB . 45.05 42.27 -29.75
O6 NAG FB . 43.04 44.43 -31.84
O7 NAG FB . 47.94 44.12 -26.07
C1 BMA FB . 44.47 46.96 -29.93
C2 BMA FB . 43.51 47.62 -30.94
C3 BMA FB . 43.81 49.11 -31.11
C4 BMA FB . 43.89 49.78 -29.73
C5 BMA FB . 45.04 49.13 -28.96
C6 BMA FB . 45.23 49.73 -27.60
O2 BMA FB . 42.19 47.55 -30.46
O3 BMA FB . 42.82 49.74 -31.92
O4 BMA FB . 44.15 51.16 -29.88
O5 BMA FB . 44.70 47.75 -28.76
O6 BMA FB . 44.97 51.12 -27.68
C1 NAG GB . 43.39 20.56 -18.45
C2 NAG GB . 43.89 19.30 -17.70
C3 NAG GB . 44.92 18.48 -18.53
C4 NAG GB . 44.75 18.58 -20.05
C5 NAG GB . 44.10 19.89 -20.52
C6 NAG GB . 43.64 19.86 -21.96
C7 NAG GB . 45.32 20.18 -15.70
C8 NAG GB . 46.27 21.00 -16.54
N2 NAG GB . 44.32 19.49 -16.30
O3 NAG GB . 44.91 17.12 -18.14
O4 NAG GB . 46.08 18.65 -20.53
O5 NAG GB . 42.96 20.21 -19.71
O6 NAG GB . 42.54 20.72 -22.16
O7 NAG GB . 45.44 20.15 -14.47
C1 NAG GB . 46.55 17.43 -21.07
C2 NAG GB . 47.68 17.96 -21.90
C3 NAG GB . 48.33 16.82 -22.66
C4 NAG GB . 48.79 15.74 -21.68
C5 NAG GB . 47.67 15.33 -20.73
C6 NAG GB . 48.14 14.47 -19.58
C7 NAG GB . 47.98 20.02 -23.18
C8 NAG GB . 47.36 20.99 -24.12
N2 NAG GB . 47.21 18.99 -22.81
O3 NAG GB . 49.44 17.36 -23.38
O4 NAG GB . 49.19 14.57 -22.41
O5 NAG GB . 47.05 16.49 -20.13
O6 NAG GB . 48.32 13.13 -20.00
O7 NAG GB . 49.14 20.14 -22.78
C1 BMA GB . 50.62 14.49 -22.59
C2 BMA GB . 50.99 13.03 -22.81
C3 BMA GB . 52.46 12.95 -23.18
C4 BMA GB . 52.77 13.81 -24.40
C5 BMA GB . 52.38 15.25 -24.11
C6 BMA GB . 52.54 16.17 -25.31
O2 BMA GB . 50.31 12.52 -23.93
O3 BMA GB . 52.88 11.60 -23.41
O4 BMA GB . 54.14 13.76 -24.69
O5 BMA GB . 51.01 15.28 -23.72
O6 BMA GB . 53.50 15.60 -26.19
C1 NAG HB . 31.56 17.22 -32.45
C2 NAG HB . 31.43 17.29 -33.96
C3 NAG HB . 31.29 15.89 -34.55
C4 NAG HB . 32.44 15.01 -34.09
C5 NAG HB . 32.54 15.02 -32.57
C6 NAG HB . 33.74 14.30 -32.03
C7 NAG HB . 30.35 19.06 -35.32
C8 NAG HB . 31.68 19.26 -35.99
N2 NAG HB . 30.30 18.12 -34.36
O3 NAG HB . 31.25 15.99 -35.97
O4 NAG HB . 32.19 13.66 -34.54
O5 NAG HB . 32.64 16.38 -32.11
O6 NAG HB . 34.90 14.63 -32.78
O7 NAG HB . 29.37 19.73 -35.62
C1 NAG HB . 33.20 13.34 -35.53
C2 NAG HB . 33.50 11.86 -35.41
C3 NAG HB . 34.60 11.47 -36.40
C4 NAG HB . 34.17 11.85 -37.81
C5 NAG HB . 33.75 13.31 -37.90
C6 NAG HB . 33.12 13.65 -39.23
C7 NAG HB . 33.09 10.85 -33.22
C8 NAG HB . 33.64 10.57 -31.86
N2 NAG HB . 33.89 11.52 -34.06
O3 NAG HB . 34.83 10.07 -36.32
O4 NAG HB . 35.24 11.63 -38.73
O5 NAG HB . 32.77 13.63 -36.89
O6 NAG HB . 32.20 12.64 -39.62
O7 NAG HB . 31.97 10.49 -33.56
C1 NAG IB . 21.28 34.63 -33.88
C2 NAG IB . 21.68 33.64 -34.96
C3 NAG IB . 23.19 33.64 -35.15
C4 NAG IB . 23.68 35.05 -35.45
C5 NAG IB . 23.15 36.02 -34.38
C6 NAG IB . 23.49 37.46 -34.66
C7 NAG IB . 21.40 31.50 -33.68
C8 NAG IB . 20.73 30.16 -33.72
N2 NAG IB . 21.16 32.30 -34.73
O3 NAG IB . 23.53 32.71 -36.17
O4 NAG IB . 25.09 35.13 -35.44
O5 NAG IB . 21.72 35.93 -34.26
O6 NAG IB . 24.89 37.59 -34.81
O7 NAG IB . 22.13 31.83 -32.75
C1 NAG IB . 25.75 34.91 -36.71
C2 NAG IB . 27.00 35.77 -36.92
C3 NAG IB . 27.72 35.37 -38.21
C4 NAG IB . 27.98 33.87 -38.24
C5 NAG IB . 26.72 33.07 -37.92
C6 NAG IB . 27.00 31.61 -37.70
C7 NAG IB . 25.94 37.90 -37.72
C8 NAG IB . 25.88 39.37 -37.47
N2 NAG IB . 26.73 37.20 -36.89
O3 NAG IB . 28.93 36.10 -38.28
O4 NAG IB . 28.36 33.48 -39.56
O5 NAG IB . 26.11 33.54 -36.70
O6 NAG IB . 28.09 31.45 -36.80
O7 NAG IB . 25.29 37.38 -38.63
C1 BMA IB . 29.76 33.21 -39.65
C2 BMA IB . 29.99 31.81 -40.29
C3 BMA IB . 31.48 31.62 -40.58
C4 BMA IB . 32.04 32.78 -41.38
C5 BMA IB . 31.77 34.08 -40.60
C6 BMA IB . 32.26 35.29 -41.31
O2 BMA IB . 29.33 31.74 -41.52
O3 BMA IB . 31.76 30.40 -41.25
O4 BMA IB . 33.41 32.59 -41.57
O5 BMA IB . 30.37 34.21 -40.44
O6 BMA IB . 33.64 35.38 -41.06
C1 NAG JB . 4.33 26.80 -32.34
C2 NAG JB . 3.37 25.63 -32.14
C3 NAG JB . 3.10 24.90 -33.46
C4 NAG JB . 2.68 25.87 -34.55
C5 NAG JB . 3.71 26.99 -34.66
C6 NAG JB . 3.32 28.06 -35.64
C7 NAG JB . 4.90 23.92 -31.14
C8 NAG JB . 5.09 23.02 -29.95
N2 NAG JB . 3.81 24.70 -31.10
O3 NAG JB . 2.10 23.92 -33.23
O4 NAG JB . 2.67 25.18 -35.80
O5 NAG JB . 3.84 27.64 -33.39
O6 NAG JB . 3.88 29.32 -35.29
O7 NAG JB . 5.74 23.95 -32.04
C1 NAG JB . 1.36 24.79 -36.25
C2 NAG JB . 1.40 24.57 -37.77
C3 NAG JB . 0.05 24.04 -38.28
C4 NAG JB . -0.42 22.83 -37.47
C5 NAG JB . -0.41 23.16 -35.98
C6 NAG JB . -0.72 21.95 -35.13
C7 NAG JB . 1.19 26.94 -38.55
C8 NAG JB . 1.85 27.99 -39.39
N2 NAG JB . 1.81 25.76 -38.51
O3 NAG JB . 0.21 23.66 -39.64
O4 NAG JB . -1.74 22.47 -37.87
O5 NAG JB . 0.90 23.61 -35.59
O6 NAG JB . 0.26 20.94 -35.29
O7 NAG JB . 0.14 27.18 -37.93
C1 NAG KB . 8.32 22.98 -26.96
C2 NAG KB . 9.62 22.54 -26.27
C3 NAG KB . 10.68 22.17 -27.31
C4 NAG KB . 10.15 21.25 -28.39
C5 NAG KB . 8.86 21.82 -28.96
C6 NAG KB . 8.19 20.91 -29.97
C7 NAG KB . 11.04 23.46 -24.48
C8 NAG KB . 11.41 24.69 -23.71
N2 NAG KB . 10.10 23.61 -25.42
O3 NAG KB . 11.75 21.51 -26.65
O4 NAG KB . 11.14 21.15 -29.40
O5 NAG KB . 7.92 21.99 -27.89
O6 NAG KB . 8.26 19.55 -29.55
O7 NAG KB . 11.56 22.37 -24.25
C1 NAG KB . 11.62 19.78 -29.47
C2 NAG KB . 12.52 19.73 -30.69
C3 NAG KB . 13.00 18.29 -30.92
C4 NAG KB . 13.60 17.69 -29.66
C5 NAG KB . 12.71 17.94 -28.43
C6 NAG KB . 13.39 17.57 -27.14
C7 NAG KB . 10.78 19.89 -32.48
C8 NAG KB . 10.38 20.66 -33.71
N2 NAG KB . 11.92 20.29 -31.89
O3 NAG KB . 13.98 18.33 -31.96
O4 NAG KB . 13.70 16.29 -29.82
O5 NAG KB . 12.35 19.33 -28.32
O6 NAG KB . 12.75 16.46 -26.51
O7 NAG KB . 10.09 18.96 -32.06
C1 BMA KB . 15.05 15.86 -30.04
C2 BMA KB . 15.21 14.48 -29.42
C3 BMA KB . 16.58 13.91 -29.71
C4 BMA KB . 16.88 13.95 -31.23
C5 BMA KB . 16.66 15.36 -31.78
C6 BMA KB . 16.79 15.40 -33.28
O2 BMA KB . 14.30 13.62 -30.07
O3 BMA KB . 16.64 12.56 -29.23
O4 BMA KB . 18.21 13.59 -31.51
O5 BMA KB . 15.32 15.79 -31.42
O6 BMA KB . 15.88 14.47 -33.84
C1 MAN KB . 17.85 12.33 -28.48
C2 MAN KB . 18.66 11.27 -29.25
C3 MAN KB . 18.00 9.90 -29.09
C4 MAN KB . 17.86 9.55 -27.62
C5 MAN KB . 17.00 10.59 -26.94
C6 MAN KB . 16.88 10.36 -25.45
O2 MAN KB . 19.98 11.13 -28.74
O3 MAN KB . 18.73 8.88 -29.76
O4 MAN KB . 17.22 8.30 -27.49
O5 MAN KB . 17.58 11.93 -27.14
O6 MAN KB . 17.40 9.05 -25.13
C1 MAN KB . 16.04 14.48 -35.27
C2 MAN KB . 14.62 14.31 -35.92
C3 MAN KB . 14.18 12.83 -35.95
C4 MAN KB . 15.32 11.87 -36.33
C5 MAN KB . 16.52 12.12 -35.43
C6 MAN KB . 17.68 11.20 -35.74
O2 MAN KB . 14.59 14.74 -37.28
O3 MAN KB . 13.08 12.65 -36.83
O4 MAN KB . 14.90 10.53 -36.17
O5 MAN KB . 16.96 13.47 -35.66
O6 MAN KB . 18.15 11.52 -37.04
C1 NAG LB . -9.69 43.36 -4.07
C2 NAG LB . -10.45 42.37 -5.01
C3 NAG LB . -11.48 41.53 -4.24
C4 NAG LB . -10.87 40.93 -2.98
C5 NAG LB . -10.25 42.05 -2.16
C6 NAG LB . -9.61 41.56 -0.88
C7 NAG LB . -12.03 43.96 -6.12
C8 NAG LB . -12.49 44.47 -7.46
N2 NAG LB . -11.06 43.04 -6.16
O3 NAG LB . -11.88 40.47 -5.11
O4 NAG LB . -11.77 40.14 -2.21
O5 NAG LB . -9.21 42.66 -2.92
O6 NAG LB . -8.86 42.61 -0.28
O7 NAG LB . -12.52 44.39 -5.08
C1 NAG LB . -13.18 40.37 -2.15
C2 NAG LB . -13.78 38.97 -2.02
C3 NAG LB . -15.27 39.01 -1.70
C4 NAG LB . -15.55 39.92 -0.51
C5 NAG LB . -14.98 41.29 -0.84
C6 NAG LB . -15.14 42.31 0.27
C7 NAG LB . -14.00 38.29 -4.43
C8 NAG LB . -13.56 37.25 -5.42
N2 NAG LB . -13.51 38.13 -3.18
O3 NAG LB . -15.75 37.69 -1.47
O4 NAG LB . -16.97 39.99 -0.36
O5 NAG LB . -13.57 41.17 -1.06
O6 NAG LB . -15.54 43.58 -0.23
O7 NAG LB . -14.73 39.23 -4.77
C1 BMA LB . -17.34 39.28 0.83
C2 BMA LB . -18.65 39.87 1.37
C3 BMA LB . -19.03 39.07 2.64
C4 BMA LB . -19.13 37.58 2.37
C5 BMA LB . -17.84 37.08 1.69
C6 BMA LB . -17.98 35.67 1.19
O2 BMA LB . -19.71 39.70 0.47
O3 BMA LB . -20.22 39.55 3.31
O4 BMA LB . -19.30 36.89 3.60
O5 BMA LB . -17.51 37.90 0.56
O6 BMA LB . -18.82 34.98 2.09
C1 MAN LB . -20.04 40.88 3.86
C2 MAN LB . -18.87 40.94 4.89
C3 MAN LB . -19.23 40.13 6.14
C4 MAN LB . -20.51 40.67 6.74
C5 MAN LB . -21.63 40.57 5.70
C6 MAN LB . -22.92 41.15 6.21
O2 MAN LB . -18.72 42.28 5.35
O3 MAN LB . -18.18 40.13 7.09
O4 MAN LB . -20.87 39.94 7.91
O5 MAN LB . -21.23 41.31 4.50
O6 MAN LB . -22.98 40.90 7.62
C1 NAG MB . -13.41 40.51 -14.60
C2 NAG MB . -13.50 42.01 -14.49
C3 NAG MB . -14.13 42.39 -13.16
C4 NAG MB . -15.51 41.77 -13.08
C5 NAG MB . -15.49 40.27 -13.44
C6 NAG MB . -16.87 39.75 -13.75
C7 NAG MB . -11.10 42.57 -13.97
C8 NAG MB . -9.93 43.35 -14.47
N2 NAG MB . -12.22 42.68 -14.71
O3 NAG MB . -14.20 43.81 -13.05
O4 NAG MB . -16.02 41.91 -11.76
O5 NAG MB . -14.71 39.98 -14.62
O6 NAG MB . -17.44 40.44 -14.85
O7 NAG MB . -11.03 41.87 -12.95
C1 NAG MB . -17.11 42.86 -11.78
C2 NAG MB . -17.90 42.77 -10.45
C3 NAG MB . -19.01 43.82 -10.42
C4 NAG MB . -18.45 45.20 -10.71
C5 NAG MB . -17.68 45.19 -12.04
C6 NAG MB . -17.04 46.52 -12.37
C7 NAG MB . -19.27 40.71 -10.87
C8 NAG MB . -19.62 39.37 -10.31
N2 NAG MB . -18.40 41.44 -10.14
O3 NAG MB . -19.65 43.78 -9.16
O4 NAG MB . -19.50 46.16 -10.82
O5 NAG MB . -16.64 44.21 -11.98
O6 NAG MB . -16.82 46.63 -13.78
O7 NAG MB . -19.75 41.11 -11.92
C1 BMA MB . -19.57 46.99 -9.64
C2 BMA MB . -19.78 48.49 -10.02
C3 BMA MB . -20.13 49.30 -8.77
C4 BMA MB . -21.26 48.65 -7.96
C5 BMA MB . -20.86 47.21 -7.59
C6 BMA MB . -21.95 46.47 -6.87
O2 BMA MB . -20.87 48.64 -10.92
O3 BMA MB . -20.48 50.63 -9.13
O4 BMA MB . -21.51 49.40 -6.78
O5 BMA MB . -20.62 46.48 -8.80
O6 BMA MB . -22.50 47.35 -5.92
C1 NAG NB . -33.42 27.96 -22.22
C2 NAG NB . -34.64 27.01 -22.30
C3 NAG NB . -35.67 27.53 -23.29
C4 NAG NB . -36.03 28.98 -22.95
C5 NAG NB . -34.76 29.83 -22.90
C6 NAG NB . -34.98 31.26 -22.50
C7 NAG NB . -33.66 25.14 -23.66
C8 NAG NB . -33.39 23.67 -23.66
N2 NAG NB . -34.27 25.62 -22.57
O3 NAG NB . -36.81 26.69 -23.22
O4 NAG NB . -36.95 29.51 -23.88
O5 NAG NB . -33.86 29.29 -21.93
O6 NAG NB . -35.59 31.33 -21.22
O7 NAG NB . -33.32 25.85 -24.60
C1 NAG NB . -38.18 29.71 -23.12
C2 NAG NB . -38.97 30.84 -23.77
C3 NAG NB . -40.23 31.11 -22.95
C4 NAG NB . -41.04 29.83 -22.73
C5 NAG NB . -40.14 28.68 -22.25
C6 NAG NB . -40.85 27.35 -22.20
C7 NAG NB . -37.48 32.33 -25.00
C8 NAG NB . -36.70 33.60 -24.97
N2 NAG NB . -38.17 32.03 -23.90
O3 NAG NB . -41.01 32.09 -23.63
O4 NAG NB . -41.97 30.10 -21.70
O5 NAG NB . -39.00 28.52 -23.09
O6 NAG NB . -41.31 27.08 -20.89
O7 NAG NB . -37.47 31.58 -25.98
C1 BMA NB . -43.37 30.02 -22.08
C2 BMA NB . -44.20 30.90 -21.11
C3 BMA NB . -45.69 30.80 -21.49
C4 BMA NB . -45.94 31.09 -22.98
C5 BMA NB . -44.99 30.24 -23.85
C6 BMA NB . -45.10 30.59 -25.34
O2 BMA NB . -43.82 32.25 -21.25
O3 BMA NB . -46.49 31.63 -20.68
O4 BMA NB . -47.28 30.84 -23.34
O5 BMA NB . -43.63 30.46 -23.44
O6 BMA NB . -46.49 30.44 -25.73
C1 NAG OB . 3.24 6.15 59.48
C2 NAG OB . 4.44 5.63 60.27
C3 NAG OB . 3.99 5.03 61.60
C4 NAG OB . 3.11 6.00 62.37
C5 NAG OB . 1.97 6.49 61.49
C6 NAG OB . 1.14 7.57 62.14
C7 NAG OB . 6.49 4.38 59.67
C8 NAG OB . 7.07 3.32 58.79
N2 NAG OB . 5.19 4.63 59.49
O3 NAG OB . 5.12 4.68 62.40
O4 NAG OB . 2.57 5.37 63.53
O5 NAG OB . 2.50 7.06 60.29
O6 NAG OB . 1.77 8.84 62.02
O7 NAG OB . 7.15 4.98 60.51
C1 NAG PB . 15.33 0.09 56.33
C2 NAG PB . 16.43 0.82 55.59
C3 NAG PB . 17.14 1.77 56.54
C4 NAG PB . 16.23 2.40 57.59
C5 NAG PB . 14.70 2.22 57.36
C6 NAG PB . 14.08 3.38 56.61
C7 NAG PB . 18.12 0.19 53.93
C8 NAG PB . 19.02 -0.91 53.42
N2 NAG PB . 17.36 -0.12 54.98
O3 NAG PB . 17.77 2.80 55.77
O4 NAG PB . 16.55 1.89 58.87
O5 NAG PB . 14.32 1.02 56.68
O6 NAG PB . 14.21 3.23 55.21
O7 NAG PB . 18.08 1.29 53.40
C1 NAG QB . 30.82 -7.00 23.37
C2 NAG QB . 30.78 -8.50 23.54
C3 NAG QB . 30.19 -8.87 24.89
C4 NAG QB . 30.97 -8.19 26.01
C5 NAG QB . 31.01 -6.69 25.77
C6 NAG QB . 31.87 -5.95 26.77
C7 NAG QB . 30.63 -9.65 21.40
C8 NAG QB . 29.71 -10.28 20.38
N2 NAG QB . 30.03 -9.14 22.48
O3 NAG QB . 30.24 -10.28 25.04
O4 NAG QB . 30.38 -8.46 27.27
O5 NAG QB . 31.56 -6.41 24.47
O6 NAG QB . 31.92 -6.65 28.01
O7 NAG QB . 31.84 -9.61 21.25
C1 NAG RB . 19.68 -51.58 -23.19
C2 NAG RB . 20.99 -51.65 -23.99
C3 NAG RB . 20.85 -52.61 -25.17
C4 NAG RB . 20.31 -53.96 -24.73
C5 NAG RB . 19.02 -53.78 -23.92
C6 NAG RB . 18.52 -55.07 -23.33
C7 NAG RB . 22.66 -49.99 -24.69
C8 NAG RB . 22.88 -48.59 -25.16
N2 NAG RB . 21.39 -50.33 -24.44
O3 NAG RB . 22.11 -52.79 -25.81
O4 NAG RB . 20.05 -54.77 -25.86
O5 NAG RB . 19.27 -52.90 -22.82
O6 NAG RB . 19.20 -55.39 -22.14
O7 NAG RB . 23.59 -50.78 -24.54
C1 NAG SB . 29.82 -42.67 -26.42
C2 NAG SB . 30.74 -42.09 -25.37
C3 NAG SB . 31.78 -43.12 -24.97
C4 NAG SB . 31.24 -44.56 -24.97
C5 NAG SB . 29.71 -44.72 -25.08
C6 NAG SB . 29.01 -44.83 -23.73
C7 NAG SB . 31.85 -39.92 -25.05
C8 NAG SB . 32.47 -38.74 -25.72
N2 NAG SB . 31.38 -40.87 -25.86
O3 NAG SB . 32.27 -42.80 -23.68
O4 NAG SB . 31.85 -45.30 -26.02
O5 NAG SB . 29.03 -43.69 -25.83
O6 NAG SB . 28.75 -43.55 -23.18
O7 NAG SB . 31.79 -40.02 -23.83
C1 NAG TB . 35.13 -7.47 -15.99
C2 NAG TB . 34.99 -6.90 -17.39
C3 NAG TB . 34.75 -8.03 -18.39
C4 NAG TB . 35.87 -9.05 -18.30
C5 NAG TB . 35.98 -9.56 -16.87
C6 NAG TB . 37.14 -10.50 -16.67
C7 NAG TB . 34.15 -4.60 -17.37
C8 NAG TB . 32.94 -3.73 -17.47
N2 NAG TB . 33.92 -5.92 -17.47
O3 NAG TB . 34.70 -7.47 -19.70
O4 NAG TB . 35.61 -10.14 -19.18
O5 NAG TB . 36.18 -8.46 -15.98
O6 NAG TB . 37.46 -11.19 -17.87
O7 NAG TB . 35.27 -4.16 -17.21
C1 NAG UB . 7.59 49.40 -32.99
C2 NAG UB . 8.62 50.46 -32.61
C3 NAG UB . 8.08 51.86 -32.88
C4 NAG UB . 7.54 51.98 -34.30
C5 NAG UB . 6.54 50.87 -34.59
C6 NAG UB . 6.09 50.84 -36.02
C7 NAG UB . 10.19 50.73 -30.74
C8 NAG UB . 10.42 50.52 -29.28
N2 NAG UB . 9.01 50.32 -31.21
O3 NAG UB . 9.09 52.83 -32.67
O4 NAG UB . 6.91 53.24 -34.48
O5 NAG UB . 7.17 49.61 -34.34
O6 NAG UB . 7.04 50.20 -36.85
O7 NAG UB . 11.05 51.25 -31.47
C1 NAG VB . 17.31 50.71 -23.18
C2 NAG VB . 18.53 49.82 -23.13
C3 NAG VB . 19.54 50.27 -24.18
C4 NAG VB . 18.87 50.80 -25.46
C5 NAG VB . 17.36 50.53 -25.62
C6 NAG VB . 17.04 49.27 -26.39
C7 NAG VB . 19.89 48.83 -21.34
C8 NAG VB . 20.42 49.00 -19.94
N2 NAG VB . 19.13 49.83 -21.80
O3 NAG VB . 20.38 49.18 -24.51
O4 NAG VB . 19.11 52.20 -25.57
O5 NAG VB . 16.61 50.48 -24.39
O6 NAG VB . 17.07 48.12 -25.55
O7 NAG VB . 20.16 47.84 -22.01
C1 NAG WB . 28.64 26.78 2.81
C2 NAG WB . 28.19 27.64 3.98
C3 NAG WB . 27.58 28.94 3.46
C4 NAG WB . 28.57 29.66 2.57
C5 NAG WB . 29.02 28.75 1.45
C6 NAG WB . 30.08 29.36 0.58
C7 NAG WB . 27.61 26.30 5.93
C8 NAG WB . 26.52 25.61 6.69
N2 NAG WB . 27.24 26.94 4.82
O3 NAG WB . 27.24 29.75 4.59
O4 NAG WB . 27.98 30.84 2.04
O5 NAG WB . 29.55 27.54 1.99
O6 NAG WB . 30.00 30.77 0.57
O7 NAG WB . 28.78 26.27 6.30
#